data_2AJ8
#
_entry.id   2AJ8
#
_cell.length_a   63.110
_cell.length_b   118.960
_cell.length_c   133.760
_cell.angle_alpha   112.79
_cell.angle_beta   95.74
_cell.angle_gamma   90.63
#
_symmetry.space_group_name_H-M   'P 1'
#
loop_
_entity.id
_entity.type
_entity.pdbx_description
1 polymer 'Dipeptidyl peptidase 4'
2 branched 2-acetamido-2-deoxy-beta-D-glucopyranose-(1-4)-2-acetamido-2-deoxy-beta-D-glucopyranose
3 branched beta-D-mannopyranose-(1-4)-2-acetamido-2-deoxy-beta-D-glucopyranose-(1-4)-2-acetamido-2-deoxy-beta-D-glucopyranose
4 non-polymer 2-acetamido-2-deoxy-beta-D-glucopyranose
5 non-polymer 'SULFATE ION'
6 non-polymer 7-BENZYL-1,3-DIMETHYL-8-PIPERAZIN-1-YL-3,7-DIHYDRO-PURINE-2,6-DIONE
7 water water
#
_entity_poly.entity_id   1
_entity_poly.type   'polypeptide(L)'
_entity_poly.pdbx_seq_one_letter_code
;SRRTYTLTDYLKSTFRVKFYTLQWISDHEYLYKQENNILLFNAEYGNSSIFLENSTFDELGYSTNDYSVSPDRQFILFEY
NYVKQWRHSYTASYDIYDLNKRQLITEERIPNNTQWITWSPVGHKLAYVWNNDIYVKNEPNLSSQRITWTGKENVIYNGV
TDWVYEEEVFSAYSALWWSPNGTFLAYAQFNDTEVPLIEYSFYSDESLQYPKTVRIPYPKAGAENPTVKFFVVDTRTLSP
NASVTSYQIVPPASVLIGDHYLCGVTWVTEERISLQWIRRAQNYSIIDICDYDESTGRWISSVARQHIEISTTGWVGRFR
PAEPHFTSDGNSFYKIISNEEGYKHICHFQTDKSNCTFITKGAWEVIGIEALTSDYLYYISNEHKGMPGGRNLYRIQLND
YTKVTCLSCELNPERCQYYSASFSNKAKYYQLRCFGPGLPLYTLHSSSSDKELRVLEDNSALDKMLQDVQMPSKKLDVIN
LHGTKFWYQMILPPHFDKSKKYPLLIEVYAGPCSQKVDTVFRLSWATYLASTENIIVASFDGRGSGYQGDKIMHAINRRL
GTFEVEDQIEATRQFSKMGFVDDKRIAIWGWSYGGYVTSMVLGAGSGVFKCGIAVAPVSKWEYYDSVYTERYMGLPTPED
NLDYYRNSTVMSRAENFKQVEYLLIHGTADDNVHFQQSAQLSKALVDAGVDFQTMWYTDEDHGIASNMAHQHIYTHMSHF
LKQCFSLP
;
_entity_poly.pdbx_strand_id   A,B,C,D
#
# COMPACT_ATOMS: atom_id res chain seq x y z
N SER A 1 -31.56 65.77 35.03
CA SER A 1 -31.59 64.99 33.75
C SER A 1 -31.16 63.54 33.96
N ARG A 2 -31.87 62.65 33.29
CA ARG A 2 -31.63 61.23 33.38
C ARG A 2 -30.26 60.81 32.86
N ARG A 3 -30.11 59.51 32.65
CA ARG A 3 -28.88 58.94 32.14
C ARG A 3 -29.15 58.51 30.71
N THR A 4 -28.11 58.07 30.03
CA THR A 4 -28.19 57.63 28.65
C THR A 4 -27.96 56.12 28.54
N TYR A 5 -28.29 55.57 27.37
CA TYR A 5 -28.08 54.14 27.11
C TYR A 5 -26.58 54.08 26.85
N THR A 6 -25.86 53.36 27.68
CA THR A 6 -24.40 53.32 27.55
C THR A 6 -23.87 52.10 26.81
N LEU A 7 -22.57 52.13 26.51
CA LEU A 7 -21.95 51.01 25.83
C LEU A 7 -22.09 49.76 26.72
N THR A 8 -21.90 49.94 28.03
CA THR A 8 -22.04 48.83 28.97
C THR A 8 -23.49 48.34 28.99
N ASP A 9 -24.44 49.27 28.87
CA ASP A 9 -25.83 48.86 28.82
C ASP A 9 -26.00 47.89 27.64
N TYR A 10 -25.42 48.24 26.50
CA TYR A 10 -25.50 47.39 25.31
C TYR A 10 -24.76 46.06 25.48
N LEU A 11 -23.48 46.14 25.86
CA LEU A 11 -22.64 44.98 26.04
C LEU A 11 -23.12 43.94 27.05
N LYS A 12 -23.67 44.38 28.17
CA LYS A 12 -24.15 43.48 29.22
C LYS A 12 -25.64 43.27 29.18
N SER A 13 -26.30 43.84 28.17
CA SER A 13 -27.75 43.72 28.02
C SER A 13 -28.49 44.09 29.31
N THR A 14 -28.11 45.21 29.91
CA THR A 14 -28.75 45.63 31.14
C THR A 14 -30.28 45.79 31.00
N PHE A 15 -30.75 46.08 29.79
CA PHE A 15 -32.19 46.27 29.58
C PHE A 15 -32.71 45.06 28.83
N ARG A 16 -33.30 44.13 29.56
CA ARG A 16 -33.80 42.87 28.98
C ARG A 16 -35.04 42.96 28.08
N VAL A 17 -34.92 42.48 26.84
CA VAL A 17 -36.06 42.45 25.92
C VAL A 17 -36.65 41.05 26.01
N LYS A 18 -37.86 40.93 26.56
CA LYS A 18 -38.49 39.62 26.72
C LYS A 18 -39.19 39.13 25.47
N PHE A 19 -39.29 37.81 25.34
CA PHE A 19 -39.98 37.19 24.22
C PHE A 19 -40.87 36.06 24.73
N TYR A 20 -41.50 35.33 23.82
CA TYR A 20 -42.36 34.23 24.24
C TYR A 20 -42.30 33.12 23.21
N THR A 21 -41.42 32.16 23.47
CA THR A 21 -41.22 31.03 22.59
C THR A 21 -42.09 29.86 22.99
N LEU A 22 -42.94 29.42 22.06
CA LEU A 22 -43.83 28.29 22.31
C LEU A 22 -43.67 27.28 21.21
N GLN A 23 -44.07 26.04 21.47
CA GLN A 23 -43.99 24.99 20.46
C GLN A 23 -45.34 24.34 20.31
N TRP A 24 -46.00 24.56 19.18
CA TRP A 24 -47.31 23.94 18.97
C TRP A 24 -47.11 22.43 18.91
N ILE A 25 -48.05 21.67 19.49
CA ILE A 25 -47.97 20.20 19.44
C ILE A 25 -49.30 19.58 18.97
N SER A 26 -50.30 20.43 18.78
CA SER A 26 -51.61 19.98 18.29
C SER A 26 -52.29 21.19 17.66
N ASP A 27 -53.54 21.04 17.25
CA ASP A 27 -54.25 22.14 16.65
C ASP A 27 -54.71 23.12 17.71
N HIS A 28 -54.55 22.78 18.99
CA HIS A 28 -54.99 23.69 20.05
C HIS A 28 -54.13 23.75 21.30
N GLU A 29 -52.99 23.07 21.31
CA GLU A 29 -52.11 23.08 22.49
C GLU A 29 -50.66 23.39 22.17
N TYR A 30 -49.93 23.96 23.13
CA TYR A 30 -48.52 24.25 22.94
C TYR A 30 -47.68 24.10 24.21
N LEU A 31 -46.39 23.79 24.03
CA LEU A 31 -45.47 23.61 25.15
C LEU A 31 -44.74 24.93 25.35
N TYR A 32 -44.47 25.26 26.60
CA TYR A 32 -43.81 26.51 26.92
C TYR A 32 -42.95 26.31 28.17
N LYS A 33 -41.72 26.82 28.14
CA LYS A 33 -40.80 26.72 29.27
C LYS A 33 -41.02 27.88 30.24
N GLN A 34 -41.49 27.57 31.44
CA GLN A 34 -41.70 28.61 32.45
C GLN A 34 -41.07 28.17 33.77
N GLU A 35 -40.08 28.92 34.22
CA GLU A 35 -39.39 28.59 35.46
C GLU A 35 -38.78 27.21 35.37
N ASN A 36 -38.16 26.94 34.23
CA ASN A 36 -37.47 25.68 34.00
C ASN A 36 -38.29 24.43 33.70
N ASN A 37 -39.62 24.51 33.79
CA ASN A 37 -40.40 23.33 33.46
C ASN A 37 -41.24 23.51 32.18
N ILE A 38 -41.52 22.40 31.52
CA ILE A 38 -42.29 22.43 30.29
C ILE A 38 -43.77 22.38 30.61
N LEU A 39 -44.48 23.48 30.37
CA LEU A 39 -45.91 23.55 30.63
C LEU A 39 -46.69 23.21 29.37
N LEU A 40 -47.94 22.82 29.55
CA LEU A 40 -48.80 22.49 28.43
C LEU A 40 -50.00 23.44 28.48
N PHE A 41 -50.06 24.34 27.50
CA PHE A 41 -51.15 25.29 27.44
C PHE A 41 -52.22 24.88 26.45
N ASN A 42 -53.45 25.26 26.76
CA ASN A 42 -54.61 25.00 25.93
C ASN A 42 -54.98 26.38 25.42
N ALA A 43 -54.50 26.70 24.23
CA ALA A 43 -54.75 28.00 23.61
C ALA A 43 -56.17 28.51 23.83
N GLU A 44 -57.13 27.63 23.58
CA GLU A 44 -58.55 27.96 23.72
C GLU A 44 -58.89 28.76 24.98
N TYR A 45 -58.69 28.17 26.15
CA TYR A 45 -59.02 28.80 27.44
C TYR A 45 -57.88 29.53 28.14
N GLY A 46 -56.66 29.06 27.95
CA GLY A 46 -55.53 29.72 28.59
C GLY A 46 -55.06 28.97 29.83
N ASN A 47 -55.73 27.88 30.15
CA ASN A 47 -55.38 27.07 31.32
C ASN A 47 -54.18 26.21 31.00
N SER A 48 -53.27 26.07 31.95
CA SER A 48 -52.08 25.26 31.74
C SER A 48 -51.88 24.20 32.82
N SER A 49 -51.23 23.11 32.42
CA SER A 49 -50.93 22.01 33.33
C SER A 49 -49.46 21.70 33.10
N ILE A 50 -48.83 21.05 34.06
CA ILE A 50 -47.42 20.73 33.91
C ILE A 50 -47.21 19.49 33.03
N PHE A 51 -46.25 19.60 32.11
CA PHE A 51 -45.93 18.50 31.20
C PHE A 51 -44.60 17.87 31.59
N LEU A 52 -43.72 18.65 32.21
CA LEU A 52 -42.44 18.15 32.68
C LEU A 52 -41.93 19.08 33.78
N GLU A 53 -41.87 18.56 35.00
CA GLU A 53 -41.41 19.33 36.16
C GLU A 53 -39.93 19.68 36.05
N ASN A 54 -39.58 20.90 36.44
CA ASN A 54 -38.18 21.33 36.39
C ASN A 54 -37.33 20.29 37.10
N SER A 55 -37.93 19.64 38.09
CA SER A 55 -37.27 18.61 38.89
C SER A 55 -36.52 17.59 38.03
N THR A 56 -37.14 17.16 36.93
CA THR A 56 -36.54 16.17 36.04
C THR A 56 -35.23 16.63 35.42
N PHE A 57 -35.08 17.92 35.19
CA PHE A 57 -33.84 18.44 34.61
C PHE A 57 -32.72 18.32 35.63
N ASP A 58 -33.03 18.66 36.86
CA ASP A 58 -32.05 18.60 37.95
C ASP A 58 -31.46 17.22 38.15
N GLU A 59 -32.30 16.19 38.04
CA GLU A 59 -31.88 14.82 38.22
C GLU A 59 -31.00 14.27 37.10
N LEU A 60 -30.82 15.06 36.04
CA LEU A 60 -29.95 14.68 34.94
C LEU A 60 -28.59 15.20 35.38
N GLY A 61 -27.52 14.52 34.97
CA GLY A 61 -26.19 14.94 35.37
C GLY A 61 -25.51 15.90 34.43
N TYR A 62 -26.28 16.83 33.88
CA TYR A 62 -25.73 17.80 32.94
C TYR A 62 -26.70 18.94 32.67
N SER A 63 -26.19 19.93 31.95
CA SER A 63 -27.00 21.08 31.57
C SER A 63 -27.76 20.68 30.32
N THR A 64 -29.08 20.84 30.35
CA THR A 64 -29.92 20.51 29.20
C THR A 64 -29.98 21.68 28.21
N ASN A 65 -29.30 21.50 27.08
CA ASN A 65 -29.25 22.52 26.05
C ASN A 65 -30.59 22.68 25.32
N ASP A 66 -31.27 21.56 25.05
CA ASP A 66 -32.55 21.62 24.36
C ASP A 66 -33.32 20.32 24.49
N TYR A 67 -34.63 20.42 24.36
CA TYR A 67 -35.50 19.26 24.48
C TYR A 67 -36.41 19.14 23.27
N SER A 68 -36.84 17.91 22.99
CA SER A 68 -37.71 17.66 21.86
C SER A 68 -38.68 16.53 22.18
N VAL A 69 -39.94 16.89 22.34
CA VAL A 69 -40.98 15.91 22.65
C VAL A 69 -41.42 15.14 21.40
N SER A 70 -41.63 13.84 21.54
CA SER A 70 -42.06 13.02 20.42
C SER A 70 -43.48 13.41 20.04
N PRO A 71 -43.86 13.22 18.77
CA PRO A 71 -45.23 13.59 18.40
C PRO A 71 -46.35 12.90 19.18
N ASP A 72 -46.16 11.64 19.58
CA ASP A 72 -47.21 10.98 20.33
C ASP A 72 -47.12 11.28 21.81
N ARG A 73 -46.17 12.11 22.20
CA ARG A 73 -46.01 12.50 23.61
C ARG A 73 -45.55 11.44 24.61
N GLN A 74 -45.10 10.30 24.10
CA GLN A 74 -44.62 9.22 24.97
C GLN A 74 -43.15 9.36 25.37
N PHE A 75 -42.39 10.12 24.59
CA PHE A 75 -40.97 10.29 24.86
C PHE A 75 -40.52 11.74 24.66
N ILE A 76 -39.33 12.03 25.18
CA ILE A 76 -38.74 13.34 25.03
C ILE A 76 -37.23 13.17 24.98
N LEU A 77 -36.58 13.82 24.02
CA LEU A 77 -35.13 13.75 23.87
C LEU A 77 -34.51 14.85 24.73
N PHE A 78 -33.37 14.56 25.35
CA PHE A 78 -32.65 15.56 26.13
C PHE A 78 -31.34 15.74 25.42
N GLU A 79 -31.09 16.97 24.99
CA GLU A 79 -29.87 17.30 24.27
C GLU A 79 -28.87 17.95 25.22
N TYR A 80 -27.65 17.42 25.24
CA TYR A 80 -26.60 17.98 26.09
C TYR A 80 -25.25 17.76 25.42
N ASN A 81 -24.17 18.21 26.06
CA ASN A 81 -22.84 18.07 25.46
C ASN A 81 -22.75 18.86 24.15
N TYR A 82 -23.52 19.94 24.05
CA TYR A 82 -23.55 20.77 22.86
C TYR A 82 -22.17 21.26 22.45
N VAL A 83 -21.79 21.02 21.19
CA VAL A 83 -20.51 21.50 20.68
C VAL A 83 -20.73 22.13 19.31
N LYS A 84 -20.73 23.46 19.27
CA LYS A 84 -20.94 24.17 18.02
C LYS A 84 -19.94 23.85 16.90
N GLN A 85 -20.44 23.75 15.68
CA GLN A 85 -19.56 23.58 14.54
C GLN A 85 -19.70 24.89 13.76
N TRP A 86 -20.47 24.89 12.66
CA TRP A 86 -20.61 26.11 11.91
C TRP A 86 -21.82 26.94 12.35
N ARG A 87 -22.45 27.62 11.42
CA ARG A 87 -23.57 28.46 11.83
C ARG A 87 -24.78 27.71 12.38
N HIS A 88 -25.10 26.54 11.82
CA HIS A 88 -26.26 25.76 12.27
C HIS A 88 -25.86 24.41 12.82
N SER A 89 -24.75 23.88 12.34
CA SER A 89 -24.27 22.56 12.75
C SER A 89 -23.63 22.49 14.15
N TYR A 90 -23.66 21.29 14.70
CA TYR A 90 -23.09 21.01 16.00
C TYR A 90 -23.25 19.53 16.32
N THR A 91 -22.54 19.06 17.34
CA THR A 91 -22.67 17.68 17.77
C THR A 91 -23.20 17.74 19.19
N ALA A 92 -23.78 16.64 19.65
CA ALA A 92 -24.32 16.61 20.99
C ALA A 92 -24.51 15.18 21.44
N SER A 93 -24.93 15.05 22.70
CA SER A 93 -25.23 13.76 23.31
C SER A 93 -26.72 13.84 23.56
N TYR A 94 -27.41 12.71 23.49
CA TYR A 94 -28.84 12.71 23.72
C TYR A 94 -29.28 11.56 24.63
N ASP A 95 -30.27 11.87 25.45
CA ASP A 95 -30.88 10.90 26.36
C ASP A 95 -32.34 10.91 26.00
N ILE A 96 -32.94 9.73 25.98
CA ILE A 96 -34.35 9.61 25.69
C ILE A 96 -35.07 9.29 26.99
N TYR A 97 -36.08 10.08 27.31
CA TYR A 97 -36.83 9.90 28.55
C TYR A 97 -38.18 9.32 28.16
N ASP A 98 -38.73 8.48 29.04
CA ASP A 98 -40.04 7.86 28.86
C ASP A 98 -40.99 8.68 29.74
N LEU A 99 -41.95 9.36 29.11
CA LEU A 99 -42.91 10.17 29.85
C LEU A 99 -43.99 9.35 30.55
N ASN A 100 -44.20 8.12 30.09
CA ASN A 100 -45.20 7.26 30.71
C ASN A 100 -44.60 6.77 32.02
N LYS A 101 -43.53 5.99 31.89
CA LYS A 101 -42.81 5.43 33.02
C LYS A 101 -42.13 6.54 33.80
N ARG A 102 -42.06 7.71 33.20
CA ARG A 102 -41.42 8.84 33.85
C ARG A 102 -40.02 8.40 34.27
N GLN A 103 -39.39 7.60 33.42
CA GLN A 103 -38.04 7.09 33.65
C GLN A 103 -37.14 7.54 32.52
N LEU A 104 -35.87 7.15 32.58
CA LEU A 104 -34.89 7.54 31.56
C LEU A 104 -34.38 6.30 30.85
N ILE A 105 -34.66 6.17 29.56
CA ILE A 105 -34.19 5.00 28.83
C ILE A 105 -32.69 4.83 29.01
N THR A 106 -32.25 3.61 29.29
CA THR A 106 -30.82 3.37 29.50
C THR A 106 -30.19 2.34 28.56
N GLU A 107 -31.00 1.57 27.86
CA GLU A 107 -30.46 0.57 26.93
C GLU A 107 -30.47 1.14 25.51
N GLU A 108 -29.52 0.72 24.69
CA GLU A 108 -29.44 1.18 23.31
C GLU A 108 -29.51 2.71 23.24
N ARG A 109 -28.51 3.36 23.83
CA ARG A 109 -28.43 4.82 23.89
C ARG A 109 -27.96 5.46 22.60
N ILE A 110 -28.35 6.71 22.39
CA ILE A 110 -27.93 7.46 21.21
C ILE A 110 -26.44 7.66 21.41
N PRO A 111 -25.63 7.51 20.34
CA PRO A 111 -24.18 7.65 20.42
C PRO A 111 -23.65 9.04 20.75
N ASN A 112 -22.43 9.07 21.26
CA ASN A 112 -21.74 10.31 21.62
C ASN A 112 -21.40 11.03 20.31
N ASN A 113 -21.39 12.36 20.31
CA ASN A 113 -21.02 13.06 19.09
C ASN A 113 -22.07 12.86 17.98
N THR A 114 -23.34 12.82 18.34
CA THR A 114 -24.37 12.65 17.34
C THR A 114 -24.45 13.98 16.61
N GLN A 115 -24.54 13.93 15.28
CA GLN A 115 -24.59 15.12 14.44
C GLN A 115 -25.98 15.74 14.21
N TRP A 116 -27.01 14.92 14.25
CA TRP A 116 -28.37 15.38 14.05
C TRP A 116 -29.31 14.25 14.46
N ILE A 117 -30.46 14.62 14.97
CA ILE A 117 -31.44 13.63 15.39
C ILE A 117 -32.83 14.24 15.30
N THR A 118 -33.80 13.43 14.93
CA THR A 118 -35.17 13.89 14.81
C THR A 118 -36.22 12.80 14.94
N TRP A 119 -37.32 13.12 15.62
CA TRP A 119 -38.44 12.18 15.75
C TRP A 119 -39.15 12.13 14.39
N SER A 120 -39.95 11.10 14.19
CA SER A 120 -40.75 10.96 12.98
C SER A 120 -41.91 11.96 13.15
N PRO A 121 -42.66 12.25 12.07
CA PRO A 121 -43.77 13.20 12.25
C PRO A 121 -44.91 12.63 13.12
N VAL A 122 -45.00 11.31 13.20
CA VAL A 122 -46.01 10.69 14.05
C VAL A 122 -45.34 9.59 14.86
N GLY A 123 -46.01 9.18 15.93
CA GLY A 123 -45.42 8.15 16.76
C GLY A 123 -44.13 8.59 17.43
N HIS A 124 -43.15 7.69 17.50
CA HIS A 124 -41.89 7.99 18.16
C HIS A 124 -40.65 7.30 17.57
N LYS A 125 -40.57 7.23 16.24
CA LYS A 125 -39.40 6.64 15.61
C LYS A 125 -38.29 7.68 15.74
N LEU A 126 -37.06 7.27 15.45
CA LEU A 126 -35.92 8.18 15.52
C LEU A 126 -34.95 7.93 14.38
N ALA A 127 -34.38 9.01 13.86
CA ALA A 127 -33.38 8.91 12.81
C ALA A 127 -32.30 9.86 13.28
N TYR A 128 -31.05 9.44 13.19
CA TYR A 128 -29.99 10.32 13.61
C TYR A 128 -28.79 10.04 12.76
N VAL A 129 -27.87 11.00 12.76
CA VAL A 129 -26.65 10.90 12.01
C VAL A 129 -25.48 10.87 13.00
N TRP A 130 -24.55 9.95 12.75
CA TRP A 130 -23.37 9.74 13.59
C TRP A 130 -22.27 9.25 12.66
N ASN A 131 -21.12 9.92 12.71
CA ASN A 131 -20.01 9.61 11.83
C ASN A 131 -20.42 9.68 10.36
N ASN A 132 -21.27 10.65 10.05
CA ASN A 132 -21.73 10.87 8.68
C ASN A 132 -22.65 9.79 8.07
N ASP A 133 -23.14 8.89 8.89
CA ASP A 133 -24.06 7.85 8.45
C ASP A 133 -25.35 7.98 9.22
N ILE A 134 -26.44 7.52 8.61
CA ILE A 134 -27.77 7.58 9.20
C ILE A 134 -28.15 6.29 9.95
N TYR A 135 -28.86 6.44 11.05
CA TYR A 135 -29.30 5.31 11.86
C TYR A 135 -30.77 5.52 12.21
N VAL A 136 -31.51 4.42 12.35
CA VAL A 136 -32.92 4.52 12.72
C VAL A 136 -33.25 3.63 13.92
N LYS A 137 -34.00 4.19 14.86
CA LYS A 137 -34.43 3.42 16.02
C LYS A 137 -35.95 3.45 16.01
N ASN A 138 -36.56 2.31 15.78
CA ASN A 138 -38.03 2.27 15.75
C ASN A 138 -38.61 2.47 17.14
N GLU A 139 -37.85 2.07 18.15
CA GLU A 139 -38.28 2.21 19.53
C GLU A 139 -37.11 2.72 20.36
N PRO A 140 -37.37 3.68 21.27
CA PRO A 140 -36.28 4.21 22.09
C PRO A 140 -35.33 3.15 22.64
N ASN A 141 -35.88 2.12 23.27
CA ASN A 141 -35.06 1.06 23.87
C ASN A 141 -34.48 0.00 22.93
N LEU A 142 -34.96 -0.06 21.70
CA LEU A 142 -34.41 -1.05 20.78
C LEU A 142 -33.12 -0.55 20.16
N SER A 143 -32.38 -1.44 19.49
CA SER A 143 -31.12 -1.05 18.88
C SER A 143 -31.38 -0.42 17.52
N SER A 144 -30.43 0.39 17.08
CA SER A 144 -30.60 1.09 15.83
C SER A 144 -30.20 0.27 14.62
N GLN A 145 -30.79 0.61 13.48
CA GLN A 145 -30.48 -0.05 12.22
C GLN A 145 -29.72 0.98 11.39
N ARG A 146 -28.57 0.56 10.86
CA ARG A 146 -27.72 1.40 10.05
C ARG A 146 -28.36 1.57 8.67
N ILE A 147 -28.45 2.82 8.22
CA ILE A 147 -29.08 3.13 6.92
C ILE A 147 -28.08 3.36 5.79
N THR A 148 -26.92 3.91 6.15
CA THR A 148 -25.90 4.21 5.15
C THR A 148 -24.54 3.70 5.58
N TRP A 149 -23.68 3.45 4.60
CA TRP A 149 -22.34 2.93 4.86
C TRP A 149 -21.25 3.76 4.25
N THR A 150 -21.61 4.77 3.46
CA THR A 150 -20.63 5.59 2.77
C THR A 150 -20.04 6.78 3.57
N GLY A 151 -20.57 7.04 4.75
CA GLY A 151 -20.07 8.17 5.52
C GLY A 151 -18.56 8.19 5.68
N LYS A 152 -17.93 9.34 5.40
CA LYS A 152 -16.49 9.49 5.53
C LYS A 152 -16.10 10.92 5.92
N GLU A 153 -15.39 11.08 7.04
CA GLU A 153 -14.98 12.39 7.54
C GLU A 153 -14.46 13.33 6.46
N ASN A 154 -15.08 14.51 6.35
CA ASN A 154 -14.70 15.52 5.36
C ASN A 154 -14.86 15.07 3.93
N VAL A 155 -15.56 13.96 3.68
CA VAL A 155 -15.68 13.52 2.30
C VAL A 155 -17.11 13.18 1.84
N ILE A 156 -17.79 12.33 2.62
CA ILE A 156 -19.16 11.91 2.30
C ILE A 156 -20.06 12.17 3.50
N TYR A 157 -21.13 12.92 3.29
CA TYR A 157 -22.08 13.23 4.35
C TYR A 157 -23.44 12.64 3.99
N ASN A 158 -24.02 11.86 4.90
CA ASN A 158 -25.33 11.27 4.68
C ASN A 158 -26.24 11.78 5.78
N GLY A 159 -27.30 12.48 5.40
CA GLY A 159 -28.23 12.97 6.39
C GLY A 159 -27.96 14.35 6.98
N VAL A 160 -26.81 14.93 6.63
CA VAL A 160 -26.43 16.27 7.07
C VAL A 160 -25.69 16.92 5.91
N THR A 161 -25.68 18.25 5.89
CA THR A 161 -25.07 19.04 4.82
C THR A 161 -23.57 19.22 4.94
N ASP A 162 -22.89 19.51 3.84
CA ASP A 162 -21.48 19.79 3.92
C ASP A 162 -21.46 21.31 4.24
N TRP A 163 -20.28 21.91 4.26
CA TRP A 163 -20.20 23.32 4.63
C TRP A 163 -21.06 24.27 3.79
N VAL A 164 -20.90 24.23 2.48
CA VAL A 164 -21.64 25.17 1.66
C VAL A 164 -23.15 24.94 1.64
N TYR A 165 -23.57 23.68 1.72
CA TYR A 165 -25.00 23.44 1.73
C TYR A 165 -25.62 23.93 3.03
N GLU A 166 -24.90 23.79 4.14
CA GLU A 166 -25.45 24.26 5.40
C GLU A 166 -25.60 25.79 5.41
N GLU A 167 -24.55 26.47 4.97
CA GLU A 167 -24.53 27.91 5.00
C GLU A 167 -25.30 28.63 3.88
N GLU A 168 -25.20 28.14 2.65
CA GLU A 168 -25.81 28.81 1.51
C GLU A 168 -27.06 28.25 0.85
N VAL A 169 -27.34 26.95 1.05
CA VAL A 169 -28.49 26.29 0.42
C VAL A 169 -29.65 25.98 1.36
N PHE A 170 -29.45 25.12 2.35
CA PHE A 170 -30.55 24.80 3.28
C PHE A 170 -30.61 25.75 4.50
N SER A 171 -29.52 26.45 4.82
CA SER A 171 -29.51 27.29 6.04
C SER A 171 -29.84 26.35 7.20
N ALA A 172 -29.27 25.15 7.14
CA ALA A 172 -29.54 24.12 8.13
C ALA A 172 -28.52 23.01 7.95
N TYR A 173 -28.30 22.25 9.02
CA TYR A 173 -27.33 21.17 8.98
C TYR A 173 -27.99 19.87 8.52
N SER A 174 -29.26 19.74 8.88
CA SER A 174 -30.11 18.59 8.60
C SER A 174 -30.32 18.34 7.10
N ALA A 175 -30.40 17.07 6.70
CA ALA A 175 -30.66 16.68 5.30
C ALA A 175 -31.37 15.30 5.37
N LEU A 176 -32.37 15.28 6.25
CA LEU A 176 -33.19 14.11 6.52
C LEU A 176 -34.61 14.62 6.57
N TRP A 177 -35.54 13.88 5.95
CA TRP A 177 -36.95 14.27 5.96
C TRP A 177 -37.87 13.05 6.06
N TRP A 178 -38.52 12.86 7.19
CA TRP A 178 -39.45 11.74 7.34
C TRP A 178 -40.73 12.04 6.51
N SER A 179 -41.40 10.98 6.04
CA SER A 179 -42.65 11.12 5.29
C SER A 179 -43.67 11.48 6.38
N PRO A 180 -44.82 12.05 6.00
CA PRO A 180 -45.86 12.45 6.96
C PRO A 180 -46.24 11.45 8.01
N ASN A 181 -46.28 10.18 7.62
CA ASN A 181 -46.66 9.10 8.52
C ASN A 181 -45.55 8.17 8.97
N GLY A 182 -44.31 8.53 8.65
CA GLY A 182 -43.17 7.72 9.06
C GLY A 182 -42.78 6.52 8.24
N THR A 183 -43.44 6.29 7.11
CA THR A 183 -43.11 5.12 6.29
C THR A 183 -41.75 5.27 5.67
N PHE A 184 -41.56 6.44 5.06
CA PHE A 184 -40.35 6.74 4.35
C PHE A 184 -39.47 7.76 5.06
N LEU A 185 -38.17 7.61 4.86
CA LEU A 185 -37.18 8.53 5.42
C LEU A 185 -36.35 8.95 4.22
N ALA A 186 -36.49 10.19 3.80
CA ALA A 186 -35.72 10.70 2.66
C ALA A 186 -34.45 11.34 3.21
N TYR A 187 -33.37 11.32 2.43
CA TYR A 187 -32.13 11.93 2.88
C TYR A 187 -31.28 12.28 1.68
N ALA A 188 -30.29 13.15 1.88
CA ALA A 188 -29.41 13.52 0.80
C ALA A 188 -28.02 13.09 1.19
N GLN A 189 -27.22 12.76 0.19
CA GLN A 189 -25.84 12.36 0.40
C GLN A 189 -25.06 13.43 -0.31
N PHE A 190 -24.05 13.99 0.36
CA PHE A 190 -23.20 15.02 -0.25
C PHE A 190 -21.81 14.43 -0.44
N ASN A 191 -21.21 14.67 -1.61
CA ASN A 191 -19.89 14.12 -1.91
C ASN A 191 -18.90 15.25 -2.19
N ASP A 192 -17.99 15.49 -1.24
CA ASP A 192 -17.00 16.56 -1.35
C ASP A 192 -15.61 16.08 -1.76
N THR A 193 -15.54 14.87 -2.29
CA THR A 193 -14.25 14.29 -2.70
C THR A 193 -13.33 15.28 -3.41
N GLU A 194 -13.86 15.96 -4.42
CA GLU A 194 -13.07 16.91 -5.19
C GLU A 194 -13.14 18.39 -4.80
N VAL A 195 -13.80 18.70 -3.69
CA VAL A 195 -13.92 20.08 -3.24
C VAL A 195 -12.60 20.46 -2.52
N PRO A 196 -11.92 21.55 -2.94
CA PRO A 196 -10.68 21.98 -2.30
C PRO A 196 -10.86 22.33 -0.82
N LEU A 197 -9.78 22.26 -0.07
CA LEU A 197 -9.85 22.54 1.35
C LEU A 197 -9.34 23.93 1.74
N ILE A 198 -10.09 24.62 2.58
CA ILE A 198 -9.58 25.88 3.09
C ILE A 198 -8.86 25.41 4.36
N GLU A 199 -7.67 25.95 4.62
CA GLU A 199 -6.91 25.56 5.80
C GLU A 199 -6.55 26.83 6.55
N TYR A 200 -6.64 26.79 7.88
CA TYR A 200 -6.29 27.93 8.70
C TYR A 200 -5.92 27.43 10.09
N SER A 201 -5.12 28.22 10.80
CA SER A 201 -4.67 27.85 12.14
C SER A 201 -5.70 28.10 13.20
N PHE A 202 -5.76 27.19 14.18
CA PHE A 202 -6.63 27.34 15.34
C PHE A 202 -5.65 27.18 16.52
N TYR A 203 -5.55 28.21 17.34
CA TYR A 203 -4.59 28.24 18.42
C TYR A 203 -5.04 27.53 19.69
N SER A 204 -6.35 27.53 19.92
CA SER A 204 -6.95 26.87 21.07
C SER A 204 -6.44 27.49 22.38
N ASP A 205 -6.67 26.79 23.49
CA ASP A 205 -6.25 27.28 24.81
C ASP A 205 -4.74 27.50 24.89
N GLU A 206 -4.33 28.42 25.76
CA GLU A 206 -2.92 28.78 25.96
C GLU A 206 -2.03 27.55 26.18
N SER A 207 -2.61 26.51 26.77
CA SER A 207 -1.87 25.27 27.04
C SER A 207 -1.41 24.46 25.83
N LEU A 208 -2.04 24.66 24.66
CA LEU A 208 -1.67 23.92 23.45
C LEU A 208 -0.33 24.44 22.94
N GLN A 209 0.69 23.59 22.92
CA GLN A 209 2.03 24.01 22.51
C GLN A 209 2.17 24.30 21.01
N TYR A 210 1.53 23.47 20.18
CA TYR A 210 1.54 23.64 18.72
C TYR A 210 0.13 23.90 18.23
N PRO A 211 -0.05 24.93 17.39
CA PRO A 211 -1.37 25.26 16.85
C PRO A 211 -1.90 24.10 16.02
N LYS A 212 -3.22 24.06 15.88
CA LYS A 212 -3.92 23.05 15.11
C LYS A 212 -4.24 23.69 13.75
N THR A 213 -4.27 22.89 12.68
CA THR A 213 -4.66 23.41 11.37
C THR A 213 -6.07 22.88 11.10
N VAL A 214 -7.04 23.76 10.87
CA VAL A 214 -8.39 23.34 10.55
C VAL A 214 -8.49 23.20 9.02
N ARG A 215 -9.16 22.13 8.56
CA ARG A 215 -9.33 21.88 7.13
C ARG A 215 -10.80 21.65 6.89
N ILE A 216 -11.36 22.35 5.92
CA ILE A 216 -12.77 22.23 5.62
C ILE A 216 -12.93 22.20 4.12
N PRO A 217 -13.71 21.23 3.60
CA PRO A 217 -13.89 21.21 2.13
C PRO A 217 -14.77 22.45 1.91
N TYR A 218 -14.29 23.41 1.16
CA TYR A 218 -15.03 24.65 0.97
C TYR A 218 -14.81 25.07 -0.46
N PRO A 219 -15.88 25.09 -1.27
CA PRO A 219 -15.77 25.48 -2.67
C PRO A 219 -15.81 26.99 -2.87
N LYS A 220 -14.69 27.59 -3.27
CA LYS A 220 -14.64 29.02 -3.51
C LYS A 220 -15.21 29.23 -4.94
N ALA A 221 -15.47 30.46 -5.35
CA ALA A 221 -16.09 30.67 -6.66
C ALA A 221 -15.39 29.99 -7.85
N GLY A 222 -16.17 29.27 -8.66
CA GLY A 222 -15.61 28.60 -9.82
C GLY A 222 -14.96 27.25 -9.53
N ALA A 223 -14.76 26.92 -8.25
CA ALA A 223 -14.11 25.65 -7.93
C ALA A 223 -15.08 24.47 -8.05
N GLU A 224 -14.55 23.27 -7.90
CA GLU A 224 -15.36 22.05 -7.96
C GLU A 224 -16.32 22.07 -6.76
N ASN A 225 -17.61 21.79 -6.99
CA ASN A 225 -18.59 21.76 -5.90
C ASN A 225 -18.88 20.36 -5.43
N PRO A 226 -19.54 20.25 -4.27
CA PRO A 226 -19.89 18.93 -3.78
C PRO A 226 -21.00 18.44 -4.73
N THR A 227 -21.16 17.13 -4.88
CA THR A 227 -22.22 16.58 -5.73
C THR A 227 -23.24 16.02 -4.77
N VAL A 228 -24.45 15.78 -5.24
CA VAL A 228 -25.51 15.32 -4.33
C VAL A 228 -26.32 14.14 -4.86
N LYS A 229 -26.85 13.35 -3.93
CA LYS A 229 -27.72 12.21 -4.24
C LYS A 229 -28.88 12.27 -3.25
N PHE A 230 -30.09 12.08 -3.77
CA PHE A 230 -31.30 12.10 -2.93
C PHE A 230 -31.86 10.68 -2.98
N PHE A 231 -32.27 10.16 -1.83
CA PHE A 231 -32.79 8.80 -1.76
C PHE A 231 -34.00 8.83 -0.86
N VAL A 232 -34.90 7.88 -1.09
CA VAL A 232 -36.03 7.73 -0.24
C VAL A 232 -35.93 6.29 0.27
N VAL A 233 -35.83 6.14 1.58
CA VAL A 233 -35.71 4.83 2.20
C VAL A 233 -37.06 4.35 2.69
N ASP A 234 -37.39 3.09 2.40
CA ASP A 234 -38.65 2.51 2.89
C ASP A 234 -38.26 1.88 4.22
N THR A 235 -38.71 2.46 5.32
CA THR A 235 -38.35 1.99 6.65
C THR A 235 -39.13 0.76 7.12
N ARG A 236 -40.16 0.37 6.38
CA ARG A 236 -40.98 -0.79 6.78
C ARG A 236 -40.17 -2.08 6.83
N THR A 237 -39.15 -2.20 6.00
CA THR A 237 -38.36 -3.43 5.97
C THR A 237 -37.08 -3.43 6.80
N LEU A 238 -36.82 -2.33 7.53
CA LEU A 238 -35.60 -2.28 8.32
C LEU A 238 -35.59 -3.41 9.32
N SER A 239 -34.60 -4.28 9.19
CA SER A 239 -34.49 -5.43 10.07
C SER A 239 -33.01 -5.76 10.18
N PRO A 240 -32.57 -6.17 11.37
CA PRO A 240 -31.15 -6.49 11.55
C PRO A 240 -30.51 -7.36 10.48
N ASN A 241 -31.24 -8.34 9.98
CA ASN A 241 -30.62 -9.18 8.97
C ASN A 241 -31.08 -8.83 7.56
N ALA A 242 -31.69 -7.65 7.42
CA ALA A 242 -32.15 -7.22 6.09
C ALA A 242 -31.36 -6.03 5.53
N SER A 243 -31.33 -5.96 4.20
CA SER A 243 -30.67 -4.88 3.51
C SER A 243 -31.58 -3.67 3.65
N VAL A 244 -31.13 -2.53 3.14
CA VAL A 244 -31.92 -1.31 3.23
C VAL A 244 -32.64 -1.08 1.92
N THR A 245 -33.94 -0.87 1.98
CA THR A 245 -34.68 -0.60 0.74
C THR A 245 -34.72 0.89 0.51
N SER A 246 -34.00 1.34 -0.49
CA SER A 246 -33.97 2.75 -0.77
C SER A 246 -33.95 2.98 -2.27
N TYR A 247 -34.43 4.15 -2.68
CA TYR A 247 -34.53 4.49 -4.09
C TYR A 247 -33.92 5.85 -4.35
N GLN A 248 -33.07 5.95 -5.36
CA GLN A 248 -32.46 7.23 -5.67
C GLN A 248 -33.29 8.03 -6.68
N ILE A 249 -33.71 9.23 -6.30
CA ILE A 249 -34.46 10.08 -7.22
C ILE A 249 -33.46 11.09 -7.82
N VAL A 250 -33.39 11.16 -9.13
CA VAL A 250 -32.46 12.10 -9.77
C VAL A 250 -33.24 13.30 -10.29
N PRO A 251 -32.56 14.43 -10.53
CA PRO A 251 -33.31 15.59 -11.02
C PRO A 251 -33.70 15.41 -12.47
N PRO A 252 -34.72 16.16 -12.91
CA PRO A 252 -35.18 16.10 -14.30
C PRO A 252 -33.98 16.32 -15.19
N ALA A 253 -34.07 15.90 -16.44
CA ALA A 253 -32.98 16.01 -17.37
C ALA A 253 -32.47 17.45 -17.63
N SER A 254 -33.34 18.44 -17.52
CA SER A 254 -32.91 19.81 -17.79
C SER A 254 -31.95 20.37 -16.73
N VAL A 255 -31.75 19.63 -15.64
CA VAL A 255 -30.85 20.05 -14.57
C VAL A 255 -29.78 18.99 -14.38
N LEU A 256 -30.16 17.73 -14.56
CA LEU A 256 -29.22 16.61 -14.43
C LEU A 256 -28.06 16.76 -15.39
N ILE A 257 -28.33 17.46 -16.49
CA ILE A 257 -27.36 17.72 -17.54
C ILE A 257 -26.02 18.34 -17.10
N GLY A 258 -26.04 19.12 -16.02
CA GLY A 258 -24.80 19.73 -15.54
C GLY A 258 -24.79 19.86 -14.03
N ASP A 259 -23.84 20.62 -13.48
CA ASP A 259 -23.75 20.81 -12.04
C ASP A 259 -25.05 21.35 -11.50
N HIS A 260 -25.47 20.87 -10.35
CA HIS A 260 -26.72 21.34 -9.77
C HIS A 260 -26.71 21.27 -8.25
N TYR A 261 -27.78 21.77 -7.66
CA TYR A 261 -27.96 21.73 -6.22
C TYR A 261 -29.36 21.20 -5.91
N LEU A 262 -29.50 20.55 -4.76
CA LEU A 262 -30.80 20.11 -4.32
C LEU A 262 -31.13 21.30 -3.39
N CYS A 263 -32.23 22.00 -3.64
CA CYS A 263 -32.53 23.11 -2.75
C CYS A 263 -33.76 22.99 -1.89
N GLY A 264 -34.57 21.96 -2.07
CA GLY A 264 -35.75 21.84 -1.24
C GLY A 264 -36.46 20.50 -1.32
N VAL A 265 -37.06 20.09 -0.21
CA VAL A 265 -37.78 18.84 -0.17
C VAL A 265 -39.04 19.05 0.64
N THR A 266 -40.17 18.67 0.04
CA THR A 266 -41.46 18.82 0.69
C THR A 266 -42.28 17.55 0.48
N TRP A 267 -42.68 16.93 1.58
CA TRP A 267 -43.51 15.75 1.53
C TRP A 267 -44.95 16.20 1.27
N VAL A 268 -45.62 15.65 0.26
CA VAL A 268 -47.00 16.04 -0.04
C VAL A 268 -48.03 15.12 0.65
N THR A 269 -47.87 13.82 0.44
CA THR A 269 -48.71 12.81 1.09
C THR A 269 -47.71 11.66 1.30
N GLU A 270 -48.12 10.59 1.98
CA GLU A 270 -47.24 9.44 2.20
C GLU A 270 -46.69 8.88 0.90
N GLU A 271 -47.35 9.16 -0.20
CA GLU A 271 -46.86 8.59 -1.45
C GLU A 271 -46.49 9.62 -2.50
N ARG A 272 -46.39 10.87 -2.08
CA ARG A 272 -46.02 11.93 -3.02
C ARG A 272 -44.97 12.89 -2.41
N ILE A 273 -43.87 13.10 -3.10
CA ILE A 273 -42.84 13.98 -2.56
C ILE A 273 -42.42 15.00 -3.61
N SER A 274 -42.20 16.25 -3.18
CA SER A 274 -41.81 17.32 -4.11
C SER A 274 -40.34 17.66 -3.93
N LEU A 275 -39.57 17.54 -5.00
CA LEU A 275 -38.15 17.87 -4.94
C LEU A 275 -37.97 19.14 -5.71
N GLN A 276 -37.10 20.02 -5.23
CA GLN A 276 -36.83 21.27 -5.90
C GLN A 276 -35.33 21.35 -6.17
N TRP A 277 -34.98 21.42 -7.45
CA TRP A 277 -33.59 21.47 -7.87
C TRP A 277 -33.29 22.77 -8.59
N ILE A 278 -32.03 23.15 -8.60
CA ILE A 278 -31.64 24.37 -9.29
C ILE A 278 -30.30 24.10 -9.94
N ARG A 279 -30.09 24.67 -11.12
CA ARG A 279 -28.82 24.51 -11.82
C ARG A 279 -27.74 25.27 -11.05
N ARG A 280 -26.48 24.98 -11.33
CA ARG A 280 -25.42 25.67 -10.62
C ARG A 280 -25.52 27.17 -10.88
N ALA A 281 -25.94 27.52 -12.10
CA ALA A 281 -26.10 28.93 -12.51
C ALA A 281 -27.09 29.68 -11.62
N GLN A 282 -28.08 28.98 -11.12
CA GLN A 282 -29.10 29.51 -10.22
C GLN A 282 -30.17 30.50 -10.75
N ASN A 283 -30.40 30.47 -12.06
CA ASN A 283 -31.45 31.28 -12.67
C ASN A 283 -32.44 30.29 -13.33
N TYR A 284 -32.29 29.01 -12.99
CA TYR A 284 -33.16 27.96 -13.51
C TYR A 284 -33.41 26.88 -12.47
N SER A 285 -34.62 26.81 -11.95
CA SER A 285 -34.95 25.78 -10.97
C SER A 285 -36.18 25.01 -11.44
N ILE A 286 -36.35 23.80 -10.94
CA ILE A 286 -37.48 23.00 -11.32
C ILE A 286 -38.00 22.17 -10.16
N ILE A 287 -39.32 22.10 -10.02
CA ILE A 287 -39.96 21.29 -8.99
C ILE A 287 -40.40 19.98 -9.67
N ASP A 288 -40.03 18.87 -9.05
CA ASP A 288 -40.36 17.55 -9.55
C ASP A 288 -41.17 16.79 -8.50
N ILE A 289 -42.46 16.60 -8.80
CA ILE A 289 -43.37 15.92 -7.89
C ILE A 289 -43.37 14.45 -8.30
N CYS A 290 -42.85 13.61 -7.40
CA CYS A 290 -42.71 12.20 -7.66
C CYS A 290 -43.69 11.36 -6.87
N ASP A 291 -44.31 10.40 -7.55
CA ASP A 291 -45.29 9.51 -6.90
C ASP A 291 -44.75 8.10 -6.73
N TYR A 292 -44.99 7.53 -5.55
CA TYR A 292 -44.57 6.18 -5.21
C TYR A 292 -45.40 5.12 -5.95
N ASP A 293 -44.71 4.20 -6.62
CA ASP A 293 -45.35 3.10 -7.33
C ASP A 293 -45.28 1.86 -6.42
N GLU A 294 -46.41 1.54 -5.80
CA GLU A 294 -46.49 0.44 -4.85
C GLU A 294 -45.98 -0.90 -5.35
N SER A 295 -46.11 -1.15 -6.64
CA SER A 295 -45.70 -2.45 -7.14
C SER A 295 -44.21 -2.61 -7.36
N THR A 296 -43.48 -1.51 -7.43
CA THR A 296 -42.04 -1.62 -7.68
C THR A 296 -41.17 -0.89 -6.68
N GLY A 297 -41.79 -0.13 -5.79
CA GLY A 297 -41.02 0.62 -4.82
C GLY A 297 -40.37 1.87 -5.42
N ARG A 298 -40.51 2.10 -6.73
CA ARG A 298 -39.93 3.27 -7.36
C ARG A 298 -40.68 4.56 -7.03
N TRP A 299 -40.00 5.69 -7.23
CA TRP A 299 -40.61 7.01 -7.05
C TRP A 299 -40.60 7.55 -8.46
N ILE A 300 -41.78 7.75 -9.02
CA ILE A 300 -41.88 8.17 -10.40
C ILE A 300 -42.13 9.64 -10.70
N SER A 301 -41.43 10.14 -11.69
CA SER A 301 -41.58 11.52 -12.08
C SER A 301 -42.17 11.57 -13.49
N SER A 302 -42.97 12.61 -13.76
CA SER A 302 -43.55 12.79 -15.08
C SER A 302 -43.46 14.24 -15.48
N VAL A 303 -43.29 14.47 -16.77
CA VAL A 303 -43.16 15.81 -17.30
C VAL A 303 -44.35 16.72 -16.97
N ALA A 304 -45.52 16.16 -16.76
CA ALA A 304 -46.69 16.96 -16.44
C ALA A 304 -46.67 17.43 -14.99
N ARG A 305 -45.93 16.73 -14.16
CA ARG A 305 -45.84 17.05 -12.74
C ARG A 305 -44.59 17.90 -12.44
N GLN A 306 -43.96 18.39 -13.49
CA GLN A 306 -42.76 19.20 -13.32
C GLN A 306 -43.07 20.67 -13.56
N HIS A 307 -42.46 21.55 -12.75
CA HIS A 307 -42.68 22.99 -12.89
C HIS A 307 -41.40 23.77 -12.88
N ILE A 308 -41.16 24.45 -13.99
CA ILE A 308 -39.96 25.24 -14.15
C ILE A 308 -40.14 26.64 -13.59
N GLU A 309 -39.03 27.28 -13.26
CA GLU A 309 -39.03 28.64 -12.74
C GLU A 309 -37.68 29.22 -13.12
N ILE A 310 -37.67 30.27 -13.92
CA ILE A 310 -36.38 30.84 -14.30
C ILE A 310 -36.38 32.33 -14.03
N SER A 311 -35.23 32.94 -14.25
CA SER A 311 -35.07 34.37 -14.08
C SER A 311 -34.13 34.80 -15.19
N THR A 312 -34.55 35.81 -15.96
CA THR A 312 -33.77 36.35 -17.08
C THR A 312 -32.99 37.58 -16.63
N THR A 313 -33.50 38.23 -15.59
CA THR A 313 -32.86 39.41 -15.06
C THR A 313 -31.90 39.12 -13.90
N GLY A 314 -32.06 37.96 -13.25
CA GLY A 314 -31.18 37.66 -12.14
C GLY A 314 -31.04 36.21 -11.70
N TRP A 315 -31.48 35.94 -10.48
CA TRP A 315 -31.41 34.60 -9.91
C TRP A 315 -32.82 34.28 -9.46
N VAL A 316 -33.08 33.03 -9.15
CA VAL A 316 -34.42 32.65 -8.70
C VAL A 316 -34.63 32.83 -7.19
N GLY A 317 -35.75 33.44 -6.82
CA GLY A 317 -36.05 33.64 -5.41
C GLY A 317 -35.16 34.66 -4.72
N ARG A 318 -35.27 34.74 -3.40
CA ARG A 318 -34.48 35.71 -2.67
C ARG A 318 -33.06 35.22 -2.41
N PHE A 319 -32.90 34.12 -1.69
CA PHE A 319 -31.58 33.53 -1.46
C PHE A 319 -31.62 32.10 -2.00
N ARG A 320 -32.80 31.67 -2.40
CA ARG A 320 -33.07 30.35 -2.97
C ARG A 320 -34.53 30.40 -3.45
N PRO A 321 -34.93 29.47 -4.32
CA PRO A 321 -36.33 29.53 -4.75
C PRO A 321 -37.27 29.35 -3.58
N ALA A 322 -38.43 30.02 -3.64
CA ALA A 322 -39.44 29.89 -2.58
C ALA A 322 -39.98 28.46 -2.61
N GLU A 323 -40.46 28.00 -1.47
CA GLU A 323 -40.94 26.64 -1.33
C GLU A 323 -42.41 26.44 -1.68
N PRO A 324 -42.75 25.28 -2.26
CA PRO A 324 -44.16 25.04 -2.60
C PRO A 324 -45.01 24.67 -1.39
N HIS A 325 -46.22 25.20 -1.33
CA HIS A 325 -47.14 24.90 -0.25
C HIS A 325 -48.34 24.14 -0.83
N PHE A 326 -48.33 22.83 -0.62
CA PHE A 326 -49.37 21.94 -1.13
C PHE A 326 -50.65 21.83 -0.34
N THR A 327 -51.76 21.57 -1.06
CA THR A 327 -53.06 21.39 -0.41
C THR A 327 -53.03 20.01 0.26
N SER A 328 -53.96 19.79 1.17
CA SER A 328 -54.08 18.53 1.89
C SER A 328 -54.02 17.28 1.01
N ASP A 329 -54.74 17.31 -0.10
CA ASP A 329 -54.80 16.16 -1.00
C ASP A 329 -53.65 16.11 -1.99
N GLY A 330 -52.88 17.20 -2.06
CA GLY A 330 -51.73 17.25 -2.93
C GLY A 330 -51.95 17.47 -4.40
N ASN A 331 -53.17 17.82 -4.80
CA ASN A 331 -53.47 18.04 -6.21
C ASN A 331 -53.10 19.44 -6.71
N SER A 332 -52.83 20.36 -5.79
CA SER A 332 -52.39 21.68 -6.23
C SER A 332 -51.48 22.27 -5.14
N PHE A 333 -50.80 23.38 -5.46
CA PHE A 333 -49.94 24.00 -4.47
C PHE A 333 -49.80 25.49 -4.74
N TYR A 334 -49.45 26.23 -3.69
CA TYR A 334 -49.26 27.66 -3.78
C TYR A 334 -47.80 27.97 -3.53
N LYS A 335 -47.24 28.86 -4.34
CA LYS A 335 -45.85 29.22 -4.21
C LYS A 335 -45.61 30.66 -4.66
N ILE A 336 -44.62 31.32 -4.05
CA ILE A 336 -44.28 32.69 -4.40
C ILE A 336 -43.31 32.72 -5.55
N ILE A 337 -43.63 33.51 -6.58
CA ILE A 337 -42.73 33.66 -7.72
C ILE A 337 -42.85 35.11 -8.19
N SER A 338 -41.92 35.52 -9.02
CA SER A 338 -41.93 36.87 -9.56
C SER A 338 -42.98 37.08 -10.63
N ASN A 339 -43.59 38.26 -10.56
CA ASN A 339 -44.61 38.81 -11.45
C ASN A 339 -44.07 39.15 -12.81
N GLU A 340 -44.97 39.66 -13.65
CA GLU A 340 -44.63 40.11 -14.99
C GLU A 340 -43.90 41.42 -14.74
N GLU A 341 -44.30 42.10 -13.66
CA GLU A 341 -43.73 43.38 -13.24
C GLU A 341 -42.51 43.23 -12.32
N GLY A 342 -42.13 42.00 -11.98
CA GLY A 342 -41.00 41.78 -11.11
C GLY A 342 -41.28 41.68 -9.61
N TYR A 343 -42.55 41.66 -9.22
CA TYR A 343 -42.88 41.57 -7.80
C TYR A 343 -43.25 40.15 -7.35
N LYS A 344 -42.67 39.74 -6.22
CA LYS A 344 -42.91 38.39 -5.66
C LYS A 344 -44.33 38.25 -5.16
N HIS A 345 -45.10 37.37 -5.79
CA HIS A 345 -46.48 37.14 -5.40
C HIS A 345 -46.88 35.67 -5.34
N ILE A 346 -47.95 35.37 -4.65
CA ILE A 346 -48.39 33.98 -4.54
C ILE A 346 -49.10 33.48 -5.80
N CYS A 347 -48.61 32.39 -6.40
CA CYS A 347 -49.24 31.81 -7.60
C CYS A 347 -49.84 30.48 -7.19
N HIS A 348 -50.97 30.10 -7.81
CA HIS A 348 -51.65 28.82 -7.55
C HIS A 348 -51.26 27.86 -8.68
N PHE A 349 -50.75 26.69 -8.34
CA PHE A 349 -50.37 25.74 -9.35
C PHE A 349 -51.20 24.48 -9.24
N GLN A 350 -51.40 23.84 -10.38
CA GLN A 350 -52.10 22.56 -10.42
C GLN A 350 -50.89 21.65 -10.43
N THR A 351 -50.90 20.59 -9.63
CA THR A 351 -49.76 19.70 -9.60
C THR A 351 -49.38 19.20 -10.99
N ASP A 352 -50.37 18.90 -11.83
CA ASP A 352 -50.05 18.42 -13.17
C ASP A 352 -50.34 19.34 -14.36
N LYS A 353 -50.36 20.65 -14.11
CA LYS A 353 -50.59 21.65 -15.15
C LYS A 353 -49.46 22.67 -15.03
N SER A 354 -49.02 23.23 -16.14
CA SER A 354 -47.92 24.19 -16.11
C SER A 354 -48.33 25.62 -15.78
N ASN A 355 -49.40 26.10 -16.39
CA ASN A 355 -49.85 27.46 -16.11
C ASN A 355 -50.30 27.63 -14.66
N CYS A 356 -49.94 28.75 -14.05
CA CYS A 356 -50.36 29.00 -12.70
C CYS A 356 -51.12 30.31 -12.71
N THR A 357 -51.87 30.56 -11.65
CA THR A 357 -52.65 31.79 -11.55
C THR A 357 -52.25 32.56 -10.30
N PHE A 358 -51.89 33.83 -10.45
CA PHE A 358 -51.53 34.67 -9.30
C PHE A 358 -52.78 35.02 -8.50
N ILE A 359 -52.68 34.92 -7.17
CA ILE A 359 -53.80 35.24 -6.32
C ILE A 359 -53.56 36.53 -5.54
N THR A 360 -52.34 37.07 -5.66
CA THR A 360 -52.04 38.34 -5.01
C THR A 360 -51.27 39.14 -6.04
N LYS A 361 -51.31 40.45 -5.94
CA LYS A 361 -50.57 41.29 -6.90
C LYS A 361 -50.49 42.66 -6.30
N GLY A 362 -49.61 43.49 -6.85
CA GLY A 362 -49.44 44.84 -6.35
C GLY A 362 -47.97 45.20 -6.37
N ALA A 363 -47.68 46.48 -6.18
CA ALA A 363 -46.32 47.00 -6.15
C ALA A 363 -45.78 46.82 -4.72
N TRP A 364 -45.73 45.56 -4.27
CA TRP A 364 -45.24 45.18 -2.95
C TRP A 364 -45.01 43.69 -3.05
N GLU A 365 -44.58 43.05 -1.97
CA GLU A 365 -44.29 41.62 -2.06
C GLU A 365 -44.75 40.75 -0.93
N VAL A 366 -45.00 39.50 -1.25
CA VAL A 366 -45.35 38.51 -0.26
C VAL A 366 -44.00 38.01 0.28
N ILE A 367 -43.83 37.98 1.60
CA ILE A 367 -42.56 37.51 2.17
C ILE A 367 -42.55 35.99 2.23
N GLY A 368 -43.67 35.43 2.68
CA GLY A 368 -43.80 34.00 2.76
C GLY A 368 -45.21 33.53 3.08
N ILE A 369 -45.47 32.26 2.80
CA ILE A 369 -46.77 31.63 3.07
C ILE A 369 -46.64 30.96 4.45
N GLU A 370 -47.45 31.38 5.41
CA GLU A 370 -47.39 30.83 6.77
C GLU A 370 -48.28 29.64 7.09
N ALA A 371 -49.42 29.54 6.41
CA ALA A 371 -50.34 28.46 6.67
C ALA A 371 -51.36 28.27 5.54
N LEU A 372 -51.90 27.06 5.43
CA LEU A 372 -52.87 26.76 4.38
C LEU A 372 -53.92 25.78 4.87
N THR A 373 -55.20 26.13 4.66
CA THR A 373 -56.31 25.25 5.02
C THR A 373 -57.11 25.01 3.73
N SER A 374 -58.19 24.25 3.81
CA SER A 374 -58.97 24.02 2.61
C SER A 374 -59.58 25.33 2.17
N ASP A 375 -59.89 26.18 3.14
CA ASP A 375 -60.52 27.46 2.82
C ASP A 375 -59.63 28.70 2.70
N TYR A 376 -58.58 28.78 3.51
CA TYR A 376 -57.73 29.96 3.48
C TYR A 376 -56.24 29.73 3.29
N LEU A 377 -55.56 30.83 2.99
CA LEU A 377 -54.13 30.87 2.80
C LEU A 377 -53.70 32.09 3.63
N TYR A 378 -52.80 31.88 4.59
CA TYR A 378 -52.29 32.96 5.43
C TYR A 378 -50.88 33.29 4.98
N TYR A 379 -50.59 34.57 4.81
CA TYR A 379 -49.28 34.98 4.35
C TYR A 379 -48.82 36.28 4.98
N ILE A 380 -47.51 36.51 4.88
CA ILE A 380 -46.90 37.71 5.39
C ILE A 380 -46.45 38.54 4.19
N SER A 381 -46.69 39.85 4.25
CA SER A 381 -46.26 40.74 3.18
C SER A 381 -45.94 42.13 3.73
N ASN A 382 -45.29 42.95 2.91
CA ASN A 382 -45.00 44.33 3.29
C ASN A 382 -45.96 45.28 2.55
N GLU A 383 -47.18 44.82 2.30
CA GLU A 383 -48.14 45.67 1.59
C GLU A 383 -48.53 46.90 2.40
N HIS A 384 -48.91 46.71 3.65
CA HIS A 384 -49.39 47.80 4.47
C HIS A 384 -48.63 49.14 4.39
N LYS A 385 -49.38 50.20 4.11
CA LYS A 385 -48.82 51.53 4.03
C LYS A 385 -47.71 51.66 3.00
N GLY A 386 -47.59 50.67 2.12
CA GLY A 386 -46.54 50.71 1.13
C GLY A 386 -45.14 50.77 1.72
N MET A 387 -44.97 50.40 2.98
CA MET A 387 -43.59 50.41 3.50
C MET A 387 -42.97 49.03 3.43
N PRO A 388 -41.95 48.89 2.58
CA PRO A 388 -41.30 47.59 2.43
C PRO A 388 -40.60 47.06 3.67
N GLY A 389 -40.29 47.92 4.64
CA GLY A 389 -39.65 47.49 5.88
C GLY A 389 -40.67 47.19 6.98
N GLY A 390 -41.93 46.96 6.57
CA GLY A 390 -43.00 46.62 7.49
C GLY A 390 -43.43 45.22 7.12
N ARG A 391 -44.10 44.50 8.04
CA ARG A 391 -44.57 43.13 7.78
C ARG A 391 -45.90 42.91 8.51
N ASN A 392 -46.86 42.30 7.82
CA ASN A 392 -48.16 42.00 8.44
C ASN A 392 -48.69 40.66 7.97
N LEU A 393 -49.61 40.10 8.76
CA LEU A 393 -50.24 38.82 8.46
C LEU A 393 -51.55 39.05 7.71
N TYR A 394 -51.76 38.32 6.62
CA TYR A 394 -52.98 38.44 5.82
C TYR A 394 -53.60 37.07 5.59
N ARG A 395 -54.92 37.06 5.40
CA ARG A 395 -55.63 35.81 5.12
C ARG A 395 -56.44 36.08 3.87
N ILE A 396 -56.29 35.21 2.88
CA ILE A 396 -57.00 35.33 1.63
C ILE A 396 -57.90 34.11 1.42
N GLN A 397 -59.10 34.35 0.88
CA GLN A 397 -60.06 33.27 0.64
C GLN A 397 -59.69 32.57 -0.64
N LEU A 398 -59.51 31.25 -0.53
CA LEU A 398 -59.13 30.44 -1.67
C LEU A 398 -60.16 30.40 -2.79
N ASN A 399 -61.45 30.36 -2.44
CA ASN A 399 -62.46 30.33 -3.49
C ASN A 399 -62.86 31.73 -3.96
N ASP A 400 -62.08 32.75 -3.58
CA ASP A 400 -62.34 34.15 -3.96
C ASP A 400 -61.17 35.07 -3.56
N TYR A 401 -60.27 35.29 -4.50
CA TYR A 401 -59.08 36.12 -4.27
C TYR A 401 -59.38 37.58 -4.01
N THR A 402 -60.66 37.89 -3.91
CA THR A 402 -61.12 39.25 -3.65
C THR A 402 -61.21 39.45 -2.15
N LYS A 403 -61.42 38.35 -1.44
CA LYS A 403 -61.55 38.42 0.00
C LYS A 403 -60.22 38.20 0.72
N VAL A 404 -59.53 39.31 0.99
CA VAL A 404 -58.27 39.24 1.70
C VAL A 404 -58.38 40.22 2.86
N THR A 405 -58.11 39.71 4.06
CA THR A 405 -58.18 40.50 5.27
C THR A 405 -56.81 40.57 5.95
N CYS A 406 -56.53 41.69 6.61
CA CYS A 406 -55.26 41.84 7.31
C CYS A 406 -55.52 41.59 8.79
N LEU A 407 -54.98 40.49 9.31
CA LEU A 407 -55.19 40.15 10.71
C LEU A 407 -54.39 40.93 11.76
N SER A 408 -53.32 41.61 11.34
CA SER A 408 -52.46 42.33 12.29
C SER A 408 -52.34 43.83 12.10
N CYS A 409 -52.66 44.30 10.90
CA CYS A 409 -52.55 45.72 10.53
C CYS A 409 -53.01 46.79 11.50
N GLU A 410 -54.16 46.57 12.11
CA GLU A 410 -54.76 47.55 13.00
C GLU A 410 -54.77 47.21 14.49
N LEU A 411 -54.12 46.13 14.87
CA LEU A 411 -54.09 45.72 16.27
C LEU A 411 -53.47 46.77 17.19
N ASN A 412 -52.34 47.34 16.79
CA ASN A 412 -51.62 48.37 17.56
C ASN A 412 -50.77 49.08 16.52
N PRO A 413 -51.42 49.81 15.61
CA PRO A 413 -50.76 50.54 14.53
C PRO A 413 -49.50 51.36 14.82
N GLU A 414 -49.41 51.97 15.99
CA GLU A 414 -48.25 52.80 16.29
C GLU A 414 -47.08 51.98 16.84
N ARG A 415 -47.41 50.97 17.61
CA ARG A 415 -46.43 50.09 18.23
C ARG A 415 -45.99 48.91 17.37
N CYS A 416 -46.92 48.40 16.57
CA CYS A 416 -46.66 47.21 15.79
C CYS A 416 -46.87 47.27 14.27
N GLN A 417 -45.77 47.27 13.55
CA GLN A 417 -45.79 47.35 12.10
C GLN A 417 -44.91 46.27 11.47
N TYR A 418 -44.35 45.39 12.32
CA TYR A 418 -43.46 44.31 11.84
C TYR A 418 -43.77 43.01 12.57
N TYR A 419 -44.51 42.13 11.91
CA TYR A 419 -44.92 40.85 12.52
C TYR A 419 -44.47 39.59 11.81
N SER A 420 -44.43 38.50 12.57
CA SER A 420 -44.18 37.15 12.08
C SER A 420 -45.32 36.42 12.83
N ALA A 421 -45.69 35.23 12.37
CA ALA A 421 -46.76 34.48 13.01
C ALA A 421 -46.39 33.01 13.13
N SER A 422 -47.06 32.32 14.06
CA SER A 422 -46.85 30.89 14.27
C SER A 422 -48.22 30.29 14.50
N PHE A 423 -48.65 29.42 13.58
CA PHE A 423 -49.96 28.78 13.67
C PHE A 423 -49.93 27.40 14.32
N SER A 424 -51.04 27.02 14.98
CA SER A 424 -51.18 25.70 15.58
C SER A 424 -51.36 24.73 14.42
N ASN A 425 -51.42 23.44 14.71
CA ASN A 425 -51.49 22.43 13.63
C ASN A 425 -52.47 22.51 12.46
N LYS A 426 -53.72 22.89 12.69
CA LYS A 426 -54.63 23.01 11.53
C LYS A 426 -55.02 24.49 11.38
N ALA A 427 -54.10 25.37 11.75
CA ALA A 427 -54.32 26.80 11.68
C ALA A 427 -55.51 27.30 12.50
N LYS A 428 -55.88 26.59 13.56
CA LYS A 428 -57.00 27.00 14.41
C LYS A 428 -56.59 28.13 15.34
N TYR A 429 -55.30 28.28 15.56
CA TYR A 429 -54.78 29.35 16.42
C TYR A 429 -53.45 29.86 15.90
N TYR A 430 -53.13 31.10 16.21
CA TYR A 430 -51.84 31.61 15.82
C TYR A 430 -51.33 32.62 16.85
N GLN A 431 -50.01 32.62 17.03
CA GLN A 431 -49.37 33.56 17.93
C GLN A 431 -48.84 34.63 16.99
N LEU A 432 -49.03 35.89 17.37
CA LEU A 432 -48.51 36.99 16.58
C LEU A 432 -47.32 37.54 17.33
N ARG A 433 -46.26 37.81 16.59
CA ARG A 433 -45.06 38.35 17.18
C ARG A 433 -44.75 39.70 16.55
N CYS A 434 -44.87 40.74 17.35
CA CYS A 434 -44.62 42.11 16.93
C CYS A 434 -43.23 42.51 17.40
N PHE A 435 -42.37 42.89 16.45
CA PHE A 435 -41.00 43.25 16.76
C PHE A 435 -40.70 44.74 16.74
N GLY A 436 -41.73 45.57 16.57
CA GLY A 436 -41.53 47.01 16.56
C GLY A 436 -42.51 47.76 15.68
N PRO A 437 -42.35 49.08 15.52
CA PRO A 437 -41.29 49.95 16.07
C PRO A 437 -41.25 50.11 17.58
N GLY A 438 -42.33 49.72 18.25
CA GLY A 438 -42.35 49.82 19.71
C GLY A 438 -41.78 48.55 20.32
N LEU A 439 -41.91 48.41 21.64
CA LEU A 439 -41.37 47.23 22.32
C LEU A 439 -42.08 45.98 21.83
N PRO A 440 -41.31 44.89 21.65
CA PRO A 440 -41.89 43.63 21.18
C PRO A 440 -43.16 43.26 21.96
N LEU A 441 -44.14 42.70 21.27
CA LEU A 441 -45.40 42.31 21.88
C LEU A 441 -45.84 40.98 21.34
N TYR A 442 -46.06 40.01 22.24
CA TYR A 442 -46.48 38.67 21.86
C TYR A 442 -47.92 38.44 22.32
N THR A 443 -48.76 38.01 21.37
CA THR A 443 -50.18 37.79 21.65
C THR A 443 -50.70 36.51 20.95
N LEU A 444 -51.80 35.97 21.48
CA LEU A 444 -52.40 34.74 20.95
C LEU A 444 -53.76 35.02 20.32
N HIS A 445 -54.08 34.35 19.22
CA HIS A 445 -55.36 34.59 18.55
C HIS A 445 -56.03 33.32 18.03
N SER A 446 -57.35 33.38 17.91
CA SER A 446 -58.15 32.26 17.40
C SER A 446 -58.48 32.56 15.95
N SER A 447 -58.28 31.58 15.08
CA SER A 447 -58.57 31.80 13.67
C SER A 447 -60.06 31.94 13.36
N SER A 448 -60.91 31.38 14.22
CA SER A 448 -62.37 31.45 14.01
C SER A 448 -62.86 32.88 13.70
N SER A 449 -62.69 33.79 14.65
CA SER A 449 -63.13 35.17 14.44
C SER A 449 -62.01 36.19 14.64
N ASP A 450 -60.77 35.71 14.70
CA ASP A 450 -59.62 36.60 14.87
C ASP A 450 -59.67 37.41 16.17
N LYS A 451 -60.12 36.77 17.25
CA LYS A 451 -60.19 37.43 18.54
C LYS A 451 -58.79 37.52 19.13
N GLU A 452 -58.50 38.60 19.85
CA GLU A 452 -57.22 38.84 20.48
C GLU A 452 -56.84 37.79 21.50
N LEU A 453 -57.84 37.12 22.07
CA LEU A 453 -57.62 36.07 23.06
C LEU A 453 -56.85 36.46 24.32
N ARG A 454 -55.57 36.81 24.18
CA ARG A 454 -54.79 37.20 25.35
C ARG A 454 -53.35 37.61 25.00
N VAL A 455 -52.77 38.45 25.86
CA VAL A 455 -51.40 38.92 25.71
C VAL A 455 -50.49 37.87 26.34
N LEU A 456 -49.42 37.50 25.64
CA LEU A 456 -48.50 36.49 26.15
C LEU A 456 -47.30 37.14 26.84
N GLU A 457 -46.88 38.26 26.29
CA GLU A 457 -45.75 39.00 26.83
C GLU A 457 -45.81 40.38 26.20
N ASP A 458 -45.84 41.40 27.04
CA ASP A 458 -45.93 42.78 26.58
C ASP A 458 -44.72 43.66 26.94
N ASN A 459 -43.68 43.07 27.50
CA ASN A 459 -42.48 43.82 27.87
C ASN A 459 -42.70 45.04 28.75
N SER A 460 -43.78 45.03 29.55
CA SER A 460 -44.05 46.17 30.42
C SER A 460 -42.85 46.50 31.31
N ALA A 461 -42.13 45.49 31.77
CA ALA A 461 -40.97 45.73 32.61
C ALA A 461 -39.92 46.58 31.87
N LEU A 462 -39.57 46.20 30.65
CA LEU A 462 -38.59 46.97 29.89
C LEU A 462 -39.06 48.41 29.73
N ASP A 463 -40.35 48.57 29.44
CA ASP A 463 -40.95 49.88 29.26
C ASP A 463 -40.78 50.76 30.51
N LYS A 464 -41.02 50.18 31.68
CA LYS A 464 -40.88 50.95 32.91
C LYS A 464 -39.43 51.40 33.01
N MET A 465 -38.51 50.48 32.74
CA MET A 465 -37.08 50.78 32.79
C MET A 465 -36.60 51.87 31.85
N LEU A 466 -37.09 51.84 30.62
CA LEU A 466 -36.68 52.80 29.61
C LEU A 466 -37.16 54.24 29.78
N GLN A 467 -38.26 54.44 30.48
CA GLN A 467 -38.75 55.80 30.63
C GLN A 467 -37.83 56.70 31.44
N ASP A 468 -36.86 56.09 32.11
CA ASP A 468 -35.91 56.82 32.93
C ASP A 468 -34.58 57.02 32.17
N VAL A 469 -34.51 56.54 30.93
CA VAL A 469 -33.28 56.69 30.17
C VAL A 469 -33.50 57.55 28.92
N GLN A 470 -32.51 58.37 28.59
CA GLN A 470 -32.64 59.22 27.42
C GLN A 470 -32.42 58.44 26.13
N MET A 471 -33.49 57.82 25.65
CA MET A 471 -33.42 57.03 24.44
C MET A 471 -33.41 57.86 23.16
N PRO A 472 -32.76 57.34 22.11
CA PRO A 472 -32.72 58.08 20.85
C PRO A 472 -34.02 57.76 20.12
N SER A 473 -34.35 58.51 19.07
CA SER A 473 -35.58 58.21 18.34
C SER A 473 -35.20 57.66 16.96
N LYS A 474 -36.02 56.78 16.42
CA LYS A 474 -35.76 56.20 15.11
C LYS A 474 -36.77 56.73 14.10
N LYS A 475 -36.30 57.23 12.97
CA LYS A 475 -37.21 57.76 11.96
C LYS A 475 -36.90 57.12 10.63
N LEU A 476 -37.96 56.79 9.89
CA LEU A 476 -37.83 56.21 8.56
C LEU A 476 -38.34 57.24 7.56
N ASP A 477 -37.70 57.32 6.42
CA ASP A 477 -38.14 58.24 5.37
C ASP A 477 -37.61 57.74 4.02
N VAL A 478 -37.86 58.52 2.98
CA VAL A 478 -37.47 58.13 1.65
C VAL A 478 -36.74 59.26 0.97
N ILE A 479 -35.87 58.92 0.04
CA ILE A 479 -35.16 59.91 -0.76
C ILE A 479 -35.22 59.34 -2.17
N ASN A 480 -35.06 60.21 -3.16
CA ASN A 480 -35.14 59.76 -4.53
C ASN A 480 -33.77 59.65 -5.16
N LEU A 481 -33.44 58.49 -5.73
CA LEU A 481 -32.19 58.28 -6.41
C LEU A 481 -32.54 57.80 -7.83
N HIS A 482 -31.95 58.46 -8.83
CA HIS A 482 -32.21 58.16 -10.23
C HIS A 482 -33.69 57.87 -10.54
N GLY A 483 -34.56 58.73 -10.02
CA GLY A 483 -35.99 58.58 -10.26
C GLY A 483 -36.72 57.53 -9.42
N THR A 484 -36.00 56.85 -8.55
CA THR A 484 -36.61 55.83 -7.72
C THR A 484 -36.65 56.24 -6.25
N LYS A 485 -37.72 55.88 -5.57
CA LYS A 485 -37.87 56.18 -4.16
C LYS A 485 -37.24 55.02 -3.38
N PHE A 486 -36.28 55.36 -2.54
CA PHE A 486 -35.55 54.38 -1.72
C PHE A 486 -35.69 54.76 -0.26
N TRP A 487 -35.74 53.76 0.62
CA TRP A 487 -35.89 54.07 2.04
C TRP A 487 -34.59 54.16 2.86
N TYR A 488 -34.62 54.99 3.91
CA TYR A 488 -33.48 55.09 4.81
C TYR A 488 -34.03 55.23 6.24
N GLN A 489 -33.15 55.07 7.22
CA GLN A 489 -33.54 55.22 8.61
C GLN A 489 -32.44 55.96 9.32
N MET A 490 -32.82 56.74 10.33
CA MET A 490 -31.86 57.50 11.10
C MET A 490 -32.17 57.34 12.59
N ILE A 491 -31.14 57.02 13.36
CA ILE A 491 -31.28 56.86 14.80
C ILE A 491 -30.74 58.22 15.26
N LEU A 492 -31.60 59.05 15.85
CA LEU A 492 -31.20 60.37 16.27
C LEU A 492 -31.00 60.53 17.77
N PRO A 493 -29.93 61.21 18.17
CA PRO A 493 -29.61 61.46 19.58
C PRO A 493 -30.78 62.14 20.32
N PRO A 494 -30.93 61.85 21.63
CA PRO A 494 -32.00 62.44 22.47
C PRO A 494 -31.87 63.95 22.51
N HIS A 495 -32.98 64.64 22.80
CA HIS A 495 -33.01 66.10 22.89
C HIS A 495 -32.28 66.69 21.71
N PHE A 496 -32.67 66.23 20.52
CA PHE A 496 -32.06 66.65 19.26
C PHE A 496 -32.08 68.15 19.04
N ASP A 497 -30.91 68.72 18.75
CA ASP A 497 -30.78 70.16 18.53
C ASP A 497 -30.54 70.41 17.07
N LYS A 498 -31.58 70.90 16.41
CA LYS A 498 -31.49 71.18 14.97
C LYS A 498 -30.38 72.13 14.59
N SER A 499 -29.91 72.93 15.55
CA SER A 499 -28.86 73.92 15.27
C SER A 499 -27.45 73.36 15.40
N LYS A 500 -27.35 72.16 15.94
CA LYS A 500 -26.07 71.47 16.14
C LYS A 500 -25.74 70.60 14.91
N LYS A 501 -24.46 70.48 14.57
CA LYS A 501 -24.05 69.67 13.43
C LYS A 501 -23.53 68.35 14.02
N TYR A 502 -24.33 67.31 13.92
CA TYR A 502 -23.96 66.00 14.46
C TYR A 502 -23.13 65.15 13.56
N PRO A 503 -22.18 64.41 14.13
CA PRO A 503 -21.35 63.55 13.29
C PRO A 503 -22.31 62.47 12.80
N LEU A 504 -21.98 61.79 11.70
CA LEU A 504 -22.92 60.81 11.15
C LEU A 504 -22.23 59.46 10.88
N LEU A 505 -22.87 58.38 11.32
CA LEU A 505 -22.32 57.04 11.10
C LEU A 505 -23.27 56.33 10.18
N ILE A 506 -22.77 55.82 9.07
CA ILE A 506 -23.61 55.07 8.15
C ILE A 506 -23.36 53.61 8.48
N GLU A 507 -24.42 52.85 8.74
CA GLU A 507 -24.30 51.42 9.04
C GLU A 507 -24.76 50.70 7.77
N VAL A 508 -23.92 49.84 7.20
CA VAL A 508 -24.33 49.25 5.94
C VAL A 508 -24.25 47.73 5.82
N TYR A 509 -25.17 47.18 5.04
CA TYR A 509 -25.18 45.76 4.70
C TYR A 509 -25.13 45.91 3.16
N ALA A 510 -26.26 46.26 2.55
CA ALA A 510 -26.35 46.49 1.11
C ALA A 510 -26.08 45.32 0.18
N GLY A 511 -26.10 44.10 0.70
CA GLY A 511 -25.89 42.97 -0.18
C GLY A 511 -27.17 42.67 -0.96
N PRO A 512 -27.10 41.77 -1.96
CA PRO A 512 -28.33 41.47 -2.71
C PRO A 512 -29.43 40.93 -1.80
N CYS A 513 -30.61 41.56 -1.90
CA CYS A 513 -31.82 41.25 -1.13
C CYS A 513 -31.72 41.58 0.36
N SER A 514 -30.77 42.46 0.68
CA SER A 514 -30.59 42.93 2.04
C SER A 514 -31.63 43.99 2.33
N GLN A 515 -31.92 44.18 3.63
CA GLN A 515 -32.86 45.20 4.07
C GLN A 515 -32.39 45.74 5.40
N LYS A 516 -31.67 46.85 5.38
CA LYS A 516 -31.18 47.48 6.61
C LYS A 516 -32.18 48.48 7.16
N VAL A 517 -33.24 48.76 6.41
CA VAL A 517 -34.21 49.73 6.87
C VAL A 517 -35.52 49.06 7.17
N ASP A 518 -35.90 49.04 8.44
CA ASP A 518 -37.13 48.42 8.81
C ASP A 518 -37.70 49.00 10.09
N THR A 519 -38.89 48.56 10.47
CA THR A 519 -39.51 49.07 11.67
C THR A 519 -39.31 48.18 12.89
N VAL A 520 -38.23 47.39 12.88
CA VAL A 520 -37.92 46.50 14.00
C VAL A 520 -37.27 47.28 15.15
N PHE A 521 -37.73 47.03 16.37
CA PHE A 521 -37.16 47.72 17.53
C PHE A 521 -35.88 47.00 17.92
N ARG A 522 -34.78 47.75 18.07
CA ARG A 522 -33.51 47.13 18.45
C ARG A 522 -32.71 47.95 19.45
N LEU A 523 -32.10 47.25 20.41
CA LEU A 523 -31.25 47.89 21.42
C LEU A 523 -29.88 47.48 20.89
N SER A 524 -29.22 48.40 20.21
CA SER A 524 -27.96 48.04 19.56
C SER A 524 -26.84 48.98 19.89
N TRP A 525 -25.70 48.73 19.26
CA TRP A 525 -24.53 49.58 19.44
C TRP A 525 -24.91 51.03 19.02
N ALA A 526 -25.63 51.15 17.91
CA ALA A 526 -26.06 52.47 17.41
C ALA A 526 -26.94 53.19 18.47
N THR A 527 -27.74 52.44 19.22
CA THR A 527 -28.56 53.05 20.25
C THR A 527 -27.62 53.82 21.19
N TYR A 528 -26.54 53.15 21.58
CA TYR A 528 -25.54 53.74 22.47
C TYR A 528 -24.86 54.94 21.84
N LEU A 529 -24.39 54.77 20.60
CA LEU A 529 -23.70 55.87 19.91
C LEU A 529 -24.58 57.12 19.82
N ALA A 530 -25.87 56.93 19.62
CA ALA A 530 -26.74 58.09 19.51
C ALA A 530 -27.09 58.61 20.92
N SER A 531 -27.49 57.72 21.81
CA SER A 531 -27.88 58.14 23.16
C SER A 531 -26.76 58.82 23.97
N THR A 532 -25.60 58.20 24.03
CA THR A 532 -24.50 58.76 24.80
C THR A 532 -23.49 59.62 24.02
N GLU A 533 -23.13 59.17 22.82
CA GLU A 533 -22.11 59.88 22.05
C GLU A 533 -22.64 60.92 21.08
N ASN A 534 -23.97 61.07 21.02
CA ASN A 534 -24.56 62.06 20.11
C ASN A 534 -24.08 61.89 18.67
N ILE A 535 -24.14 60.67 18.19
CA ILE A 535 -23.76 60.38 16.83
C ILE A 535 -25.05 59.94 16.16
N ILE A 536 -25.35 60.49 14.99
CA ILE A 536 -26.54 60.06 14.28
C ILE A 536 -26.11 58.79 13.54
N VAL A 537 -26.92 57.74 13.59
CA VAL A 537 -26.59 56.52 12.85
C VAL A 537 -27.69 56.27 11.80
N ALA A 538 -27.30 56.11 10.55
CA ALA A 538 -28.27 55.92 9.49
C ALA A 538 -27.92 54.74 8.60
N SER A 539 -28.95 54.17 7.97
CA SER A 539 -28.81 53.07 7.02
C SER A 539 -29.68 53.38 5.78
N PHE A 540 -29.27 52.85 4.64
CA PHE A 540 -29.98 53.09 3.40
C PHE A 540 -30.05 51.85 2.53
N ASP A 541 -31.22 51.59 1.95
CA ASP A 541 -31.44 50.45 1.06
C ASP A 541 -31.59 50.96 -0.37
N GLY A 542 -30.55 50.77 -1.16
CA GLY A 542 -30.59 51.22 -2.54
C GLY A 542 -30.70 50.08 -3.53
N ARG A 543 -30.10 50.26 -4.68
CA ARG A 543 -30.14 49.21 -5.68
C ARG A 543 -29.52 47.91 -5.17
N GLY A 544 -30.26 46.82 -5.36
CA GLY A 544 -29.77 45.54 -4.89
C GLY A 544 -30.54 45.08 -3.67
N SER A 545 -31.16 46.01 -2.94
CA SER A 545 -31.93 45.65 -1.74
C SER A 545 -33.19 44.86 -2.09
N GLY A 546 -33.71 44.13 -1.12
CA GLY A 546 -34.85 43.29 -1.40
C GLY A 546 -36.22 43.76 -1.00
N TYR A 547 -37.20 42.92 -1.29
CA TYR A 547 -38.60 43.16 -0.92
C TYR A 547 -39.27 44.36 -1.61
N GLN A 548 -38.68 44.80 -2.70
CA GLN A 548 -39.23 45.94 -3.45
C GLN A 548 -39.31 45.63 -4.95
N GLY A 549 -39.26 44.35 -5.32
CA GLY A 549 -39.32 43.97 -6.72
C GLY A 549 -37.96 43.69 -7.31
N ASP A 550 -37.95 42.82 -8.32
CA ASP A 550 -36.70 42.43 -9.00
C ASP A 550 -35.96 43.54 -9.75
N LYS A 551 -36.68 44.58 -10.16
CA LYS A 551 -36.01 45.67 -10.89
C LYS A 551 -34.99 46.26 -9.92
N ILE A 552 -35.39 46.45 -8.67
CA ILE A 552 -34.47 46.97 -7.68
C ILE A 552 -33.44 45.92 -7.25
N MET A 553 -33.91 44.75 -6.84
CA MET A 553 -33.03 43.68 -6.34
C MET A 553 -32.00 43.20 -7.34
N HIS A 554 -32.46 42.90 -8.56
CA HIS A 554 -31.57 42.41 -9.61
C HIS A 554 -30.68 43.48 -10.24
N ALA A 555 -30.82 44.74 -9.83
CA ALA A 555 -30.01 45.79 -10.43
C ALA A 555 -28.52 45.50 -10.34
N ILE A 556 -28.09 44.76 -9.31
CA ILE A 556 -26.66 44.47 -9.20
C ILE A 556 -26.25 43.11 -9.74
N ASN A 557 -27.16 42.42 -10.41
CA ASN A 557 -26.86 41.11 -11.01
C ASN A 557 -25.57 41.22 -11.80
N ARG A 558 -24.68 40.26 -11.61
CA ARG A 558 -23.37 40.20 -12.27
C ARG A 558 -22.43 41.38 -12.09
N ARG A 559 -22.75 42.29 -11.19
CA ARG A 559 -21.90 43.44 -10.98
C ARG A 559 -21.87 43.89 -9.52
N LEU A 560 -21.58 42.94 -8.61
CA LEU A 560 -21.51 43.24 -7.17
C LEU A 560 -20.43 44.31 -6.90
N GLY A 561 -20.68 45.23 -5.98
CA GLY A 561 -19.69 46.26 -5.71
C GLY A 561 -19.80 47.49 -6.62
N THR A 562 -20.93 47.63 -7.33
CA THR A 562 -21.11 48.79 -8.21
C THR A 562 -22.26 49.68 -7.77
N PHE A 563 -23.45 49.41 -8.26
CA PHE A 563 -24.59 50.26 -7.94
C PHE A 563 -24.95 50.35 -6.47
N GLU A 564 -24.74 49.29 -5.68
CA GLU A 564 -25.08 49.35 -4.26
C GLU A 564 -24.05 50.20 -3.51
N VAL A 565 -22.81 50.12 -3.93
CA VAL A 565 -21.76 50.93 -3.31
C VAL A 565 -22.01 52.43 -3.68
N GLU A 566 -22.24 52.67 -4.96
CA GLU A 566 -22.53 54.01 -5.47
C GLU A 566 -23.74 54.66 -4.80
N ASP A 567 -24.82 53.91 -4.59
CA ASP A 567 -26.00 54.47 -3.93
C ASP A 567 -25.75 54.80 -2.46
N GLN A 568 -24.88 54.05 -1.80
CA GLN A 568 -24.58 54.37 -0.38
C GLN A 568 -23.93 55.78 -0.39
N ILE A 569 -23.04 56.02 -1.34
CA ILE A 569 -22.36 57.31 -1.43
C ILE A 569 -23.30 58.47 -1.75
N GLU A 570 -24.14 58.29 -2.78
CA GLU A 570 -25.08 59.32 -3.21
C GLU A 570 -26.12 59.60 -2.11
N ALA A 571 -26.61 58.54 -1.46
CA ALA A 571 -27.57 58.73 -0.38
C ALA A 571 -26.92 59.51 0.77
N THR A 572 -25.65 59.22 1.06
CA THR A 572 -24.93 59.92 2.14
C THR A 572 -24.69 61.38 1.81
N ARG A 573 -24.42 61.63 0.53
CA ARG A 573 -24.23 62.97 0.02
C ARG A 573 -25.53 63.75 0.36
N GLN A 574 -26.67 63.17 0.03
CA GLN A 574 -27.93 63.84 0.35
C GLN A 574 -28.04 64.04 1.86
N PHE A 575 -27.78 63.02 2.67
CA PHE A 575 -27.86 63.20 4.12
C PHE A 575 -26.91 64.33 4.54
N SER A 576 -25.71 64.36 3.97
CA SER A 576 -24.75 65.39 4.36
C SER A 576 -25.20 66.85 4.14
N LYS A 577 -26.28 67.04 3.37
CA LYS A 577 -26.80 68.37 3.10
C LYS A 577 -27.74 68.78 4.21
N MET A 578 -28.31 67.82 4.92
CA MET A 578 -29.20 68.16 6.03
C MET A 578 -28.43 69.07 6.99
N GLY A 579 -29.13 70.08 7.52
CA GLY A 579 -28.51 71.06 8.39
C GLY A 579 -27.94 70.56 9.69
N PHE A 580 -28.50 69.48 10.23
CA PHE A 580 -28.04 68.94 11.52
C PHE A 580 -26.95 67.88 11.39
N VAL A 581 -26.40 67.74 10.19
CA VAL A 581 -25.33 66.77 9.98
C VAL A 581 -24.00 67.46 9.74
N ASP A 582 -22.93 67.01 10.41
CA ASP A 582 -21.61 67.63 10.19
C ASP A 582 -20.95 66.89 9.03
N ASP A 583 -21.15 67.40 7.82
CA ASP A 583 -20.60 66.74 6.65
C ASP A 583 -19.10 66.47 6.72
N LYS A 584 -18.43 67.10 7.68
CA LYS A 584 -17.00 66.88 7.79
C LYS A 584 -16.66 65.70 8.70
N ARG A 585 -17.68 65.13 9.34
CA ARG A 585 -17.47 63.95 10.17
C ARG A 585 -18.47 62.84 9.83
N ILE A 586 -18.23 62.18 8.71
CA ILE A 586 -19.10 61.09 8.31
C ILE A 586 -18.24 59.84 8.25
N ALA A 587 -18.74 58.78 8.87
CA ALA A 587 -18.03 57.51 8.91
C ALA A 587 -18.96 56.47 8.35
N ILE A 588 -18.42 55.31 8.03
CA ILE A 588 -19.24 54.21 7.56
C ILE A 588 -18.67 52.89 8.11
N TRP A 589 -19.56 51.96 8.47
CA TRP A 589 -19.14 50.65 8.96
C TRP A 589 -20.10 49.55 8.60
N GLY A 590 -19.56 48.34 8.53
CA GLY A 590 -20.41 47.20 8.21
C GLY A 590 -19.67 45.91 8.44
N TRP A 591 -20.43 44.84 8.55
CA TRP A 591 -19.90 43.49 8.81
C TRP A 591 -20.24 42.65 7.57
N SER A 592 -19.34 41.75 7.19
CA SER A 592 -19.60 40.87 6.07
C SER A 592 -19.74 41.62 4.75
N TYR A 593 -20.87 41.48 4.07
CA TYR A 593 -21.06 42.19 2.79
C TYR A 593 -20.96 43.68 3.13
N GLY A 594 -21.49 44.03 4.30
CA GLY A 594 -21.41 45.40 4.79
C GLY A 594 -19.95 45.86 4.97
N GLY A 595 -19.05 44.95 5.32
CA GLY A 595 -17.64 45.33 5.46
C GLY A 595 -17.03 45.54 4.06
N TYR A 596 -17.48 44.73 3.12
CA TYR A 596 -17.02 44.83 1.74
C TYR A 596 -17.49 46.17 1.17
N VAL A 597 -18.77 46.48 1.35
CA VAL A 597 -19.30 47.75 0.84
C VAL A 597 -18.59 48.96 1.52
N THR A 598 -18.43 48.89 2.85
CA THR A 598 -17.72 49.92 3.58
C THR A 598 -16.33 50.15 2.96
N SER A 599 -15.64 49.06 2.64
CA SER A 599 -14.29 49.14 2.06
C SER A 599 -14.30 49.70 0.64
N MET A 600 -15.27 49.25 -0.15
CA MET A 600 -15.38 49.75 -1.51
C MET A 600 -15.73 51.25 -1.46
N VAL A 601 -16.55 51.65 -0.49
CA VAL A 601 -16.92 53.06 -0.37
C VAL A 601 -15.69 53.90 -0.02
N LEU A 602 -14.94 53.48 0.98
CA LEU A 602 -13.74 54.20 1.38
C LEU A 602 -12.71 54.23 0.26
N GLY A 603 -12.71 53.20 -0.58
CA GLY A 603 -11.74 53.16 -1.68
C GLY A 603 -12.25 53.86 -2.93
N ALA A 604 -13.44 54.46 -2.85
CA ALA A 604 -14.05 55.13 -3.99
C ALA A 604 -13.45 56.50 -4.27
N GLY A 605 -12.80 57.09 -3.27
CA GLY A 605 -12.20 58.40 -3.45
C GLY A 605 -13.24 59.49 -3.60
N SER A 606 -14.42 59.29 -3.02
CA SER A 606 -15.50 60.28 -3.12
C SER A 606 -15.28 61.51 -2.22
N GLY A 607 -14.37 61.43 -1.26
CA GLY A 607 -14.14 62.55 -0.37
C GLY A 607 -15.33 62.75 0.56
N VAL A 608 -16.32 61.85 0.54
CA VAL A 608 -17.49 62.03 1.41
C VAL A 608 -17.31 61.46 2.83
N PHE A 609 -16.52 60.41 2.98
CA PHE A 609 -16.36 59.81 4.30
C PHE A 609 -14.97 60.03 4.91
N LYS A 610 -14.96 60.46 6.16
CA LYS A 610 -13.70 60.70 6.86
C LYS A 610 -13.00 59.39 7.29
N CYS A 611 -13.78 58.37 7.69
CA CYS A 611 -13.24 57.11 8.17
C CYS A 611 -14.27 55.98 8.10
N GLY A 612 -13.83 54.77 8.40
CA GLY A 612 -14.74 53.64 8.35
C GLY A 612 -14.12 52.37 8.94
N ILE A 613 -14.98 51.43 9.28
CA ILE A 613 -14.59 50.17 9.89
C ILE A 613 -15.21 49.00 9.12
N ALA A 614 -14.38 48.07 8.70
CA ALA A 614 -14.85 46.89 7.97
C ALA A 614 -14.61 45.67 8.88
N VAL A 615 -15.68 44.94 9.20
CA VAL A 615 -15.53 43.75 10.04
C VAL A 615 -15.76 42.47 9.25
N ALA A 616 -14.76 41.60 9.19
CA ALA A 616 -14.84 40.33 8.46
C ALA A 616 -15.42 40.55 7.06
N PRO A 617 -14.81 41.46 6.27
CA PRO A 617 -15.25 41.76 4.91
C PRO A 617 -14.75 40.84 3.80
N VAL A 618 -15.55 40.74 2.75
CA VAL A 618 -15.11 40.04 1.57
C VAL A 618 -14.19 41.11 0.97
N SER A 619 -13.05 40.71 0.41
CA SER A 619 -12.17 41.67 -0.25
C SER A 619 -12.05 41.32 -1.74
N LYS A 620 -12.30 40.06 -2.09
CA LYS A 620 -12.23 39.58 -3.48
C LYS A 620 -13.22 38.42 -3.63
N TRP A 621 -14.13 38.51 -4.61
CA TRP A 621 -15.15 37.48 -4.73
C TRP A 621 -14.68 36.07 -5.01
N GLU A 622 -13.56 35.93 -5.68
CA GLU A 622 -13.04 34.60 -5.94
C GLU A 622 -12.65 33.90 -4.63
N TYR A 623 -12.62 34.65 -3.52
CA TYR A 623 -12.28 34.05 -2.21
C TYR A 623 -13.53 33.60 -1.50
N TYR A 624 -14.70 34.09 -1.92
CA TYR A 624 -15.92 33.68 -1.24
C TYR A 624 -16.48 32.38 -1.80
N ASP A 625 -17.49 31.81 -1.12
CA ASP A 625 -17.98 30.51 -1.56
C ASP A 625 -18.75 30.52 -2.89
N SER A 626 -18.67 29.38 -3.58
CA SER A 626 -19.29 29.14 -4.89
C SER A 626 -20.80 29.40 -4.95
N VAL A 627 -21.58 28.83 -4.04
CA VAL A 627 -23.05 29.00 -4.06
C VAL A 627 -23.52 30.45 -3.98
N TYR A 628 -23.10 31.16 -2.94
CA TYR A 628 -23.51 32.55 -2.82
C TYR A 628 -22.95 33.43 -3.92
N THR A 629 -21.63 33.37 -4.11
CA THR A 629 -20.98 34.23 -5.07
C THR A 629 -21.46 34.10 -6.51
N GLU A 630 -21.48 32.87 -7.03
CA GLU A 630 -21.89 32.60 -8.41
C GLU A 630 -23.35 32.97 -8.69
N ARG A 631 -24.19 32.87 -7.66
CA ARG A 631 -25.59 33.22 -7.81
C ARG A 631 -25.74 34.63 -8.40
N TYR A 632 -24.86 35.55 -7.97
CA TYR A 632 -24.88 36.94 -8.42
C TYR A 632 -23.81 37.28 -9.44
N MET A 633 -22.71 36.54 -9.43
CA MET A 633 -21.61 36.85 -10.32
C MET A 633 -21.31 35.90 -11.47
N GLY A 634 -22.00 34.76 -11.56
CA GLY A 634 -21.65 33.82 -12.62
C GLY A 634 -20.25 33.28 -12.35
N LEU A 635 -19.59 32.67 -13.33
CA LEU A 635 -18.26 32.12 -13.09
C LEU A 635 -17.11 33.06 -13.43
N PRO A 636 -16.02 33.05 -12.63
CA PRO A 636 -14.88 33.92 -12.88
C PRO A 636 -13.99 33.47 -14.04
N THR A 637 -14.58 33.27 -15.21
CA THR A 637 -13.81 32.88 -16.38
C THR A 637 -13.95 33.94 -17.47
N PRO A 638 -12.95 34.07 -18.34
CA PRO A 638 -13.12 35.11 -19.37
C PRO A 638 -14.37 34.89 -20.25
N GLU A 639 -14.81 33.64 -20.35
CA GLU A 639 -15.99 33.32 -21.15
C GLU A 639 -17.27 33.75 -20.44
N ASP A 640 -17.20 34.03 -19.14
CA ASP A 640 -18.40 34.46 -18.43
C ASP A 640 -18.31 35.85 -17.83
N ASN A 641 -17.96 35.94 -16.54
CA ASN A 641 -17.92 37.26 -15.89
C ASN A 641 -16.59 37.65 -15.25
N LEU A 642 -15.48 37.09 -15.72
CA LEU A 642 -14.18 37.41 -15.14
C LEU A 642 -13.86 38.90 -15.02
N ASP A 643 -14.16 39.70 -16.06
CA ASP A 643 -13.85 41.11 -15.98
C ASP A 643 -14.47 41.80 -14.76
N TYR A 644 -15.71 41.46 -14.43
CA TYR A 644 -16.36 42.09 -13.27
C TYR A 644 -15.92 41.53 -11.91
N TYR A 645 -15.22 40.40 -11.92
CA TYR A 645 -14.70 39.78 -10.69
C TYR A 645 -13.40 40.53 -10.42
N ARG A 646 -12.68 40.80 -11.48
CA ARG A 646 -11.39 41.47 -11.34
C ARG A 646 -11.44 42.92 -10.96
N ASN A 647 -12.43 43.67 -11.44
CA ASN A 647 -12.45 45.07 -11.08
C ASN A 647 -13.37 45.38 -9.89
N SER A 648 -13.86 44.34 -9.20
CA SER A 648 -14.69 44.59 -8.02
C SER A 648 -13.96 44.20 -6.71
N THR A 649 -12.63 44.10 -6.75
CA THR A 649 -11.90 43.77 -5.53
C THR A 649 -11.62 45.04 -4.73
N VAL A 650 -11.49 44.90 -3.42
CA VAL A 650 -11.17 46.08 -2.63
C VAL A 650 -9.72 46.47 -2.91
N MET A 651 -8.86 45.49 -3.12
CA MET A 651 -7.45 45.76 -3.38
C MET A 651 -7.26 46.70 -4.59
N SER A 652 -8.18 46.66 -5.55
CA SER A 652 -8.00 47.52 -6.73
C SER A 652 -8.13 49.01 -6.38
N ARG A 653 -8.72 49.32 -5.23
CA ARG A 653 -8.91 50.71 -4.83
C ARG A 653 -7.93 51.15 -3.73
N ALA A 654 -6.90 50.34 -3.50
CA ALA A 654 -5.92 50.61 -2.45
C ALA A 654 -5.40 52.04 -2.34
N GLU A 655 -5.00 52.62 -3.47
CA GLU A 655 -4.45 53.97 -3.47
C GLU A 655 -5.34 55.00 -2.80
N ASN A 656 -6.63 54.87 -3.05
CA ASN A 656 -7.60 55.79 -2.47
C ASN A 656 -7.77 55.78 -0.93
N PHE A 657 -7.22 54.77 -0.24
CA PHE A 657 -7.35 54.70 1.22
C PHE A 657 -6.40 55.68 1.90
N LYS A 658 -5.51 56.27 1.10
CA LYS A 658 -4.61 57.27 1.66
C LYS A 658 -5.42 58.49 2.10
N GLN A 659 -6.66 58.59 1.63
CA GLN A 659 -7.54 59.72 1.96
C GLN A 659 -8.43 59.54 3.20
N VAL A 660 -8.45 58.33 3.75
CA VAL A 660 -9.32 58.09 4.88
C VAL A 660 -8.64 57.34 6.02
N GLU A 661 -9.32 57.26 7.16
CA GLU A 661 -8.80 56.53 8.32
C GLU A 661 -9.61 55.22 8.31
N TYR A 662 -8.93 54.08 8.18
CA TYR A 662 -9.55 52.76 8.08
C TYR A 662 -9.19 51.78 9.20
N LEU A 663 -10.18 51.03 9.67
CA LEU A 663 -9.99 50.02 10.73
C LEU A 663 -10.50 48.73 10.11
N LEU A 664 -9.61 47.74 10.00
CA LEU A 664 -9.93 46.44 9.41
C LEU A 664 -9.90 45.38 10.52
N ILE A 665 -11.02 44.70 10.73
CA ILE A 665 -11.13 43.70 11.80
C ILE A 665 -11.52 42.31 11.28
N HIS A 666 -10.88 41.26 11.81
CA HIS A 666 -11.25 39.91 11.33
C HIS A 666 -10.94 38.80 12.33
N GLY A 667 -11.82 37.82 12.47
CA GLY A 667 -11.56 36.70 13.38
C GLY A 667 -10.65 35.72 12.65
N THR A 668 -9.59 35.24 13.31
CA THR A 668 -8.68 34.33 12.63
C THR A 668 -9.26 32.96 12.30
N ALA A 669 -10.32 32.56 13.01
CA ALA A 669 -10.93 31.26 12.76
C ALA A 669 -12.24 31.42 12.02
N ASP A 670 -12.31 32.43 11.14
CA ASP A 670 -13.55 32.64 10.39
C ASP A 670 -13.59 31.57 9.30
N ASP A 671 -14.53 30.65 9.42
CA ASP A 671 -14.68 29.56 8.43
C ASP A 671 -15.56 30.03 7.26
N ASN A 672 -16.21 31.17 7.44
CA ASN A 672 -17.13 31.73 6.44
C ASN A 672 -16.43 32.69 5.48
N VAL A 673 -16.07 33.88 5.96
CA VAL A 673 -15.30 34.84 5.16
C VAL A 673 -13.91 34.58 5.74
N HIS A 674 -13.08 33.85 5.00
CA HIS A 674 -11.76 33.51 5.52
C HIS A 674 -10.85 34.68 5.85
N PHE A 675 -10.11 34.51 6.96
CA PHE A 675 -9.18 35.56 7.42
C PHE A 675 -8.35 35.98 6.22
N GLN A 676 -8.05 35.01 5.35
CA GLN A 676 -7.33 35.23 4.10
C GLN A 676 -7.77 36.50 3.36
N GLN A 677 -9.07 36.77 3.37
CA GLN A 677 -9.61 37.93 2.67
C GLN A 677 -9.06 39.25 3.21
N SER A 678 -8.97 39.36 4.54
CA SER A 678 -8.42 40.55 5.15
C SER A 678 -6.91 40.52 5.07
N ALA A 679 -6.30 39.33 5.14
CA ALA A 679 -4.85 39.20 5.02
C ALA A 679 -4.36 39.73 3.66
N GLN A 680 -5.11 39.38 2.63
CA GLN A 680 -4.79 39.83 1.27
C GLN A 680 -5.05 41.33 1.10
N LEU A 681 -6.10 41.83 1.73
CA LEU A 681 -6.38 43.26 1.61
C LEU A 681 -5.34 44.08 2.39
N SER A 682 -4.94 43.63 3.58
CA SER A 682 -3.94 44.39 4.35
C SER A 682 -2.63 44.45 3.55
N LYS A 683 -2.27 43.33 2.93
CA LYS A 683 -1.05 43.28 2.14
C LYS A 683 -1.04 44.28 0.94
N ALA A 684 -2.16 44.38 0.24
CA ALA A 684 -2.22 45.31 -0.90
C ALA A 684 -2.12 46.74 -0.36
N LEU A 685 -2.77 47.00 0.77
CA LEU A 685 -2.71 48.34 1.35
C LEU A 685 -1.27 48.66 1.75
N VAL A 686 -0.59 47.71 2.40
CA VAL A 686 0.82 47.90 2.79
C VAL A 686 1.65 48.12 1.51
N ASP A 687 1.41 47.31 0.47
CA ASP A 687 2.15 47.45 -0.80
C ASP A 687 1.94 48.82 -1.42
N ALA A 688 0.78 49.42 -1.17
CA ALA A 688 0.47 50.75 -1.68
C ALA A 688 1.00 51.87 -0.78
N GLY A 689 1.62 51.51 0.34
CA GLY A 689 2.14 52.53 1.24
C GLY A 689 1.02 53.26 1.95
N VAL A 690 -0.10 52.56 2.16
CA VAL A 690 -1.26 53.17 2.81
C VAL A 690 -1.29 52.85 4.30
N ASP A 691 -1.41 53.85 5.18
CA ASP A 691 -1.49 53.52 6.60
C ASP A 691 -2.97 53.29 6.96
N PHE A 692 -3.18 52.36 7.90
CA PHE A 692 -4.52 52.03 8.37
C PHE A 692 -4.32 51.22 9.64
N GLN A 693 -5.43 50.83 10.25
CA GLN A 693 -5.40 50.03 11.46
C GLN A 693 -6.06 48.68 11.24
N THR A 694 -5.63 47.70 12.02
CA THR A 694 -6.21 46.37 11.95
C THR A 694 -6.40 45.88 13.38
N MET A 695 -7.15 44.79 13.51
CA MET A 695 -7.37 44.10 14.77
C MET A 695 -7.80 42.68 14.43
N TRP A 696 -6.96 41.72 14.78
CA TRP A 696 -7.35 40.33 14.57
C TRP A 696 -8.00 39.88 15.87
N TYR A 697 -8.83 38.84 15.80
CA TYR A 697 -9.44 38.30 17.01
C TYR A 697 -9.15 36.81 16.95
N THR A 698 -8.17 36.41 17.75
CA THR A 698 -7.70 35.03 17.78
C THR A 698 -8.81 34.03 18.03
N ASP A 699 -8.87 32.99 17.22
CA ASP A 699 -9.88 31.93 17.35
C ASP A 699 -11.36 32.30 17.26
N GLU A 700 -11.64 33.58 17.01
CA GLU A 700 -13.02 33.99 16.86
C GLU A 700 -13.46 33.67 15.43
N ASP A 701 -14.73 33.32 15.24
CA ASP A 701 -15.19 33.01 13.89
C ASP A 701 -15.94 34.20 13.24
N HIS A 702 -16.82 33.92 12.30
CA HIS A 702 -17.50 35.00 11.58
C HIS A 702 -18.35 35.95 12.42
N GLY A 703 -18.81 35.50 13.58
CA GLY A 703 -19.61 36.36 14.42
C GLY A 703 -18.81 37.08 15.51
N ILE A 704 -17.53 36.76 15.70
CA ILE A 704 -16.71 37.40 16.77
C ILE A 704 -17.64 37.59 17.97
N ALA A 705 -18.31 36.49 18.30
CA ALA A 705 -19.35 36.44 19.30
C ALA A 705 -19.10 35.86 20.70
N SER A 706 -17.90 35.39 21.00
CA SER A 706 -17.69 34.91 22.36
C SER A 706 -17.93 36.14 23.25
N ASN A 707 -18.31 35.93 24.50
CA ASN A 707 -18.57 37.04 25.44
C ASN A 707 -17.51 38.13 25.47
N MET A 708 -16.25 37.75 25.68
CA MET A 708 -15.22 38.77 25.77
C MET A 708 -14.85 39.45 24.45
N ALA A 709 -14.85 38.68 23.36
CA ALA A 709 -14.49 39.23 22.05
C ALA A 709 -15.53 40.24 21.60
N HIS A 710 -16.79 39.94 21.89
CA HIS A 710 -17.93 40.79 21.57
C HIS A 710 -17.80 42.13 22.29
N GLN A 711 -17.44 42.08 23.58
CA GLN A 711 -17.29 43.32 24.33
C GLN A 711 -16.09 44.10 23.79
N HIS A 712 -15.01 43.37 23.53
CA HIS A 712 -13.78 43.96 23.07
C HIS A 712 -13.89 44.68 21.72
N ILE A 713 -14.54 44.06 20.73
CA ILE A 713 -14.65 44.69 19.38
C ILE A 713 -15.50 45.96 19.41
N TYR A 714 -16.66 45.90 20.06
CA TYR A 714 -17.48 47.10 20.13
C TYR A 714 -16.80 48.20 20.93
N THR A 715 -16.06 47.82 21.97
CA THR A 715 -15.34 48.82 22.75
C THR A 715 -14.23 49.42 21.86
N HIS A 716 -13.52 48.56 21.15
CA HIS A 716 -12.46 49.04 20.28
C HIS A 716 -13.03 49.92 19.15
N MET A 717 -14.16 49.52 18.56
CA MET A 717 -14.74 50.33 17.47
C MET A 717 -15.22 51.69 17.96
N SER A 718 -15.80 51.73 19.17
CA SER A 718 -16.27 52.97 19.72
C SER A 718 -15.10 53.95 19.95
N HIS A 719 -13.93 53.46 20.37
CA HIS A 719 -12.80 54.35 20.60
C HIS A 719 -12.31 54.90 19.25
N PHE A 720 -12.27 54.04 18.23
CA PHE A 720 -11.84 54.46 16.91
C PHE A 720 -12.78 55.57 16.36
N LEU A 721 -14.09 55.37 16.45
CA LEU A 721 -15.03 56.38 15.97
C LEU A 721 -14.88 57.69 16.74
N LYS A 722 -14.82 57.60 18.07
CA LYS A 722 -14.68 58.80 18.88
C LYS A 722 -13.41 59.56 18.49
N GLN A 723 -12.34 58.83 18.23
CA GLN A 723 -11.12 59.48 17.81
C GLN A 723 -11.33 60.14 16.43
N CYS A 724 -12.06 59.46 15.53
CA CYS A 724 -12.32 60.01 14.21
C CYS A 724 -13.23 61.23 14.29
N PHE A 725 -14.18 61.23 15.22
CA PHE A 725 -15.10 62.35 15.33
C PHE A 725 -14.65 63.40 16.37
N SER A 726 -13.43 63.30 16.88
CA SER A 726 -12.95 64.24 17.90
C SER A 726 -13.93 64.29 19.06
N LEU A 727 -14.37 63.13 19.53
CA LEU A 727 -15.30 63.06 20.65
C LEU A 727 -14.55 62.62 21.90
N PRO A 728 -14.64 63.40 22.99
CA PRO A 728 -13.96 63.08 24.25
C PRO A 728 -14.39 61.74 24.87
N SER B 1 18.41 77.19 10.13
CA SER B 1 17.27 76.39 9.61
C SER B 1 17.57 74.88 9.68
N ARG B 2 18.35 74.41 8.72
CA ARG B 2 18.75 73.00 8.61
C ARG B 2 17.68 71.91 8.65
N ARG B 3 17.93 70.88 7.86
CA ARG B 3 17.05 69.73 7.78
C ARG B 3 17.36 68.88 9.03
N THR B 4 16.39 68.07 9.44
CA THR B 4 16.63 67.17 10.56
C THR B 4 16.70 65.81 9.85
N TYR B 5 17.08 64.76 10.57
CA TYR B 5 17.15 63.43 9.96
C TYR B 5 15.69 62.94 10.04
N THR B 6 15.03 62.80 8.89
CA THR B 6 13.61 62.42 8.84
C THR B 6 13.29 60.90 8.79
N LEU B 7 12.00 60.56 8.87
CA LEU B 7 11.57 59.16 8.81
C LEU B 7 11.90 58.63 7.40
N THR B 8 11.63 59.45 6.39
CA THR B 8 11.92 59.09 5.01
C THR B 8 13.42 58.90 4.82
N ASP B 9 14.22 59.76 5.44
CA ASP B 9 15.68 59.61 5.32
C ASP B 9 16.06 58.20 5.80
N TYR B 10 15.48 57.79 6.93
CA TYR B 10 15.76 56.45 7.47
C TYR B 10 15.19 55.36 6.57
N LEU B 11 13.90 55.47 6.27
CA LEU B 11 13.25 54.46 5.44
C LEU B 11 13.83 54.25 4.06
N LYS B 12 14.32 55.32 3.44
CA LYS B 12 14.86 55.25 2.09
C LYS B 12 16.39 55.31 2.04
N SER B 13 17.04 55.19 3.19
CA SER B 13 18.50 55.25 3.24
C SER B 13 19.12 56.39 2.43
N THR B 14 18.56 57.59 2.54
CA THR B 14 19.10 58.73 1.82
C THR B 14 20.58 58.97 2.16
N PHE B 15 20.95 58.80 3.41
CA PHE B 15 22.34 58.98 3.83
C PHE B 15 22.98 57.61 3.86
N ARG B 16 23.82 57.35 2.87
CA ARG B 16 24.43 56.04 2.76
C ARG B 16 25.78 55.84 3.44
N VAL B 17 25.86 54.84 4.32
CA VAL B 17 27.11 54.54 4.97
C VAL B 17 27.83 53.56 4.06
N LYS B 18 29.07 53.84 3.69
CA LYS B 18 29.78 52.94 2.81
C LYS B 18 30.66 51.98 3.61
N PHE B 19 31.00 50.87 2.98
CA PHE B 19 31.87 49.88 3.61
C PHE B 19 32.88 49.39 2.60
N TYR B 20 33.70 48.42 3.00
CA TYR B 20 34.70 47.90 2.10
C TYR B 20 34.85 46.42 2.36
N THR B 21 34.10 45.65 1.58
CA THR B 21 34.12 44.20 1.69
C THR B 21 35.17 43.58 0.77
N LEU B 22 36.10 42.81 1.33
CA LEU B 22 37.11 42.16 0.52
C LEU B 22 37.18 40.68 0.90
N GLN B 23 37.78 39.88 0.03
CA GLN B 23 37.93 38.46 0.29
C GLN B 23 39.40 38.11 0.13
N TRP B 24 40.04 37.75 1.22
CA TRP B 24 41.44 37.38 1.17
C TRP B 24 41.52 36.05 0.41
N ILE B 25 42.53 35.91 -0.44
CA ILE B 25 42.72 34.69 -1.21
C ILE B 25 44.12 34.16 -1.16
N SER B 26 44.97 34.80 -0.35
CA SER B 26 46.34 34.37 -0.17
C SER B 26 46.86 35.21 1.00
N ASP B 27 48.16 35.13 1.26
CA ASP B 27 48.75 35.89 2.34
C ASP B 27 48.93 37.36 2.01
N HIS B 28 48.71 37.76 0.76
CA HIS B 28 48.87 39.18 0.43
C HIS B 28 47.98 39.69 -0.69
N GLU B 29 46.97 38.94 -1.07
CA GLU B 29 46.06 39.37 -2.12
C GLU B 29 44.62 39.17 -1.68
N TYR B 30 43.74 40.03 -2.18
CA TYR B 30 42.32 39.94 -1.91
C TYR B 30 41.50 40.39 -3.11
N LEU B 31 40.32 39.79 -3.26
CA LEU B 31 39.41 40.15 -4.35
C LEU B 31 38.48 41.21 -3.80
N TYR B 32 38.02 42.09 -4.68
CA TYR B 32 37.13 43.18 -4.31
C TYR B 32 36.25 43.54 -5.51
N LYS B 33 34.95 43.72 -5.27
CA LYS B 33 34.04 44.07 -6.35
C LYS B 33 33.95 45.59 -6.48
N GLN B 34 34.35 46.11 -7.66
CA GLN B 34 34.33 47.55 -7.92
C GLN B 34 33.75 47.85 -9.28
N GLU B 35 32.66 48.60 -9.31
CA GLU B 35 32.00 48.95 -10.58
C GLU B 35 31.56 47.67 -11.29
N ASN B 36 31.29 46.64 -10.50
CA ASN B 36 30.86 45.35 -11.01
C ASN B 36 31.96 44.50 -11.63
N ASN B 37 33.20 44.99 -11.53
CA ASN B 37 34.33 44.20 -12.01
C ASN B 37 34.87 43.54 -10.74
N ILE B 38 35.53 42.40 -10.90
CA ILE B 38 36.17 41.79 -9.75
C ILE B 38 37.64 42.21 -9.87
N LEU B 39 38.14 43.00 -8.91
CA LEU B 39 39.54 43.44 -8.92
C LEU B 39 40.39 42.58 -7.97
N LEU B 40 41.65 42.39 -8.33
CA LEU B 40 42.60 41.63 -7.53
C LEU B 40 43.61 42.62 -6.99
N PHE B 41 43.64 42.79 -5.68
CA PHE B 41 44.54 43.72 -5.02
C PHE B 41 45.75 43.04 -4.39
N ASN B 42 46.84 43.78 -4.38
CA ASN B 42 48.08 43.31 -3.78
C ASN B 42 48.29 44.18 -2.55
N ALA B 43 48.18 43.58 -1.38
CA ALA B 43 48.34 44.31 -0.13
C ALA B 43 49.75 44.83 0.02
N GLU B 44 50.74 44.05 -0.41
CA GLU B 44 52.14 44.49 -0.32
C GLU B 44 52.24 45.92 -0.83
N TYR B 45 52.29 46.05 -2.16
CA TYR B 45 52.44 47.34 -2.84
C TYR B 45 51.17 48.12 -3.20
N GLY B 46 50.02 47.69 -2.69
CA GLY B 46 48.79 48.41 -2.99
C GLY B 46 48.28 48.43 -4.44
N ASN B 47 49.01 47.84 -5.38
CA ASN B 47 48.53 47.84 -6.76
C ASN B 47 47.37 46.89 -7.02
N SER B 48 46.64 47.15 -8.09
CA SER B 48 45.47 46.35 -8.43
C SER B 48 45.34 46.03 -9.93
N SER B 49 44.71 44.90 -10.24
CA SER B 49 44.46 44.50 -11.63
C SER B 49 43.08 43.82 -11.76
N ILE B 50 42.51 43.85 -12.96
CA ILE B 50 41.19 43.26 -13.20
C ILE B 50 41.22 41.73 -13.23
N PHE B 51 40.43 41.12 -12.35
CA PHE B 51 40.40 39.67 -12.27
C PHE B 51 39.30 39.13 -13.18
N LEU B 52 38.18 39.85 -13.25
CA LEU B 52 37.07 39.52 -14.12
C LEU B 52 36.40 40.85 -14.51
N GLU B 53 36.34 41.11 -15.81
CA GLU B 53 35.74 42.35 -16.33
C GLU B 53 34.21 42.27 -16.20
N ASN B 54 33.54 43.39 -15.92
CA ASN B 54 32.10 43.36 -15.79
C ASN B 54 31.39 42.99 -17.09
N SER B 55 32.13 43.04 -18.20
CA SER B 55 31.58 42.68 -19.49
C SER B 55 31.00 41.28 -19.37
N THR B 56 31.77 40.42 -18.71
CA THR B 56 31.38 39.03 -18.50
C THR B 56 29.98 38.93 -17.88
N PHE B 57 29.74 39.70 -16.82
CA PHE B 57 28.45 39.64 -16.18
C PHE B 57 27.34 40.02 -17.16
N ASP B 58 27.59 41.01 -18.00
CA ASP B 58 26.58 41.45 -18.97
C ASP B 58 26.24 40.37 -19.99
N GLU B 59 27.20 39.50 -20.27
CA GLU B 59 26.95 38.45 -21.24
C GLU B 59 26.25 37.21 -20.67
N LEU B 60 26.10 37.17 -19.35
CA LEU B 60 25.48 36.02 -18.68
C LEU B 60 24.01 35.77 -18.94
N GLY B 61 23.17 36.79 -18.80
CA GLY B 61 21.75 36.56 -19.04
C GLY B 61 20.90 36.35 -17.79
N TYR B 62 21.34 36.91 -16.69
CA TYR B 62 20.60 36.83 -15.43
C TYR B 62 21.32 37.72 -14.43
N SER B 63 20.60 38.15 -13.41
CA SER B 63 21.19 39.00 -12.38
C SER B 63 22.10 38.10 -11.55
N THR B 64 23.37 38.45 -11.48
CA THR B 64 24.26 37.66 -10.68
C THR B 64 24.13 38.14 -9.25
N ASN B 65 23.66 37.24 -8.40
CA ASN B 65 23.45 37.54 -6.99
C ASN B 65 24.74 37.47 -6.22
N ASP B 66 25.64 36.58 -6.62
CA ASP B 66 26.91 36.45 -5.90
C ASP B 66 27.86 35.54 -6.68
N TYR B 67 29.11 35.50 -6.27
CA TYR B 67 30.08 34.65 -6.96
C TYR B 67 31.10 34.14 -5.95
N SER B 68 31.81 33.10 -6.33
CA SER B 68 32.85 32.52 -5.49
C SER B 68 33.92 31.95 -6.40
N VAL B 69 35.13 32.47 -6.25
CA VAL B 69 36.26 32.04 -7.05
C VAL B 69 36.91 30.81 -6.43
N SER B 70 37.32 29.85 -7.26
CA SER B 70 37.94 28.63 -6.78
C SER B 70 39.28 28.96 -6.18
N PRO B 71 39.68 28.22 -5.13
CA PRO B 71 40.98 28.54 -4.54
C PRO B 71 42.17 28.57 -5.50
N ASP B 72 42.18 27.73 -6.54
CA ASP B 72 43.29 27.77 -7.48
C ASP B 72 43.08 28.82 -8.57
N ARG B 73 42.03 29.60 -8.43
CA ARG B 73 41.73 30.68 -9.36
C ARG B 73 41.44 30.30 -10.82
N GLN B 74 41.14 29.03 -11.06
CA GLN B 74 40.83 28.56 -12.41
C GLN B 74 39.35 28.64 -12.80
N PHE B 75 38.49 28.71 -11.79
CA PHE B 75 37.05 28.75 -12.03
C PHE B 75 36.34 29.72 -11.10
N ILE B 76 35.16 30.11 -11.51
CA ILE B 76 34.37 30.99 -10.68
C ILE B 76 32.92 30.53 -10.79
N LEU B 77 32.27 30.48 -9.63
CA LEU B 77 30.90 30.05 -9.49
C LEU B 77 30.00 31.30 -9.52
N PHE B 78 28.93 31.24 -10.30
CA PHE B 78 27.97 32.35 -10.40
C PHE B 78 26.64 31.88 -9.81
N GLU B 79 26.16 32.58 -8.79
CA GLU B 79 24.91 32.26 -8.11
C GLU B 79 23.77 33.12 -8.64
N TYR B 80 22.68 32.51 -9.11
CA TYR B 80 21.53 33.26 -9.61
C TYR B 80 20.25 32.54 -9.20
N ASN B 81 19.10 33.15 -9.47
CA ASN B 81 17.82 32.57 -9.07
C ASN B 81 17.81 32.32 -7.56
N TYR B 82 18.29 33.31 -6.81
CA TYR B 82 18.32 33.22 -5.35
C TYR B 82 16.91 33.25 -4.78
N VAL B 83 16.60 32.29 -3.91
CA VAL B 83 15.28 32.24 -3.25
C VAL B 83 15.54 31.95 -1.75
N LYS B 84 15.31 32.96 -0.92
CA LYS B 84 15.55 32.82 0.51
C LYS B 84 14.62 31.81 1.18
N GLN B 85 15.12 31.18 2.24
CA GLN B 85 14.29 30.28 3.00
C GLN B 85 14.24 30.92 4.40
N TRP B 86 15.03 30.41 5.37
CA TRP B 86 14.99 30.99 6.71
C TRP B 86 16.09 32.09 6.83
N ARG B 87 16.62 32.31 8.03
CA ARG B 87 17.60 33.37 8.21
C ARG B 87 18.87 33.26 7.39
N HIS B 88 19.41 32.05 7.24
CA HIS B 88 20.63 31.85 6.49
C HIS B 88 20.42 30.97 5.27
N SER B 89 19.42 30.09 5.32
CA SER B 89 19.21 29.19 4.20
C SER B 89 18.49 29.83 3.02
N TYR B 90 18.74 29.25 1.84
CA TYR B 90 18.16 29.67 0.57
C TYR B 90 18.54 28.64 -0.49
N THR B 91 17.94 28.72 -1.67
CA THR B 91 18.34 27.83 -2.76
C THR B 91 18.70 28.70 -3.97
N ALA B 92 19.49 28.15 -4.90
CA ALA B 92 19.85 28.91 -6.08
C ALA B 92 20.28 28.00 -7.22
N SER B 93 20.49 28.62 -8.39
CA SER B 93 21.00 27.92 -9.56
C SER B 93 22.46 28.41 -9.61
N TYR B 94 23.35 27.63 -10.20
CA TYR B 94 24.74 28.02 -10.31
C TYR B 94 25.35 27.63 -11.64
N ASP B 95 26.15 28.53 -12.19
CA ASP B 95 26.89 28.24 -13.41
C ASP B 95 28.34 28.23 -12.94
N ILE B 96 29.18 27.45 -13.62
CA ILE B 96 30.59 27.40 -13.32
C ILE B 96 31.22 28.06 -14.54
N TYR B 97 32.15 28.99 -14.31
CA TYR B 97 32.77 29.68 -15.43
C TYR B 97 34.29 29.44 -15.42
N ASP B 98 34.81 28.97 -16.55
CA ASP B 98 36.23 28.70 -16.73
C ASP B 98 36.98 30.01 -17.02
N LEU B 99 37.84 30.42 -16.09
CA LEU B 99 38.59 31.67 -16.24
C LEU B 99 39.72 31.61 -17.25
N ASN B 100 40.25 30.42 -17.51
CA ASN B 100 41.34 30.27 -18.45
C ASN B 100 40.83 30.44 -19.88
N LYS B 101 39.84 29.64 -20.25
CA LYS B 101 39.26 29.71 -21.58
C LYS B 101 38.06 30.65 -21.61
N ARG B 102 37.95 31.48 -20.57
CA ARG B 102 36.84 32.42 -20.44
C ARG B 102 35.56 31.97 -21.13
N GLN B 103 35.11 30.76 -20.78
CA GLN B 103 33.89 30.18 -21.30
C GLN B 103 33.08 29.59 -20.14
N LEU B 104 31.80 29.36 -20.38
CA LEU B 104 30.88 28.85 -19.38
C LEU B 104 30.71 27.33 -19.47
N ILE B 105 30.95 26.60 -18.37
CA ILE B 105 30.77 25.15 -18.41
C ILE B 105 29.29 24.89 -18.65
N THR B 106 28.98 24.02 -19.60
CA THR B 106 27.61 23.72 -19.95
C THR B 106 27.28 22.23 -19.86
N GLU B 107 28.26 21.43 -19.49
CA GLU B 107 28.07 20.00 -19.34
C GLU B 107 28.02 19.66 -17.85
N GLU B 108 27.18 18.72 -17.48
CA GLU B 108 27.06 18.32 -16.07
C GLU B 108 26.94 19.56 -15.21
N ARG B 109 25.96 20.40 -15.53
CA ARG B 109 25.73 21.63 -14.79
C ARG B 109 25.24 21.36 -13.38
N ILE B 110 25.48 22.31 -12.48
CA ILE B 110 25.01 22.17 -11.10
C ILE B 110 23.49 22.28 -11.20
N PRO B 111 22.77 21.39 -10.52
CA PRO B 111 21.30 21.46 -10.59
C PRO B 111 20.67 22.74 -10.02
N ASN B 112 19.43 23.01 -10.43
CA ASN B 112 18.70 24.17 -9.95
C ASN B 112 18.22 23.79 -8.56
N ASN B 113 17.79 24.76 -7.77
CA ASN B 113 17.32 24.47 -6.41
C ASN B 113 18.41 23.83 -5.55
N THR B 114 19.66 24.19 -5.81
CA THR B 114 20.75 23.67 -5.01
C THR B 114 20.66 24.39 -3.67
N GLN B 115 20.85 23.64 -2.60
CA GLN B 115 20.74 24.18 -1.24
C GLN B 115 22.01 24.73 -0.66
N TRP B 116 23.14 24.19 -1.07
CA TRP B 116 24.41 24.68 -0.57
C TRP B 116 25.47 24.19 -1.50
N ILE B 117 26.53 24.97 -1.62
CA ILE B 117 27.63 24.58 -2.46
C ILE B 117 28.91 25.27 -2.00
N THR B 118 30.03 24.57 -2.12
CA THR B 118 31.31 25.16 -1.74
C THR B 118 32.51 24.51 -2.45
N TRP B 119 33.49 25.32 -2.83
CA TRP B 119 34.70 24.78 -3.44
C TRP B 119 35.42 24.08 -2.29
N SER B 120 36.36 23.21 -2.62
CA SER B 120 37.20 22.56 -1.62
C SER B 120 38.14 23.73 -1.17
N PRO B 121 38.92 23.58 -0.10
CA PRO B 121 39.80 24.68 0.33
C PRO B 121 41.01 24.98 -0.57
N VAL B 122 41.39 24.01 -1.39
CA VAL B 122 42.50 24.14 -2.34
C VAL B 122 41.94 23.53 -3.60
N GLY B 123 42.54 23.85 -4.74
CA GLY B 123 42.09 23.29 -5.98
C GLY B 123 40.76 23.84 -6.47
N HIS B 124 39.96 22.97 -7.03
CA HIS B 124 38.66 23.38 -7.53
C HIS B 124 37.64 22.27 -7.44
N LYS B 125 37.68 21.47 -6.38
CA LYS B 125 36.65 20.45 -6.23
C LYS B 125 35.44 21.16 -5.64
N LEU B 126 34.25 20.63 -5.91
CA LEU B 126 33.01 21.22 -5.43
C LEU B 126 32.21 20.19 -4.68
N ALA B 127 31.49 20.64 -3.64
CA ALA B 127 30.59 19.77 -2.87
C ALA B 127 29.31 20.57 -2.78
N TYR B 128 28.18 19.94 -3.07
CA TYR B 128 26.91 20.68 -2.99
C TYR B 128 25.79 19.82 -2.48
N VAL B 129 24.75 20.48 -1.96
CA VAL B 129 23.59 19.75 -1.46
C VAL B 129 22.37 20.03 -2.31
N TRP B 130 21.70 18.97 -2.70
CA TRP B 130 20.51 19.10 -3.53
C TRP B 130 19.53 18.02 -3.08
N ASN B 131 18.29 18.43 -2.82
CA ASN B 131 17.27 17.52 -2.32
C ASN B 131 17.76 16.81 -1.07
N ASN B 132 18.42 17.54 -0.19
CA ASN B 132 18.91 16.98 1.08
C ASN B 132 19.98 15.90 1.01
N ASP B 133 20.62 15.78 -0.14
CA ASP B 133 21.72 14.83 -0.30
C ASP B 133 22.93 15.60 -0.79
N ILE B 134 24.10 15.06 -0.47
CA ILE B 134 25.38 15.64 -0.84
C ILE B 134 25.91 15.05 -2.16
N TYR B 135 26.58 15.88 -2.96
CA TYR B 135 27.19 15.48 -4.23
C TYR B 135 28.55 16.13 -4.33
N VAL B 136 29.49 15.42 -4.95
CA VAL B 136 30.84 15.95 -5.13
C VAL B 136 31.22 15.91 -6.62
N LYS B 137 31.78 17.01 -7.12
CA LYS B 137 32.26 17.13 -8.51
C LYS B 137 33.76 17.38 -8.46
N ASN B 138 34.55 16.41 -8.91
CA ASN B 138 36.00 16.59 -8.89
C ASN B 138 36.43 17.62 -9.91
N GLU B 139 35.66 17.76 -10.99
CA GLU B 139 35.99 18.73 -12.02
C GLU B 139 34.69 19.40 -12.45
N PRO B 140 34.72 20.70 -12.78
CA PRO B 140 33.53 21.41 -13.22
C PRO B 140 32.83 20.74 -14.40
N ASN B 141 33.61 20.13 -15.29
CA ASN B 141 33.02 19.49 -16.46
C ASN B 141 32.68 18.00 -16.33
N LEU B 142 32.93 17.42 -15.16
CA LEU B 142 32.64 16.00 -14.91
C LEU B 142 31.36 15.75 -14.11
N SER B 143 30.75 14.58 -14.29
CA SER B 143 29.53 14.24 -13.58
C SER B 143 29.78 14.11 -12.08
N SER B 144 28.85 14.59 -11.26
CA SER B 144 29.06 14.52 -9.83
C SER B 144 28.81 13.13 -9.26
N GLN B 145 29.39 12.90 -8.08
CA GLN B 145 29.28 11.65 -7.35
C GLN B 145 28.38 11.85 -6.16
N ARG B 146 27.31 11.06 -6.09
CA ARG B 146 26.38 11.14 -4.99
C ARG B 146 27.05 10.55 -3.76
N ILE B 147 26.91 11.24 -2.65
CA ILE B 147 27.55 10.85 -1.40
C ILE B 147 26.55 10.24 -0.41
N THR B 148 25.31 10.72 -0.44
CA THR B 148 24.30 10.24 0.49
C THR B 148 23.03 9.84 -0.25
N TRP B 149 22.26 8.93 0.34
CA TRP B 149 21.03 8.46 -0.31
C TRP B 149 19.85 8.60 0.63
N THR B 150 20.11 9.11 1.85
CA THR B 150 19.05 9.26 2.83
C THR B 150 18.27 10.56 2.78
N GLY B 151 18.68 11.50 1.91
CA GLY B 151 18.00 12.78 1.87
C GLY B 151 16.49 12.64 1.78
N LYS B 152 15.74 13.41 2.58
CA LYS B 152 14.29 13.35 2.56
C LYS B 152 13.64 14.64 3.11
N GLU B 153 12.86 15.31 2.25
CA GLU B 153 12.18 16.55 2.57
C GLU B 153 11.50 16.54 3.92
N ASN B 154 11.86 17.49 4.78
CA ASN B 154 11.30 17.61 6.11
C ASN B 154 11.64 16.46 7.05
N VAL B 155 12.55 15.58 6.65
CA VAL B 155 12.86 14.49 7.55
C VAL B 155 14.35 14.28 7.77
N ILE B 156 15.07 14.04 6.69
CA ILE B 156 16.49 13.78 6.76
C ILE B 156 17.26 14.83 5.98
N TYR B 157 18.24 15.44 6.64
CA TYR B 157 19.06 16.47 6.03
C TYR B 157 20.54 16.07 6.06
N ASN B 158 21.13 15.98 4.88
CA ASN B 158 22.55 15.67 4.75
C ASN B 158 23.30 16.88 4.20
N GLY B 159 24.26 17.37 4.97
CA GLY B 159 25.07 18.47 4.50
C GLY B 159 24.55 19.86 4.77
N VAL B 160 23.30 19.94 5.22
CA VAL B 160 22.70 21.23 5.58
C VAL B 160 21.93 21.00 6.85
N THR B 161 21.68 22.07 7.58
CA THR B 161 20.99 22.00 8.85
C THR B 161 19.48 22.02 8.75
N ASP B 162 18.82 21.50 9.78
CA ASP B 162 17.37 21.55 9.87
C ASP B 162 17.09 22.94 10.45
N TRP B 163 15.83 23.28 10.70
CA TRP B 163 15.48 24.62 11.17
C TRP B 163 16.17 25.09 12.44
N VAL B 164 16.17 24.25 13.48
CA VAL B 164 16.73 24.68 14.74
C VAL B 164 18.24 24.71 14.75
N TYR B 165 18.90 23.81 14.02
CA TYR B 165 20.35 23.85 13.98
C TYR B 165 20.78 25.09 13.21
N GLU B 166 20.02 25.45 12.18
CA GLU B 166 20.35 26.60 11.37
C GLU B 166 20.29 27.88 12.17
N GLU B 167 19.18 28.07 12.87
CA GLU B 167 18.92 29.25 13.64
C GLU B 167 19.62 29.38 15.00
N GLU B 168 19.74 28.27 15.73
CA GLU B 168 20.28 28.35 17.08
C GLU B 168 21.63 27.71 17.35
N VAL B 169 22.09 26.84 16.46
CA VAL B 169 23.35 26.19 16.74
C VAL B 169 24.51 26.64 15.88
N PHE B 170 24.39 26.45 14.57
CA PHE B 170 25.44 26.80 13.65
C PHE B 170 25.33 28.24 13.18
N SER B 171 24.14 28.82 13.27
CA SER B 171 23.93 30.17 12.74
C SER B 171 24.39 30.09 11.27
N ALA B 172 24.03 28.98 10.63
CA ALA B 172 24.36 28.75 9.22
C ALA B 172 23.57 27.55 8.69
N TYR B 173 23.39 27.49 7.37
CA TYR B 173 22.63 26.41 6.73
C TYR B 173 23.56 25.25 6.40
N SER B 174 24.81 25.60 6.17
CA SER B 174 25.85 24.65 5.81
C SER B 174 26.19 23.66 6.94
N ALA B 175 26.42 22.39 6.58
CA ALA B 175 26.80 21.35 7.55
C ALA B 175 27.76 20.39 6.89
N LEU B 176 28.73 20.94 6.18
CA LEU B 176 29.74 20.11 5.60
C LEU B 176 31.07 20.85 5.71
N TRP B 177 32.14 20.10 5.90
CA TRP B 177 33.47 20.69 6.10
C TRP B 177 34.59 19.93 5.38
N TRP B 178 35.18 20.51 4.35
CA TRP B 178 36.30 19.90 3.65
C TRP B 178 37.54 19.99 4.56
N SER B 179 38.46 19.04 4.42
CA SER B 179 39.70 19.05 5.20
C SER B 179 40.62 20.06 4.49
N PRO B 180 41.65 20.57 5.19
CA PRO B 180 42.56 21.57 4.60
C PRO B 180 43.05 21.32 3.20
N ASN B 181 43.43 20.08 2.90
CA ASN B 181 43.91 19.77 1.56
C ASN B 181 42.89 19.07 0.64
N GLY B 182 41.62 19.06 1.04
CA GLY B 182 40.59 18.44 0.21
C GLY B 182 40.50 16.92 0.14
N THR B 183 41.17 16.25 1.05
CA THR B 183 41.14 14.78 1.06
C THR B 183 39.80 14.24 1.55
N PHE B 184 39.38 14.78 2.70
CA PHE B 184 38.15 14.36 3.34
C PHE B 184 37.06 15.41 3.32
N LEU B 185 35.82 14.92 3.33
CA LEU B 185 34.65 15.79 3.39
C LEU B 185 33.82 15.29 4.56
N ALA B 186 33.74 16.10 5.61
CA ALA B 186 32.96 15.75 6.78
C ALA B 186 31.57 16.39 6.63
N TYR B 187 30.56 15.75 7.19
CA TYR B 187 29.22 16.34 7.09
C TYR B 187 28.36 15.81 8.20
N ALA B 188 27.34 16.56 8.58
CA ALA B 188 26.41 16.11 9.61
C ALA B 188 25.10 15.74 8.93
N GLN B 189 24.41 14.78 9.54
CA GLN B 189 23.11 14.38 9.05
C GLN B 189 22.15 14.61 10.20
N PHE B 190 21.05 15.32 9.92
CA PHE B 190 20.01 15.60 10.90
C PHE B 190 18.72 14.83 10.56
N ASN B 191 18.16 14.24 11.60
CA ASN B 191 16.95 13.42 11.50
C ASN B 191 15.82 14.07 12.30
N ASP B 192 14.85 14.64 11.59
CA ASP B 192 13.72 15.30 12.21
C ASP B 192 12.44 14.44 12.30
N THR B 193 12.58 13.14 12.05
CA THR B 193 11.42 12.23 12.06
C THR B 193 10.43 12.44 13.18
N GLU B 194 10.92 12.61 14.40
CA GLU B 194 10.01 12.78 15.54
C GLU B 194 9.76 14.20 16.02
N VAL B 195 10.25 15.18 15.27
CA VAL B 195 10.07 16.57 15.64
C VAL B 195 8.69 17.04 15.20
N PRO B 196 7.92 17.67 16.10
CA PRO B 196 6.58 18.12 15.71
C PRO B 196 6.63 19.21 14.67
N LEU B 197 5.56 19.36 13.90
CA LEU B 197 5.53 20.38 12.86
C LEU B 197 4.84 21.65 13.29
N ILE B 198 5.45 22.82 13.05
CA ILE B 198 4.73 24.06 13.33
C ILE B 198 4.00 24.28 11.98
N GLU B 199 2.74 24.67 12.02
CA GLU B 199 2.01 24.90 10.78
C GLU B 199 1.38 26.27 10.82
N TYR B 200 1.42 26.99 9.70
CA TYR B 200 0.79 28.30 9.62
C TYR B 200 0.44 28.58 8.14
N SER B 201 -0.46 29.54 7.95
CA SER B 201 -0.89 29.94 6.63
C SER B 201 0.04 30.91 5.90
N PHE B 202 0.20 30.71 4.59
CA PHE B 202 0.96 31.62 3.73
C PHE B 202 -0.08 31.94 2.63
N TYR B 203 -0.43 33.21 2.49
CA TYR B 203 -1.46 33.61 1.54
C TYR B 203 -0.93 33.82 0.14
N SER B 204 0.34 34.19 0.06
CA SER B 204 0.97 34.39 -1.22
C SER B 204 0.33 35.54 -2.01
N ASP B 205 0.61 35.55 -3.29
CA ASP B 205 0.08 36.58 -4.16
C ASP B 205 -1.45 36.52 -4.23
N GLU B 206 -2.07 37.68 -4.38
CA GLU B 206 -3.52 37.87 -4.45
C GLU B 206 -4.24 36.89 -5.38
N SER B 207 -3.55 36.40 -6.40
CA SER B 207 -4.18 35.46 -7.33
C SER B 207 -4.38 34.05 -6.75
N LEU B 208 -3.61 33.68 -5.74
CA LEU B 208 -3.76 32.34 -5.15
C LEU B 208 -5.15 32.27 -4.49
N GLN B 209 -6.02 31.43 -5.05
CA GLN B 209 -7.39 31.33 -4.55
C GLN B 209 -7.51 30.75 -3.14
N TYR B 210 -6.73 29.71 -2.86
CA TYR B 210 -6.70 29.07 -1.53
C TYR B 210 -5.34 29.23 -0.87
N PRO B 211 -5.31 29.63 0.41
CA PRO B 211 -4.03 29.79 1.10
C PRO B 211 -3.31 28.45 1.20
N LYS B 212 -1.98 28.48 1.29
CA LYS B 212 -1.27 27.24 1.47
C LYS B 212 -0.87 27.17 2.95
N THR B 213 -0.51 25.98 3.41
CA THR B 213 -0.13 25.82 4.79
C THR B 213 1.34 25.48 4.80
N VAL B 214 2.14 26.22 5.56
CA VAL B 214 3.57 25.88 5.65
C VAL B 214 3.73 24.93 6.85
N ARG B 215 4.61 23.95 6.72
CA ARG B 215 4.88 22.96 7.78
C ARG B 215 6.39 22.84 7.96
N ILE B 216 6.87 23.05 9.18
CA ILE B 216 8.29 23.00 9.44
C ILE B 216 8.54 22.16 10.68
N PRO B 217 9.46 21.20 10.62
CA PRO B 217 9.75 20.37 11.81
C PRO B 217 10.45 21.40 12.72
N TYR B 218 9.82 21.75 13.83
CA TYR B 218 10.34 22.76 14.72
C TYR B 218 10.11 22.29 16.14
N PRO B 219 11.19 22.11 16.92
CA PRO B 219 10.98 21.66 18.30
C PRO B 219 10.81 22.81 19.29
N LYS B 220 9.65 22.84 19.95
CA LYS B 220 9.37 23.84 20.95
C LYS B 220 9.95 23.30 22.28
N ALA B 221 10.07 24.17 23.29
CA ALA B 221 10.69 23.79 24.54
C ALA B 221 10.18 22.45 25.08
N GLY B 222 11.11 21.56 25.37
CA GLY B 222 10.77 20.24 25.89
C GLY B 222 10.29 19.21 24.89
N ALA B 223 10.13 19.58 23.62
CA ALA B 223 9.64 18.64 22.63
C ALA B 223 10.76 17.76 22.12
N GLU B 224 10.39 16.75 21.35
CA GLU B 224 11.33 15.83 20.72
C GLU B 224 12.24 16.69 19.82
N ASN B 225 13.56 16.47 19.86
CA ASN B 225 14.56 17.24 19.10
C ASN B 225 15.14 16.46 17.94
N PRO B 226 15.76 17.15 16.97
CA PRO B 226 16.34 16.39 15.87
C PRO B 226 17.54 15.57 16.45
N THR B 227 17.89 14.46 15.80
CA THR B 227 19.06 13.68 16.22
C THR B 227 20.07 13.97 15.12
N VAL B 228 21.34 13.72 15.42
CA VAL B 228 22.41 14.01 14.47
C VAL B 228 23.44 12.91 14.40
N LYS B 229 24.04 12.77 13.23
CA LYS B 229 25.10 11.82 13.00
C LYS B 229 26.15 12.62 12.26
N PHE B 230 27.41 12.29 12.50
CA PHE B 230 28.53 12.99 11.87
C PHE B 230 29.40 11.98 11.13
N PHE B 231 29.74 12.29 9.89
CA PHE B 231 30.57 11.39 9.09
C PHE B 231 31.74 12.10 8.43
N VAL B 232 32.78 11.34 8.12
CA VAL B 232 33.90 11.87 7.39
C VAL B 232 34.06 10.97 6.18
N VAL B 233 33.96 11.59 5.01
CA VAL B 233 34.08 10.89 3.75
C VAL B 233 35.47 11.06 3.16
N ASP B 234 36.11 9.95 2.81
CA ASP B 234 37.42 9.98 2.16
C ASP B 234 37.11 10.18 0.69
N THR B 235 37.31 11.39 0.17
CA THR B 235 36.92 11.64 -1.21
C THR B 235 37.84 11.07 -2.25
N ARG B 236 38.98 10.56 -1.80
CA ARG B 236 39.93 9.99 -2.74
C ARG B 236 39.39 8.80 -3.52
N THR B 237 38.46 8.06 -2.94
CA THR B 237 37.91 6.86 -3.63
C THR B 237 36.64 7.09 -4.42
N LEU B 238 36.16 8.33 -4.50
CA LEU B 238 34.94 8.61 -5.24
C LEU B 238 35.15 8.23 -6.69
N SER B 239 34.29 7.37 -7.21
CA SER B 239 34.39 6.92 -8.59
C SER B 239 33.00 6.51 -9.02
N PRO B 240 32.66 6.71 -10.30
CA PRO B 240 31.32 6.36 -10.75
C PRO B 240 30.80 5.00 -10.28
N ASN B 241 31.62 3.95 -10.32
CA ASN B 241 31.12 2.65 -9.88
C ASN B 241 31.66 2.15 -8.55
N ALA B 242 32.12 3.07 -7.70
CA ALA B 242 32.61 2.70 -6.38
C ALA B 242 31.64 3.17 -5.28
N SER B 243 31.67 2.50 -4.13
CA SER B 243 30.83 2.89 -3.01
C SER B 243 31.49 4.12 -2.39
N VAL B 244 30.80 4.74 -1.43
CA VAL B 244 31.33 5.90 -0.72
C VAL B 244 32.05 5.40 0.54
N THR B 245 33.31 5.81 0.69
CA THR B 245 34.07 5.41 1.85
C THR B 245 33.81 6.48 2.91
N SER B 246 33.18 6.10 4.01
CA SER B 246 32.89 7.06 5.06
C SER B 246 32.95 6.45 6.45
N TYR B 247 33.13 7.29 7.45
CA TYR B 247 33.26 6.83 8.81
C TYR B 247 32.42 7.69 9.72
N GLN B 248 31.62 7.06 10.57
CA GLN B 248 30.79 7.84 11.47
C GLN B 248 31.49 8.04 12.81
N ILE B 249 31.59 9.29 13.26
CA ILE B 249 32.23 9.57 14.53
C ILE B 249 31.07 9.88 15.45
N VAL B 250 31.02 9.18 16.58
CA VAL B 250 29.96 9.41 17.54
C VAL B 250 30.52 10.19 18.72
N PRO B 251 29.67 10.93 19.44
CA PRO B 251 30.18 11.70 20.58
C PRO B 251 30.69 10.77 21.68
N PRO B 252 31.45 11.31 22.64
CA PRO B 252 32.01 10.57 23.78
C PRO B 252 30.86 10.09 24.64
N ALA B 253 31.09 9.04 25.41
CA ALA B 253 30.05 8.47 26.26
C ALA B 253 29.30 9.44 27.19
N SER B 254 30.03 10.39 27.80
CA SER B 254 29.42 11.34 28.72
C SER B 254 28.34 12.23 28.08
N VAL B 255 28.33 12.30 26.75
CA VAL B 255 27.32 13.08 26.04
C VAL B 255 26.39 12.13 25.29
N LEU B 256 26.95 11.05 24.78
CA LEU B 256 26.19 10.05 24.05
C LEU B 256 25.06 9.50 24.91
N ILE B 257 25.24 9.54 26.23
CA ILE B 257 24.24 8.99 27.14
C ILE B 257 22.84 9.52 27.06
N GLY B 258 22.66 10.70 26.47
CA GLY B 258 21.32 11.30 26.37
C GLY B 258 21.26 12.27 25.21
N ASP B 259 20.17 13.02 25.10
CA ASP B 259 20.02 14.00 24.02
C ASP B 259 21.21 14.96 24.00
N HIS B 260 21.71 15.24 22.81
CA HIS B 260 22.85 16.11 22.67
C HIS B 260 22.77 16.86 21.36
N TYR B 261 23.72 17.78 21.17
CA TYR B 261 23.83 18.55 19.93
C TYR B 261 25.27 18.56 19.50
N LEU B 262 25.48 18.57 18.19
CA LEU B 262 26.83 18.70 17.67
C LEU B 262 26.89 20.24 17.58
N CYS B 263 27.85 20.89 18.23
CA CYS B 263 27.83 22.33 18.06
C CYS B 263 28.99 22.95 17.33
N GLY B 264 29.95 22.15 16.86
CA GLY B 264 31.07 22.73 16.17
C GLY B 264 32.02 21.70 15.62
N VAL B 265 32.67 22.05 14.52
CA VAL B 265 33.60 21.19 13.82
C VAL B 265 34.83 22.01 13.40
N THR B 266 36.02 21.49 13.66
CA THR B 266 37.23 22.19 13.29
C THR B 266 38.30 21.26 12.76
N TRP B 267 38.67 21.43 11.51
CA TRP B 267 39.73 20.62 10.97
C TRP B 267 41.06 21.16 11.57
N VAL B 268 41.90 20.25 12.07
CA VAL B 268 43.19 20.61 12.67
C VAL B 268 44.35 20.39 11.68
N THR B 269 44.40 19.19 11.09
CA THR B 269 45.38 18.86 10.03
C THR B 269 44.58 17.89 9.11
N GLU B 270 45.17 17.40 8.03
CA GLU B 270 44.48 16.46 7.16
C GLU B 270 44.09 15.16 7.87
N GLU B 271 44.74 14.87 8.99
CA GLU B 271 44.45 13.63 9.70
C GLU B 271 43.96 13.82 11.12
N ARG B 272 43.53 15.04 11.45
CA ARG B 272 43.07 15.30 12.81
C ARG B 272 41.91 16.26 12.79
N ILE B 273 40.79 15.82 13.38
CA ILE B 273 39.61 16.69 13.40
C ILE B 273 39.08 16.88 14.80
N SER B 274 38.62 18.09 15.10
CA SER B 274 38.07 18.37 16.42
C SER B 274 36.55 18.56 16.38
N LEU B 275 35.82 17.75 17.13
CA LEU B 275 34.36 17.86 17.20
C LEU B 275 33.97 18.39 18.56
N GLN B 276 33.07 19.34 18.59
CA GLN B 276 32.60 19.90 19.84
C GLN B 276 31.12 19.51 19.97
N TRP B 277 30.77 18.88 21.10
CA TRP B 277 29.41 18.42 21.36
C TRP B 277 28.95 19.00 22.66
N ILE B 278 27.63 19.10 22.82
CA ILE B 278 27.06 19.63 24.05
C ILE B 278 25.79 18.84 24.43
N ARG B 279 25.55 18.65 25.72
CA ARG B 279 24.36 17.94 26.16
C ARG B 279 23.15 18.82 25.93
N ARG B 280 21.98 18.22 25.85
CA ARG B 280 20.78 19.00 25.66
C ARG B 280 20.64 20.01 26.82
N ALA B 281 21.17 19.67 27.99
CA ALA B 281 21.12 20.59 29.12
C ALA B 281 21.99 21.87 28.84
N GLN B 282 23.02 21.71 28.04
CA GLN B 282 23.89 22.83 27.65
C GLN B 282 24.77 23.51 28.73
N ASN B 283 25.00 22.83 29.85
CA ASN B 283 25.92 23.34 30.87
C ASN B 283 27.08 22.34 30.88
N TYR B 284 27.12 21.51 29.85
CA TYR B 284 28.16 20.47 29.74
C TYR B 284 28.50 20.20 28.29
N SER B 285 29.74 20.49 27.92
CA SER B 285 30.16 20.25 26.56
C SER B 285 31.52 19.62 26.55
N ILE B 286 31.83 18.95 25.46
CA ILE B 286 33.11 18.26 25.35
C ILE B 286 33.70 18.39 23.95
N ILE B 287 35.01 18.54 23.90
CA ILE B 287 35.74 18.62 22.64
C ILE B 287 36.40 17.27 22.52
N ASP B 288 36.26 16.65 21.34
CA ASP B 288 36.82 15.32 21.06
C ASP B 288 37.69 15.44 19.81
N ILE B 289 39.00 15.31 20.00
CA ILE B 289 39.95 15.45 18.90
C ILE B 289 40.25 14.05 18.37
N CYS B 290 39.88 13.83 17.11
CA CYS B 290 40.00 12.51 16.49
C CYS B 290 41.08 12.41 15.44
N ASP B 291 41.86 11.33 15.53
CA ASP B 291 42.96 11.07 14.59
C ASP B 291 42.68 9.95 13.59
N TYR B 292 43.04 10.21 12.34
CA TYR B 292 42.83 9.28 11.26
C TYR B 292 43.84 8.16 11.34
N ASP B 293 43.35 6.93 11.31
CA ASP B 293 44.23 5.77 11.32
C ASP B 293 44.35 5.27 9.89
N GLU B 294 45.48 5.56 9.25
CA GLU B 294 45.69 5.16 7.86
C GLU B 294 45.47 3.69 7.51
N SER B 295 45.77 2.78 8.43
CA SER B 295 45.64 1.37 8.08
C SER B 295 44.19 0.84 8.10
N THR B 296 43.28 1.55 8.77
CA THR B 296 41.89 1.10 8.84
C THR B 296 40.87 2.11 8.31
N GLY B 297 41.30 3.36 8.14
CA GLY B 297 40.39 4.39 7.65
C GLY B 297 39.51 4.98 8.73
N ARG B 298 39.62 4.49 9.95
CA ARG B 298 38.79 5.10 10.96
C ARG B 298 39.38 6.33 11.65
N TRP B 299 38.50 7.08 12.30
CA TRP B 299 38.88 8.30 13.02
C TRP B 299 38.77 7.96 14.50
N ILE B 300 39.91 7.92 15.16
CA ILE B 300 39.96 7.47 16.53
C ILE B 300 39.95 8.52 17.59
N SER B 301 39.15 8.22 18.59
CA SER B 301 38.92 9.08 19.73
C SER B 301 39.66 8.53 20.97
N SER B 302 40.20 9.40 21.82
CA SER B 302 40.90 8.97 23.02
C SER B 302 40.57 9.89 24.20
N VAL B 303 40.48 9.34 25.40
CA VAL B 303 40.15 10.17 26.56
C VAL B 303 41.14 11.31 26.79
N ALA B 304 42.42 11.03 26.57
CA ALA B 304 43.46 12.04 26.77
C ALA B 304 43.30 13.24 25.83
N ARG B 305 42.54 13.06 24.75
CA ARG B 305 42.31 14.12 23.77
C ARG B 305 40.90 14.72 23.87
N GLN B 306 40.23 14.45 24.98
CA GLN B 306 38.90 14.98 25.19
C GLN B 306 39.00 16.07 26.24
N HIS B 307 38.29 17.17 26.04
CA HIS B 307 38.32 18.28 26.98
C HIS B 307 36.92 18.70 27.35
N ILE B 308 36.64 18.67 28.64
CA ILE B 308 35.30 18.99 29.13
C ILE B 308 35.20 20.44 29.59
N GLU B 309 34.04 21.05 29.33
CA GLU B 309 33.77 22.43 29.73
C GLU B 309 32.37 22.44 30.31
N ILE B 310 32.23 22.95 31.53
CA ILE B 310 30.92 22.94 32.16
C ILE B 310 30.64 24.28 32.78
N SER B 311 29.41 24.46 33.20
CA SER B 311 29.09 25.68 33.89
C SER B 311 28.22 25.26 35.07
N THR B 312 28.55 25.78 36.24
CA THR B 312 27.80 25.47 37.43
C THR B 312 26.81 26.59 37.73
N THR B 313 27.05 27.78 37.18
CA THR B 313 26.12 28.90 37.42
C THR B 313 25.14 29.18 36.28
N GLY B 314 25.33 28.55 35.13
CA GLY B 314 24.43 28.79 34.01
C GLY B 314 24.71 27.86 32.85
N TRP B 315 24.88 28.43 31.65
CA TRP B 315 25.17 27.63 30.48
C TRP B 315 26.60 27.84 30.02
N VAL B 316 27.07 27.02 29.07
CA VAL B 316 28.41 27.13 28.51
C VAL B 316 28.47 28.11 27.32
N GLY B 317 29.43 29.04 27.37
CA GLY B 317 29.59 30.01 26.30
C GLY B 317 28.59 31.16 26.28
N ARG B 318 28.58 31.92 25.20
CA ARG B 318 27.64 33.03 25.10
C ARG B 318 26.34 32.48 24.51
N PHE B 319 26.36 32.03 23.26
CA PHE B 319 25.17 31.42 22.65
C PHE B 319 25.49 29.96 22.28
N ARG B 320 26.75 29.60 22.47
CA ARG B 320 27.26 28.27 22.20
C ARG B 320 28.67 28.27 22.78
N PRO B 321 29.25 27.09 22.99
CA PRO B 321 30.61 27.09 23.53
C PRO B 321 31.61 27.70 22.52
N ALA B 322 32.58 28.46 23.02
CA ALA B 322 33.57 29.08 22.12
C ALA B 322 34.32 27.98 21.39
N GLU B 323 34.74 28.28 20.18
CA GLU B 323 35.49 27.35 19.31
C GLU B 323 36.98 27.33 19.62
N PRO B 324 37.64 26.16 19.47
CA PRO B 324 39.07 25.97 19.72
C PRO B 324 39.88 26.45 18.50
N HIS B 325 41.01 27.09 18.76
CA HIS B 325 41.89 27.55 17.69
C HIS B 325 43.20 26.79 17.84
N PHE B 326 43.42 25.82 16.96
CA PHE B 326 44.60 24.98 17.00
C PHE B 326 45.83 25.56 16.33
N THR B 327 47.00 25.15 16.82
CA THR B 327 48.27 25.55 16.23
C THR B 327 48.37 24.78 14.91
N SER B 328 49.29 25.20 14.06
CA SER B 328 49.50 24.55 12.79
C SER B 328 49.74 23.02 12.92
N ASP B 329 50.50 22.63 13.94
CA ASP B 329 50.81 21.21 14.16
C ASP B 329 49.65 20.44 14.80
N GLY B 330 48.76 21.17 15.49
CA GLY B 330 47.62 20.55 16.15
C GLY B 330 47.87 19.93 17.51
N ASN B 331 49.04 20.22 18.10
CA ASN B 331 49.39 19.69 19.40
C ASN B 331 48.84 20.51 20.56
N SER B 332 48.35 21.71 20.28
CA SER B 332 47.70 22.49 21.33
C SER B 332 46.70 23.43 20.70
N PHE B 333 45.87 24.05 21.53
CA PHE B 333 44.89 24.97 21.01
C PHE B 333 44.57 26.00 22.05
N TYR B 334 43.99 27.09 21.57
CA TYR B 334 43.60 28.20 22.40
C TYR B 334 42.08 28.35 22.27
N LYS B 335 41.43 28.60 23.41
CA LYS B 335 40.00 28.71 23.45
C LYS B 335 39.50 29.56 24.60
N ILE B 336 38.50 30.37 24.32
CA ILE B 336 37.92 31.21 25.33
C ILE B 336 37.01 30.38 26.23
N ILE B 337 37.22 30.47 27.56
CA ILE B 337 36.41 29.80 28.58
C ILE B 337 36.31 30.75 29.76
N SER B 338 35.33 30.54 30.63
CA SER B 338 35.20 31.37 31.81
C SER B 338 36.33 31.03 32.78
N ASN B 339 36.98 32.04 33.35
CA ASN B 339 38.04 31.74 34.32
C ASN B 339 37.41 31.56 35.72
N GLU B 340 38.24 31.51 36.75
CA GLU B 340 37.79 31.30 38.13
C GLU B 340 37.03 32.50 38.66
N GLU B 341 37.16 33.65 38.01
CA GLU B 341 36.45 34.83 38.45
C GLU B 341 35.16 35.04 37.69
N GLY B 342 34.84 34.15 36.77
CA GLY B 342 33.61 34.33 36.01
C GLY B 342 33.79 35.23 34.80
N TYR B 343 35.03 35.46 34.38
CA TYR B 343 35.28 36.26 33.18
C TYR B 343 35.86 35.39 32.08
N LYS B 344 35.33 35.57 30.87
CA LYS B 344 35.75 34.78 29.71
C LYS B 344 37.08 35.24 29.13
N HIS B 345 38.05 34.35 29.21
CA HIS B 345 39.40 34.62 28.75
C HIS B 345 40.00 33.47 27.96
N ILE B 346 41.10 33.77 27.29
CA ILE B 346 41.76 32.76 26.47
C ILE B 346 42.62 31.82 27.30
N CYS B 347 42.36 30.51 27.17
CA CYS B 347 43.12 29.48 27.86
C CYS B 347 43.89 28.68 26.80
N HIS B 348 45.12 28.32 27.12
CA HIS B 348 45.95 27.55 26.21
C HIS B 348 45.85 26.10 26.66
N PHE B 349 45.43 25.20 25.75
CA PHE B 349 45.30 23.78 26.09
C PHE B 349 46.31 22.94 25.34
N GLN B 350 46.71 21.84 25.96
CA GLN B 350 47.62 20.93 25.31
C GLN B 350 46.62 19.93 24.75
N THR B 351 46.70 19.63 23.46
CA THR B 351 45.75 18.72 22.85
C THR B 351 45.56 17.40 23.63
N ASP B 352 46.63 16.85 24.18
CA ASP B 352 46.48 15.60 24.93
C ASP B 352 46.61 15.70 26.47
N LYS B 353 46.37 16.87 27.03
CA LYS B 353 46.41 17.05 28.49
C LYS B 353 45.17 17.84 28.90
N SER B 354 44.70 17.65 30.13
CA SER B 354 43.48 18.33 30.55
C SER B 354 43.58 19.73 31.14
N ASN B 355 44.71 20.07 31.76
CA ASN B 355 44.84 21.39 32.35
C ASN B 355 45.23 22.43 31.29
N CYS B 356 44.85 23.68 31.52
CA CYS B 356 45.19 24.72 30.57
C CYS B 356 45.70 25.90 31.33
N THR B 357 46.28 26.84 30.61
CA THR B 357 46.81 28.02 31.23
C THR B 357 46.21 29.24 30.58
N PHE B 358 45.68 30.14 31.40
CA PHE B 358 45.09 31.37 30.90
C PHE B 358 46.18 32.35 30.43
N ILE B 359 45.97 32.96 29.26
CA ILE B 359 46.94 33.91 28.74
C ILE B 359 46.42 35.32 28.81
N THR B 360 45.14 35.47 29.18
CA THR B 360 44.55 36.78 29.36
C THR B 360 43.81 36.70 30.67
N LYS B 361 43.66 37.83 31.35
CA LYS B 361 43.00 37.88 32.65
C LYS B 361 42.60 39.31 32.99
N GLY B 362 41.49 39.48 33.70
CA GLY B 362 41.09 40.83 34.06
C GLY B 362 39.58 40.91 34.11
N ALA B 363 39.10 42.02 34.65
CA ALA B 363 37.65 42.25 34.77
C ALA B 363 37.11 42.78 33.44
N TRP B 364 37.29 41.98 32.40
CA TRP B 364 36.80 42.31 31.07
C TRP B 364 36.76 40.98 30.33
N GLU B 365 36.35 40.97 29.06
CA GLU B 365 36.31 39.69 28.34
C GLU B 365 36.86 39.70 26.93
N VAL B 366 37.35 38.55 26.49
CA VAL B 366 37.82 38.36 25.13
C VAL B 366 36.55 37.98 24.35
N ILE B 367 36.31 38.69 23.26
CA ILE B 367 35.15 38.45 22.44
C ILE B 367 35.43 37.27 21.53
N GLY B 368 36.59 37.27 20.86
CA GLY B 368 36.94 36.18 19.97
C GLY B 368 38.40 36.12 19.62
N ILE B 369 38.84 34.96 19.14
CA ILE B 369 40.21 34.75 18.71
C ILE B 369 40.12 34.93 17.19
N GLU B 370 40.88 35.86 16.62
CA GLU B 370 40.82 36.17 15.17
C GLU B 370 41.82 35.48 14.29
N ALA B 371 43.04 35.34 14.79
CA ALA B 371 44.08 34.71 14.01
C ALA B 371 45.19 34.13 14.89
N LEU B 372 45.92 33.17 14.35
CA LEU B 372 46.97 32.52 15.10
C LEU B 372 48.17 32.17 14.23
N THR B 373 49.38 32.48 14.70
CA THR B 373 50.61 32.14 13.99
C THR B 373 51.52 31.41 15.01
N SER B 374 52.69 30.94 14.57
CA SER B 374 53.58 30.24 15.50
C SER B 374 54.02 31.13 16.67
N ASP B 375 54.03 32.45 16.46
CA ASP B 375 54.47 33.37 17.52
C ASP B 375 53.47 34.34 18.14
N TYR B 376 52.33 34.57 17.50
CA TYR B 376 51.34 35.49 18.04
C TYR B 376 49.90 35.00 17.89
N LEU B 377 49.04 35.46 18.81
CA LEU B 377 47.62 35.16 18.80
C LEU B 377 47.01 36.56 18.75
N TYR B 378 46.03 36.74 17.87
CA TYR B 378 45.37 38.01 17.74
C TYR B 378 43.94 37.83 18.21
N TYR B 379 43.41 38.78 18.98
CA TYR B 379 42.07 38.62 19.48
C TYR B 379 41.37 39.96 19.63
N ILE B 380 40.07 39.91 19.84
CA ILE B 380 39.26 41.09 20.03
C ILE B 380 38.77 41.06 21.49
N SER B 381 38.82 42.18 22.20
CA SER B 381 38.32 42.20 23.57
C SER B 381 37.76 43.58 23.86
N ASN B 382 37.08 43.70 25.01
CA ASN B 382 36.54 44.99 25.43
C ASN B 382 37.35 45.56 26.62
N GLU B 383 38.64 45.22 26.67
CA GLU B 383 39.50 45.70 27.78
C GLU B 383 39.68 47.22 27.81
N HIS B 384 39.87 47.81 26.65
CA HIS B 384 40.15 49.24 26.58
C HIS B 384 39.24 50.19 27.33
N LYS B 385 39.83 50.96 28.24
CA LYS B 385 39.07 51.93 29.03
C LYS B 385 38.01 51.27 29.90
N GLY B 386 38.07 49.97 30.07
CA GLY B 386 37.06 49.31 30.84
C GLY B 386 35.62 49.47 30.32
N MET B 387 35.43 49.70 29.01
CA MET B 387 34.05 49.79 28.53
C MET B 387 33.65 48.55 27.73
N PRO B 388 32.74 47.76 28.30
CA PRO B 388 32.24 46.53 27.70
C PRO B 388 31.65 46.66 26.29
N GLY B 389 31.21 47.86 25.95
CA GLY B 389 30.62 48.11 24.64
C GLY B 389 31.60 48.61 23.59
N GLY B 390 32.89 48.50 23.92
CA GLY B 390 33.92 48.91 22.98
C GLY B 390 34.63 47.63 22.51
N ARG B 391 35.31 47.69 21.37
CA ARG B 391 36.01 46.52 20.85
C ARG B 391 37.37 46.87 20.22
N ASN B 392 38.43 46.19 20.63
CA ASN B 392 39.74 46.42 20.04
C ASN B 392 40.49 45.17 19.73
N LEU B 393 41.41 45.27 18.75
CA LEU B 393 42.26 44.18 18.31
C LEU B 393 43.60 44.21 19.06
N TYR B 394 43.95 43.09 19.71
CA TYR B 394 45.18 42.96 20.48
C TYR B 394 46.00 41.78 19.94
N ARG B 395 47.30 41.86 20.13
CA ARG B 395 48.21 40.79 19.73
C ARG B 395 49.01 40.36 20.96
N ILE B 396 49.01 39.06 21.23
CA ILE B 396 49.74 38.56 22.38
C ILE B 396 50.85 37.62 21.88
N GLN B 397 52.04 37.80 22.44
CA GLN B 397 53.24 37.03 22.10
C GLN B 397 53.10 35.67 22.77
N LEU B 398 53.12 34.60 21.98
CA LEU B 398 52.92 33.25 22.52
C LEU B 398 53.95 32.71 23.49
N ASN B 399 55.20 33.12 23.33
CA ASN B 399 56.23 32.66 24.26
C ASN B 399 56.38 33.60 25.47
N ASP B 400 55.54 34.62 25.54
CA ASP B 400 55.57 35.54 26.68
C ASP B 400 54.27 36.32 26.79
N TYR B 401 53.29 35.69 27.43
CA TYR B 401 51.95 36.25 27.62
C TYR B 401 51.87 37.60 28.29
N THR B 402 52.95 38.06 28.93
CA THR B 402 52.85 39.37 29.57
C THR B 402 53.01 40.42 28.49
N LYS B 403 53.48 40.00 27.32
CA LYS B 403 53.67 40.91 26.21
C LYS B 403 52.44 40.95 25.28
N VAL B 404 51.61 41.95 25.47
CA VAL B 404 50.41 42.11 24.67
C VAL B 404 50.33 43.53 24.17
N THR B 405 50.00 43.68 22.89
CA THR B 405 49.89 45.00 22.30
C THR B 405 48.49 45.26 21.78
N CYS B 406 48.01 46.49 21.95
CA CYS B 406 46.72 46.82 21.40
C CYS B 406 47.02 47.47 20.06
N LEU B 407 46.58 46.83 18.99
CA LEU B 407 46.85 47.33 17.65
C LEU B 407 45.87 48.38 17.13
N SER B 408 44.71 48.54 17.77
CA SER B 408 43.75 49.51 17.24
C SER B 408 43.34 50.60 18.20
N CYS B 409 43.65 50.42 19.49
CA CYS B 409 43.26 51.35 20.55
C CYS B 409 43.59 52.83 20.31
N GLU B 410 44.75 53.11 19.72
CA GLU B 410 45.12 54.50 19.51
C GLU B 410 45.20 55.00 18.08
N LEU B 411 44.72 54.21 17.13
CA LEU B 411 44.76 54.66 15.76
C LEU B 411 43.93 55.91 15.58
N ASN B 412 42.76 55.94 16.24
CA ASN B 412 41.82 57.06 16.14
C ASN B 412 40.90 56.94 17.36
N PRO B 413 41.45 57.18 18.56
CA PRO B 413 40.70 57.08 19.82
C PRO B 413 39.32 57.76 19.93
N GLU B 414 39.16 58.91 19.30
CA GLU B 414 37.88 59.60 19.39
C GLU B 414 36.85 59.02 18.44
N ARG B 415 37.27 58.74 17.21
CA ARG B 415 36.37 58.24 16.18
C ARG B 415 36.11 56.71 16.23
N CYS B 416 37.14 55.96 16.62
CA CYS B 416 37.08 54.52 16.62
C CYS B 416 37.31 53.78 17.92
N GLN B 417 36.22 53.23 18.46
CA GLN B 417 36.26 52.45 19.70
C GLN B 417 35.64 51.04 19.53
N TYR B 418 35.10 50.73 18.36
CA TYR B 418 34.48 49.41 18.13
C TYR B 418 35.04 48.82 16.84
N TYR B 419 35.97 47.87 16.97
CA TYR B 419 36.58 47.30 15.80
C TYR B 419 36.32 45.82 15.60
N SER B 420 36.46 45.41 14.34
CA SER B 420 36.43 44.01 13.92
C SER B 420 37.63 44.00 12.95
N ALA B 421 38.17 42.83 12.67
CA ALA B 421 39.34 42.68 11.82
C ALA B 421 39.18 41.44 10.95
N SER B 422 39.93 41.42 9.86
CA SER B 422 39.95 40.29 8.93
C SER B 422 41.39 40.15 8.52
N PHE B 423 41.99 38.98 8.78
CA PHE B 423 43.38 38.76 8.43
C PHE B 423 43.56 37.94 7.14
N SER B 424 44.65 38.20 6.44
CA SER B 424 45.01 37.50 5.23
C SER B 424 45.53 36.13 5.68
N ASN B 425 45.85 35.27 4.73
CA ASN B 425 46.40 33.95 5.09
C ASN B 425 47.77 34.17 5.78
N LYS B 426 48.00 33.41 6.84
CA LYS B 426 49.20 33.45 7.64
C LYS B 426 49.32 34.77 8.40
N ALA B 427 48.17 35.45 8.50
CA ALA B 427 48.09 36.71 9.23
C ALA B 427 49.13 37.77 8.87
N LYS B 428 49.56 37.81 7.61
CA LYS B 428 50.54 38.78 7.20
C LYS B 428 49.99 40.21 7.12
N TYR B 429 48.70 40.32 6.80
CA TYR B 429 48.06 41.62 6.72
C TYR B 429 46.69 41.51 7.34
N TYR B 430 46.12 42.64 7.71
CA TYR B 430 44.78 42.63 8.25
C TYR B 430 44.04 43.90 7.90
N GLN B 431 42.76 43.76 7.60
CA GLN B 431 41.95 44.93 7.36
C GLN B 431 41.32 45.24 8.72
N LEU B 432 41.31 46.49 9.13
CA LEU B 432 40.66 46.86 10.38
C LEU B 432 39.36 47.51 10.01
N ARG B 433 38.34 47.18 10.79
CA ARG B 433 37.01 47.71 10.55
C ARG B 433 36.47 48.44 11.77
N CYS B 434 36.40 49.77 11.64
CA CYS B 434 35.93 50.64 12.70
C CYS B 434 34.47 50.99 12.48
N PHE B 435 33.61 50.68 13.45
CA PHE B 435 32.18 50.93 13.32
C PHE B 435 31.63 52.11 14.09
N GLY B 436 32.48 52.78 14.87
CA GLY B 436 32.00 53.92 15.63
C GLY B 436 32.90 54.24 16.83
N PRO B 437 32.53 55.21 17.66
CA PRO B 437 31.31 56.02 17.58
C PRO B 437 31.18 56.98 16.39
N GLY B 438 32.29 57.31 15.74
CA GLY B 438 32.22 58.19 14.57
C GLY B 438 31.80 57.36 13.35
N LEU B 439 32.00 57.90 12.15
CA LEU B 439 31.64 57.21 10.92
C LEU B 439 32.57 56.04 10.64
N PRO B 440 32.02 54.92 10.14
CA PRO B 440 32.83 53.74 9.84
C PRO B 440 34.08 54.06 9.03
N LEU B 441 35.18 53.40 9.39
CA LEU B 441 36.46 53.63 8.75
C LEU B 441 37.14 52.29 8.52
N TYR B 442 37.50 52.00 7.27
CA TYR B 442 38.13 50.76 6.92
C TYR B 442 39.57 50.99 6.50
N THR B 443 40.48 50.26 7.12
CA THR B 443 41.91 50.40 6.84
C THR B 443 42.60 49.07 6.63
N LEU B 444 43.77 49.10 5.99
CA LEU B 444 44.53 47.90 5.72
C LEU B 444 45.86 48.08 6.43
N HIS B 445 46.36 47.03 7.07
CA HIS B 445 47.58 47.11 7.81
C HIS B 445 48.50 45.93 7.54
N SER B 446 49.77 46.15 7.83
CA SER B 446 50.79 45.12 7.69
C SER B 446 51.06 44.59 9.10
N SER B 447 51.11 43.28 9.26
CA SER B 447 51.37 42.69 10.58
C SER B 447 52.85 42.74 10.99
N SER B 448 53.75 42.78 10.02
CA SER B 448 55.18 42.81 10.36
C SER B 448 55.55 44.15 11.02
N SER B 449 55.03 45.23 10.50
CA SER B 449 55.35 46.54 11.05
C SER B 449 54.18 47.19 11.78
N ASP B 450 52.98 46.70 11.53
CA ASP B 450 51.78 47.28 12.12
C ASP B 450 51.61 48.70 11.61
N LYS B 451 52.05 48.91 10.37
CA LYS B 451 51.93 50.21 9.71
C LYS B 451 50.54 50.19 9.08
N GLU B 452 49.93 51.36 8.93
CA GLU B 452 48.61 51.45 8.36
C GLU B 452 48.49 51.27 6.85
N LEU B 453 49.60 51.33 6.12
CA LEU B 453 49.51 51.15 4.65
C LEU B 453 48.54 52.09 3.94
N ARG B 454 47.23 51.94 4.18
CA ARG B 454 46.24 52.80 3.53
C ARG B 454 44.81 52.73 4.03
N VAL B 455 44.09 53.82 3.76
CA VAL B 455 42.68 53.97 4.09
C VAL B 455 41.88 53.39 2.92
N LEU B 456 41.06 52.38 3.19
CA LEU B 456 40.26 51.76 2.14
C LEU B 456 38.95 52.50 1.94
N GLU B 457 38.38 53.02 3.03
CA GLU B 457 37.13 53.76 2.94
C GLU B 457 36.94 54.57 4.19
N ASP B 458 36.82 55.90 4.05
CA ASP B 458 36.64 56.74 5.23
C ASP B 458 35.31 57.47 5.35
N ASN B 459 34.39 57.20 4.43
CA ASN B 459 33.08 57.85 4.50
C ASN B 459 33.07 59.37 4.57
N SER B 460 34.08 60.01 3.97
CA SER B 460 34.15 61.48 4.01
C SER B 460 32.94 62.10 3.31
N ALA B 461 32.39 61.39 2.32
CA ALA B 461 31.22 61.88 1.60
C ALA B 461 30.02 61.98 2.55
N LEU B 462 29.78 60.92 3.33
CA LEU B 462 28.68 60.90 4.29
C LEU B 462 28.87 62.01 5.28
N ASP B 463 30.12 62.18 5.72
CA ASP B 463 30.42 63.20 6.72
C ASP B 463 30.00 64.57 6.22
N LYS B 464 30.24 64.82 4.94
CA LYS B 464 29.87 66.10 4.32
C LYS B 464 28.35 66.25 4.28
N MET B 465 27.64 65.24 3.78
CA MET B 465 26.18 65.32 3.71
C MET B 465 25.59 65.55 5.10
N LEU B 466 26.20 64.94 6.12
CA LEU B 466 25.64 65.10 7.45
C LEU B 466 25.91 66.45 8.12
N GLN B 467 26.92 67.20 7.65
CA GLN B 467 27.23 68.51 8.25
C GLN B 467 26.04 69.46 8.08
N ASP B 468 25.22 69.19 7.06
CA ASP B 468 24.06 70.01 6.78
C ASP B 468 22.79 69.60 7.57
N VAL B 469 22.84 68.49 8.30
CA VAL B 469 21.66 68.04 9.04
C VAL B 469 21.80 68.15 10.55
N GLN B 470 20.70 68.39 11.24
CA GLN B 470 20.73 68.49 12.70
C GLN B 470 20.71 67.08 13.31
N MET B 471 21.89 66.48 13.40
CA MET B 471 22.00 65.15 13.94
C MET B 471 22.00 65.12 15.45
N PRO B 472 21.47 64.03 16.01
CA PRO B 472 21.42 63.87 17.47
C PRO B 472 22.80 63.36 17.89
N SER B 473 23.12 63.44 19.17
CA SER B 473 24.41 62.91 19.64
C SER B 473 24.09 61.66 20.46
N LYS B 474 25.07 60.78 20.61
CA LYS B 474 24.85 59.58 21.39
C LYS B 474 25.81 59.62 22.55
N LYS B 475 25.28 59.48 23.76
CA LYS B 475 26.09 59.52 24.97
C LYS B 475 26.02 58.21 25.76
N LEU B 476 27.19 57.71 26.18
CA LEU B 476 27.26 56.49 26.97
C LEU B 476 27.72 56.81 28.38
N ASP B 477 27.09 56.21 29.38
CA ASP B 477 27.53 56.43 30.75
C ASP B 477 27.10 55.26 31.63
N VAL B 478 27.21 55.44 32.95
CA VAL B 478 26.92 54.38 33.90
C VAL B 478 25.98 54.76 35.04
N ILE B 479 25.36 53.76 35.65
CA ILE B 479 24.49 53.94 36.82
C ILE B 479 24.70 52.70 37.69
N ASN B 480 24.34 52.80 38.96
CA ASN B 480 24.48 51.68 39.88
C ASN B 480 23.12 51.10 40.17
N LEU B 481 23.00 49.78 40.07
CA LEU B 481 21.75 49.12 40.41
C LEU B 481 22.18 48.04 41.38
N HIS B 482 21.59 48.04 42.56
CA HIS B 482 21.91 47.04 43.60
C HIS B 482 23.43 46.85 43.80
N GLY B 483 24.17 47.94 43.83
CA GLY B 483 25.60 47.85 44.03
C GLY B 483 26.46 47.44 42.84
N THR B 484 25.88 47.40 41.65
CA THR B 484 26.64 47.00 40.47
C THR B 484 26.51 48.09 39.42
N LYS B 485 27.62 48.43 38.77
CA LYS B 485 27.54 49.46 37.76
C LYS B 485 27.16 48.84 36.40
N PHE B 486 26.17 49.45 35.77
CA PHE B 486 25.70 48.98 34.47
C PHE B 486 25.76 50.14 33.50
N TRP B 487 25.93 49.84 32.22
CA TRP B 487 25.99 50.87 31.19
C TRP B 487 24.67 51.18 30.50
N TYR B 488 24.55 52.43 30.04
CA TYR B 488 23.38 52.88 29.29
C TYR B 488 23.86 53.86 28.23
N GLN B 489 23.01 54.07 27.23
CA GLN B 489 23.29 55.03 26.17
C GLN B 489 22.00 55.81 25.93
N MET B 490 22.13 57.07 25.49
CA MET B 490 20.97 57.88 25.17
C MET B 490 21.28 58.55 23.83
N ILE B 491 20.31 58.56 22.92
CA ILE B 491 20.45 59.25 21.65
C ILE B 491 19.76 60.56 22.02
N LEU B 492 20.49 61.67 22.03
CA LEU B 492 19.93 62.96 22.41
C LEU B 492 19.61 63.88 21.22
N PRO B 493 18.43 64.48 21.25
CA PRO B 493 18.01 65.39 20.17
C PRO B 493 19.06 66.52 20.02
N PRO B 494 19.14 67.09 18.83
CA PRO B 494 20.09 68.17 18.58
C PRO B 494 19.80 69.36 19.53
N HIS B 495 20.83 70.11 19.89
CA HIS B 495 20.65 71.27 20.78
C HIS B 495 20.04 70.81 22.08
N PHE B 496 20.44 69.65 22.54
CA PHE B 496 19.90 69.13 23.78
C PHE B 496 19.95 70.19 24.88
N ASP B 497 18.78 70.66 25.31
CA ASP B 497 18.70 71.66 26.36
C ASP B 497 18.50 70.92 27.70
N LYS B 498 19.56 70.84 28.49
CA LYS B 498 19.56 70.16 29.79
C LYS B 498 18.41 70.64 30.69
N SER B 499 17.87 71.80 30.36
CA SER B 499 16.80 72.42 31.12
C SER B 499 15.38 72.03 30.71
N LYS B 500 15.19 71.59 29.47
CA LYS B 500 13.86 71.20 28.98
C LYS B 500 13.54 69.75 29.35
N LYS B 501 12.26 69.40 29.31
CA LYS B 501 11.87 68.03 29.64
C LYS B 501 11.41 67.32 28.37
N TYR B 502 12.18 66.33 27.92
CA TYR B 502 11.87 65.58 26.71
C TYR B 502 11.19 64.22 26.95
N PRO B 503 10.37 63.76 25.98
CA PRO B 503 9.74 62.46 26.17
C PRO B 503 10.92 61.48 26.05
N LEU B 504 10.75 60.25 26.54
CA LEU B 504 11.83 59.27 26.56
C LEU B 504 11.36 57.94 26.02
N LEU B 505 12.08 57.38 25.06
CA LEU B 505 11.74 56.06 24.52
C LEU B 505 12.84 55.12 24.97
N ILE B 506 12.46 53.99 25.58
CA ILE B 506 13.46 53.01 25.96
C ILE B 506 13.43 51.96 24.85
N GLU B 507 14.57 51.66 24.25
CA GLU B 507 14.65 50.63 23.22
C GLU B 507 15.32 49.46 23.93
N VAL B 508 14.64 48.33 24.00
CA VAL B 508 15.18 47.20 24.74
C VAL B 508 15.34 45.89 23.96
N TYR B 509 16.36 45.13 24.34
CA TYR B 509 16.60 43.78 23.81
C TYR B 509 16.58 43.02 25.16
N ALA B 510 17.64 43.20 25.96
CA ALA B 510 17.76 42.62 27.30
C ALA B 510 17.73 41.12 27.43
N GLY B 511 17.93 40.41 26.33
CA GLY B 511 17.96 38.98 26.42
C GLY B 511 19.32 38.52 26.98
N PRO B 512 19.45 37.24 27.32
CA PRO B 512 20.71 36.69 27.84
C PRO B 512 21.86 36.94 26.88
N CYS B 513 22.91 37.54 27.43
CA CYS B 513 24.13 37.92 26.71
C CYS B 513 23.88 38.97 25.63
N SER B 514 22.83 39.78 25.82
CA SER B 514 22.55 40.85 24.89
C SER B 514 23.47 42.04 25.19
N GLN B 515 23.63 42.92 24.21
CA GLN B 515 24.38 44.13 24.44
C GLN B 515 23.76 45.22 23.58
N LYS B 516 22.89 46.03 24.19
CA LYS B 516 22.22 47.12 23.50
C LYS B 516 22.99 48.43 23.67
N VAL B 517 24.02 48.43 24.52
CA VAL B 517 24.79 49.66 24.76
C VAL B 517 26.16 49.49 24.18
N ASP B 518 26.44 50.25 23.13
CA ASP B 518 27.77 50.13 22.57
C ASP B 518 28.16 51.41 21.90
N THR B 519 29.37 51.44 21.35
CA THR B 519 29.88 52.60 20.67
C THR B 519 29.79 52.51 19.16
N VAL B 520 28.82 51.74 18.67
CA VAL B 520 28.63 51.57 17.24
C VAL B 520 27.85 52.76 16.65
N PHE B 521 28.26 53.24 15.48
CA PHE B 521 27.55 54.36 14.85
C PHE B 521 26.40 53.74 14.08
N ARG B 522 25.19 54.25 14.29
CA ARG B 522 24.00 53.73 13.61
C ARG B 522 23.05 54.84 13.16
N LEU B 523 22.54 54.71 11.94
CA LEU B 523 21.57 55.65 11.36
C LEU B 523 20.29 54.80 11.55
N SER B 524 19.52 55.07 12.60
CA SER B 524 18.35 54.24 12.87
C SER B 524 17.06 55.00 13.00
N TRP B 525 16.00 54.26 13.34
CA TRP B 525 14.68 54.83 13.55
C TRP B 525 14.85 55.83 14.70
N ALA B 526 15.63 55.43 15.71
CA ALA B 526 15.88 56.27 16.86
C ALA B 526 16.56 57.58 16.46
N THR B 527 17.41 57.54 15.43
CA THR B 527 18.09 58.75 14.98
C THR B 527 17.04 59.75 14.58
N TYR B 528 16.03 59.27 13.84
CA TYR B 528 14.94 60.12 13.39
C TYR B 528 14.10 60.60 14.56
N LEU B 529 13.83 59.71 15.52
CA LEU B 529 13.03 60.11 16.67
C LEU B 529 13.68 61.26 17.44
N ALA B 530 15.01 61.21 17.60
CA ALA B 530 15.72 62.27 18.33
C ALA B 530 15.84 63.55 17.48
N SER B 531 16.41 63.40 16.30
CA SER B 531 16.62 64.51 15.38
C SER B 531 15.36 65.30 14.99
N THR B 532 14.33 64.60 14.51
CA THR B 532 13.10 65.27 14.09
C THR B 532 12.01 65.43 15.13
N GLU B 533 11.75 64.40 15.92
CA GLU B 533 10.68 64.49 16.91
C GLU B 533 11.10 64.90 18.30
N ASN B 534 12.39 65.14 18.52
CA ASN B 534 12.93 65.52 19.84
C ASN B 534 12.65 64.57 21.02
N ILE B 535 12.71 63.28 20.72
CA ILE B 535 12.49 62.24 21.72
C ILE B 535 13.85 61.70 22.13
N ILE B 536 14.08 61.52 23.43
CA ILE B 536 15.36 60.94 23.83
C ILE B 536 15.15 59.43 23.70
N VAL B 537 16.08 58.70 23.08
CA VAL B 537 15.94 57.24 23.00
C VAL B 537 17.09 56.62 23.80
N ALA B 538 16.76 55.80 24.79
CA ALA B 538 17.79 55.20 25.61
C ALA B 538 17.73 53.68 25.65
N SER B 539 18.88 53.07 25.94
CA SER B 539 19.00 51.61 26.09
C SER B 539 19.87 51.37 27.30
N PHE B 540 19.62 50.24 27.94
CA PHE B 540 20.32 49.91 29.17
C PHE B 540 20.62 48.42 29.20
N ASP B 541 21.86 48.06 29.59
CA ASP B 541 22.23 46.65 29.71
C ASP B 541 22.34 46.33 31.23
N GLY B 542 21.37 45.56 31.74
CA GLY B 542 21.35 45.21 33.15
C GLY B 542 21.69 43.75 33.38
N ARG B 543 21.14 43.19 34.45
CA ARG B 543 21.40 41.79 34.75
C ARG B 543 21.00 40.91 33.55
N GLY B 544 21.82 39.90 33.27
CA GLY B 544 21.59 39.02 32.13
C GLY B 544 22.35 39.46 30.87
N SER B 545 22.75 40.73 30.79
CA SER B 545 23.45 41.24 29.62
C SER B 545 24.83 40.61 29.56
N GLY B 546 25.45 40.60 28.37
CA GLY B 546 26.74 39.93 28.28
C GLY B 546 28.01 40.77 28.26
N TYR B 547 29.13 40.09 28.07
CA TYR B 547 30.45 40.73 27.96
C TYR B 547 30.97 41.42 29.23
N GLN B 548 30.32 41.14 30.36
CA GLN B 548 30.68 41.73 31.64
C GLN B 548 30.88 40.68 32.73
N GLY B 549 31.11 39.44 32.32
CA GLY B 549 31.33 38.36 33.28
C GLY B 549 30.08 37.55 33.53
N ASP B 550 30.25 36.31 33.96
CA ASP B 550 29.11 35.44 34.25
C ASP B 550 28.21 35.86 35.41
N LYS B 551 28.76 36.58 36.39
CA LYS B 551 27.92 36.97 37.53
C LYS B 551 26.75 37.80 37.03
N ILE B 552 27.05 38.70 36.11
CA ILE B 552 26.01 39.52 35.52
C ILE B 552 25.17 38.69 34.52
N MET B 553 25.84 37.99 33.60
CA MET B 553 25.12 37.26 32.55
C MET B 553 24.22 36.12 33.07
N HIS B 554 24.75 35.31 33.98
CA HIS B 554 23.99 34.20 34.56
C HIS B 554 22.98 34.57 35.63
N ALA B 555 22.84 35.85 35.91
CA ALA B 555 21.90 36.28 36.94
C ALA B 555 20.49 35.83 36.57
N ILE B 556 20.20 35.68 35.28
CA ILE B 556 18.84 35.26 34.92
C ILE B 556 18.72 33.80 34.55
N ASN B 557 19.74 33.02 34.89
CA ASN B 557 19.70 31.61 34.58
C ASN B 557 18.41 31.07 35.19
N ARG B 558 17.71 30.24 34.42
CA ARG B 558 16.44 29.62 34.79
C ARG B 558 15.32 30.54 35.27
N ARG B 559 15.43 31.83 34.98
CA ARG B 559 14.40 32.76 35.38
C ARG B 559 14.26 33.92 34.38
N LEU B 560 14.08 33.59 33.10
CA LEU B 560 13.88 34.64 32.09
C LEU B 560 12.60 35.39 32.47
N GLY B 561 12.60 36.70 32.23
CA GLY B 561 11.44 37.53 32.52
C GLY B 561 11.48 38.14 33.92
N THR B 562 12.56 37.92 34.66
CA THR B 562 12.59 38.49 36.00
C THR B 562 13.56 39.67 36.16
N PHE B 563 14.81 39.39 36.51
CA PHE B 563 15.74 40.48 36.76
C PHE B 563 16.00 41.42 35.59
N GLU B 564 16.06 40.91 34.36
CA GLU B 564 16.35 41.80 33.23
C GLU B 564 15.17 42.75 33.00
N VAL B 565 13.97 42.29 33.32
CA VAL B 565 12.78 43.13 33.17
C VAL B 565 12.73 44.20 34.26
N GLU B 566 13.01 43.76 35.48
CA GLU B 566 13.02 44.64 36.64
C GLU B 566 14.13 45.69 36.48
N ASP B 567 15.28 45.30 35.92
CA ASP B 567 16.38 46.24 35.75
C ASP B 567 16.01 47.32 34.72
N GLN B 568 15.24 46.96 33.71
CA GLN B 568 14.82 47.98 32.71
C GLN B 568 13.95 48.99 33.43
N ILE B 569 13.09 48.52 34.31
CA ILE B 569 12.21 49.42 35.06
C ILE B 569 12.97 50.36 36.02
N GLU B 570 13.84 49.80 36.87
CA GLU B 570 14.61 50.62 37.82
C GLU B 570 15.55 51.61 37.13
N ALA B 571 16.18 51.20 36.03
CA ALA B 571 17.07 52.12 35.31
C ALA B 571 16.27 53.28 34.74
N THR B 572 15.09 53.01 34.21
CA THR B 572 14.25 54.05 33.63
C THR B 572 13.78 54.99 34.75
N ARG B 573 13.45 54.39 35.90
CA ARG B 573 13.04 55.18 37.06
C ARG B 573 14.17 56.17 37.36
N GLN B 574 15.42 55.72 37.29
CA GLN B 574 16.52 56.64 37.55
C GLN B 574 16.63 57.66 36.42
N PHE B 575 16.39 57.21 35.18
CA PHE B 575 16.46 58.14 34.06
C PHE B 575 15.41 59.25 34.26
N SER B 576 14.23 58.84 34.70
CA SER B 576 13.14 59.79 34.88
C SER B 576 13.42 60.83 35.97
N LYS B 577 14.48 60.62 36.74
CA LYS B 577 14.83 61.55 37.80
C LYS B 577 15.94 62.50 37.38
N MET B 578 16.52 62.27 36.21
CA MET B 578 17.63 63.10 35.77
C MET B 578 17.31 64.57 35.55
N GLY B 579 16.02 64.91 35.45
CA GLY B 579 15.68 66.32 35.27
C GLY B 579 15.27 66.73 33.87
N PHE B 580 15.88 66.13 32.86
CA PHE B 580 15.53 66.47 31.48
C PHE B 580 14.54 65.49 30.84
N VAL B 581 13.95 64.62 31.66
CA VAL B 581 12.96 63.66 31.18
C VAL B 581 11.55 64.03 31.63
N ASP B 582 10.61 64.03 30.70
CA ASP B 582 9.23 64.31 31.00
C ASP B 582 8.66 62.96 31.44
N ASP B 583 8.55 62.76 32.74
CA ASP B 583 8.05 61.51 33.28
C ASP B 583 6.60 61.17 32.89
N LYS B 584 5.88 62.13 32.34
CA LYS B 584 4.50 61.85 31.93
C LYS B 584 4.56 61.23 30.54
N ARG B 585 5.75 61.19 29.95
CA ARG B 585 5.87 60.66 28.61
C ARG B 585 7.04 59.73 28.40
N ILE B 586 6.94 58.53 28.96
CA ILE B 586 7.98 57.51 28.81
C ILE B 586 7.39 56.25 28.17
N ALA B 587 8.08 55.73 27.16
CA ALA B 587 7.62 54.54 26.47
C ALA B 587 8.72 53.52 26.37
N ILE B 588 8.36 52.32 25.90
CA ILE B 588 9.35 51.29 25.72
C ILE B 588 8.95 50.42 24.53
N TRP B 589 9.95 49.96 23.77
CA TRP B 589 9.66 49.11 22.62
C TRP B 589 10.81 48.19 22.38
N GLY B 590 10.52 47.12 21.67
CA GLY B 590 11.54 46.15 21.34
C GLY B 590 11.02 45.08 20.39
N TRP B 591 11.96 44.40 19.75
CA TRP B 591 11.68 43.33 18.79
C TRP B 591 12.16 42.03 19.44
N SER B 592 11.50 40.91 19.13
CA SER B 592 11.91 39.61 19.65
C SER B 592 11.97 39.53 21.18
N TYR B 593 13.15 39.22 21.72
CA TYR B 593 13.28 39.15 23.18
C TYR B 593 12.90 40.54 23.72
N GLY B 594 13.26 41.58 22.97
CA GLY B 594 12.94 42.94 23.38
C GLY B 594 11.42 43.20 23.39
N GLY B 595 10.72 42.51 22.49
CA GLY B 595 9.28 42.63 22.46
C GLY B 595 8.72 41.91 23.70
N TYR B 596 9.35 40.80 24.08
CA TYR B 596 8.96 40.07 25.29
C TYR B 596 9.18 40.96 26.55
N VAL B 597 10.40 41.51 26.69
CA VAL B 597 10.69 42.39 27.83
C VAL B 597 9.80 43.62 27.83
N THR B 598 9.60 44.23 26.67
CA THR B 598 8.70 45.39 26.57
C THR B 598 7.34 45.04 27.20
N SER B 599 6.80 43.87 26.83
CA SER B 599 5.49 43.43 27.33
C SER B 599 5.54 43.12 28.83
N MET B 600 6.57 42.39 29.27
CA MET B 600 6.66 42.09 30.69
C MET B 600 6.74 43.40 31.46
N VAL B 601 7.47 44.39 30.95
CA VAL B 601 7.58 45.68 31.62
C VAL B 601 6.21 46.37 31.71
N LEU B 602 5.50 46.43 30.58
CA LEU B 602 4.20 47.08 30.57
C LEU B 602 3.24 46.33 31.49
N GLY B 603 3.43 45.03 31.61
CA GLY B 603 2.57 44.23 32.46
C GLY B 603 3.02 44.19 33.92
N ALA B 604 4.08 44.93 34.24
CA ALA B 604 4.59 44.97 35.61
C ALA B 604 3.75 45.88 36.52
N GLY B 605 3.03 46.84 35.95
CA GLY B 605 2.23 47.76 36.75
C GLY B 605 3.07 48.75 37.54
N SER B 606 4.23 49.11 36.98
CA SER B 606 5.16 50.04 37.63
C SER B 606 4.70 51.46 37.57
N GLY B 607 3.74 51.74 36.70
CA GLY B 607 3.30 53.12 36.55
C GLY B 607 4.39 53.98 35.88
N VAL B 608 5.52 53.39 35.50
CA VAL B 608 6.56 54.20 34.88
C VAL B 608 6.31 54.51 33.39
N PHE B 609 5.81 53.54 32.66
CA PHE B 609 5.60 53.71 31.22
C PHE B 609 4.16 53.96 30.81
N LYS B 610 3.99 54.98 29.98
CA LYS B 610 2.67 55.34 29.46
C LYS B 610 2.22 54.38 28.36
N CYS B 611 3.17 53.94 27.51
CA CYS B 611 2.84 53.07 26.38
C CYS B 611 4.03 52.27 25.91
N GLY B 612 3.76 51.28 25.07
CA GLY B 612 4.84 50.47 24.55
C GLY B 612 4.42 49.73 23.30
N ILE B 613 5.42 49.30 22.55
CA ILE B 613 5.23 48.58 21.30
C ILE B 613 6.09 47.33 21.34
N ALA B 614 5.48 46.18 21.09
CA ALA B 614 6.20 44.93 21.05
C ALA B 614 6.11 44.36 19.64
N VAL B 615 7.25 44.06 19.02
CA VAL B 615 7.23 43.51 17.66
C VAL B 615 7.68 42.05 17.69
N ALA B 616 6.83 41.16 17.18
CA ALA B 616 7.11 39.71 17.13
C ALA B 616 7.69 39.21 18.44
N PRO B 617 6.97 39.43 19.55
CA PRO B 617 7.50 38.98 20.84
C PRO B 617 7.23 37.52 21.19
N VAL B 618 8.04 37.03 22.11
CA VAL B 618 7.82 35.72 22.66
C VAL B 618 6.78 36.09 23.72
N SER B 619 5.75 35.27 23.92
CA SER B 619 4.79 35.58 24.97
C SER B 619 4.80 34.48 26.03
N LYS B 620 5.30 33.30 25.67
CA LYS B 620 5.32 32.15 26.55
C LYS B 620 6.45 31.25 26.09
N TRP B 621 7.38 30.98 27.01
CA TRP B 621 8.57 30.21 26.67
C TRP B 621 8.37 28.83 26.07
N GLU B 622 7.32 28.14 26.49
CA GLU B 622 7.02 26.83 25.93
C GLU B 622 6.73 26.93 24.44
N TYR B 623 6.43 28.13 23.93
CA TYR B 623 6.18 28.27 22.47
C TYR B 623 7.45 28.49 21.65
N TYR B 624 8.56 28.83 22.30
CA TYR B 624 9.78 29.09 21.55
C TYR B 624 10.61 27.83 21.35
N ASP B 625 11.65 27.89 20.51
CA ASP B 625 12.40 26.67 20.23
C ASP B 625 13.18 26.09 21.41
N SER B 626 13.45 24.79 21.32
CA SER B 626 14.14 24.03 22.36
C SER B 626 15.58 24.45 22.68
N VAL B 627 16.41 24.56 21.65
CA VAL B 627 17.81 24.92 21.80
C VAL B 627 17.99 26.22 22.55
N TYR B 628 17.36 27.29 22.08
CA TYR B 628 17.52 28.53 22.80
C TYR B 628 16.84 28.55 24.17
N THR B 629 15.55 28.23 24.20
CA THR B 629 14.80 28.30 25.45
C THR B 629 15.39 27.45 26.60
N GLU B 630 15.67 26.18 26.30
CA GLU B 630 16.18 25.27 27.32
C GLU B 630 17.56 25.68 27.84
N ARG B 631 18.32 26.34 26.98
CA ARG B 631 19.65 26.76 27.37
C ARG B 631 19.57 27.57 28.63
N TYR B 632 18.55 28.41 28.71
CA TYR B 632 18.40 29.28 29.86
C TYR B 632 17.34 28.83 30.85
N MET B 633 16.37 28.05 30.38
CA MET B 633 15.26 27.68 31.24
C MET B 633 15.16 26.24 31.71
N GLY B 634 15.92 25.34 31.09
CA GLY B 634 15.85 23.95 31.44
C GLY B 634 14.57 23.39 30.82
N LEU B 635 14.04 22.32 31.41
CA LEU B 635 12.83 21.69 30.91
C LEU B 635 11.59 22.15 31.61
N PRO B 636 10.49 22.32 30.84
CA PRO B 636 9.21 22.77 31.36
C PRO B 636 8.45 21.59 32.01
N THR B 637 9.10 20.94 32.98
CA THR B 637 8.50 19.82 33.70
C THR B 637 8.46 20.11 35.18
N PRO B 638 7.51 19.48 35.92
CA PRO B 638 7.49 19.78 37.35
C PRO B 638 8.78 19.32 38.02
N GLU B 639 9.44 18.33 37.42
CA GLU B 639 10.72 17.85 37.97
C GLU B 639 11.79 18.93 37.83
N ASP B 640 11.70 19.67 36.72
CA ASP B 640 12.70 20.68 36.43
C ASP B 640 12.33 22.14 36.68
N ASN B 641 11.95 22.87 35.62
CA ASN B 641 11.68 24.30 35.80
C ASN B 641 10.29 24.84 35.41
N LEU B 642 9.28 23.98 35.36
CA LEU B 642 7.90 24.39 35.01
C LEU B 642 7.38 25.61 35.77
N ASP B 643 7.58 25.66 37.08
CA ASP B 643 7.06 26.81 37.82
C ASP B 643 7.52 28.15 37.21
N TYR B 644 8.80 28.22 36.80
CA TYR B 644 9.31 29.46 36.24
C TYR B 644 8.92 29.69 34.81
N TYR B 645 8.58 28.62 34.12
CA TYR B 645 8.10 28.72 32.75
C TYR B 645 6.67 29.32 32.85
N ARG B 646 5.89 28.81 33.80
CA ARG B 646 4.50 29.24 33.98
C ARG B 646 4.22 30.64 34.45
N ASN B 647 5.02 31.15 35.37
CA ASN B 647 4.76 32.49 35.84
C ASN B 647 5.63 33.51 35.10
N SER B 648 6.24 33.13 33.98
CA SER B 648 7.05 34.08 33.20
C SER B 648 6.36 34.42 31.87
N THR B 649 5.07 34.11 31.75
CA THR B 649 4.37 34.40 30.50
C THR B 649 3.85 35.80 30.52
N VAL B 650 3.69 36.38 29.35
CA VAL B 650 3.16 37.73 29.32
C VAL B 650 1.69 37.67 29.74
N MET B 651 0.99 36.61 29.34
CA MET B 651 -0.43 36.48 29.65
C MET B 651 -0.74 36.57 31.16
N SER B 652 0.15 36.04 32.00
CA SER B 652 -0.08 36.08 33.44
C SER B 652 -0.16 37.52 33.93
N ARG B 653 0.30 38.47 33.12
CA ARG B 653 0.26 39.86 33.52
C ARG B 653 -0.82 40.70 32.81
N ALA B 654 -1.72 40.04 32.08
CA ALA B 654 -2.74 40.75 31.31
C ALA B 654 -3.47 41.89 32.01
N GLU B 655 -3.89 41.62 33.24
CA GLU B 655 -4.65 42.58 34.04
C GLU B 655 -3.94 43.96 34.17
N ASN B 656 -2.62 43.96 34.25
CA ASN B 656 -1.90 45.22 34.39
C ASN B 656 -1.83 46.07 33.11
N PHE B 657 -2.25 45.50 31.98
CA PHE B 657 -2.22 46.25 30.71
C PHE B 657 -3.31 47.31 30.62
N LYS B 658 -4.29 47.20 31.53
CA LYS B 658 -5.40 48.14 31.54
C LYS B 658 -4.88 49.54 31.82
N GLN B 659 -3.70 49.65 32.43
CA GLN B 659 -3.12 50.94 32.76
C GLN B 659 -2.22 51.54 31.67
N VAL B 660 -2.00 50.83 30.57
CA VAL B 660 -1.10 51.31 29.53
C VAL B 660 -1.67 51.25 28.12
N GLU B 661 -1.04 51.97 27.17
CA GLU B 661 -1.43 51.95 25.75
C GLU B 661 -0.43 50.99 25.10
N TYR B 662 -0.91 49.90 24.52
CA TYR B 662 -0.01 48.88 23.97
C TYR B 662 -0.30 48.62 22.48
N LEU B 663 0.77 48.38 21.72
CA LEU B 663 0.68 48.08 20.28
C LEU B 663 1.45 46.77 20.09
N LEU B 664 0.76 45.75 19.59
CA LEU B 664 1.34 44.40 19.40
C LEU B 664 1.47 44.14 17.92
N ILE B 665 2.68 43.82 17.45
CA ILE B 665 2.88 43.64 16.02
C ILE B 665 3.52 42.30 15.69
N HIS B 666 3.06 41.65 14.64
CA HIS B 666 3.65 40.35 14.29
C HIS B 666 3.41 40.00 12.83
N GLY B 667 4.37 39.36 12.18
CA GLY B 667 4.21 38.95 10.79
C GLY B 667 3.54 37.59 10.79
N THR B 668 2.59 37.35 9.89
CA THR B 668 1.91 36.05 9.93
C THR B 668 2.74 34.86 9.46
N ALA B 669 3.81 35.12 8.73
CA ALA B 669 4.65 34.04 8.25
C ALA B 669 5.94 33.97 9.07
N ASP B 670 5.89 34.40 10.32
CA ASP B 670 7.08 34.35 11.15
C ASP B 670 7.33 32.88 11.50
N ASP B 671 8.42 32.32 10.98
CA ASP B 671 8.78 30.93 11.21
C ASP B 671 9.61 30.75 12.49
N ASN B 672 10.05 31.87 13.07
CA ASN B 672 10.93 31.86 14.24
C ASN B 672 10.10 32.01 15.49
N VAL B 673 9.55 33.20 15.68
CA VAL B 673 8.67 33.45 16.80
C VAL B 673 7.30 33.36 16.10
N HIS B 674 6.62 32.24 16.29
CA HIS B 674 5.36 32.03 15.61
C HIS B 674 4.26 33.03 15.94
N PHE B 675 3.47 33.37 14.91
CA PHE B 675 2.37 34.32 15.06
C PHE B 675 1.52 33.89 16.26
N GLN B 676 1.47 32.58 16.48
CA GLN B 676 0.77 31.92 17.59
C GLN B 676 1.10 32.65 18.92
N GLN B 677 2.33 33.07 19.11
CA GLN B 677 2.71 33.77 20.35
C GLN B 677 1.91 35.04 20.57
N SER B 678 1.83 35.89 19.56
CA SER B 678 1.05 37.13 19.72
C SER B 678 -0.46 36.80 19.70
N ALA B 679 -0.83 35.74 18.99
CA ALA B 679 -2.24 35.37 18.94
C ALA B 679 -2.75 34.87 20.32
N GLN B 680 -1.90 34.14 21.03
CA GLN B 680 -2.30 33.68 22.36
C GLN B 680 -2.28 34.86 23.31
N LEU B 681 -1.35 35.79 23.11
CA LEU B 681 -1.28 36.96 24.00
C LEU B 681 -2.48 37.86 23.84
N SER B 682 -2.85 38.16 22.59
CA SER B 682 -4.02 39.04 22.36
C SER B 682 -5.28 38.39 22.91
N LYS B 683 -5.40 37.08 22.74
CA LYS B 683 -6.56 36.35 23.27
C LYS B 683 -6.65 36.53 24.80
N ALA B 684 -5.52 36.48 25.48
CA ALA B 684 -5.54 36.66 26.95
C ALA B 684 -5.93 38.11 27.30
N LEU B 685 -5.47 39.07 26.50
CA LEU B 685 -5.79 40.47 26.77
C LEU B 685 -7.29 40.69 26.54
N VAL B 686 -7.82 40.11 25.47
CA VAL B 686 -9.26 40.24 25.22
C VAL B 686 -10.04 39.60 26.37
N ASP B 687 -9.60 38.42 26.79
CA ASP B 687 -10.27 37.73 27.88
C ASP B 687 -10.25 38.52 29.17
N ALA B 688 -9.24 39.36 29.37
CA ALA B 688 -9.16 40.17 30.57
C ALA B 688 -9.84 41.51 30.40
N GLY B 689 -10.38 41.77 29.20
CA GLY B 689 -11.05 43.04 29.00
C GLY B 689 -10.09 44.20 28.78
N VAL B 690 -8.92 43.89 28.28
CA VAL B 690 -7.92 44.92 28.04
C VAL B 690 -8.00 45.49 26.63
N ASP B 691 -8.12 46.81 26.48
CA ASP B 691 -8.08 47.33 25.11
C ASP B 691 -6.61 47.61 24.78
N PHE B 692 -6.28 47.38 23.53
CA PHE B 692 -4.93 47.57 23.07
C PHE B 692 -5.04 47.59 21.55
N GLN B 693 -3.90 47.85 20.91
CA GLN B 693 -3.84 47.88 19.47
C GLN B 693 -2.99 46.75 18.92
N THR B 694 -3.35 46.38 17.71
CA THR B 694 -2.73 45.29 17.03
C THR B 694 -2.35 45.67 15.59
N MET B 695 -1.44 44.90 15.01
CA MET B 695 -1.07 45.06 13.62
C MET B 695 -0.42 43.78 13.10
N TRP B 696 -1.14 43.02 12.26
CA TRP B 696 -0.52 41.84 11.71
C TRP B 696 0.12 42.26 10.41
N TYR B 697 1.14 41.54 9.94
CA TYR B 697 1.72 41.84 8.64
C TYR B 697 1.69 40.54 7.82
N THR B 698 0.79 40.51 6.85
CA THR B 698 0.57 39.38 5.97
C THR B 698 1.81 38.90 5.24
N ASP B 699 2.08 37.60 5.39
CA ASP B 699 3.20 36.94 4.76
C ASP B 699 4.61 37.47 5.11
N GLU B 700 4.71 38.31 6.14
CA GLU B 700 6.04 38.80 6.53
C GLU B 700 6.63 37.83 7.56
N ASP B 701 7.96 37.73 7.61
CA ASP B 701 8.59 36.81 8.55
C ASP B 701 9.11 37.51 9.80
N HIS B 702 10.06 36.89 10.49
CA HIS B 702 10.53 37.50 11.72
C HIS B 702 11.15 38.89 11.53
N GLY B 703 11.73 39.17 10.36
CA GLY B 703 12.31 40.49 10.13
C GLY B 703 11.34 41.57 9.64
N ILE B 704 10.13 41.19 9.20
CA ILE B 704 9.16 42.14 8.66
C ILE B 704 9.97 43.10 7.80
N ALA B 705 10.76 42.48 6.94
CA ALA B 705 11.73 43.16 6.11
C ALA B 705 11.47 43.44 4.63
N SER B 706 10.35 43.00 4.07
CA SER B 706 10.14 43.32 2.67
C SER B 706 10.15 44.84 2.63
N ASN B 707 10.52 45.40 1.49
CA ASN B 707 10.60 46.85 1.35
C ASN B 707 9.38 47.63 1.81
N MET B 708 8.20 47.22 1.35
CA MET B 708 7.02 47.95 1.75
C MET B 708 6.62 47.73 3.20
N ALA B 709 6.82 46.51 3.70
CA ALA B 709 6.44 46.21 5.09
C ALA B 709 7.35 46.99 6.05
N HIS B 710 8.64 47.05 5.73
CA HIS B 710 9.61 47.78 6.54
C HIS B 710 9.19 49.25 6.70
N GLN B 711 8.81 49.90 5.59
CA GLN B 711 8.39 51.29 5.63
C GLN B 711 7.09 51.40 6.40
N HIS B 712 6.20 50.44 6.18
CA HIS B 712 4.91 50.48 6.85
C HIS B 712 5.03 50.30 8.39
N ILE B 713 5.73 49.28 8.85
CA ILE B 713 5.81 49.14 10.32
C ILE B 713 6.40 50.37 11.03
N TYR B 714 7.52 50.91 10.55
CA TYR B 714 8.10 52.08 11.21
C TYR B 714 7.23 53.34 11.11
N THR B 715 6.51 53.49 9.99
CA THR B 715 5.60 54.64 9.84
C THR B 715 4.47 54.45 10.84
N HIS B 716 4.00 53.21 10.97
CA HIS B 716 2.89 52.93 11.90
C HIS B 716 3.36 53.11 13.35
N MET B 717 4.56 52.66 13.67
CA MET B 717 5.01 52.83 15.05
C MET B 717 5.26 54.29 15.39
N SER B 718 5.70 55.09 14.43
CA SER B 718 5.96 56.53 14.63
C SER B 718 4.66 57.23 14.99
N HIS B 719 3.62 56.92 14.23
CA HIS B 719 2.31 57.52 14.49
C HIS B 719 1.85 57.18 15.90
N PHE B 720 1.93 55.91 16.26
CA PHE B 720 1.51 55.46 17.60
C PHE B 720 2.33 56.17 18.69
N LEU B 721 3.66 56.19 18.58
CA LEU B 721 4.47 56.88 19.59
C LEU B 721 4.08 58.38 19.65
N LYS B 722 4.03 59.02 18.48
CA LYS B 722 3.68 60.43 18.48
C LYS B 722 2.31 60.67 19.09
N GLN B 723 1.34 59.78 18.83
CA GLN B 723 0.05 60.03 19.45
C GLN B 723 0.21 59.82 20.96
N CYS B 724 0.94 58.79 21.38
CA CYS B 724 1.13 58.56 22.83
C CYS B 724 1.81 59.77 23.48
N PHE B 725 2.70 60.45 22.77
CA PHE B 725 3.40 61.59 23.37
C PHE B 725 2.76 62.96 23.07
N SER B 726 1.54 62.95 22.55
CA SER B 726 0.84 64.19 22.20
C SER B 726 1.74 65.06 21.32
N LEU B 727 2.32 64.45 20.30
CA LEU B 727 3.19 65.16 19.37
C LEU B 727 2.50 65.31 18.02
N PRO B 728 2.39 66.55 17.52
CA PRO B 728 1.73 66.68 16.21
C PRO B 728 2.70 66.25 15.10
N SER C 1 -19.15 -68.64 -35.87
CA SER C 1 -19.04 -68.00 -37.21
C SER C 1 -19.20 -66.47 -37.13
N ARG C 2 -19.59 -65.98 -35.94
CA ARG C 2 -19.75 -64.53 -35.75
C ARG C 2 -18.71 -63.85 -34.85
N ARG C 3 -18.66 -62.52 -34.97
CA ARG C 3 -17.75 -61.62 -34.28
C ARG C 3 -17.94 -61.47 -32.76
N THR C 4 -16.90 -61.01 -32.07
CA THR C 4 -16.97 -60.76 -30.62
C THR C 4 -16.97 -59.23 -30.43
N TYR C 5 -17.34 -58.76 -29.23
CA TYR C 5 -17.33 -57.32 -28.92
C TYR C 5 -15.85 -57.07 -28.59
N THR C 6 -15.15 -56.27 -29.40
CA THR C 6 -13.71 -56.02 -29.20
C THR C 6 -13.33 -54.76 -28.41
N LEU C 7 -12.06 -54.58 -28.14
CA LEU C 7 -11.61 -53.39 -27.40
C LEU C 7 -11.94 -52.15 -28.23
N THR C 8 -11.64 -52.24 -29.52
CA THR C 8 -11.93 -51.15 -30.44
C THR C 8 -13.43 -50.88 -30.47
N ASP C 9 -14.26 -51.92 -30.51
CA ASP C 9 -15.71 -51.66 -30.49
C ASP C 9 -16.04 -50.77 -29.28
N TYR C 10 -15.46 -51.09 -28.13
CA TYR C 10 -15.72 -50.31 -26.92
C TYR C 10 -15.13 -48.89 -26.96
N LEU C 11 -13.88 -48.78 -27.39
CA LEU C 11 -13.21 -47.48 -27.42
C LEU C 11 -13.75 -46.50 -28.44
N LYS C 12 -14.17 -47.02 -29.60
CA LYS C 12 -14.70 -46.17 -30.65
C LYS C 12 -16.23 -46.07 -30.58
N SER C 13 -16.81 -46.78 -29.62
CA SER C 13 -18.26 -46.79 -29.46
C SER C 13 -18.94 -47.13 -30.79
N THR C 14 -18.49 -48.20 -31.43
CA THR C 14 -19.09 -48.61 -32.70
C THR C 14 -20.56 -49.02 -32.52
N PHE C 15 -20.92 -49.49 -31.33
CA PHE C 15 -22.29 -49.90 -31.03
C PHE C 15 -22.93 -48.79 -30.21
N ARG C 16 -23.72 -47.97 -30.87
CA ARG C 16 -24.33 -46.83 -30.21
C ARG C 16 -25.65 -47.10 -29.48
N VAL C 17 -25.68 -46.73 -28.21
CA VAL C 17 -26.89 -46.88 -27.41
C VAL C 17 -27.64 -45.55 -27.51
N LYS C 18 -28.86 -45.57 -28.03
CA LYS C 18 -29.61 -44.32 -28.14
C LYS C 18 -30.50 -44.06 -26.93
N PHE C 19 -30.88 -42.80 -26.76
CA PHE C 19 -31.74 -42.40 -25.66
C PHE C 19 -32.71 -41.35 -26.16
N TYR C 20 -33.53 -40.82 -25.26
CA TYR C 20 -34.50 -39.81 -25.66
C TYR C 20 -34.69 -38.74 -24.61
N THR C 21 -33.97 -37.63 -24.81
CA THR C 21 -34.02 -36.51 -23.90
C THR C 21 -35.07 -35.51 -24.30
N LEU C 22 -36.02 -35.26 -23.40
CA LEU C 22 -37.06 -34.30 -23.71
C LEU C 22 -37.15 -33.29 -22.57
N GLN C 23 -37.75 -32.15 -22.87
CA GLN C 23 -37.94 -31.10 -21.89
C GLN C 23 -39.43 -30.79 -21.77
N TRP C 24 -40.04 -31.14 -20.64
CA TRP C 24 -41.45 -30.87 -20.40
C TRP C 24 -41.66 -29.36 -20.22
N ILE C 25 -42.59 -28.74 -20.96
CA ILE C 25 -42.82 -27.31 -20.82
C ILE C 25 -44.24 -26.92 -20.42
N SER C 26 -45.06 -27.91 -20.11
CA SER C 26 -46.42 -27.65 -19.67
C SER C 26 -46.90 -28.96 -19.09
N ASP C 27 -48.16 -29.01 -18.66
CA ASP C 27 -48.68 -30.24 -18.11
C ASP C 27 -48.89 -31.29 -19.21
N HIS C 28 -48.72 -30.89 -20.48
CA HIS C 28 -48.96 -31.85 -21.55
C HIS C 28 -48.13 -31.74 -22.84
N GLU C 29 -47.14 -30.86 -22.85
CA GLU C 29 -46.30 -30.67 -24.03
C GLU C 29 -44.84 -30.74 -23.66
N TYR C 30 -44.01 -31.23 -24.60
CA TYR C 30 -42.57 -31.29 -24.38
C TYR C 30 -41.77 -30.97 -25.64
N LEU C 31 -40.55 -30.47 -25.44
CA LEU C 31 -39.64 -30.14 -26.53
C LEU C 31 -38.65 -31.27 -26.71
N TYR C 32 -38.27 -31.51 -27.96
CA TYR C 32 -37.30 -32.55 -28.27
C TYR C 32 -36.42 -32.08 -29.40
N LYS C 33 -35.11 -32.24 -29.28
CA LYS C 33 -34.22 -31.79 -30.34
C LYS C 33 -33.80 -32.96 -31.23
N GLN C 34 -34.14 -32.89 -32.51
CA GLN C 34 -33.76 -33.96 -33.43
C GLN C 34 -32.86 -33.39 -34.52
N GLU C 35 -31.70 -34.02 -34.72
CA GLU C 35 -30.73 -33.57 -35.70
C GLU C 35 -30.28 -32.20 -35.27
N ASN C 36 -31.17 -31.21 -35.40
CA ASN C 36 -30.85 -29.85 -34.99
C ASN C 36 -32.06 -28.95 -34.84
N ASN C 37 -33.25 -29.52 -35.03
CA ASN C 37 -34.47 -28.74 -34.92
C ASN C 37 -35.14 -29.02 -33.58
N ILE C 38 -35.84 -28.03 -33.07
CA ILE C 38 -36.53 -28.21 -31.81
C ILE C 38 -37.99 -28.49 -32.15
N LEU C 39 -38.46 -29.67 -31.73
CA LEU C 39 -39.82 -30.09 -31.99
C LEU C 39 -40.72 -30.01 -30.76
N LEU C 40 -41.96 -29.60 -30.97
CA LEU C 40 -42.92 -29.51 -29.89
C LEU C 40 -43.89 -30.69 -30.03
N PHE C 41 -44.09 -31.42 -28.94
CA PHE C 41 -44.96 -32.58 -28.94
C PHE C 41 -46.09 -32.34 -27.97
N ASN C 42 -47.30 -32.64 -28.44
CA ASN C 42 -48.48 -32.50 -27.62
C ASN C 42 -48.85 -33.92 -27.23
N ALA C 43 -48.63 -34.26 -25.97
CA ALA C 43 -48.90 -35.57 -25.43
C ALA C 43 -50.40 -35.88 -25.35
N GLU C 44 -51.22 -34.85 -25.17
CA GLU C 44 -52.65 -35.05 -25.10
C GLU C 44 -53.28 -35.40 -26.45
N TYR C 45 -53.02 -34.58 -27.48
CA TYR C 45 -53.58 -34.86 -28.81
C TYR C 45 -52.73 -35.72 -29.71
N GLY C 46 -51.52 -36.03 -29.26
CA GLY C 46 -50.63 -36.88 -30.04
C GLY C 46 -49.90 -36.24 -31.22
N ASN C 47 -50.27 -35.01 -31.58
CA ASN C 47 -49.61 -34.34 -32.71
C ASN C 47 -48.34 -33.61 -32.30
N SER C 48 -47.60 -33.13 -33.29
CA SER C 48 -46.36 -32.39 -33.02
C SER C 48 -46.15 -31.37 -34.13
N SER C 49 -45.15 -30.51 -33.96
CA SER C 49 -44.86 -29.49 -34.95
C SER C 49 -43.53 -28.82 -34.63
N ILE C 50 -42.80 -28.41 -35.67
CA ILE C 50 -41.51 -27.77 -35.47
C ILE C 50 -41.66 -26.49 -34.65
N PHE C 51 -40.81 -26.34 -33.63
CA PHE C 51 -40.84 -25.18 -32.74
C PHE C 51 -39.76 -24.17 -33.16
N LEU C 52 -38.66 -24.69 -33.70
CA LEU C 52 -37.55 -23.87 -34.18
C LEU C 52 -36.72 -24.71 -35.14
N GLU C 53 -36.70 -24.32 -36.42
CA GLU C 53 -35.93 -25.09 -37.41
C GLU C 53 -34.44 -24.98 -37.13
N ASN C 54 -33.70 -25.96 -37.62
CA ASN C 54 -32.26 -25.98 -37.43
C ASN C 54 -31.64 -24.97 -38.38
N SER C 55 -32.50 -24.20 -39.05
CA SER C 55 -32.07 -23.17 -39.99
C SER C 55 -31.65 -21.93 -39.20
N THR C 56 -32.02 -21.89 -37.93
CA THR C 56 -31.69 -20.77 -37.06
C THR C 56 -30.36 -20.99 -36.35
N PHE C 57 -29.94 -22.25 -36.23
CA PHE C 57 -28.67 -22.56 -35.58
C PHE C 57 -27.52 -22.30 -36.56
N ASP C 58 -27.72 -22.68 -37.81
CA ASP C 58 -26.71 -22.47 -38.83
C ASP C 58 -26.46 -20.97 -38.86
N GLU C 59 -27.55 -20.21 -38.78
CA GLU C 59 -27.48 -18.75 -38.77
C GLU C 59 -26.85 -18.19 -37.51
N LEU C 60 -26.12 -19.03 -36.78
CA LEU C 60 -25.41 -18.62 -35.56
C LEU C 60 -23.93 -18.88 -35.83
N GLY C 61 -23.09 -17.91 -35.49
CA GLY C 61 -21.67 -18.08 -35.73
C GLY C 61 -20.93 -18.95 -34.72
N TYR C 62 -21.49 -20.12 -34.41
CA TYR C 62 -20.86 -21.01 -33.43
C TYR C 62 -21.61 -22.33 -33.23
N SER C 63 -20.92 -23.29 -32.63
CA SER C 63 -21.52 -24.59 -32.33
C SER C 63 -22.44 -24.33 -31.14
N THR C 64 -23.72 -24.63 -31.30
CA THR C 64 -24.66 -24.41 -30.21
C THR C 64 -24.70 -25.63 -29.30
N ASN C 65 -24.16 -25.46 -28.10
CA ASN C 65 -24.07 -26.51 -27.11
C ASN C 65 -25.41 -26.91 -26.47
N ASP C 66 -26.18 -25.93 -26.01
CA ASP C 66 -27.44 -26.24 -25.35
C ASP C 66 -28.47 -25.12 -25.51
N TYR C 67 -29.74 -25.47 -25.38
CA TYR C 67 -30.82 -24.49 -25.52
C TYR C 67 -31.75 -24.57 -24.31
N SER C 68 -32.44 -23.46 -24.05
CA SER C 68 -33.39 -23.34 -22.96
C SER C 68 -34.46 -22.28 -23.33
N VAL C 69 -35.68 -22.76 -23.53
CA VAL C 69 -36.79 -21.92 -23.90
C VAL C 69 -37.40 -21.30 -22.66
N SER C 70 -37.71 -20.01 -22.73
CA SER C 70 -38.30 -19.32 -21.58
C SER C 70 -39.68 -19.91 -21.29
N PRO C 71 -40.09 -19.91 -20.02
CA PRO C 71 -41.41 -20.47 -19.73
C PRO C 71 -42.60 -19.86 -20.49
N ASP C 72 -42.53 -18.58 -20.88
CA ASP C 72 -43.65 -18.04 -21.62
C ASP C 72 -43.47 -18.24 -23.12
N ARG C 73 -42.39 -18.95 -23.48
CA ARG C 73 -42.09 -19.27 -24.86
C ARG C 73 -41.82 -18.11 -25.82
N GLN C 74 -41.54 -16.93 -25.29
CA GLN C 74 -41.26 -15.77 -26.13
C GLN C 74 -39.78 -15.66 -26.48
N PHE C 75 -38.93 -16.31 -25.70
CA PHE C 75 -37.47 -16.26 -25.90
C PHE C 75 -36.82 -17.62 -25.75
N ILE C 76 -35.64 -17.75 -26.35
CA ILE C 76 -34.87 -18.98 -26.23
C ILE C 76 -33.41 -18.60 -25.97
N LEU C 77 -32.83 -19.26 -24.97
CA LEU C 77 -31.47 -19.04 -24.55
C LEU C 77 -30.56 -20.02 -25.28
N PHE C 78 -29.51 -19.51 -25.91
CA PHE C 78 -28.56 -20.34 -26.63
C PHE C 78 -27.21 -20.32 -25.94
N GLU C 79 -26.72 -21.52 -25.61
CA GLU C 79 -25.46 -21.70 -24.90
C GLU C 79 -24.35 -22.26 -25.79
N TYR C 80 -23.25 -21.53 -25.90
CA TYR C 80 -22.13 -21.98 -26.71
C TYR C 80 -20.83 -21.56 -26.03
N ASN C 81 -19.70 -21.91 -26.65
CA ASN C 81 -18.39 -21.57 -26.11
C ASN C 81 -18.22 -22.23 -24.73
N TYR C 82 -18.65 -23.49 -24.64
CA TYR C 82 -18.58 -24.26 -23.41
C TYR C 82 -17.16 -24.49 -22.91
N VAL C 83 -16.90 -24.11 -21.67
CA VAL C 83 -15.59 -24.31 -21.06
C VAL C 83 -15.78 -25.05 -19.74
N LYS C 84 -15.51 -26.35 -19.75
CA LYS C 84 -15.66 -27.18 -18.54
C LYS C 84 -14.71 -26.78 -17.41
N GLN C 85 -15.21 -26.92 -16.18
CA GLN C 85 -14.36 -26.66 -15.02
C GLN C 85 -14.31 -27.97 -14.24
N TRP C 86 -15.13 -28.12 -13.20
CA TRP C 86 -15.12 -29.36 -12.42
C TRP C 86 -16.16 -30.34 -12.97
N ARG C 87 -16.70 -31.23 -12.14
CA ARG C 87 -17.67 -32.21 -12.64
C ARG C 87 -18.98 -31.62 -13.19
N HIS C 88 -19.52 -30.57 -12.57
CA HIS C 88 -20.77 -29.98 -13.06
C HIS C 88 -20.59 -28.53 -13.56
N SER C 89 -19.60 -27.83 -13.02
CA SER C 89 -19.40 -26.44 -13.42
C SER C 89 -18.69 -26.27 -14.74
N TYR C 90 -18.88 -25.08 -15.31
CA TYR C 90 -18.29 -24.68 -16.58
C TYR C 90 -18.69 -23.22 -16.86
N THR C 91 -18.08 -22.61 -17.87
CA THR C 91 -18.44 -21.25 -18.24
C THR C 91 -18.82 -21.35 -19.71
N ALA C 92 -19.66 -20.42 -20.17
CA ALA C 92 -20.07 -20.44 -21.56
C ALA C 92 -20.58 -19.09 -21.98
N SER C 93 -20.89 -18.95 -23.25
CA SER C 93 -21.43 -17.71 -23.75
C SER C 93 -22.90 -18.00 -24.05
N TYR C 94 -23.74 -17.00 -23.93
CA TYR C 94 -25.16 -17.17 -24.19
C TYR C 94 -25.70 -16.06 -25.08
N ASP C 95 -26.57 -16.45 -26.00
CA ASP C 95 -27.25 -15.51 -26.87
C ASP C 95 -28.74 -15.70 -26.60
N ILE C 96 -29.47 -14.61 -26.53
CA ILE C 96 -30.89 -14.69 -26.30
C ILE C 96 -31.55 -14.43 -27.65
N TYR C 97 -32.44 -15.32 -28.04
CA TYR C 97 -33.13 -15.18 -29.31
C TYR C 97 -34.59 -14.83 -29.07
N ASP C 98 -35.06 -13.76 -29.69
CA ASP C 98 -36.46 -13.33 -29.55
C ASP C 98 -37.31 -14.13 -30.53
N LEU C 99 -38.11 -15.07 -30.01
CA LEU C 99 -38.94 -15.92 -30.85
C LEU C 99 -40.14 -15.21 -31.49
N ASN C 100 -40.54 -14.07 -30.94
CA ASN C 100 -41.66 -13.30 -31.49
C ASN C 100 -41.20 -12.63 -32.79
N LYS C 101 -40.19 -11.77 -32.65
CA LYS C 101 -39.64 -11.05 -33.78
C LYS C 101 -38.56 -11.84 -34.51
N ARG C 102 -38.49 -13.13 -34.23
CA ARG C 102 -37.50 -14.02 -34.85
C ARG C 102 -36.13 -13.36 -35.13
N GLN C 103 -35.57 -12.72 -34.10
CA GLN C 103 -34.27 -12.05 -34.18
C GLN C 103 -33.50 -12.28 -32.88
N LEU C 104 -32.18 -12.26 -32.99
CA LEU C 104 -31.31 -12.48 -31.85
C LEU C 104 -31.04 -11.16 -31.11
N ILE C 105 -31.35 -11.11 -29.81
CA ILE C 105 -31.13 -9.90 -29.01
C ILE C 105 -29.65 -9.51 -29.04
N THR C 106 -29.34 -8.42 -29.74
CA THR C 106 -27.96 -7.95 -29.87
C THR C 106 -27.59 -6.83 -28.91
N GLU C 107 -28.59 -6.27 -28.24
CA GLU C 107 -28.32 -5.20 -27.29
C GLU C 107 -28.37 -5.77 -25.87
N GLU C 108 -27.44 -5.34 -25.03
CA GLU C 108 -27.38 -5.82 -23.65
C GLU C 108 -27.14 -7.33 -23.56
N ARG C 109 -26.34 -7.87 -24.46
CA ARG C 109 -26.05 -9.30 -24.48
C ARG C 109 -25.51 -9.82 -23.14
N ILE C 110 -25.58 -11.14 -22.95
CA ILE C 110 -25.10 -11.76 -21.74
C ILE C 110 -23.58 -11.86 -21.82
N PRO C 111 -22.88 -11.44 -20.75
CA PRO C 111 -21.42 -11.42 -20.61
C PRO C 111 -20.71 -12.72 -20.98
N ASN C 112 -19.50 -12.60 -21.52
CA ASN C 112 -18.72 -13.79 -21.85
C ASN C 112 -18.28 -14.33 -20.49
N ASN C 113 -17.93 -15.60 -20.44
CA ASN C 113 -17.50 -16.22 -19.20
C ASN C 113 -18.59 -16.22 -18.13
N THR C 114 -19.85 -16.28 -18.55
CA THR C 114 -20.92 -16.35 -17.58
C THR C 114 -20.84 -17.75 -16.96
N GLN C 115 -20.95 -17.80 -15.63
CA GLN C 115 -20.83 -19.06 -14.90
C GLN C 115 -22.11 -19.86 -14.78
N TRP C 116 -23.25 -19.19 -14.70
CA TRP C 116 -24.52 -19.89 -14.57
C TRP C 116 -25.64 -18.96 -15.01
N ILE C 117 -26.68 -19.52 -15.63
CA ILE C 117 -27.80 -18.69 -16.06
C ILE C 117 -29.12 -19.47 -16.11
N THR C 118 -30.21 -18.80 -15.76
CA THR C 118 -31.50 -19.43 -15.74
C THR C 118 -32.68 -18.46 -15.83
N TRP C 119 -33.72 -18.88 -16.55
CA TRP C 119 -34.95 -18.09 -16.66
C TRP C 119 -35.67 -18.24 -15.32
N SER C 120 -36.63 -17.37 -15.07
CA SER C 120 -37.46 -17.49 -13.88
C SER C 120 -38.43 -18.66 -14.24
N PRO C 121 -39.21 -19.16 -13.28
CA PRO C 121 -40.14 -20.27 -13.55
C PRO C 121 -41.34 -19.90 -14.43
N VAL C 122 -41.64 -18.61 -14.49
CA VAL C 122 -42.74 -18.10 -15.30
C VAL C 122 -42.18 -16.89 -16.03
N GLY C 123 -42.87 -16.44 -17.06
CA GLY C 123 -42.42 -15.27 -17.79
C GLY C 123 -41.08 -15.43 -18.46
N HIS C 124 -40.24 -14.40 -18.37
CA HIS C 124 -38.93 -14.45 -19.00
C HIS C 124 -37.81 -13.62 -18.36
N LYS C 125 -37.74 -13.56 -17.03
CA LYS C 125 -36.66 -12.83 -16.37
C LYS C 125 -35.44 -13.78 -16.41
N LEU C 126 -34.24 -13.22 -16.27
CA LEU C 126 -33.05 -14.04 -16.25
C LEU C 126 -32.24 -13.68 -15.03
N ALA C 127 -31.53 -14.66 -14.50
CA ALA C 127 -30.66 -14.44 -13.37
C ALA C 127 -29.38 -15.15 -13.78
N TYR C 128 -28.23 -14.50 -13.65
CA TYR C 128 -26.99 -15.15 -14.03
C TYR C 128 -25.85 -14.73 -13.13
N VAL C 129 -24.80 -15.53 -13.11
CA VAL C 129 -23.63 -15.26 -12.29
C VAL C 129 -22.45 -14.98 -13.21
N TRP C 130 -21.67 -13.97 -12.84
CA TRP C 130 -20.49 -13.55 -13.61
C TRP C 130 -19.49 -12.93 -12.63
N ASN C 131 -18.26 -13.41 -12.62
CA ASN C 131 -17.27 -12.90 -11.69
C ASN C 131 -17.78 -13.07 -10.28
N ASN C 132 -18.42 -14.23 -10.04
CA ASN C 132 -18.92 -14.58 -8.74
C ASN C 132 -20.01 -13.68 -8.18
N ASP C 133 -20.64 -12.87 -9.01
CA ASP C 133 -21.74 -12.01 -8.54
C ASP C 133 -23.01 -12.32 -9.35
N ILE C 134 -24.16 -12.08 -8.73
CA ILE C 134 -25.42 -12.31 -9.39
C ILE C 134 -25.98 -11.02 -10.03
N TYR C 135 -26.56 -11.19 -11.21
CA TYR C 135 -27.19 -10.16 -12.03
C TYR C 135 -28.57 -10.65 -12.51
N VAL C 136 -29.51 -9.73 -12.70
CA VAL C 136 -30.85 -10.08 -13.16
C VAL C 136 -31.28 -9.10 -14.24
N LYS C 137 -31.86 -9.63 -15.31
CA LYS C 137 -32.37 -8.83 -16.43
C LYS C 137 -33.88 -9.03 -16.42
N ASN C 138 -34.64 -8.01 -16.04
CA ASN C 138 -36.09 -8.14 -16.02
C ASN C 138 -36.63 -8.40 -17.41
N GLU C 139 -35.85 -8.01 -18.43
CA GLU C 139 -36.20 -8.19 -19.83
C GLU C 139 -34.90 -8.47 -20.58
N PRO C 140 -34.94 -9.37 -21.58
CA PRO C 140 -33.79 -9.76 -22.39
C PRO C 140 -33.01 -8.59 -23.02
N ASN C 141 -33.67 -7.48 -23.30
CA ASN C 141 -32.96 -6.36 -23.92
C ASN C 141 -32.64 -5.18 -22.99
N LEU C 142 -32.87 -5.38 -21.71
CA LEU C 142 -32.61 -4.35 -20.69
C LEU C 142 -31.29 -4.59 -19.96
N SER C 143 -30.68 -3.51 -19.50
CA SER C 143 -29.45 -3.62 -18.75
C SER C 143 -29.73 -4.49 -17.52
N SER C 144 -28.75 -5.30 -17.13
CA SER C 144 -28.95 -6.16 -15.99
C SER C 144 -28.73 -5.43 -14.67
N GLN C 145 -29.49 -5.83 -13.66
CA GLN C 145 -29.39 -5.26 -12.33
C GLN C 145 -28.46 -6.12 -11.49
N ARG C 146 -27.41 -5.50 -10.94
CA ARG C 146 -26.46 -6.23 -10.13
C ARG C 146 -27.07 -6.57 -8.77
N ILE C 147 -26.97 -7.84 -8.36
CA ILE C 147 -27.57 -8.27 -7.10
C ILE C 147 -26.57 -8.35 -5.96
N THR C 148 -25.33 -8.71 -6.26
CA THR C 148 -24.30 -8.85 -5.23
C THR C 148 -23.03 -8.08 -5.54
N TRP C 149 -22.33 -7.67 -4.49
CA TRP C 149 -21.10 -6.92 -4.67
C TRP C 149 -19.90 -7.58 -4.03
N THR C 150 -20.12 -8.70 -3.36
CA THR C 150 -19.06 -9.41 -2.67
C THR C 150 -18.23 -10.38 -3.54
N GLY C 151 -18.68 -10.66 -4.76
CA GLY C 151 -17.97 -11.60 -5.61
C GLY C 151 -16.45 -11.49 -5.66
N LYS C 152 -15.74 -12.57 -5.34
CA LYS C 152 -14.27 -12.55 -5.39
C LYS C 152 -13.66 -13.90 -5.75
N GLU C 153 -12.92 -13.90 -6.86
CA GLU C 153 -12.27 -15.09 -7.38
C GLU C 153 -11.53 -15.89 -6.31
N ASN C 154 -11.86 -17.18 -6.24
CA ASN C 154 -11.27 -18.10 -5.28
C ASN C 154 -11.54 -17.73 -3.83
N VAL C 155 -12.44 -16.77 -3.59
CA VAL C 155 -12.72 -16.39 -2.21
C VAL C 155 -14.20 -16.34 -1.85
N ILE C 156 -14.96 -15.49 -2.54
CA ILE C 156 -16.39 -15.35 -2.30
C ILE C 156 -17.17 -15.71 -3.56
N TYR C 157 -18.15 -16.60 -3.41
CA TYR C 157 -18.99 -17.05 -4.52
C TYR C 157 -20.47 -16.76 -4.20
N ASN C 158 -21.14 -16.00 -5.05
CA ASN C 158 -22.57 -15.71 -4.87
C ASN C 158 -23.31 -16.37 -6.03
N GLY C 159 -24.32 -17.20 -5.72
CA GLY C 159 -25.10 -17.82 -6.77
C GLY C 159 -24.56 -19.09 -7.37
N VAL C 160 -23.32 -19.46 -7.02
CA VAL C 160 -22.71 -20.69 -7.50
C VAL C 160 -21.89 -21.28 -6.38
N THR C 161 -21.67 -22.58 -6.46
CA THR C 161 -20.95 -23.29 -5.41
C THR C 161 -19.44 -23.22 -5.51
N ASP C 162 -18.75 -23.47 -4.39
CA ASP C 162 -17.29 -23.51 -4.39
C ASP C 162 -16.96 -24.97 -4.75
N TRP C 163 -15.69 -25.35 -4.84
CA TRP C 163 -15.38 -26.73 -5.23
C TRP C 163 -16.07 -27.86 -4.43
N VAL C 164 -16.09 -27.75 -3.10
CA VAL C 164 -16.65 -28.84 -2.32
C VAL C 164 -18.16 -28.92 -2.28
N TYR C 165 -18.83 -27.76 -2.33
CA TYR C 165 -20.29 -27.76 -2.36
C TYR C 165 -20.76 -28.31 -3.70
N GLU C 166 -20.05 -27.97 -4.76
CA GLU C 166 -20.39 -28.45 -6.10
C GLU C 166 -20.31 -29.99 -6.13
N GLU C 167 -19.19 -30.52 -5.69
CA GLU C 167 -18.94 -31.95 -5.74
C GLU C 167 -19.63 -32.86 -4.72
N GLU C 168 -19.73 -32.40 -3.47
CA GLU C 168 -20.25 -33.22 -2.38
C GLU C 168 -21.59 -32.88 -1.74
N VAL C 169 -22.08 -31.66 -1.96
CA VAL C 169 -23.33 -31.26 -1.34
C VAL C 169 -24.48 -31.15 -2.35
N PHE C 170 -24.35 -30.22 -3.28
CA PHE C 170 -25.39 -29.96 -4.30
C PHE C 170 -25.30 -30.82 -5.54
N SER C 171 -24.14 -31.40 -5.83
CA SER C 171 -23.96 -32.15 -7.08
C SER C 171 -24.41 -31.24 -8.21
N ALA C 172 -24.01 -29.97 -8.10
CA ALA C 172 -24.36 -28.95 -9.08
C ALA C 172 -23.52 -27.70 -8.78
N TYR C 173 -23.42 -26.81 -9.77
CA TYR C 173 -22.65 -25.58 -9.65
C TYR C 173 -23.58 -24.46 -9.23
N SER C 174 -24.83 -24.61 -9.63
CA SER C 174 -25.88 -23.64 -9.36
C SER C 174 -26.19 -23.47 -7.87
N ALA C 175 -26.34 -22.23 -7.41
CA ALA C 175 -26.69 -21.94 -6.01
C ALA C 175 -27.68 -20.79 -5.95
N LEU C 176 -28.70 -20.86 -6.80
CA LEU C 176 -29.73 -19.86 -6.79
C LEU C 176 -31.08 -20.46 -7.17
N TRP C 177 -32.14 -19.98 -6.52
CA TRP C 177 -33.46 -20.53 -6.78
C TRP C 177 -34.58 -19.49 -6.88
N TRP C 178 -35.21 -19.35 -8.04
CA TRP C 178 -36.34 -18.44 -8.15
C TRP C 178 -37.55 -19.05 -7.44
N SER C 179 -38.46 -18.20 -6.96
CA SER C 179 -39.70 -18.64 -6.31
C SER C 179 -40.63 -19.04 -7.46
N PRO C 180 -41.65 -19.88 -7.20
CA PRO C 180 -42.58 -20.32 -8.27
C PRO C 180 -43.10 -19.27 -9.24
N ASN C 181 -43.42 -18.11 -8.74
CA ASN C 181 -43.96 -17.10 -9.65
C ASN C 181 -43.03 -15.91 -9.94
N GLY C 182 -41.72 -16.11 -9.80
CA GLY C 182 -40.73 -15.08 -10.10
C GLY C 182 -40.60 -13.91 -9.13
N THR C 183 -41.36 -13.92 -8.04
CA THR C 183 -41.27 -12.82 -7.08
C THR C 183 -39.87 -12.69 -6.44
N PHE C 184 -39.42 -13.79 -5.85
CA PHE C 184 -38.17 -13.85 -5.13
C PHE C 184 -37.06 -14.66 -5.78
N LEU C 185 -35.83 -14.33 -5.40
CA LEU C 185 -34.64 -15.02 -5.90
C LEU C 185 -33.79 -15.32 -4.67
N ALA C 186 -33.75 -16.60 -4.25
CA ALA C 186 -32.94 -16.97 -3.11
C ALA C 186 -31.60 -17.41 -3.68
N TYR C 187 -30.52 -17.21 -2.92
CA TYR C 187 -29.18 -17.59 -3.35
C TYR C 187 -28.30 -17.83 -2.16
N ALA C 188 -27.23 -18.58 -2.38
CA ALA C 188 -26.30 -18.82 -1.27
C ALA C 188 -24.98 -18.17 -1.62
N GLN C 189 -24.28 -17.70 -0.60
CA GLN C 189 -22.96 -17.13 -0.77
C GLN C 189 -22.04 -18.00 0.05
N PHE C 190 -20.97 -18.47 -0.61
CA PHE C 190 -19.96 -19.32 -0.02
C PHE C 190 -18.69 -18.44 0.16
N ASN C 191 -18.05 -18.59 1.32
CA ASN C 191 -16.86 -17.82 1.71
C ASN C 191 -15.70 -18.77 1.97
N ASP C 192 -14.77 -18.83 1.02
CA ASP C 192 -13.62 -19.71 1.11
C ASP C 192 -12.34 -19.05 1.57
N THR C 193 -12.48 -17.91 2.25
CA THR C 193 -11.31 -17.18 2.74
C THR C 193 -10.31 -18.01 3.49
N GLU C 194 -10.76 -18.75 4.50
CA GLU C 194 -9.87 -19.60 5.31
C GLU C 194 -9.62 -21.02 4.79
N VAL C 195 -10.20 -21.37 3.64
CA VAL C 195 -10.01 -22.71 3.09
C VAL C 195 -8.62 -22.92 2.47
N PRO C 196 -7.87 -23.93 2.90
CA PRO C 196 -6.55 -24.11 2.28
C PRO C 196 -6.60 -24.36 0.76
N LEU C 197 -5.49 -24.09 0.09
CA LEU C 197 -5.44 -24.29 -1.35
C LEU C 197 -4.76 -25.57 -1.78
N ILE C 198 -5.38 -26.32 -2.69
CA ILE C 198 -4.65 -27.48 -3.20
C ILE C 198 -3.96 -26.84 -4.40
N GLU C 199 -2.71 -27.23 -4.65
CA GLU C 199 -2.00 -26.71 -5.81
C GLU C 199 -1.35 -27.86 -6.53
N TYR C 200 -1.37 -27.79 -7.86
CA TYR C 200 -0.73 -28.81 -8.69
C TYR C 200 -0.38 -28.16 -10.02
N SER C 201 0.55 -28.78 -10.76
CA SER C 201 0.94 -28.26 -12.06
C SER C 201 0.01 -28.68 -13.18
N PHE C 202 -0.20 -27.76 -14.13
CA PHE C 202 -0.99 -28.02 -15.33
C PHE C 202 -0.01 -27.65 -16.45
N TYR C 203 0.31 -28.62 -17.30
CA TYR C 203 1.32 -28.43 -18.33
C TYR C 203 0.85 -27.71 -19.60
N SER C 204 -0.42 -27.92 -19.95
CA SER C 204 -1.01 -27.27 -21.10
C SER C 204 -0.38 -27.72 -22.42
N ASP C 205 -0.74 -27.04 -23.49
CA ASP C 205 -0.20 -27.37 -24.80
C ASP C 205 1.32 -27.33 -24.76
N GLU C 206 1.91 -28.20 -25.55
CA GLU C 206 3.34 -28.35 -25.69
C GLU C 206 4.09 -27.03 -25.91
N SER C 207 3.40 -26.03 -26.44
CA SER C 207 4.06 -24.73 -26.65
C SER C 207 4.23 -23.90 -25.36
N LEU C 208 3.54 -24.23 -24.28
CA LEU C 208 3.69 -23.46 -23.03
C LEU C 208 5.07 -23.72 -22.48
N GLN C 209 5.91 -22.69 -22.41
CA GLN C 209 7.27 -22.90 -21.97
C GLN C 209 7.42 -23.23 -20.50
N TYR C 210 6.59 -22.59 -19.66
CA TYR C 210 6.60 -22.79 -18.21
C TYR C 210 5.24 -23.36 -17.76
N PRO C 211 5.27 -24.45 -16.97
CA PRO C 211 3.98 -25.01 -16.53
C PRO C 211 3.26 -24.01 -15.62
N LYS C 212 1.94 -24.12 -15.54
CA LYS C 212 1.21 -23.22 -14.66
C LYS C 212 0.84 -24.01 -13.39
N THR C 213 0.47 -23.32 -12.35
CA THR C 213 0.09 -23.97 -11.10
C THR C 213 -1.38 -23.70 -10.89
N VAL C 214 -2.19 -24.76 -10.76
CA VAL C 214 -3.62 -24.55 -10.50
C VAL C 214 -3.74 -24.47 -8.99
N ARG C 215 -4.61 -23.59 -8.51
CA ARG C 215 -4.85 -23.40 -7.07
C ARG C 215 -6.36 -23.43 -6.83
N ILE C 216 -6.83 -24.29 -5.95
CA ILE C 216 -8.26 -24.39 -5.71
C ILE C 216 -8.51 -24.43 -4.22
N PRO C 217 -9.47 -23.63 -3.72
CA PRO C 217 -9.76 -23.66 -2.28
C PRO C 217 -10.46 -25.02 -2.12
N TYR C 218 -9.83 -25.91 -1.36
CA TYR C 218 -10.32 -27.28 -1.21
C TYR C 218 -10.04 -27.77 0.23
N PRO C 219 -11.10 -28.05 1.02
CA PRO C 219 -10.83 -28.50 2.38
C PRO C 219 -10.65 -30.02 2.48
N LYS C 220 -9.49 -30.42 2.98
CA LYS C 220 -9.18 -31.82 3.18
C LYS C 220 -9.76 -32.11 4.58
N ALA C 221 -9.85 -33.39 4.93
CA ALA C 221 -10.46 -33.81 6.19
C ALA C 221 -9.93 -33.02 7.37
N GLY C 222 -10.85 -32.44 8.14
CA GLY C 222 -10.51 -31.68 9.34
C GLY C 222 -10.02 -30.25 9.13
N ALA C 223 -9.91 -29.81 7.89
CA ALA C 223 -9.42 -28.47 7.60
C ALA C 223 -10.55 -27.47 7.71
N GLU C 224 -10.19 -26.19 7.60
CA GLU C 224 -11.15 -25.09 7.66
C GLU C 224 -12.05 -25.24 6.41
N ASN C 225 -13.37 -25.17 6.60
CA ASN C 225 -14.38 -25.34 5.55
C ASN C 225 -14.96 -24.01 5.10
N PRO C 226 -15.61 -23.99 3.93
CA PRO C 226 -16.18 -22.71 3.52
C PRO C 226 -17.38 -22.47 4.46
N THR C 227 -17.77 -21.21 4.61
CA THR C 227 -18.92 -20.85 5.43
C THR C 227 -19.95 -20.45 4.38
N VAL C 228 -21.20 -20.32 4.79
CA VAL C 228 -22.23 -19.98 3.83
C VAL C 228 -23.26 -19.07 4.47
N LYS C 229 -23.93 -18.31 3.63
CA LYS C 229 -24.99 -17.40 4.06
C LYS C 229 -26.05 -17.61 3.01
N PHE C 230 -27.30 -17.43 3.42
CA PHE C 230 -28.45 -17.61 2.52
C PHE C 230 -29.32 -16.37 2.47
N PHE C 231 -29.61 -15.89 1.26
CA PHE C 231 -30.43 -14.69 1.13
C PHE C 231 -31.63 -14.91 0.24
N VAL C 232 -32.67 -14.11 0.46
CA VAL C 232 -33.81 -14.14 -0.43
C VAL C 232 -33.99 -12.72 -0.89
N VAL C 233 -33.87 -12.52 -2.20
CA VAL C 233 -34.02 -11.21 -2.80
C VAL C 233 -35.43 -10.99 -3.37
N ASP C 234 -36.00 -9.81 -3.12
CA ASP C 234 -37.32 -9.44 -3.64
C ASP C 234 -37.01 -8.70 -4.92
N THR C 235 -37.24 -9.35 -6.06
CA THR C 235 -36.93 -8.77 -7.36
C THR C 235 -37.91 -7.72 -7.89
N ARG C 236 -38.98 -7.51 -7.15
CA ARG C 236 -39.99 -6.54 -7.55
C ARG C 236 -39.49 -5.12 -7.50
N THR C 237 -38.54 -4.84 -6.61
CA THR C 237 -38.03 -3.47 -6.49
C THR C 237 -36.77 -3.21 -7.29
N LEU C 238 -36.32 -4.20 -8.06
CA LEU C 238 -35.12 -4.01 -8.84
C LEU C 238 -35.32 -2.92 -9.89
N SER C 239 -34.50 -1.88 -9.82
CA SER C 239 -34.54 -0.76 -10.76
C SER C 239 -33.14 -0.19 -10.85
N PRO C 240 -32.79 0.37 -12.01
CA PRO C 240 -31.45 0.94 -12.16
C PRO C 240 -30.93 1.78 -10.98
N ASN C 241 -31.80 2.57 -10.36
CA ASN C 241 -31.37 3.41 -9.25
C ASN C 241 -31.87 3.08 -7.86
N ALA C 242 -32.29 1.83 -7.66
CA ALA C 242 -32.76 1.42 -6.34
C ALA C 242 -31.74 0.45 -5.74
N SER C 243 -31.77 0.30 -4.43
CA SER C 243 -30.87 -0.65 -3.80
C SER C 243 -31.52 -2.04 -4.03
N VAL C 244 -30.87 -3.08 -3.55
CA VAL C 244 -31.39 -4.44 -3.67
C VAL C 244 -32.09 -4.80 -2.37
N THR C 245 -33.36 -5.19 -2.47
CA THR C 245 -34.09 -5.59 -1.27
C THR C 245 -33.77 -7.08 -1.02
N SER C 246 -33.08 -7.33 0.10
CA SER C 246 -32.62 -8.66 0.51
C SER C 246 -32.89 -8.97 1.97
N TYR C 247 -32.97 -10.26 2.28
CA TYR C 247 -33.16 -10.67 3.65
C TYR C 247 -32.35 -11.93 3.86
N GLN C 248 -31.52 -11.93 4.89
CA GLN C 248 -30.67 -13.08 5.15
C GLN C 248 -31.34 -14.04 6.10
N ILE C 249 -31.45 -15.29 5.68
CA ILE C 249 -32.05 -16.30 6.54
C ILE C 249 -30.91 -17.09 7.17
N VAL C 250 -30.98 -17.23 8.48
CA VAL C 250 -29.94 -17.92 9.22
C VAL C 250 -30.42 -19.29 9.65
N PRO C 251 -29.49 -20.24 9.82
CA PRO C 251 -29.97 -21.57 10.24
C PRO C 251 -30.46 -21.59 11.68
N PRO C 252 -31.26 -22.61 12.04
CA PRO C 252 -31.76 -22.67 13.42
C PRO C 252 -30.58 -22.82 14.39
N ALA C 253 -30.79 -22.44 15.63
CA ALA C 253 -29.75 -22.48 16.66
C ALA C 253 -29.01 -23.80 16.81
N SER C 254 -29.73 -24.91 16.76
CA SER C 254 -29.10 -26.20 16.93
C SER C 254 -28.02 -26.48 15.88
N VAL C 255 -27.99 -25.66 14.84
CA VAL C 255 -27.03 -25.82 13.75
C VAL C 255 -26.08 -24.62 13.65
N LEU C 256 -26.61 -23.43 13.95
CA LEU C 256 -25.81 -22.21 13.88
C LEU C 256 -24.66 -22.36 14.86
N ILE C 257 -24.91 -23.11 15.93
CA ILE C 257 -23.93 -23.32 16.98
C ILE C 257 -22.53 -23.75 16.56
N GLY C 258 -22.42 -24.54 15.49
CA GLY C 258 -21.12 -24.98 15.03
C GLY C 258 -21.02 -24.93 13.53
N ASP C 259 -19.99 -25.56 12.97
CA ASP C 259 -19.82 -25.60 11.53
C ASP C 259 -21.02 -26.39 10.98
N HIS C 260 -21.52 -25.97 9.83
CA HIS C 260 -22.66 -26.61 9.21
C HIS C 260 -22.59 -26.37 7.70
N TYR C 261 -23.54 -26.97 6.97
CA TYR C 261 -23.64 -26.81 5.53
C TYR C 261 -25.10 -26.57 5.19
N LEU C 262 -25.33 -25.84 4.11
CA LEU C 262 -26.68 -25.68 3.61
C LEU C 262 -26.74 -26.87 2.61
N CYS C 263 -27.70 -27.77 2.74
CA CYS C 263 -27.73 -28.87 1.79
C CYS C 263 -28.98 -28.97 0.97
N GLY C 264 -29.90 -28.02 1.13
CA GLY C 264 -31.12 -28.09 0.36
C GLY C 264 -32.01 -26.89 0.49
N VAL C 265 -32.65 -26.55 -0.63
CA VAL C 265 -33.57 -25.43 -0.75
C VAL C 265 -34.84 -25.88 -1.53
N THR C 266 -36.02 -25.60 -0.98
CA THR C 266 -37.24 -25.96 -1.69
C THR C 266 -38.27 -24.85 -1.55
N TRP C 267 -38.70 -24.29 -2.68
CA TRP C 267 -39.73 -23.26 -2.65
C TRP C 267 -41.07 -24.02 -2.48
N VAL C 268 -41.82 -23.64 -1.44
CA VAL C 268 -43.12 -24.27 -1.14
C VAL C 268 -44.28 -23.50 -1.80
N THR C 269 -44.35 -22.21 -1.51
CA THR C 269 -45.33 -21.28 -2.11
C THR C 269 -44.54 -19.98 -2.32
N GLU C 270 -45.16 -18.97 -2.91
CA GLU C 270 -44.47 -17.71 -3.12
C GLU C 270 -44.05 -17.10 -1.81
N GLU C 271 -44.68 -17.49 -0.72
CA GLU C 271 -44.38 -16.92 0.57
C GLU C 271 -43.85 -17.92 1.58
N ARG C 272 -43.45 -19.08 1.09
CA ARG C 272 -42.93 -20.10 1.99
C ARG C 272 -41.78 -20.82 1.31
N ILE C 273 -40.65 -20.89 2.00
CA ILE C 273 -39.47 -21.55 1.46
C ILE C 273 -38.94 -22.50 2.52
N SER C 274 -38.45 -23.66 2.07
CA SER C 274 -37.92 -24.70 2.96
C SER C 274 -36.41 -24.84 2.82
N LEU C 275 -35.71 -24.64 3.93
CA LEU C 275 -34.25 -24.75 3.97
C LEU C 275 -33.86 -25.97 4.77
N GLN C 276 -32.94 -26.75 4.23
CA GLN C 276 -32.47 -27.94 4.91
C GLN C 276 -30.99 -27.73 5.24
N TRP C 277 -30.65 -27.83 6.53
CA TRP C 277 -29.27 -27.65 6.98
C TRP C 277 -28.77 -28.91 7.64
N ILE C 278 -27.44 -29.06 7.72
CA ILE C 278 -26.80 -30.19 8.37
C ILE C 278 -25.55 -29.74 9.08
N ARG C 279 -25.32 -30.31 10.25
CA ARG C 279 -24.13 -30.01 11.04
C ARG C 279 -22.92 -30.60 10.32
N ARG C 280 -21.75 -30.06 10.61
CA ARG C 280 -20.59 -30.60 9.95
C ARG C 280 -20.44 -32.10 10.24
N ALA C 281 -20.92 -32.57 11.39
CA ALA C 281 -20.84 -34.00 11.73
C ALA C 281 -21.67 -34.85 10.76
N GLN C 282 -22.75 -34.29 10.26
CA GLN C 282 -23.63 -34.94 9.28
C GLN C 282 -24.48 -36.12 9.78
N ASN C 283 -24.84 -36.06 11.06
CA ASN C 283 -25.73 -37.05 11.65
C ASN C 283 -26.89 -36.27 12.29
N TYR C 284 -26.96 -34.99 11.97
CA TYR C 284 -28.01 -34.10 12.47
C TYR C 284 -28.37 -33.11 11.36
N SER C 285 -29.60 -33.22 10.87
CA SER C 285 -30.09 -32.38 9.80
C SER C 285 -31.37 -31.71 10.27
N ILE C 286 -31.69 -30.54 9.74
CA ILE C 286 -32.92 -29.88 10.13
C ILE C 286 -33.55 -29.10 8.97
N ILE C 287 -34.87 -29.18 8.85
CA ILE C 287 -35.58 -28.45 7.82
C ILE C 287 -36.23 -27.28 8.54
N ASP C 288 -36.11 -26.10 7.96
CA ASP C 288 -36.62 -24.87 8.54
C ASP C 288 -37.55 -24.31 7.49
N ILE C 289 -38.83 -24.23 7.79
CA ILE C 289 -39.80 -23.72 6.81
C ILE C 289 -40.13 -22.29 7.20
N CYS C 290 -39.63 -21.37 6.38
CA CYS C 290 -39.78 -19.94 6.64
C CYS C 290 -40.87 -19.27 5.86
N ASP C 291 -41.63 -18.44 6.57
CA ASP C 291 -42.74 -17.69 5.99
C ASP C 291 -42.46 -16.20 5.83
N TYR C 292 -42.88 -15.68 4.69
CA TYR C 292 -42.72 -14.30 4.36
C TYR C 292 -43.75 -13.42 5.10
N ASP C 293 -43.25 -12.39 5.77
CA ASP C 293 -44.10 -11.45 6.49
C ASP C 293 -44.25 -10.27 5.53
N GLU C 294 -45.43 -10.11 4.95
CA GLU C 294 -45.68 -9.04 4.00
C GLU C 294 -45.51 -7.63 4.56
N SER C 295 -45.73 -7.45 5.85
CA SER C 295 -45.61 -6.11 6.42
C SER C 295 -44.18 -5.63 6.65
N THR C 296 -43.23 -6.57 6.79
CA THR C 296 -41.83 -6.22 7.04
C THR C 296 -40.86 -6.77 6.01
N GLY C 297 -41.33 -7.68 5.15
CA GLY C 297 -40.45 -8.26 4.14
C GLY C 297 -39.49 -9.28 4.72
N ARG C 298 -39.66 -9.60 5.99
CA ARG C 298 -38.82 -10.59 6.64
C ARG C 298 -39.31 -12.00 6.31
N TRP C 299 -38.42 -12.99 6.47
CA TRP C 299 -38.77 -14.39 6.28
C TRP C 299 -38.63 -14.96 7.68
N ILE C 300 -39.75 -15.39 8.25
CA ILE C 300 -39.77 -15.85 9.64
C ILE C 300 -39.74 -17.34 9.90
N SER C 301 -38.97 -17.70 10.91
CA SER C 301 -38.80 -19.08 11.30
C SER C 301 -39.59 -19.35 12.57
N SER C 302 -39.98 -20.59 12.78
CA SER C 302 -40.76 -20.99 13.95
C SER C 302 -40.37 -22.40 14.34
N VAL C 303 -40.16 -22.62 15.64
CA VAL C 303 -39.77 -23.94 16.12
C VAL C 303 -40.79 -25.00 15.74
N ALA C 304 -42.03 -24.56 15.55
CA ALA C 304 -43.12 -25.43 15.16
C ALA C 304 -42.99 -25.90 13.73
N ARG C 305 -42.31 -25.10 12.91
CA ARG C 305 -42.13 -25.46 11.50
C ARG C 305 -40.76 -26.03 11.18
N GLN C 306 -40.09 -26.55 12.20
CA GLN C 306 -38.78 -27.12 12.03
C GLN C 306 -38.84 -28.61 12.24
N HIS C 307 -38.05 -29.34 11.44
CA HIS C 307 -38.03 -30.79 11.51
C HIS C 307 -36.62 -31.38 11.52
N ILE C 308 -36.32 -32.06 12.62
CA ILE C 308 -35.02 -32.66 12.87
C ILE C 308 -34.90 -34.10 12.37
N GLU C 309 -33.76 -34.43 11.79
CA GLU C 309 -33.56 -35.79 11.32
C GLU C 309 -32.15 -36.16 11.76
N ILE C 310 -32.03 -37.20 12.59
CA ILE C 310 -30.70 -37.58 13.02
C ILE C 310 -30.48 -39.04 12.75
N SER C 311 -29.23 -39.46 12.93
CA SER C 311 -28.86 -40.85 12.75
C SER C 311 -27.96 -41.19 13.94
N THR C 312 -28.32 -42.22 14.68
CA THR C 312 -27.53 -42.65 15.81
C THR C 312 -26.54 -43.70 15.32
N THR C 313 -26.83 -44.33 14.19
CA THR C 313 -25.94 -45.37 13.68
C THR C 313 -24.98 -44.92 12.58
N GLY C 314 -25.20 -43.74 12.02
CA GLY C 314 -24.29 -43.30 10.97
C GLY C 314 -24.52 -41.88 10.58
N TRP C 315 -24.71 -41.63 9.29
CA TRP C 315 -24.96 -40.29 8.77
C TRP C 315 -26.41 -40.25 8.29
N VAL C 316 -26.89 -39.04 7.98
CA VAL C 316 -28.25 -38.82 7.53
C VAL C 316 -28.36 -38.97 6.01
N GLY C 317 -29.29 -39.82 5.56
CA GLY C 317 -29.49 -40.00 4.13
C GLY C 317 -28.45 -40.86 3.43
N ARG C 318 -28.45 -40.81 2.11
CA ARG C 318 -27.51 -41.61 1.33
C ARG C 318 -26.18 -40.86 1.17
N PHE C 319 -26.19 -39.76 0.41
CA PHE C 319 -24.99 -38.93 0.24
C PHE C 319 -25.35 -37.53 0.75
N ARG C 320 -26.60 -37.41 1.19
CA ARG C 320 -27.18 -36.17 1.71
C ARG C 320 -28.57 -36.54 2.18
N PRO C 321 -29.19 -35.69 3.02
CA PRO C 321 -30.53 -36.00 3.50
C PRO C 321 -31.54 -35.89 2.33
N ALA C 322 -32.52 -36.79 2.29
CA ALA C 322 -33.51 -36.76 1.19
C ALA C 322 -34.30 -35.46 1.25
N GLU C 323 -34.76 -34.96 0.10
CA GLU C 323 -35.50 -33.70 0.06
C GLU C 323 -36.98 -33.87 0.35
N PRO C 324 -37.62 -32.83 0.93
CA PRO C 324 -39.05 -32.87 1.25
C PRO C 324 -39.81 -32.52 -0.04
N HIS C 325 -41.00 -33.10 -0.19
CA HIS C 325 -41.86 -32.85 -1.35
C HIS C 325 -43.19 -32.35 -0.80
N PHE C 326 -43.37 -31.03 -0.91
CA PHE C 326 -44.56 -30.37 -0.38
C PHE C 326 -45.79 -30.44 -1.27
N THR C 327 -46.96 -30.34 -0.62
CA THR C 327 -48.25 -30.31 -1.34
C THR C 327 -48.38 -28.89 -1.90
N SER C 328 -49.33 -28.65 -2.80
CA SER C 328 -49.55 -27.32 -3.37
C SER C 328 -49.76 -26.25 -2.30
N ASP C 329 -50.56 -26.57 -1.28
CA ASP C 329 -50.86 -25.64 -0.21
C ASP C 329 -49.67 -25.40 0.72
N GLY C 330 -48.73 -26.33 0.73
CA GLY C 330 -47.56 -26.21 1.59
C GLY C 330 -47.83 -26.55 3.04
N ASN C 331 -48.99 -27.12 3.35
CA ASN C 331 -49.31 -27.47 4.73
C ASN C 331 -48.77 -28.80 5.19
N SER C 332 -48.28 -29.59 4.25
CA SER C 332 -47.65 -30.86 4.61
C SER C 332 -46.68 -31.23 3.52
N PHE C 333 -45.80 -32.18 3.82
CA PHE C 333 -44.83 -32.63 2.85
C PHE C 333 -44.51 -34.10 3.07
N TYR C 334 -43.94 -34.73 2.07
CA TYR C 334 -43.53 -36.12 2.14
C TYR C 334 -42.02 -36.14 1.95
N LYS C 335 -41.36 -37.05 2.67
CA LYS C 335 -39.92 -37.14 2.60
C LYS C 335 -39.48 -38.51 3.03
N ILE C 336 -38.46 -39.03 2.35
CA ILE C 336 -37.88 -40.32 2.67
C ILE C 336 -36.97 -40.21 3.90
N ILE C 337 -37.12 -41.13 4.86
CA ILE C 337 -36.28 -41.19 6.08
C ILE C 337 -36.17 -42.66 6.50
N SER C 338 -35.15 -42.97 7.28
CA SER C 338 -34.98 -44.35 7.74
C SER C 338 -36.11 -44.66 8.71
N ASN C 339 -36.71 -45.84 8.59
CA ASN C 339 -37.76 -46.21 9.53
C ASN C 339 -37.17 -46.95 10.71
N GLU C 340 -38.04 -47.39 11.61
CA GLU C 340 -37.64 -48.11 12.83
C GLU C 340 -36.74 -49.30 12.56
N GLU C 341 -36.85 -49.89 11.36
CA GLU C 341 -36.03 -51.05 11.01
C GLU C 341 -34.78 -50.71 10.21
N GLY C 342 -34.55 -49.42 9.96
CA GLY C 342 -33.38 -49.05 9.21
C GLY C 342 -33.60 -48.97 7.70
N TYR C 343 -34.84 -49.16 7.27
CA TYR C 343 -35.15 -49.08 5.84
C TYR C 343 -35.75 -47.74 5.51
N LYS C 344 -35.28 -47.15 4.41
CA LYS C 344 -35.75 -45.85 3.94
C LYS C 344 -37.09 -45.90 3.21
N HIS C 345 -38.06 -45.20 3.79
CA HIS C 345 -39.42 -45.16 3.29
C HIS C 345 -39.98 -43.76 3.37
N ILE C 346 -41.07 -43.51 2.66
CA ILE C 346 -41.67 -42.20 2.67
C ILE C 346 -42.51 -41.94 3.92
N CYS C 347 -42.22 -40.84 4.62
CA CYS C 347 -42.99 -40.46 5.80
C CYS C 347 -43.80 -39.21 5.41
N HIS C 348 -45.01 -39.09 5.94
CA HIS C 348 -45.84 -37.94 5.67
C HIS C 348 -45.76 -36.98 6.84
N PHE C 349 -45.29 -35.77 6.58
CA PHE C 349 -45.15 -34.75 7.60
C PHE C 349 -46.16 -33.65 7.42
N GLN C 350 -46.60 -33.08 8.54
CA GLN C 350 -47.49 -31.94 8.51
C GLN C 350 -46.49 -30.80 8.75
N THR C 351 -46.56 -29.76 7.94
CA THR C 351 -45.62 -28.66 8.03
C THR C 351 -45.39 -28.09 9.44
N ASP C 352 -46.43 -27.97 10.26
CA ASP C 352 -46.26 -27.45 11.61
C ASP C 352 -46.45 -28.42 12.78
N LYS C 353 -46.13 -29.69 12.55
CA LYS C 353 -46.23 -30.75 13.59
C LYS C 353 -44.95 -31.57 13.52
N SER C 354 -44.53 -32.17 14.62
CA SER C 354 -43.30 -32.94 14.53
C SER C 354 -43.40 -34.45 14.24
N ASN C 355 -44.55 -35.07 14.51
CA ASN C 355 -44.67 -36.51 14.23
C ASN C 355 -45.06 -36.74 12.77
N CYS C 356 -44.57 -37.81 12.18
CA CYS C 356 -44.93 -38.12 10.80
C CYS C 356 -45.48 -39.53 10.74
N THR C 357 -46.06 -39.89 9.60
CA THR C 357 -46.64 -41.20 9.41
C THR C 357 -46.06 -41.81 8.14
N PHE C 358 -45.50 -43.01 8.24
CA PHE C 358 -44.94 -43.65 7.06
C PHE C 358 -46.08 -44.14 6.16
N ILE C 359 -45.89 -44.07 4.84
CA ILE C 359 -46.92 -44.50 3.92
C ILE C 359 -46.45 -45.71 3.11
N THR C 360 -45.21 -46.11 3.34
CA THR C 360 -44.65 -47.29 2.68
C THR C 360 -43.82 -48.00 3.76
N LYS C 361 -43.54 -49.28 3.56
CA LYS C 361 -42.76 -50.05 4.52
C LYS C 361 -42.44 -51.37 3.87
N GLY C 362 -41.44 -52.06 4.39
CA GLY C 362 -41.02 -53.34 3.84
C GLY C 362 -39.50 -53.45 3.88
N ALA C 363 -39.00 -54.65 3.68
CA ALA C 363 -37.56 -54.88 3.69
C ALA C 363 -36.99 -54.52 2.30
N TRP C 364 -37.17 -53.26 1.91
CA TRP C 364 -36.71 -52.69 0.65
C TRP C 364 -36.71 -51.17 0.84
N GLU C 365 -36.28 -50.43 -0.17
CA GLU C 365 -36.22 -48.98 -0.01
C GLU C 365 -36.75 -48.15 -1.14
N VAL C 366 -37.27 -46.98 -0.78
CA VAL C 366 -37.76 -46.01 -1.74
C VAL C 366 -36.51 -45.26 -2.18
N ILE C 367 -36.28 -45.19 -3.49
CA ILE C 367 -35.10 -44.50 -4.01
C ILE C 367 -35.33 -42.98 -3.96
N GLY C 368 -36.48 -42.53 -4.47
CA GLY C 368 -36.79 -41.11 -4.45
C GLY C 368 -38.26 -40.88 -4.78
N ILE C 369 -38.77 -39.71 -4.38
CA ILE C 369 -40.14 -39.31 -4.67
C ILE C 369 -40.05 -38.56 -6.00
N GLU C 370 -40.87 -38.91 -6.99
CA GLU C 370 -40.83 -38.27 -8.30
C GLU C 370 -41.82 -37.17 -8.60
N ALA C 371 -43.04 -37.34 -8.13
CA ALA C 371 -44.07 -36.35 -8.41
C ALA C 371 -45.16 -36.46 -7.38
N LEU C 372 -45.91 -35.37 -7.22
CA LEU C 372 -46.96 -35.32 -6.23
C LEU C 372 -48.18 -34.51 -6.73
N THR C 373 -49.38 -35.08 -6.63
CA THR C 373 -50.61 -34.35 -7.01
C THR C 373 -51.41 -34.37 -5.73
N SER C 374 -52.59 -33.77 -5.75
CA SER C 374 -53.43 -33.78 -4.55
C SER C 374 -53.94 -35.20 -4.24
N ASP C 375 -53.86 -36.11 -5.21
CA ASP C 375 -54.38 -37.46 -5.03
C ASP C 375 -53.40 -38.62 -5.01
N TYR C 376 -52.24 -38.45 -5.63
CA TYR C 376 -51.26 -39.52 -5.68
C TYR C 376 -49.82 -39.04 -5.53
N LEU C 377 -48.98 -39.94 -5.06
CA LEU C 377 -47.57 -39.67 -4.93
C LEU C 377 -46.91 -40.76 -5.77
N TYR C 378 -45.99 -40.36 -6.65
CA TYR C 378 -45.28 -41.28 -7.51
C TYR C 378 -43.84 -41.41 -7.04
N TYR C 379 -43.37 -42.65 -6.95
CA TYR C 379 -42.04 -42.88 -6.46
C TYR C 379 -41.36 -44.04 -7.15
N ILE C 380 -40.05 -44.11 -6.95
CA ILE C 380 -39.20 -45.14 -7.50
C ILE C 380 -38.71 -45.96 -6.31
N SER C 381 -38.78 -47.30 -6.41
CA SER C 381 -38.28 -48.15 -5.33
C SER C 381 -37.69 -49.42 -5.90
N ASN C 382 -37.01 -50.17 -5.05
CA ASN C 382 -36.45 -51.46 -5.45
C ASN C 382 -37.25 -52.61 -4.86
N GLU C 383 -38.54 -52.40 -4.60
CA GLU C 383 -39.38 -53.46 -4.04
C GLU C 383 -39.55 -54.68 -4.96
N HIS C 384 -39.81 -54.44 -6.25
CA HIS C 384 -40.09 -55.54 -7.17
C HIS C 384 -39.17 -56.74 -7.13
N LYS C 385 -39.78 -57.91 -6.94
CA LYS C 385 -39.05 -59.17 -6.88
C LYS C 385 -37.92 -59.16 -5.83
N GLY C 386 -38.02 -58.27 -4.83
CA GLY C 386 -36.99 -58.21 -3.82
C GLY C 386 -35.58 -57.99 -4.36
N MET C 387 -35.46 -57.38 -5.54
CA MET C 387 -34.15 -57.12 -6.16
C MET C 387 -33.63 -55.70 -5.86
N PRO C 388 -32.68 -55.57 -4.92
CA PRO C 388 -32.12 -54.26 -4.55
C PRO C 388 -31.59 -53.49 -5.78
N GLY C 389 -31.15 -54.24 -6.78
CA GLY C 389 -30.59 -53.67 -7.99
C GLY C 389 -31.56 -53.43 -9.14
N GLY C 390 -32.86 -53.43 -8.84
CA GLY C 390 -33.87 -53.14 -9.84
C GLY C 390 -34.55 -51.86 -9.36
N ARG C 391 -35.21 -51.15 -10.28
CA ARG C 391 -35.91 -49.90 -9.97
C ARG C 391 -37.25 -49.85 -10.74
N ASN C 392 -38.34 -49.53 -10.06
CA ASN C 392 -39.62 -49.42 -10.75
C ASN C 392 -40.39 -48.24 -10.21
N LEU C 393 -41.27 -47.70 -11.04
CA LEU C 393 -42.11 -46.59 -10.65
C LEU C 393 -43.45 -47.09 -10.07
N TYR C 394 -43.82 -46.53 -8.92
CA TYR C 394 -45.05 -46.85 -8.22
C TYR C 394 -45.88 -45.61 -7.99
N ARG C 395 -47.16 -45.81 -7.72
CA ARG C 395 -48.06 -44.72 -7.43
C ARG C 395 -48.86 -45.13 -6.22
N ILE C 396 -48.95 -44.25 -5.24
CA ILE C 396 -49.70 -44.57 -4.04
C ILE C 396 -50.80 -43.54 -3.84
N GLN C 397 -51.99 -44.01 -3.48
CA GLN C 397 -53.12 -43.14 -3.28
C GLN C 397 -53.00 -42.46 -1.93
N LEU C 398 -52.95 -41.15 -1.95
CA LEU C 398 -52.78 -40.38 -0.73
C LEU C 398 -53.84 -40.59 0.35
N ASN C 399 -55.03 -41.03 -0.05
CA ASN C 399 -56.10 -41.25 0.92
C ASN C 399 -56.37 -42.73 1.18
N ASP C 400 -55.46 -43.59 0.72
CA ASP C 400 -55.55 -45.04 0.90
C ASP C 400 -54.18 -45.64 0.57
N TYR C 401 -53.29 -45.68 1.55
CA TYR C 401 -51.95 -46.20 1.35
C TYR C 401 -51.88 -47.65 0.96
N THR C 402 -53.01 -48.35 1.03
CA THR C 402 -53.02 -49.75 0.66
C THR C 402 -53.11 -49.81 -0.85
N LYS C 403 -53.60 -48.73 -1.46
CA LYS C 403 -53.71 -48.70 -2.91
C LYS C 403 -52.41 -48.26 -3.58
N VAL C 404 -51.52 -49.22 -3.84
CA VAL C 404 -50.27 -48.91 -4.51
C VAL C 404 -50.15 -49.74 -5.77
N THR C 405 -49.91 -49.08 -6.89
CA THR C 405 -49.80 -49.73 -8.18
C THR C 405 -48.39 -49.63 -8.67
N CYS C 406 -47.87 -50.69 -9.27
CA CYS C 406 -46.56 -50.57 -9.85
C CYS C 406 -46.85 -50.26 -11.31
N LEU C 407 -46.42 -49.09 -11.78
CA LEU C 407 -46.67 -48.68 -13.15
C LEU C 407 -45.72 -49.23 -14.19
N SER C 408 -44.55 -49.69 -13.77
CA SER C 408 -43.57 -50.12 -14.75
C SER C 408 -43.19 -51.59 -14.71
N CYS C 409 -43.46 -52.22 -13.58
CA CYS C 409 -43.12 -53.62 -13.36
C CYS C 409 -43.43 -54.61 -14.45
N GLU C 410 -44.66 -54.59 -14.96
CA GLU C 410 -45.01 -55.57 -15.98
C GLU C 410 -45.05 -55.12 -17.44
N LEU C 411 -44.59 -53.91 -17.72
CA LEU C 411 -44.58 -53.40 -19.09
C LEU C 411 -43.72 -54.24 -20.02
N ASN C 412 -42.55 -54.64 -19.55
CA ASN C 412 -41.63 -55.48 -20.34
C ASN C 412 -40.76 -56.13 -19.28
N PRO C 413 -41.33 -57.07 -18.50
CA PRO C 413 -40.62 -57.75 -17.41
C PRO C 413 -39.23 -58.33 -17.66
N GLU C 414 -38.96 -58.84 -18.86
CA GLU C 414 -37.64 -59.41 -19.08
C GLU C 414 -36.62 -58.36 -19.56
N ARG C 415 -37.09 -57.40 -20.34
CA ARG C 415 -36.21 -56.39 -20.88
C ARG C 415 -35.98 -55.20 -19.95
N CYS C 416 -37.00 -54.85 -19.20
CA CYS C 416 -36.97 -53.68 -18.34
C CYS C 416 -37.16 -53.90 -16.85
N GLN C 417 -36.07 -53.79 -16.10
CA GLN C 417 -36.12 -53.97 -14.64
C GLN C 417 -35.53 -52.80 -13.83
N TYR C 418 -35.03 -51.80 -14.55
CA TYR C 418 -34.40 -50.63 -13.95
C TYR C 418 -34.94 -49.37 -14.66
N TYR C 419 -35.83 -48.64 -14.00
CA TYR C 419 -36.41 -47.45 -14.59
C TYR C 419 -36.13 -46.16 -13.81
N SER C 420 -36.24 -45.05 -14.52
CA SER C 420 -36.20 -43.70 -13.94
C SER C 420 -37.39 -43.10 -14.67
N ALA C 421 -38.02 -42.07 -14.13
CA ALA C 421 -39.16 -41.47 -14.79
C ALA C 421 -39.09 -39.95 -14.80
N SER C 422 -39.78 -39.32 -15.74
CA SER C 422 -39.82 -37.86 -15.79
C SER C 422 -41.25 -37.41 -16.04
N PHE C 423 -41.83 -36.68 -15.09
CA PHE C 423 -43.22 -36.24 -15.24
C PHE C 423 -43.40 -34.83 -15.79
N SER C 424 -44.52 -34.64 -16.48
CA SER C 424 -44.93 -33.38 -17.05
C SER C 424 -45.41 -32.59 -15.85
N ASN C 425 -45.77 -31.32 -16.06
CA ASN C 425 -46.27 -30.51 -14.97
C ASN C 425 -47.60 -31.10 -14.49
N LYS C 426 -47.85 -31.04 -13.19
CA LYS C 426 -49.07 -31.58 -12.60
C LYS C 426 -49.17 -33.09 -12.79
N ALA C 427 -48.05 -33.71 -13.18
CA ALA C 427 -47.97 -35.15 -13.39
C ALA C 427 -49.06 -35.78 -14.28
N LYS C 428 -49.52 -35.08 -15.31
CA LYS C 428 -50.56 -35.64 -16.16
C LYS C 428 -49.99 -36.67 -17.15
N TYR C 429 -48.66 -36.62 -17.35
CA TYR C 429 -47.99 -37.57 -18.24
C TYR C 429 -46.60 -37.83 -17.72
N TYR C 430 -46.03 -38.96 -18.12
CA TYR C 430 -44.68 -39.27 -17.72
C TYR C 430 -43.92 -40.07 -18.77
N GLN C 431 -42.63 -39.80 -18.86
CA GLN C 431 -41.76 -40.55 -19.74
C GLN C 431 -41.12 -41.61 -18.84
N LEU C 432 -41.06 -42.85 -19.33
CA LEU C 432 -40.42 -43.93 -18.59
C LEU C 432 -39.13 -44.24 -19.31
N ARG C 433 -38.07 -44.39 -18.54
CA ARG C 433 -36.75 -44.68 -19.05
C ARG C 433 -36.32 -46.02 -18.48
N CYS C 434 -36.21 -46.99 -19.37
CA CYS C 434 -35.83 -48.34 -19.01
C CYS C 434 -34.36 -48.47 -19.38
N PHE C 435 -33.51 -48.79 -18.40
CA PHE C 435 -32.08 -48.89 -18.65
C PHE C 435 -31.49 -50.29 -18.81
N GLY C 436 -32.29 -51.31 -18.57
CA GLY C 436 -31.77 -52.67 -18.67
C GLY C 436 -32.71 -53.63 -17.97
N PRO C 437 -32.38 -54.92 -17.89
CA PRO C 437 -31.15 -55.50 -18.44
C PRO C 437 -31.08 -55.58 -19.97
N GLY C 438 -32.22 -55.46 -20.65
CA GLY C 438 -32.23 -55.50 -22.12
C GLY C 438 -31.84 -54.15 -22.69
N LEU C 439 -32.05 -53.92 -23.98
CA LEU C 439 -31.67 -52.63 -24.55
C LEU C 439 -32.54 -51.51 -24.04
N PRO C 440 -31.93 -50.35 -23.73
CA PRO C 440 -32.69 -49.19 -23.23
C PRO C 440 -33.93 -48.90 -24.09
N LEU C 441 -35.03 -48.55 -23.42
CA LEU C 441 -36.29 -48.28 -24.08
C LEU C 441 -36.99 -47.09 -23.43
N TYR C 442 -37.32 -46.10 -24.24
CA TYR C 442 -37.97 -44.89 -23.74
C TYR C 442 -39.41 -44.82 -24.22
N THR C 443 -40.33 -44.63 -23.29
CA THR C 443 -41.75 -44.58 -23.62
C THR C 443 -42.49 -43.42 -22.95
N LEU C 444 -43.67 -43.10 -23.49
CA LEU C 444 -44.49 -42.00 -22.99
C LEU C 444 -45.78 -42.59 -22.48
N HIS C 445 -46.21 -42.16 -21.31
CA HIS C 445 -47.43 -42.65 -20.70
C HIS C 445 -48.36 -41.56 -20.22
N SER C 446 -49.65 -41.89 -20.14
CA SER C 446 -50.64 -40.96 -19.66
C SER C 446 -50.93 -41.35 -18.21
N SER C 447 -50.96 -40.40 -17.30
CA SER C 447 -51.21 -40.73 -15.90
C SER C 447 -52.66 -41.04 -15.60
N SER C 448 -53.59 -40.48 -16.40
CA SER C 448 -55.01 -40.71 -16.15
C SER C 448 -55.43 -42.12 -16.55
N SER C 449 -54.96 -42.58 -17.72
CA SER C 449 -55.35 -43.90 -18.20
C SER C 449 -54.25 -44.91 -18.08
N ASP C 450 -53.06 -44.47 -17.68
CA ASP C 450 -51.91 -45.36 -17.53
C ASP C 450 -51.61 -46.16 -18.78
N LYS C 451 -51.95 -45.63 -19.95
CA LYS C 451 -51.68 -46.33 -21.20
C LYS C 451 -50.33 -45.88 -21.75
N GLU C 452 -49.71 -46.75 -22.54
CA GLU C 452 -48.46 -46.39 -23.16
C GLU C 452 -48.83 -45.68 -24.46
N LEU C 453 -48.75 -44.35 -24.44
CA LEU C 453 -49.07 -43.53 -25.60
C LEU C 453 -48.11 -43.74 -26.77
N ARG C 454 -46.83 -43.98 -26.46
CA ARG C 454 -45.88 -44.20 -27.53
C ARG C 454 -44.50 -44.64 -27.15
N VAL C 455 -43.83 -45.18 -28.16
CA VAL C 455 -42.46 -45.63 -28.03
C VAL C 455 -41.62 -44.49 -28.60
N LEU C 456 -40.80 -43.88 -27.75
CA LEU C 456 -39.95 -42.76 -28.15
C LEU C 456 -38.66 -43.23 -28.80
N GLU C 457 -38.05 -44.23 -28.17
CA GLU C 457 -36.80 -44.79 -28.65
C GLU C 457 -36.72 -46.23 -28.16
N ASP C 458 -36.51 -47.16 -29.08
CA ASP C 458 -36.45 -48.57 -28.71
C ASP C 458 -35.15 -49.25 -29.05
N ASN C 459 -34.20 -48.46 -29.55
CA ASN C 459 -32.89 -48.98 -29.90
C ASN C 459 -32.91 -50.16 -30.89
N SER C 460 -33.93 -50.24 -31.73
CA SER C 460 -33.98 -51.35 -32.70
C SER C 460 -32.69 -51.40 -33.54
N ALA C 461 -32.15 -50.24 -33.90
CA ALA C 461 -30.89 -50.19 -34.66
C ALA C 461 -29.76 -50.95 -33.90
N LEU C 462 -29.63 -50.70 -32.60
CA LEU C 462 -28.58 -51.39 -31.85
C LEU C 462 -28.86 -52.90 -31.84
N ASP C 463 -30.12 -53.26 -31.68
CA ASP C 463 -30.56 -54.66 -31.69
C ASP C 463 -30.04 -55.35 -32.98
N LYS C 464 -30.30 -54.75 -34.14
CA LYS C 464 -29.84 -55.36 -35.40
C LYS C 464 -28.33 -55.56 -35.40
N MET C 465 -27.63 -54.53 -34.98
CA MET C 465 -26.17 -54.54 -34.93
C MET C 465 -25.58 -55.60 -34.00
N LEU C 466 -26.24 -55.84 -32.87
CA LEU C 466 -25.72 -56.81 -31.91
C LEU C 466 -26.01 -58.28 -32.23
N GLN C 467 -27.02 -58.56 -33.08
CA GLN C 467 -27.30 -59.97 -33.37
C GLN C 467 -26.16 -60.62 -34.15
N ASP C 468 -25.28 -59.80 -34.69
CA ASP C 468 -24.14 -60.29 -35.46
C ASP C 468 -22.91 -60.50 -34.57
N VAL C 469 -23.07 -60.40 -33.25
CA VAL C 469 -21.92 -60.53 -32.34
C VAL C 469 -22.17 -61.44 -31.15
N GLN C 470 -21.09 -62.05 -30.66
CA GLN C 470 -21.19 -62.93 -29.51
C GLN C 470 -21.06 -62.11 -28.23
N MET C 471 -22.22 -61.71 -27.69
CA MET C 471 -22.25 -60.93 -26.46
C MET C 471 -22.15 -61.79 -25.21
N PRO C 472 -21.59 -61.22 -24.14
CA PRO C 472 -21.48 -61.98 -22.89
C PRO C 472 -22.85 -61.86 -22.26
N SER C 473 -23.15 -62.71 -21.30
CA SER C 473 -24.43 -62.64 -20.61
C SER C 473 -24.15 -62.16 -19.19
N LYS C 474 -25.11 -61.46 -18.61
CA LYS C 474 -24.94 -60.95 -17.28
C LYS C 474 -25.93 -61.65 -16.36
N LYS C 475 -25.40 -62.28 -15.32
CA LYS C 475 -26.25 -62.96 -14.36
C LYS C 475 -26.09 -62.41 -12.95
N LEU C 476 -27.23 -62.15 -12.31
CA LEU C 476 -27.24 -61.65 -10.94
C LEU C 476 -27.70 -62.77 -10.01
N ASP C 477 -27.06 -62.88 -8.86
CA ASP C 477 -27.43 -63.88 -7.88
C ASP C 477 -26.97 -63.46 -6.50
N VAL C 478 -27.14 -64.33 -5.51
CA VAL C 478 -26.78 -63.99 -4.15
C VAL C 478 -25.88 -65.03 -3.46
N ILE C 479 -25.16 -64.58 -2.44
CA ILE C 479 -24.33 -65.46 -1.64
C ILE C 479 -24.49 -64.97 -0.22
N ASN C 480 -24.14 -65.79 0.74
CA ASN C 480 -24.29 -65.40 2.14
C ASN C 480 -22.98 -65.13 2.83
N LEU C 481 -22.97 -64.08 3.64
CA LEU C 481 -21.79 -63.72 4.44
C LEU C 481 -22.40 -63.19 5.73
N HIS C 482 -21.84 -63.60 6.87
CA HIS C 482 -22.32 -63.15 8.17
C HIS C 482 -23.82 -63.37 8.41
N GLY C 483 -24.40 -64.38 7.76
CA GLY C 483 -25.80 -64.64 7.94
C GLY C 483 -26.71 -63.78 7.08
N THR C 484 -26.11 -62.87 6.32
CA THR C 484 -26.88 -61.99 5.45
C THR C 484 -26.66 -62.37 3.98
N LYS C 485 -27.69 -62.24 3.15
CA LYS C 485 -27.54 -62.55 1.74
C LYS C 485 -27.10 -61.25 1.05
N PHE C 486 -26.10 -61.34 0.19
CA PHE C 486 -25.61 -60.18 -0.53
C PHE C 486 -25.61 -60.51 -1.99
N TRP C 487 -25.77 -59.50 -2.82
CA TRP C 487 -25.83 -59.67 -4.25
C TRP C 487 -24.54 -59.52 -5.02
N TYR C 488 -24.45 -60.28 -6.10
CA TYR C 488 -23.29 -60.20 -6.96
C TYR C 488 -23.77 -60.34 -8.39
N GLN C 489 -22.88 -60.02 -9.32
CA GLN C 489 -23.20 -60.12 -10.72
C GLN C 489 -21.94 -60.61 -11.42
N MET C 490 -22.13 -61.37 -12.48
CA MET C 490 -21.02 -61.89 -13.24
C MET C 490 -21.33 -61.69 -14.71
N ILE C 491 -20.37 -61.13 -15.45
CA ILE C 491 -20.51 -60.95 -16.88
C ILE C 491 -19.87 -62.24 -17.36
N LEU C 492 -20.64 -63.10 -18.02
CA LEU C 492 -20.12 -64.39 -18.51
C LEU C 492 -19.81 -64.40 -19.98
N PRO C 493 -18.62 -64.89 -20.34
CA PRO C 493 -18.22 -64.97 -21.74
C PRO C 493 -19.28 -65.73 -22.56
N PRO C 494 -19.33 -65.49 -23.89
CA PRO C 494 -20.31 -66.18 -24.75
C PRO C 494 -20.17 -67.71 -24.63
N HIS C 495 -21.25 -68.45 -24.88
CA HIS C 495 -21.21 -69.91 -24.78
C HIS C 495 -20.44 -70.25 -23.53
N PHE C 496 -20.78 -69.56 -22.43
CA PHE C 496 -20.11 -69.76 -21.16
C PHE C 496 -19.93 -71.24 -20.99
N ASP C 497 -18.69 -71.69 -21.12
CA ASP C 497 -18.38 -73.10 -21.01
C ASP C 497 -19.23 -73.81 -19.98
N LYS C 498 -18.70 -74.08 -18.79
CA LYS C 498 -19.53 -74.83 -17.85
C LYS C 498 -18.77 -75.30 -16.63
N SER C 499 -17.87 -76.22 -16.91
CA SER C 499 -17.00 -76.85 -15.95
C SER C 499 -15.59 -76.62 -16.48
N LYS C 500 -15.47 -75.59 -17.31
CA LYS C 500 -14.17 -75.20 -17.85
C LYS C 500 -13.73 -74.08 -16.89
N LYS C 501 -12.44 -73.79 -16.81
CA LYS C 501 -11.98 -72.76 -15.87
C LYS C 501 -11.64 -71.42 -16.51
N TYR C 502 -12.32 -70.37 -16.06
CA TYR C 502 -12.09 -69.03 -16.60
C TYR C 502 -11.38 -68.08 -15.63
N PRO C 503 -10.53 -67.20 -16.15
CA PRO C 503 -9.86 -66.25 -15.24
C PRO C 503 -10.98 -65.33 -14.74
N LEU C 504 -10.79 -64.75 -13.55
CA LEU C 504 -11.82 -63.90 -12.95
C LEU C 504 -11.33 -62.47 -12.65
N LEU C 505 -12.10 -61.47 -13.06
CA LEU C 505 -11.75 -60.07 -12.76
C LEU C 505 -12.84 -59.51 -11.86
N ILE C 506 -12.46 -58.97 -10.70
CA ILE C 506 -13.44 -58.36 -9.81
C ILE C 506 -13.35 -56.87 -10.09
N GLU C 507 -14.49 -56.25 -10.40
CA GLU C 507 -14.54 -54.82 -10.67
C GLU C 507 -15.24 -54.29 -9.42
N VAL C 508 -14.59 -53.39 -8.72
CA VAL C 508 -15.16 -52.93 -7.46
C VAL C 508 -15.32 -51.41 -7.33
N TYR C 509 -16.31 -51.02 -6.52
CA TYR C 509 -16.56 -49.62 -6.13
C TYR C 509 -16.46 -49.83 -4.59
N ALA C 510 -17.53 -50.35 -4.00
CA ALA C 510 -17.62 -50.71 -2.56
C ALA C 510 -17.58 -49.58 -1.54
N GLY C 511 -17.83 -48.35 -1.97
CA GLY C 511 -17.84 -47.26 -1.01
C GLY C 511 -19.19 -47.20 -0.32
N PRO C 512 -19.32 -46.35 0.71
CA PRO C 512 -20.61 -46.25 1.41
C PRO C 512 -21.75 -45.88 0.43
N CYS C 513 -22.85 -46.63 0.52
CA CYS C 513 -24.05 -46.49 -0.32
C CYS C 513 -23.84 -46.76 -1.82
N SER C 514 -22.81 -47.55 -2.12
CA SER C 514 -22.54 -47.94 -3.49
C SER C 514 -23.43 -49.14 -3.87
N GLN C 515 -23.57 -49.31 -5.18
CA GLN C 515 -24.29 -50.44 -5.73
C GLN C 515 -23.67 -50.70 -7.08
N LYS C 516 -22.77 -51.68 -7.14
CA LYS C 516 -22.11 -52.08 -8.38
C LYS C 516 -22.92 -53.22 -9.00
N VAL C 517 -23.89 -53.74 -8.26
CA VAL C 517 -24.67 -54.86 -8.77
C VAL C 517 -26.04 -54.43 -9.17
N ASP C 518 -26.33 -54.39 -10.46
CA ASP C 518 -27.66 -53.98 -10.89
C ASP C 518 -28.06 -54.55 -12.23
N THR C 519 -29.26 -54.18 -12.66
CA THR C 519 -29.76 -54.68 -13.93
C THR C 519 -29.68 -53.70 -15.08
N VAL C 520 -28.73 -52.78 -15.02
CA VAL C 520 -28.55 -51.80 -16.07
C VAL C 520 -27.75 -52.43 -17.21
N PHE C 521 -28.15 -52.12 -18.45
CA PHE C 521 -27.44 -52.63 -19.62
C PHE C 521 -26.25 -51.71 -19.88
N ARG C 522 -25.06 -52.28 -19.97
CA ARG C 522 -23.85 -51.50 -20.23
C ARG C 522 -22.94 -52.15 -21.27
N LEU C 523 -22.42 -51.33 -22.18
CA LEU C 523 -21.46 -51.80 -23.16
C LEU C 523 -20.20 -51.23 -22.50
N SER C 524 -19.42 -52.07 -21.85
CA SER C 524 -18.25 -51.57 -21.14
C SER C 524 -16.99 -52.32 -21.44
N TRP C 525 -15.91 -51.92 -20.75
CA TRP C 525 -14.62 -52.59 -20.89
C TRP C 525 -14.82 -54.05 -20.50
N ALA C 526 -15.64 -54.30 -19.48
CA ALA C 526 -15.91 -55.67 -19.04
C ALA C 526 -16.64 -56.46 -20.17
N THR C 527 -17.43 -55.79 -20.99
CA THR C 527 -18.13 -56.46 -22.07
C THR C 527 -17.09 -57.11 -22.96
N TYR C 528 -16.09 -56.30 -23.32
CA TYR C 528 -14.98 -56.71 -24.16
C TYR C 528 -14.15 -57.83 -23.52
N LEU C 529 -13.85 -57.73 -22.23
CA LEU C 529 -13.06 -58.77 -21.56
C LEU C 529 -13.78 -60.14 -21.56
N ALA C 530 -15.10 -60.13 -21.43
CA ALA C 530 -15.82 -61.38 -21.42
C ALA C 530 -16.03 -61.90 -22.84
N SER C 531 -16.47 -61.03 -23.74
CA SER C 531 -16.75 -61.41 -25.12
C SER C 531 -15.52 -61.83 -25.92
N THR C 532 -14.52 -60.95 -25.95
CA THR C 532 -13.29 -61.23 -26.69
C THR C 532 -12.23 -62.02 -25.91
N GLU C 533 -11.92 -61.60 -24.69
CA GLU C 533 -10.86 -62.30 -23.95
C GLU C 533 -11.28 -63.49 -23.12
N ASN C 534 -12.59 -63.73 -23.02
CA ASN C 534 -13.10 -64.84 -22.23
C ASN C 534 -12.80 -64.79 -20.74
N ILE C 535 -12.91 -63.59 -20.20
CA ILE C 535 -12.66 -63.36 -18.77
C ILE C 535 -13.99 -63.11 -18.06
N ILE C 536 -14.21 -63.78 -16.94
CA ILE C 536 -15.44 -63.52 -16.21
C ILE C 536 -15.21 -62.22 -15.41
N VAL C 537 -16.13 -61.27 -15.49
CA VAL C 537 -15.95 -60.05 -14.72
C VAL C 537 -17.09 -60.04 -13.72
N ALA C 538 -16.73 -59.97 -12.44
CA ALA C 538 -17.69 -59.98 -11.35
C ALA C 538 -17.62 -58.77 -10.45
N SER C 539 -18.77 -58.43 -9.88
CA SER C 539 -18.86 -57.33 -8.93
C SER C 539 -19.69 -57.83 -7.76
N PHE C 540 -19.44 -57.32 -6.57
CA PHE C 540 -20.16 -57.74 -5.37
C PHE C 540 -20.48 -56.55 -4.49
N ASP C 541 -21.69 -56.52 -3.90
CA ASP C 541 -22.11 -55.45 -2.99
C ASP C 541 -22.21 -56.02 -1.58
N GLY C 542 -21.25 -55.69 -0.73
CA GLY C 542 -21.26 -56.20 0.63
C GLY C 542 -21.62 -55.17 1.69
N ARG C 543 -20.98 -55.28 2.84
CA ARG C 543 -21.22 -54.32 3.91
C ARG C 543 -20.82 -52.93 3.45
N GLY C 544 -21.67 -51.98 3.80
CA GLY C 544 -21.46 -50.60 3.42
C GLY C 544 -22.25 -50.22 2.17
N SER C 545 -22.63 -51.20 1.35
CA SER C 545 -23.36 -50.90 0.12
C SER C 545 -24.73 -50.35 0.42
N GLY C 546 -25.38 -49.67 -0.52
CA GLY C 546 -26.68 -49.08 -0.20
C GLY C 546 -27.94 -49.76 -0.71
N TYR C 547 -29.08 -49.10 -0.50
CA TYR C 547 -30.41 -49.54 -0.95
C TYR C 547 -30.90 -50.85 -0.34
N GLN C 548 -30.30 -51.27 0.76
CA GLN C 548 -30.64 -52.51 1.43
C GLN C 548 -30.81 -52.29 2.92
N GLY C 549 -31.09 -51.05 3.33
CA GLY C 549 -31.23 -50.76 4.74
C GLY C 549 -29.93 -50.29 5.38
N ASP C 550 -30.07 -49.51 6.43
CA ASP C 550 -28.97 -48.93 7.20
C ASP C 550 -28.06 -49.91 7.93
N LYS C 551 -28.59 -51.08 8.30
CA LYS C 551 -27.78 -52.06 9.00
C LYS C 551 -26.61 -52.40 8.10
N ILE C 552 -26.90 -52.65 6.83
CA ILE C 552 -25.85 -52.97 5.88
C ILE C 552 -25.02 -51.73 5.49
N MET C 553 -25.70 -50.62 5.17
CA MET C 553 -25.02 -49.40 4.75
C MET C 553 -24.11 -48.77 5.82
N HIS C 554 -24.61 -48.66 7.05
CA HIS C 554 -23.83 -48.07 8.16
C HIS C 554 -22.82 -48.98 8.82
N ALA C 555 -22.68 -50.21 8.35
CA ALA C 555 -21.72 -51.11 8.97
C ALA C 555 -20.29 -50.59 8.87
N ILE C 556 -19.98 -49.77 7.87
CA ILE C 556 -18.61 -49.24 7.79
C ILE C 556 -18.48 -47.84 8.38
N ASN C 557 -19.50 -47.40 9.10
CA ASN C 557 -19.47 -46.06 9.71
C ASN C 557 -18.18 -45.93 10.52
N ARG C 558 -17.46 -44.84 10.30
CA ARG C 558 -16.20 -44.57 11.00
C ARG C 558 -15.12 -45.62 10.83
N ARG C 559 -15.25 -46.54 9.88
CA ARG C 559 -14.22 -47.53 9.67
C ARG C 559 -14.07 -47.91 8.20
N LEU C 560 -13.92 -46.89 7.35
CA LEU C 560 -13.74 -47.14 5.91
C LEU C 560 -12.50 -47.99 5.71
N GLY C 561 -12.51 -48.83 4.70
CA GLY C 561 -11.33 -49.66 4.47
C GLY C 561 -11.31 -50.94 5.27
N THR C 562 -12.37 -51.23 6.04
CA THR C 562 -12.39 -52.47 6.84
C THR C 562 -13.37 -53.52 6.30
N PHE C 563 -14.62 -53.46 6.74
CA PHE C 563 -15.58 -54.49 6.30
C PHE C 563 -15.88 -54.62 4.82
N GLU C 564 -15.89 -53.50 4.09
CA GLU C 564 -16.18 -53.58 2.66
C GLU C 564 -15.04 -54.26 1.92
N VAL C 565 -13.82 -54.01 2.39
CA VAL C 565 -12.63 -54.59 1.80
C VAL C 565 -12.62 -56.08 2.12
N GLU C 566 -12.86 -56.41 3.38
CA GLU C 566 -12.89 -57.81 3.79
C GLU C 566 -14.00 -58.57 3.06
N ASP C 567 -15.14 -57.93 2.79
CA ASP C 567 -16.21 -58.66 2.10
C ASP C 567 -15.90 -58.96 0.64
N GLN C 568 -15.13 -58.08 0.00
CA GLN C 568 -14.75 -58.34 -1.41
C GLN C 568 -13.85 -59.57 -1.42
N ILE C 569 -12.96 -59.66 -0.44
CA ILE C 569 -12.06 -60.80 -0.38
C ILE C 569 -12.86 -62.11 -0.16
N GLU C 570 -13.70 -62.13 0.88
CA GLU C 570 -14.52 -63.29 1.21
C GLU C 570 -15.48 -63.67 0.08
N ALA C 571 -16.14 -62.71 -0.55
CA ALA C 571 -17.02 -63.03 -1.67
C ALA C 571 -16.20 -63.68 -2.79
N THR C 572 -15.01 -63.15 -3.07
CA THR C 572 -14.18 -63.69 -4.14
C THR C 572 -13.70 -65.09 -3.77
N ARG C 573 -13.56 -65.35 -2.47
CA ARG C 573 -13.12 -66.66 -2.02
C ARG C 573 -14.20 -67.69 -2.42
N GLN C 574 -15.45 -67.31 -2.24
CA GLN C 574 -16.54 -68.19 -2.61
C GLN C 574 -16.67 -68.28 -4.13
N PHE C 575 -16.33 -67.22 -4.86
CA PHE C 575 -16.45 -67.30 -6.32
C PHE C 575 -15.46 -68.33 -6.82
N SER C 576 -14.24 -68.30 -6.29
CA SER C 576 -13.23 -69.24 -6.72
C SER C 576 -13.59 -70.68 -6.31
N LYS C 577 -14.51 -70.84 -5.36
CA LYS C 577 -14.96 -72.15 -4.88
C LYS C 577 -15.89 -72.73 -5.94
N MET C 578 -16.41 -71.85 -6.80
CA MET C 578 -17.28 -72.30 -7.87
C MET C 578 -16.34 -72.97 -8.87
N GLY C 579 -16.76 -74.12 -9.37
CA GLY C 579 -15.92 -74.88 -10.28
C GLY C 579 -15.54 -74.31 -11.62
N PHE C 580 -16.03 -73.12 -11.96
CA PHE C 580 -15.71 -72.53 -13.25
C PHE C 580 -14.72 -71.35 -13.20
N VAL C 581 -14.08 -71.16 -12.05
CA VAL C 581 -13.11 -70.08 -11.87
C VAL C 581 -11.67 -70.54 -11.66
N ASP C 582 -10.75 -70.10 -12.52
CA ASP C 582 -9.36 -70.48 -12.37
C ASP C 582 -8.74 -69.65 -11.24
N ASP C 583 -8.78 -70.21 -10.03
CA ASP C 583 -8.24 -69.55 -8.84
C ASP C 583 -6.80 -69.10 -8.99
N LYS C 584 -6.13 -69.57 -10.03
CA LYS C 584 -4.75 -69.17 -10.26
C LYS C 584 -4.71 -67.83 -11.01
N ARG C 585 -5.87 -67.38 -11.48
CA ARG C 585 -5.91 -66.12 -12.22
C ARG C 585 -7.06 -65.24 -11.80
N ILE C 586 -6.93 -64.63 -10.63
CA ILE C 586 -7.96 -63.72 -10.13
C ILE C 586 -7.31 -62.35 -10.00
N ALA C 587 -8.02 -61.34 -10.49
CA ALA C 587 -7.53 -59.97 -10.47
C ALA C 587 -8.65 -59.08 -9.93
N ILE C 588 -8.31 -57.85 -9.57
CA ILE C 588 -9.32 -56.92 -9.08
C ILE C 588 -8.96 -55.51 -9.52
N TRP C 589 -9.96 -54.70 -9.86
CA TRP C 589 -9.64 -53.35 -10.29
C TRP C 589 -10.75 -52.41 -9.93
N GLY C 590 -10.41 -51.13 -9.85
CA GLY C 590 -11.42 -50.15 -9.53
C GLY C 590 -10.89 -48.74 -9.69
N TRP C 591 -11.82 -47.81 -9.75
CA TRP C 591 -11.57 -46.39 -9.94
C TRP C 591 -12.07 -45.68 -8.68
N SER C 592 -11.37 -44.61 -8.28
CA SER C 592 -11.79 -43.82 -7.13
C SER C 592 -11.85 -44.63 -5.86
N TYR C 593 -13.02 -44.69 -5.22
CA TYR C 593 -13.15 -45.49 -3.99
C TYR C 593 -12.81 -46.93 -4.38
N GLY C 594 -13.19 -47.33 -5.59
CA GLY C 594 -12.87 -48.68 -6.06
C GLY C 594 -11.37 -48.89 -6.19
N GLY C 595 -10.63 -47.83 -6.52
CA GLY C 595 -9.18 -47.97 -6.61
C GLY C 595 -8.57 -48.11 -5.20
N TYR C 596 -9.18 -47.44 -4.25
CA TYR C 596 -8.77 -47.52 -2.84
C TYR C 596 -9.01 -48.98 -2.32
N VAL C 597 -10.20 -49.51 -2.57
CA VAL C 597 -10.53 -50.87 -2.13
C VAL C 597 -9.64 -51.87 -2.85
N THR C 598 -9.50 -51.70 -4.16
CA THR C 598 -8.59 -52.58 -4.89
C THR C 598 -7.22 -52.59 -4.22
N SER C 599 -6.69 -51.41 -3.88
CA SER C 599 -5.38 -51.34 -3.23
C SER C 599 -5.40 -51.97 -1.82
N MET C 600 -6.46 -51.75 -1.07
CA MET C 600 -6.54 -52.34 0.28
C MET C 600 -6.66 -53.86 0.19
N VAL C 601 -7.38 -54.36 -0.82
CA VAL C 601 -7.52 -55.81 -1.00
C VAL C 601 -6.18 -56.41 -1.39
N LEU C 602 -5.47 -55.77 -2.32
CA LEU C 602 -4.16 -56.28 -2.72
C LEU C 602 -3.17 -56.22 -1.54
N GLY C 603 -3.31 -55.20 -0.69
CA GLY C 603 -2.43 -55.07 0.48
C GLY C 603 -2.84 -55.95 1.66
N ALA C 604 -3.97 -56.64 1.56
CA ALA C 604 -4.43 -57.50 2.65
C ALA C 604 -3.64 -58.80 2.83
N GLY C 605 -2.86 -59.21 1.83
CA GLY C 605 -2.11 -60.44 1.96
C GLY C 605 -3.07 -61.62 2.07
N SER C 606 -4.13 -61.61 1.27
CA SER C 606 -5.10 -62.69 1.31
C SER C 606 -4.64 -63.88 0.48
N GLY C 607 -3.67 -63.66 -0.41
CA GLY C 607 -3.20 -64.73 -1.27
C GLY C 607 -4.19 -65.08 -2.38
N VAL C 608 -5.36 -64.44 -2.36
CA VAL C 608 -6.42 -64.70 -3.32
C VAL C 608 -6.23 -64.03 -4.69
N PHE C 609 -5.69 -62.82 -4.70
CA PHE C 609 -5.52 -62.09 -5.95
C PHE C 609 -4.09 -62.05 -6.51
N LYS C 610 -3.95 -62.37 -7.80
CA LYS C 610 -2.65 -62.35 -8.46
C LYS C 610 -2.19 -60.92 -8.81
N CYS C 611 -3.12 -60.10 -9.28
CA CYS C 611 -2.78 -58.75 -9.67
C CYS C 611 -3.99 -57.81 -9.53
N GLY C 612 -3.75 -56.50 -9.67
CA GLY C 612 -4.84 -55.54 -9.58
C GLY C 612 -4.43 -54.21 -10.16
N ILE C 613 -5.43 -53.38 -10.45
CA ILE C 613 -5.20 -52.07 -11.05
C ILE C 613 -6.04 -51.05 -10.30
N ALA C 614 -5.41 -50.00 -9.80
CA ALA C 614 -6.13 -48.95 -9.09
C ALA C 614 -6.06 -47.69 -9.94
N VAL C 615 -7.20 -47.07 -10.23
CA VAL C 615 -7.18 -45.86 -11.04
C VAL C 615 -7.64 -44.70 -10.16
N ALA C 616 -6.83 -43.63 -10.12
CA ALA C 616 -7.09 -42.45 -9.29
C ALA C 616 -7.64 -42.82 -7.91
N PRO C 617 -6.92 -43.68 -7.18
CA PRO C 617 -7.37 -44.10 -5.85
C PRO C 617 -7.11 -43.15 -4.71
N VAL C 618 -7.96 -43.25 -3.70
CA VAL C 618 -7.71 -42.52 -2.48
C VAL C 618 -6.62 -43.41 -1.82
N SER C 619 -5.60 -42.82 -1.21
CA SER C 619 -4.62 -43.65 -0.51
C SER C 619 -4.60 -43.36 1.01
N LYS C 620 -5.12 -42.21 1.42
CA LYS C 620 -5.13 -41.82 2.82
C LYS C 620 -6.25 -40.82 2.96
N TRP C 621 -7.19 -41.08 3.88
CA TRP C 621 -8.36 -40.25 4.01
C TRP C 621 -8.19 -38.77 4.31
N GLU C 622 -7.12 -38.44 5.02
CA GLU C 622 -6.82 -37.06 5.33
C GLU C 622 -6.54 -36.26 4.07
N TYR C 623 -6.23 -36.94 2.97
CA TYR C 623 -5.97 -36.26 1.71
C TYR C 623 -7.26 -35.98 0.94
N TYR C 624 -8.37 -36.63 1.27
CA TYR C 624 -9.62 -36.40 0.55
C TYR C 624 -10.43 -35.25 1.15
N ASP C 625 -11.49 -34.80 0.46
CA ASP C 625 -12.24 -33.67 0.97
C ASP C 625 -13.01 -33.91 2.28
N SER C 626 -13.23 -32.81 2.98
CA SER C 626 -13.91 -32.82 4.27
C SER C 626 -15.37 -33.31 4.25
N VAL C 627 -16.19 -32.75 3.35
CA VAL C 627 -17.60 -33.13 3.33
C VAL C 627 -17.80 -34.64 3.16
N TYR C 628 -17.18 -35.24 2.14
CA TYR C 628 -17.33 -36.67 1.95
C TYR C 628 -16.62 -37.48 3.03
N THR C 629 -15.34 -37.19 3.25
CA THR C 629 -14.64 -37.98 4.24
C THR C 629 -15.23 -37.97 5.67
N GLU C 630 -15.49 -36.78 6.20
CA GLU C 630 -16.01 -36.67 7.55
C GLU C 630 -17.39 -37.28 7.75
N ARG C 631 -18.17 -37.32 6.67
CA ARG C 631 -19.51 -37.90 6.74
C ARG C 631 -19.40 -39.30 7.33
N TYR C 632 -18.39 -40.06 6.87
CA TYR C 632 -18.21 -41.44 7.32
C TYR C 632 -17.15 -41.66 8.39
N MET C 633 -16.16 -40.76 8.45
CA MET C 633 -15.06 -40.96 9.37
C MET C 633 -14.93 -40.04 10.57
N GLY C 634 -15.73 -39.00 10.64
CA GLY C 634 -15.59 -38.06 11.74
C GLY C 634 -14.32 -37.23 11.52
N LEU C 635 -13.77 -36.66 12.58
CA LEU C 635 -12.56 -35.82 12.46
C LEU C 635 -11.28 -36.61 12.69
N PRO C 636 -10.20 -36.21 11.99
CA PRO C 636 -8.99 -37.00 12.24
C PRO C 636 -8.21 -36.44 13.44
N THR C 637 -8.82 -36.48 14.61
CA THR C 637 -8.20 -36.00 15.84
C THR C 637 -8.18 -37.10 16.89
N PRO C 638 -7.20 -37.04 17.80
CA PRO C 638 -7.16 -38.09 18.83
C PRO C 638 -8.44 -38.09 19.65
N GLU C 639 -9.08 -36.94 19.77
CA GLU C 639 -10.32 -36.86 20.52
C GLU C 639 -11.47 -37.51 19.74
N ASP C 640 -11.30 -37.66 18.43
CA ASP C 640 -12.35 -38.27 17.64
C ASP C 640 -11.98 -39.58 16.97
N ASN C 641 -11.68 -39.57 15.67
CA ASN C 641 -11.42 -40.84 14.98
C ASN C 641 -10.04 -41.01 14.33
N LEU C 642 -9.04 -40.29 14.81
CA LEU C 642 -7.70 -40.39 14.23
C LEU C 642 -7.17 -41.81 14.14
N ASP C 643 -7.44 -42.64 15.15
CA ASP C 643 -6.96 -44.02 15.14
C ASP C 643 -7.40 -44.78 13.90
N TYR C 644 -8.66 -44.62 13.50
CA TYR C 644 -9.14 -45.34 12.34
C TYR C 644 -8.71 -44.67 11.02
N TYR C 645 -8.31 -43.41 11.10
CA TYR C 645 -7.82 -42.71 9.92
C TYR C 645 -6.44 -43.27 9.65
N ARG C 646 -5.66 -43.39 10.73
CA ARG C 646 -4.28 -43.83 10.63
C ARG C 646 -4.05 -45.25 10.17
N ASN C 647 -4.87 -46.19 10.61
CA ASN C 647 -4.61 -47.54 10.16
C ASN C 647 -5.43 -47.94 8.93
N SER C 648 -6.02 -46.98 8.21
CA SER C 648 -6.82 -47.30 7.00
C SER C 648 -6.18 -46.75 5.72
N THR C 649 -4.90 -46.39 5.81
CA THR C 649 -4.21 -45.89 4.64
C THR C 649 -3.72 -47.11 3.87
N VAL C 650 -3.47 -46.92 2.57
CA VAL C 650 -2.95 -48.01 1.77
C VAL C 650 -1.48 -48.19 2.09
N MET C 651 -0.81 -47.07 2.36
CA MET C 651 0.62 -47.10 2.69
C MET C 651 0.93 -48.07 3.83
N SER C 652 0.04 -48.20 4.80
CA SER C 652 0.29 -49.11 5.91
C SER C 652 0.37 -50.60 5.49
N ARG C 653 -0.13 -50.94 4.31
CA ARG C 653 -0.09 -52.32 3.85
C ARG C 653 0.92 -52.53 2.73
N ALA C 654 1.86 -51.60 2.62
CA ALA C 654 2.86 -51.65 1.55
C ALA C 654 3.61 -52.96 1.40
N GLU C 655 4.01 -53.54 2.53
CA GLU C 655 4.77 -54.78 2.54
C GLU C 655 4.05 -55.93 1.81
N ASN C 656 2.75 -56.07 2.03
CA ASN C 656 1.99 -57.12 1.39
C ASN C 656 1.93 -56.99 -0.14
N PHE C 657 2.18 -55.80 -0.68
CA PHE C 657 2.16 -55.64 -2.14
C PHE C 657 3.26 -56.45 -2.80
N LYS C 658 4.22 -56.91 -2.02
CA LYS C 658 5.31 -57.71 -2.58
C LYS C 658 4.76 -59.02 -3.14
N GLN C 659 3.57 -59.42 -2.68
CA GLN C 659 2.96 -60.66 -3.16
C GLN C 659 2.07 -60.55 -4.39
N VAL C 660 1.95 -59.35 -4.99
CA VAL C 660 1.06 -59.17 -6.14
C VAL C 660 1.68 -58.29 -7.22
N GLU C 661 1.07 -58.27 -8.41
CA GLU C 661 1.52 -57.39 -9.51
C GLU C 661 0.52 -56.25 -9.45
N TYR C 662 0.97 -55.03 -9.25
CA TYR C 662 0.08 -53.88 -9.12
C TYR C 662 0.33 -52.83 -10.20
N LEU C 663 -0.75 -52.20 -10.67
CA LEU C 663 -0.65 -51.14 -11.67
C LEU C 663 -1.40 -49.95 -11.06
N LEU C 664 -0.71 -48.81 -10.88
CA LEU C 664 -1.31 -47.62 -10.25
C LEU C 664 -1.38 -46.48 -11.28
N ILE C 665 -2.60 -46.00 -11.55
CA ILE C 665 -2.83 -44.98 -12.57
C ILE C 665 -3.45 -43.72 -12.01
N HIS C 666 -3.04 -42.56 -12.51
CA HIS C 666 -3.60 -41.32 -11.98
C HIS C 666 -3.37 -40.16 -12.96
N GLY C 667 -4.35 -39.28 -13.13
CA GLY C 667 -4.17 -38.13 -13.99
C GLY C 667 -3.53 -37.01 -13.17
N THR C 668 -2.55 -36.31 -13.73
CA THR C 668 -1.85 -35.27 -12.98
C THR C 668 -2.67 -34.03 -12.64
N ALA C 669 -3.76 -33.82 -13.40
CA ALA C 669 -4.63 -32.67 -13.14
C ALA C 669 -5.90 -33.06 -12.41
N ASP C 670 -5.85 -34.12 -11.61
CA ASP C 670 -7.03 -34.56 -10.85
C ASP C 670 -7.28 -33.56 -9.74
N ASP C 671 -8.38 -32.82 -9.83
CA ASP C 671 -8.78 -31.81 -8.86
C ASP C 671 -9.61 -32.42 -7.75
N ASN C 672 -9.98 -33.69 -7.91
CA ASN C 672 -10.88 -34.37 -6.97
C ASN C 672 -10.08 -35.26 -6.02
N VAL C 673 -9.48 -36.32 -6.57
CA VAL C 673 -8.59 -37.20 -5.80
C VAL C 673 -7.23 -36.72 -6.34
N HIS C 674 -6.57 -35.88 -5.56
CA HIS C 674 -5.31 -35.32 -5.99
C HIS C 674 -4.23 -36.33 -6.34
N PHE C 675 -3.44 -36.01 -7.36
CA PHE C 675 -2.35 -36.86 -7.82
C PHE C 675 -1.49 -37.22 -6.59
N GLN C 676 -1.42 -36.28 -5.66
CA GLN C 676 -0.73 -36.39 -4.40
C GLN C 676 -1.04 -37.75 -3.75
N GLN C 677 -2.27 -38.21 -3.85
CA GLN C 677 -2.64 -39.48 -3.23
C GLN C 677 -1.80 -40.63 -3.80
N SER C 678 -1.65 -40.70 -5.13
CA SER C 678 -0.86 -41.77 -5.70
C SER C 678 0.61 -41.48 -5.57
N ALA C 679 0.98 -40.21 -5.59
CA ALA C 679 2.40 -39.88 -5.43
C ALA C 679 2.89 -40.38 -4.03
N GLN C 680 2.08 -40.17 -3.00
CA GLN C 680 2.45 -40.61 -1.64
C GLN C 680 2.44 -42.13 -1.53
N LEU C 681 1.51 -42.79 -2.23
CA LEU C 681 1.45 -44.23 -2.18
C LEU C 681 2.65 -44.83 -2.89
N SER C 682 2.98 -44.29 -4.07
CA SER C 682 4.11 -44.87 -4.79
C SER C 682 5.39 -44.70 -3.98
N LYS C 683 5.51 -43.56 -3.29
CA LYS C 683 6.72 -43.31 -2.50
C LYS C 683 6.82 -44.35 -1.38
N ALA C 684 5.69 -44.66 -0.74
CA ALA C 684 5.72 -45.65 0.35
C ALA C 684 6.07 -47.04 -0.19
N LEU C 685 5.57 -47.37 -1.39
CA LEU C 685 5.89 -48.68 -1.96
C LEU C 685 7.38 -48.72 -2.29
N VAL C 686 7.90 -47.62 -2.85
CA VAL C 686 9.32 -47.56 -3.19
C VAL C 686 10.17 -47.72 -1.92
N ASP C 687 9.82 -46.96 -0.89
CA ASP C 687 10.52 -46.99 0.40
C ASP C 687 10.57 -48.40 0.96
N ALA C 688 9.54 -49.19 0.67
CA ALA C 688 9.44 -50.55 1.17
C ALA C 688 10.10 -51.56 0.24
N GLY C 689 10.67 -51.10 -0.88
CA GLY C 689 11.32 -52.03 -1.81
C GLY C 689 10.34 -52.86 -2.61
N VAL C 690 9.14 -52.34 -2.82
CA VAL C 690 8.14 -53.10 -3.59
C VAL C 690 8.18 -52.77 -5.09
N ASP C 691 8.24 -53.76 -5.99
CA ASP C 691 8.19 -53.40 -7.41
C ASP C 691 6.72 -53.40 -7.84
N PHE C 692 6.40 -52.46 -8.69
CA PHE C 692 5.04 -52.32 -9.19
C PHE C 692 5.15 -51.44 -10.42
N GLN C 693 4.00 -51.23 -11.06
CA GLN C 693 3.95 -50.40 -12.24
C GLN C 693 3.10 -49.17 -12.00
N THR C 694 3.41 -48.15 -12.74
CA THR C 694 2.67 -46.93 -12.58
C THR C 694 2.37 -46.35 -13.96
N MET C 695 1.43 -45.42 -14.04
CA MET C 695 1.14 -44.73 -15.28
C MET C 695 0.49 -43.39 -14.97
N TRP C 696 1.20 -42.29 -15.24
CA TRP C 696 0.60 -40.99 -15.02
C TRP C 696 -0.04 -40.54 -16.33
N TYR C 697 -1.09 -39.71 -16.24
CA TYR C 697 -1.74 -39.18 -17.45
C TYR C 697 -1.72 -37.65 -17.38
N THR C 698 -0.83 -37.08 -18.18
CA THR C 698 -0.62 -35.64 -18.19
C THR C 698 -1.85 -34.84 -18.47
N ASP C 699 -2.18 -33.93 -17.54
CA ASP C 699 -3.30 -33.02 -17.67
C ASP C 699 -4.71 -33.64 -17.69
N GLU C 700 -4.80 -34.93 -17.38
CA GLU C 700 -6.11 -35.56 -17.33
C GLU C 700 -6.67 -35.35 -15.91
N ASP C 701 -7.99 -35.23 -15.82
CA ASP C 701 -8.56 -35.01 -14.51
C ASP C 701 -9.09 -36.33 -13.96
N HIS C 702 -10.04 -36.26 -13.02
CA HIS C 702 -10.53 -37.49 -12.38
C HIS C 702 -11.17 -38.50 -13.35
N GLY C 703 -11.71 -38.04 -14.46
CA GLY C 703 -12.33 -38.96 -15.42
C GLY C 703 -11.32 -39.54 -16.42
N ILE C 704 -10.12 -38.95 -16.54
CA ILE C 704 -9.15 -39.41 -17.52
C ILE C 704 -10.00 -39.70 -18.77
N ALA C 705 -10.76 -38.67 -19.11
CA ALA C 705 -11.75 -38.78 -20.14
C ALA C 705 -11.55 -38.11 -21.50
N SER C 706 -10.39 -37.52 -21.74
CA SER C 706 -10.19 -36.93 -23.06
C SER C 706 -10.21 -38.16 -23.99
N ASN C 707 -10.62 -37.97 -25.24
CA ASN C 707 -10.70 -39.08 -26.18
C ASN C 707 -9.46 -39.98 -26.26
N MET C 708 -8.29 -39.39 -26.48
CA MET C 708 -7.08 -40.18 -26.60
C MET C 708 -6.68 -40.83 -25.28
N ALA C 709 -6.88 -40.13 -24.17
CA ALA C 709 -6.51 -40.70 -22.85
C ALA C 709 -7.39 -41.90 -22.53
N HIS C 710 -8.68 -41.77 -22.79
CA HIS C 710 -9.65 -42.83 -22.53
C HIS C 710 -9.20 -44.10 -23.26
N GLN C 711 -8.83 -43.94 -24.54
CA GLN C 711 -8.40 -45.10 -25.32
C GLN C 711 -7.09 -45.64 -24.78
N HIS C 712 -6.19 -44.73 -24.41
CA HIS C 712 -4.88 -45.14 -23.90
C HIS C 712 -4.95 -45.93 -22.58
N ILE C 713 -5.74 -45.45 -21.61
CA ILE C 713 -5.81 -46.16 -20.34
C ILE C 713 -6.39 -47.57 -20.45
N TYR C 714 -7.52 -47.69 -21.13
CA TYR C 714 -8.12 -49.02 -21.30
C TYR C 714 -7.23 -49.92 -22.12
N THR C 715 -6.50 -49.36 -23.08
CA THR C 715 -5.60 -50.21 -23.85
C THR C 715 -4.44 -50.67 -22.97
N HIS C 716 -3.93 -49.76 -22.14
CA HIS C 716 -2.79 -50.08 -21.27
C HIS C 716 -3.24 -51.12 -20.25
N MET C 717 -4.42 -50.95 -19.66
CA MET C 717 -4.89 -51.91 -18.66
C MET C 717 -5.18 -53.29 -19.28
N SER C 718 -5.70 -53.31 -20.52
CA SER C 718 -6.01 -54.56 -21.20
C SER C 718 -4.69 -55.34 -21.34
N HIS C 719 -3.61 -54.65 -21.69
CA HIS C 719 -2.32 -55.31 -21.84
C HIS C 719 -1.86 -55.90 -20.50
N PHE C 720 -1.93 -55.09 -19.45
CA PHE C 720 -1.53 -55.52 -18.11
C PHE C 720 -2.29 -56.76 -17.65
N LEU C 721 -3.61 -56.72 -17.74
CA LEU C 721 -4.45 -57.85 -17.33
C LEU C 721 -4.16 -59.10 -18.16
N LYS C 722 -4.02 -58.94 -19.46
CA LYS C 722 -3.75 -60.07 -20.32
C LYS C 722 -2.39 -60.70 -20.01
N GLN C 723 -1.38 -59.88 -19.68
CA GLN C 723 -0.07 -60.44 -19.31
C GLN C 723 -0.23 -61.18 -17.97
N CYS C 724 -0.93 -60.57 -17.02
CA CYS C 724 -1.15 -61.20 -15.73
C CYS C 724 -1.86 -62.55 -15.92
N PHE C 725 -2.78 -62.61 -16.89
CA PHE C 725 -3.53 -63.84 -17.14
C PHE C 725 -2.93 -64.75 -18.20
N SER C 726 -1.75 -64.37 -18.71
CA SER C 726 -1.09 -65.13 -19.77
C SER C 726 -1.99 -65.29 -21.02
N LEU C 727 -2.71 -64.22 -21.37
CA LEU C 727 -3.61 -64.26 -22.52
C LEU C 727 -2.97 -63.61 -23.75
N PRO C 728 -3.28 -64.13 -24.95
CA PRO C 728 -2.71 -63.56 -26.18
C PRO C 728 -3.59 -62.47 -26.77
N SER D 1 31.40 -71.84 -11.38
CA SER D 1 31.65 -72.04 -9.92
C SER D 1 31.70 -70.73 -9.14
N ARG D 2 32.31 -69.71 -9.75
CA ARG D 2 32.41 -68.42 -9.09
C ARG D 2 31.14 -67.59 -9.25
N ARG D 3 30.88 -66.76 -8.23
CA ARG D 3 29.74 -65.87 -8.23
C ARG D 3 29.89 -64.95 -9.44
N THR D 4 28.78 -64.29 -9.80
CA THR D 4 28.79 -63.32 -10.88
C THR D 4 28.55 -62.03 -10.12
N TYR D 5 28.79 -60.89 -10.76
CA TYR D 5 28.56 -59.61 -10.09
C TYR D 5 27.07 -59.37 -10.24
N THR D 6 26.35 -59.43 -9.13
CA THR D 6 24.90 -59.30 -9.18
C THR D 6 24.33 -57.88 -9.09
N LEU D 7 23.01 -57.80 -9.30
CA LEU D 7 22.32 -56.52 -9.21
C LEU D 7 22.46 -56.03 -7.78
N THR D 8 22.27 -56.93 -6.82
CA THR D 8 22.39 -56.63 -5.39
C THR D 8 23.81 -56.14 -5.07
N ASP D 9 24.82 -56.78 -5.65
CA ASP D 9 26.21 -56.34 -5.44
C ASP D 9 26.31 -54.88 -5.88
N TYR D 10 25.74 -54.57 -7.04
CA TYR D 10 25.78 -53.20 -7.53
C TYR D 10 24.98 -52.23 -6.65
N LEU D 11 23.73 -52.57 -6.33
CA LEU D 11 22.87 -51.69 -5.54
C LEU D 11 23.35 -51.43 -4.13
N LYS D 12 23.93 -52.45 -3.49
CA LYS D 12 24.39 -52.28 -2.12
C LYS D 12 25.90 -52.10 -2.00
N SER D 13 26.56 -51.96 -3.15
CA SER D 13 28.01 -51.76 -3.16
C SER D 13 28.71 -52.78 -2.28
N THR D 14 28.51 -54.06 -2.57
CA THR D 14 29.16 -55.10 -1.77
C THR D 14 30.67 -55.07 -1.94
N PHE D 15 31.14 -54.67 -3.12
CA PHE D 15 32.58 -54.59 -3.39
C PHE D 15 33.00 -53.10 -3.34
N ARG D 16 33.58 -52.68 -2.23
CA ARG D 16 33.99 -51.29 -2.08
C ARG D 16 35.30 -50.92 -2.75
N VAL D 17 35.27 -49.82 -3.49
CA VAL D 17 36.45 -49.31 -4.16
C VAL D 17 36.99 -48.27 -3.19
N LYS D 18 38.25 -48.40 -2.76
CA LYS D 18 38.80 -47.44 -1.81
C LYS D 18 39.47 -46.29 -2.57
N PHE D 19 39.50 -45.11 -1.94
CA PHE D 19 40.16 -43.97 -2.53
C PHE D 19 41.04 -43.37 -1.43
N TYR D 20 41.70 -42.25 -1.73
CA TYR D 20 42.57 -41.62 -0.75
C TYR D 20 42.45 -40.10 -0.90
N THR D 21 41.61 -39.50 -0.07
CA THR D 21 41.37 -38.07 -0.13
C THR D 21 42.24 -37.31 0.86
N LEU D 22 43.05 -36.38 0.36
CA LEU D 22 43.91 -35.58 1.23
C LEU D 22 43.78 -34.10 0.94
N GLN D 23 44.07 -33.25 1.93
CA GLN D 23 44.01 -31.81 1.74
C GLN D 23 45.40 -31.22 2.00
N TRP D 24 46.05 -30.79 0.93
CA TRP D 24 47.36 -30.18 1.02
C TRP D 24 47.25 -28.88 1.81
N ILE D 25 48.03 -28.73 2.88
CA ILE D 25 47.97 -27.49 3.63
C ILE D 25 49.28 -26.67 3.64
N SER D 26 50.28 -27.15 2.92
CA SER D 26 51.57 -26.45 2.79
C SER D 26 52.27 -27.00 1.54
N ASP D 27 53.57 -26.78 1.42
CA ASP D 27 54.25 -27.31 0.25
C ASP D 27 54.67 -28.74 0.50
N HIS D 28 54.59 -29.19 1.76
CA HIS D 28 55.00 -30.56 2.05
C HIS D 28 54.17 -31.34 3.07
N GLU D 29 53.00 -30.81 3.43
CA GLU D 29 52.14 -31.48 4.41
C GLU D 29 50.68 -31.53 3.95
N TYR D 30 49.94 -32.53 4.42
CA TYR D 30 48.53 -32.65 4.06
C TYR D 30 47.72 -33.26 5.19
N LEU D 31 46.42 -32.93 5.23
CA LEU D 31 45.54 -33.48 6.25
C LEU D 31 44.81 -34.67 5.65
N TYR D 32 44.64 -35.71 6.46
CA TYR D 32 44.00 -36.93 6.03
C TYR D 32 43.18 -37.51 7.18
N LYS D 33 41.92 -37.82 6.93
CA LYS D 33 41.10 -38.38 7.99
C LYS D 33 41.24 -39.89 8.00
N GLN D 34 41.59 -40.44 9.16
CA GLN D 34 41.78 -41.88 9.31
C GLN D 34 41.15 -42.36 10.59
N GLU D 35 40.23 -43.31 10.48
CA GLU D 35 39.55 -43.84 11.65
C GLU D 35 38.94 -42.66 12.43
N ASN D 36 38.49 -41.66 11.66
CA ASN D 36 37.86 -40.44 12.16
C ASN D 36 38.76 -39.41 12.82
N ASN D 37 40.06 -39.67 12.85
CA ASN D 37 40.99 -38.71 13.41
C ASN D 37 41.49 -37.92 12.22
N ILE D 38 41.84 -36.66 12.43
CA ILE D 38 42.40 -35.88 11.35
C ILE D 38 43.89 -36.03 11.57
N LEU D 39 44.59 -36.57 10.58
CA LEU D 39 46.04 -36.75 10.69
C LEU D 39 46.81 -35.78 9.80
N LEU D 40 47.98 -35.37 10.28
CA LEU D 40 48.85 -34.47 9.54
C LEU D 40 49.99 -35.33 9.02
N PHE D 41 50.15 -35.32 7.70
CA PHE D 41 51.22 -36.11 7.09
C PHE D 41 52.31 -35.25 6.49
N ASN D 42 53.54 -35.73 6.58
CA ASN D 42 54.68 -35.04 6.02
C ASN D 42 55.04 -35.84 4.78
N ALA D 43 54.86 -35.25 3.61
CA ALA D 43 55.19 -35.96 2.38
C ALA D 43 56.69 -36.22 2.38
N GLU D 44 57.11 -37.25 1.66
CA GLU D 44 58.52 -37.62 1.59
C GLU D 44 58.96 -38.41 2.81
N TYR D 45 58.91 -37.79 3.98
CA TYR D 45 59.29 -38.51 5.18
C TYR D 45 58.24 -39.62 5.39
N GLY D 46 56.99 -39.31 5.07
CA GLY D 46 55.92 -40.28 5.20
C GLY D 46 55.32 -40.40 6.59
N ASN D 47 55.98 -39.82 7.59
CA ASN D 47 55.50 -39.87 8.98
C ASN D 47 54.28 -38.99 9.18
N SER D 48 53.57 -39.22 10.29
CA SER D 48 52.38 -38.43 10.58
C SER D 48 52.15 -38.26 12.07
N SER D 49 51.25 -37.33 12.39
CA SER D 49 50.89 -37.05 13.76
C SER D 49 49.39 -36.81 13.82
N ILE D 50 48.84 -36.82 15.03
CA ILE D 50 47.43 -36.58 15.20
C ILE D 50 47.18 -35.09 15.27
N PHE D 51 46.43 -34.56 14.31
CA PHE D 51 46.12 -33.15 14.29
C PHE D 51 44.88 -32.90 15.13
N LEU D 52 43.98 -33.88 15.16
CA LEU D 52 42.76 -33.81 15.94
C LEU D 52 42.20 -35.21 16.20
N GLU D 53 42.06 -35.57 17.46
CA GLU D 53 41.57 -36.89 17.85
C GLU D 53 40.07 -37.05 17.67
N ASN D 54 39.66 -38.21 17.15
CA ASN D 54 38.25 -38.49 16.94
C ASN D 54 37.41 -38.24 18.19
N SER D 55 38.07 -38.19 19.35
CA SER D 55 37.38 -37.94 20.62
C SER D 55 36.66 -36.63 20.52
N THR D 56 37.36 -35.63 19.96
CA THR D 56 36.81 -34.31 19.79
C THR D 56 35.51 -34.35 19.01
N PHE D 57 35.49 -35.15 17.95
CA PHE D 57 34.28 -35.29 17.14
C PHE D 57 33.17 -35.88 17.98
N ASP D 58 33.51 -36.86 18.81
CA ASP D 58 32.52 -37.49 19.68
C ASP D 58 31.91 -36.56 20.72
N GLU D 59 32.72 -35.64 21.23
CA GLU D 59 32.28 -34.71 22.25
C GLU D 59 31.39 -33.56 21.74
N LEU D 60 31.33 -33.39 20.42
CA LEU D 60 30.48 -32.37 19.83
C LEU D 60 29.08 -32.99 19.81
N GLY D 61 28.05 -32.22 20.05
CA GLY D 61 26.71 -32.80 20.08
C GLY D 61 26.00 -33.05 18.76
N TYR D 62 26.71 -33.52 17.75
CA TYR D 62 26.10 -33.74 16.44
C TYR D 62 26.97 -34.53 15.46
N SER D 63 26.39 -34.84 14.30
CA SER D 63 27.08 -35.56 13.24
C SER D 63 27.84 -34.51 12.44
N THR D 64 29.16 -34.56 12.46
CA THR D 64 29.94 -33.60 11.71
C THR D 64 30.01 -34.01 10.25
N ASN D 65 29.39 -33.21 9.39
CA ASN D 65 29.37 -33.48 7.97
C ASN D 65 30.73 -33.26 7.31
N ASP D 66 31.43 -32.21 7.74
CA ASP D 66 32.72 -31.88 7.17
C ASP D 66 33.45 -30.92 8.09
N TYR D 67 34.71 -30.62 7.79
CA TYR D 67 35.48 -29.68 8.59
C TYR D 67 36.48 -28.95 7.70
N SER D 68 36.91 -27.78 8.12
CA SER D 68 37.87 -26.98 7.36
C SER D 68 38.79 -26.29 8.34
N VAL D 69 40.08 -26.56 8.26
CA VAL D 69 40.97 -25.89 9.20
C VAL D 69 41.52 -24.61 8.56
N SER D 70 41.60 -23.55 9.37
CA SER D 70 42.12 -22.27 8.91
C SER D 70 43.53 -22.42 8.37
N PRO D 71 43.92 -21.59 7.39
CA PRO D 71 45.27 -21.75 6.87
C PRO D 71 46.37 -21.59 7.92
N ASP D 72 46.13 -20.80 8.96
CA ASP D 72 47.16 -20.66 9.98
C ASP D 72 47.07 -21.77 11.02
N ARG D 73 46.17 -22.72 10.81
CA ARG D 73 46.04 -23.87 11.70
C ARG D 73 45.63 -23.58 13.14
N GLN D 74 45.13 -22.38 13.40
CA GLN D 74 44.72 -22.04 14.75
C GLN D 74 43.28 -22.42 15.07
N PHE D 75 42.50 -22.66 14.02
CA PHE D 75 41.10 -23.02 14.21
C PHE D 75 40.64 -24.02 13.14
N ILE D 76 39.47 -24.59 13.39
CA ILE D 76 38.85 -25.53 12.48
C ILE D 76 37.35 -25.29 12.56
N LEU D 77 36.70 -25.36 11.41
CA LEU D 77 35.27 -25.15 11.27
C LEU D 77 34.63 -26.54 11.25
N PHE D 78 33.53 -26.72 11.98
CA PHE D 78 32.82 -28.00 12.00
C PHE D 78 31.48 -27.72 11.35
N GLU D 79 31.24 -28.36 10.22
CA GLU D 79 29.97 -28.14 9.52
C GLU D 79 28.95 -29.22 9.94
N TYR D 80 27.75 -28.79 10.30
CA TYR D 80 26.72 -29.76 10.67
C TYR D 80 25.34 -29.25 10.26
N ASN D 81 24.31 -30.04 10.52
CA ASN D 81 22.94 -29.73 10.12
C ASN D 81 22.89 -29.47 8.60
N TYR D 82 23.71 -30.20 7.88
CA TYR D 82 23.75 -30.10 6.41
C TYR D 82 22.38 -30.39 5.84
N VAL D 83 21.92 -29.54 4.92
CA VAL D 83 20.64 -29.68 4.25
C VAL D 83 20.86 -29.37 2.79
N LYS D 84 20.82 -30.39 1.95
CA LYS D 84 21.04 -30.20 0.52
C LYS D 84 20.03 -29.32 -0.24
N GLN D 85 20.53 -28.49 -1.15
CA GLN D 85 19.64 -27.71 -1.98
C GLN D 85 19.80 -28.27 -3.39
N TRP D 86 20.56 -27.62 -4.27
CA TRP D 86 20.66 -28.16 -5.61
C TRP D 86 21.87 -29.08 -5.75
N ARG D 87 22.52 -29.10 -6.90
CA ARG D 87 23.65 -30.02 -7.07
C ARG D 87 24.83 -29.72 -6.17
N HIS D 88 25.12 -28.44 -5.92
CA HIS D 88 26.27 -28.04 -5.10
C HIS D 88 25.83 -27.27 -3.87
N SER D 89 24.77 -26.48 -4.01
CA SER D 89 24.29 -25.66 -2.90
C SER D 89 23.65 -26.44 -1.73
N TYR D 90 23.74 -25.87 -0.54
CA TYR D 90 23.17 -26.46 0.68
C TYR D 90 23.37 -25.48 1.84
N THR D 91 22.63 -25.64 2.93
CA THR D 91 22.83 -24.75 4.07
C THR D 91 23.34 -25.58 5.25
N ALA D 92 23.86 -24.93 6.27
CA ALA D 92 24.36 -25.71 7.39
C ALA D 92 24.64 -24.85 8.59
N SER D 93 24.98 -25.51 9.68
CA SER D 93 25.34 -24.83 10.92
C SER D 93 26.85 -25.03 11.01
N TYR D 94 27.51 -24.11 11.70
CA TYR D 94 28.96 -24.21 11.79
C TYR D 94 29.43 -23.83 13.17
N ASP D 95 30.43 -24.57 13.66
CA ASP D 95 31.06 -24.29 14.94
C ASP D 95 32.53 -23.99 14.66
N ILE D 96 33.10 -23.03 15.39
CA ILE D 96 34.51 -22.72 15.21
C ILE D 96 35.23 -23.28 16.44
N TYR D 97 36.19 -24.15 16.21
CA TYR D 97 36.94 -24.79 17.28
C TYR D 97 38.37 -24.25 17.39
N ASP D 98 38.73 -23.81 18.60
CA ASP D 98 40.05 -23.26 18.91
C ASP D 98 41.04 -24.39 19.10
N LEU D 99 41.89 -24.64 18.11
CA LEU D 99 42.86 -25.72 18.20
C LEU D 99 43.90 -25.52 19.32
N ASN D 100 44.17 -24.27 19.67
CA ASN D 100 45.14 -23.98 20.72
C ASN D 100 44.58 -24.31 22.10
N LYS D 101 43.53 -23.60 22.50
CA LYS D 101 42.93 -23.83 23.80
C LYS D 101 41.96 -25.00 23.80
N ARG D 102 41.88 -25.70 22.67
CA ARG D 102 41.00 -26.85 22.50
C ARG D 102 39.59 -26.65 23.09
N GLN D 103 38.95 -25.55 22.71
CA GLN D 103 37.61 -25.24 23.18
C GLN D 103 36.75 -24.85 22.00
N LEU D 104 35.45 -25.05 22.14
CA LEU D 104 34.53 -24.66 21.10
C LEU D 104 34.28 -23.19 21.36
N ILE D 105 34.57 -22.34 20.38
CA ILE D 105 34.31 -20.92 20.55
C ILE D 105 32.81 -20.83 20.69
N THR D 106 32.35 -20.11 21.71
CA THR D 106 30.92 -20.03 21.96
C THR D 106 30.25 -18.67 21.80
N GLU D 107 31.02 -17.62 21.57
CA GLU D 107 30.42 -16.30 21.38
C GLU D 107 30.52 -15.88 19.93
N GLU D 108 29.54 -15.08 19.50
CA GLU D 108 29.51 -14.60 18.12
C GLU D 108 29.63 -15.79 17.16
N ARG D 109 28.77 -16.77 17.37
CA ARG D 109 28.73 -17.97 16.56
C ARG D 109 28.22 -17.66 15.16
N ILE D 110 28.60 -18.51 14.21
CA ILE D 110 28.13 -18.35 12.84
C ILE D 110 26.66 -18.73 12.93
N PRO D 111 25.79 -18.03 12.18
CA PRO D 111 24.36 -18.36 12.23
C PRO D 111 23.98 -19.70 11.62
N ASN D 112 22.77 -20.14 11.94
CA ASN D 112 22.24 -21.37 11.38
C ASN D 112 21.77 -20.99 9.98
N ASN D 113 21.63 -21.96 9.10
CA ASN D 113 21.18 -21.70 7.74
C ASN D 113 22.21 -20.89 6.95
N THR D 114 23.48 -21.11 7.25
CA THR D 114 24.51 -20.43 6.54
C THR D 114 24.63 -21.12 5.18
N GLN D 115 24.61 -20.31 4.12
CA GLN D 115 24.66 -20.80 2.75
C GLN D 115 26.04 -21.10 2.20
N TRP D 116 27.05 -20.40 2.70
CA TRP D 116 28.42 -20.63 2.25
C TRP D 116 29.38 -19.96 3.21
N ILE D 117 30.53 -20.58 3.41
CA ILE D 117 31.53 -20.01 4.32
C ILE D 117 32.91 -20.45 3.90
N THR D 118 33.91 -19.62 4.15
CA THR D 118 35.26 -19.96 3.76
C THR D 118 36.30 -19.14 4.50
N TRP D 119 37.42 -19.77 4.85
CA TRP D 119 38.50 -19.05 5.50
C TRP D 119 39.16 -18.17 4.45
N SER D 120 39.93 -17.16 4.88
CA SER D 120 40.66 -16.31 3.95
C SER D 120 41.84 -17.22 3.57
N PRO D 121 42.62 -16.90 2.51
CA PRO D 121 43.73 -17.78 2.13
C PRO D 121 44.91 -17.85 3.13
N VAL D 122 45.03 -16.88 4.01
CA VAL D 122 46.10 -16.86 5.01
C VAL D 122 45.48 -16.40 6.33
N GLY D 123 46.04 -16.82 7.45
CA GLY D 123 45.48 -16.42 8.72
C GLY D 123 44.22 -17.18 9.08
N HIS D 124 43.22 -16.47 9.60
CA HIS D 124 41.95 -17.07 10.00
C HIS D 124 40.72 -16.16 9.92
N LYS D 125 40.60 -15.40 8.83
CA LYS D 125 39.43 -14.56 8.66
C LYS D 125 38.37 -15.46 8.02
N LEU D 126 37.11 -15.09 8.18
CA LEU D 126 36.01 -15.85 7.60
C LEU D 126 35.10 -14.91 6.86
N ALA D 127 34.53 -15.41 5.77
CA ALA D 127 33.55 -14.64 5.00
C ALA D 127 32.43 -15.67 4.86
N TYR D 128 31.19 -15.26 5.07
CA TYR D 128 30.12 -16.24 4.89
C TYR D 128 28.90 -15.53 4.34
N VAL D 129 28.00 -16.34 3.79
CA VAL D 129 26.77 -15.84 3.22
C VAL D 129 25.59 -16.39 4.04
N TRP D 130 24.66 -15.50 4.37
CA TRP D 130 23.48 -15.83 5.16
C TRP D 130 22.39 -14.90 4.69
N ASN D 131 21.21 -15.46 4.45
CA ASN D 131 20.08 -14.70 3.92
C ASN D 131 20.49 -13.89 2.67
N ASN D 132 21.29 -14.51 1.81
CA ASN D 132 21.75 -13.89 0.57
C ASN D 132 22.63 -12.63 0.70
N ASP D 133 23.14 -12.40 1.91
CA ASP D 133 24.04 -11.28 2.18
C ASP D 133 25.36 -11.82 2.71
N ILE D 134 26.43 -11.06 2.48
CA ILE D 134 27.78 -11.45 2.89
C ILE D 134 28.19 -10.83 4.22
N TYR D 135 28.90 -11.62 5.02
CA TYR D 135 29.40 -11.21 6.34
C TYR D 135 30.89 -11.60 6.51
N VAL D 136 31.67 -10.72 7.14
CA VAL D 136 33.08 -11.01 7.39
C VAL D 136 33.40 -11.00 8.88
N LYS D 137 34.03 -12.06 9.37
CA LYS D 137 34.46 -12.16 10.77
C LYS D 137 35.98 -12.18 10.82
N ASN D 138 36.61 -11.14 11.35
CA ASN D 138 38.06 -11.12 11.44
C ASN D 138 38.59 -12.08 12.50
N GLU D 139 37.81 -12.31 13.54
CA GLU D 139 38.21 -13.22 14.61
C GLU D 139 37.04 -14.15 14.92
N PRO D 140 37.33 -15.43 15.19
CA PRO D 140 36.27 -16.38 15.50
C PRO D 140 35.38 -15.91 16.65
N ASN D 141 35.98 -15.33 17.69
CA ASN D 141 35.21 -14.90 18.85
C ASN D 141 34.63 -13.48 18.80
N LEU D 142 34.78 -12.80 17.66
CA LEU D 142 34.27 -11.44 17.51
C LEU D 142 33.10 -11.31 16.51
N SER D 143 32.36 -10.21 16.63
CA SER D 143 31.21 -9.92 15.78
C SER D 143 31.52 -9.86 14.30
N SER D 144 30.63 -10.40 13.49
CA SER D 144 30.83 -10.36 12.06
C SER D 144 30.38 -8.99 11.58
N GLN D 145 30.95 -8.51 10.48
CA GLN D 145 30.61 -7.20 9.94
C GLN D 145 29.89 -7.40 8.60
N ARG D 146 28.67 -6.87 8.51
CA ARG D 146 27.86 -6.99 7.30
C ARG D 146 28.46 -6.26 6.09
N ILE D 147 28.51 -6.97 4.96
CA ILE D 147 29.09 -6.47 3.71
C ILE D 147 28.09 -6.00 2.66
N THR D 148 26.97 -6.72 2.53
CA THR D 148 25.96 -6.37 1.54
C THR D 148 24.60 -6.20 2.21
N TRP D 149 23.73 -5.44 1.57
CA TRP D 149 22.41 -5.17 2.14
C TRP D 149 21.28 -5.50 1.20
N THR D 150 21.61 -5.85 -0.03
CA THR D 150 20.60 -6.15 -1.04
C THR D 150 20.02 -7.56 -1.05
N GLY D 151 20.58 -8.47 -0.25
CA GLY D 151 20.11 -9.84 -0.21
C GLY D 151 18.61 -10.00 -0.12
N LYS D 152 18.02 -10.77 -1.04
CA LYS D 152 16.58 -11.01 -1.04
C LYS D 152 16.22 -12.37 -1.64
N GLU D 153 15.54 -13.18 -0.85
CA GLU D 153 15.18 -14.54 -1.24
C GLU D 153 14.55 -14.63 -2.63
N ASN D 154 15.08 -15.56 -3.44
CA ASN D 154 14.62 -15.76 -4.80
C ASN D 154 14.81 -14.55 -5.70
N VAL D 155 15.50 -13.51 -5.21
CA VAL D 155 15.66 -12.33 -6.08
C VAL D 155 17.09 -11.84 -6.30
N ILE D 156 17.77 -11.50 -5.21
CA ILE D 156 19.12 -10.97 -5.25
C ILE D 156 20.01 -11.87 -4.41
N TYR D 157 21.10 -12.34 -5.01
CA TYR D 157 22.03 -13.25 -4.36
C TYR D 157 23.44 -12.63 -4.31
N ASN D 158 24.00 -12.47 -3.10
CA ASN D 158 25.34 -11.93 -2.91
C ASN D 158 26.25 -13.02 -2.34
N GLY D 159 27.33 -13.31 -3.04
CA GLY D 159 28.24 -14.29 -2.50
C GLY D 159 27.97 -15.72 -2.89
N VAL D 160 26.79 -15.98 -3.44
CA VAL D 160 26.42 -17.33 -3.92
C VAL D 160 25.68 -17.16 -5.23
N THR D 161 25.67 -18.22 -6.05
CA THR D 161 25.02 -18.22 -7.36
C THR D 161 23.52 -18.47 -7.29
N ASP D 162 22.82 -18.11 -8.37
CA ASP D 162 21.39 -18.40 -8.47
C ASP D 162 21.35 -19.82 -9.08
N TRP D 163 20.17 -20.34 -9.40
CA TRP D 163 20.09 -21.72 -9.91
C TRP D 163 20.95 -21.98 -11.16
N VAL D 164 20.82 -21.16 -12.19
CA VAL D 164 21.57 -21.43 -13.41
C VAL D 164 23.08 -21.19 -13.34
N TYR D 165 23.51 -20.20 -12.57
CA TYR D 165 24.95 -20.02 -12.47
C TYR D 165 25.55 -21.20 -11.71
N GLU D 166 24.84 -21.68 -10.69
CA GLU D 166 25.34 -22.81 -9.92
C GLU D 166 25.54 -24.05 -10.81
N GLU D 167 24.48 -24.40 -11.52
CA GLU D 167 24.47 -25.60 -12.36
C GLU D 167 25.23 -25.54 -13.68
N GLU D 168 25.19 -24.40 -14.37
CA GLU D 168 25.81 -24.29 -15.69
C GLU D 168 27.05 -23.41 -15.92
N VAL D 169 27.34 -22.51 -14.98
CA VAL D 169 28.48 -21.62 -15.17
C VAL D 169 29.64 -21.93 -14.24
N PHE D 170 29.40 -21.84 -12.94
CA PHE D 170 30.47 -22.09 -12.00
C PHE D 170 30.56 -23.54 -11.59
N SER D 171 29.48 -24.31 -11.72
CA SER D 171 29.49 -25.70 -11.22
C SER D 171 29.82 -25.58 -9.75
N ALA D 172 29.29 -24.54 -9.12
CA ALA D 172 29.53 -24.27 -7.70
C ALA D 172 28.52 -23.27 -7.20
N TYR D 173 28.30 -23.29 -5.90
CA TYR D 173 27.34 -22.40 -5.29
C TYR D 173 28.02 -21.08 -4.87
N SER D 174 29.27 -21.18 -4.43
CA SER D 174 29.99 -19.99 -3.99
C SER D 174 30.29 -19.00 -5.10
N ALA D 175 30.27 -17.71 -4.76
CA ALA D 175 30.58 -16.64 -5.71
C ALA D 175 31.32 -15.57 -4.88
N LEU D 176 32.33 -16.05 -4.15
CA LEU D 176 33.18 -15.24 -3.25
C LEU D 176 34.63 -15.61 -3.52
N TRP D 177 35.52 -14.61 -3.55
CA TRP D 177 36.94 -14.91 -3.78
C TRP D 177 37.88 -14.01 -2.99
N TRP D 178 38.49 -14.53 -1.93
CA TRP D 178 39.43 -13.73 -1.17
C TRP D 178 40.69 -13.49 -2.02
N SER D 179 41.34 -12.34 -1.85
CA SER D 179 42.60 -12.07 -2.59
C SER D 179 43.65 -12.96 -1.90
N PRO D 180 44.77 -13.25 -2.57
CA PRO D 180 45.79 -14.10 -1.95
C PRO D 180 46.24 -13.79 -0.51
N ASN D 181 46.23 -12.51 -0.15
CA ASN D 181 46.64 -12.14 1.20
C ASN D 181 45.51 -11.67 2.13
N GLY D 182 44.26 -11.85 1.70
CA GLY D 182 43.14 -11.50 2.55
C GLY D 182 42.77 -10.04 2.57
N THR D 183 43.51 -9.23 1.82
CA THR D 183 43.22 -7.80 1.76
C THR D 183 41.84 -7.54 1.17
N PHE D 184 41.57 -8.12 0.03
CA PHE D 184 40.31 -7.92 -0.66
C PHE D 184 39.42 -9.14 -0.66
N LEU D 185 38.13 -8.88 -0.81
CA LEU D 185 37.13 -9.93 -0.88
C LEU D 185 36.26 -9.57 -2.05
N ALA D 186 36.41 -10.31 -3.15
CA ALA D 186 35.62 -10.06 -4.33
C ALA D 186 34.39 -10.96 -4.28
N TYR D 187 33.29 -10.51 -4.89
CA TYR D 187 32.08 -11.33 -4.94
C TYR D 187 31.21 -10.88 -6.10
N ALA D 188 30.28 -11.76 -6.49
CA ALA D 188 29.35 -11.45 -7.54
C ALA D 188 27.95 -11.38 -6.92
N GLN D 189 27.13 -10.54 -7.50
CA GLN D 189 25.75 -10.37 -7.07
C GLN D 189 24.92 -10.78 -8.26
N PHE D 190 23.92 -11.63 -8.02
CA PHE D 190 23.05 -12.08 -9.09
C PHE D 190 21.64 -11.53 -8.89
N ASN D 191 21.05 -11.04 -9.96
CA ASN D 191 19.74 -10.45 -9.89
C ASN D 191 18.79 -11.25 -10.74
N ASP D 192 17.84 -11.93 -10.08
CA ASP D 192 16.85 -12.76 -10.79
C ASP D 192 15.48 -12.13 -10.92
N THR D 193 15.38 -10.85 -10.61
CA THR D 193 14.11 -10.15 -10.67
C THR D 193 13.20 -10.51 -11.82
N GLU D 194 13.74 -10.50 -13.04
CA GLU D 194 12.94 -10.78 -14.23
C GLU D 194 12.94 -12.22 -14.78
N VAL D 195 13.57 -13.12 -14.04
CA VAL D 195 13.67 -14.53 -14.44
C VAL D 195 12.38 -15.28 -14.10
N PRO D 196 11.71 -15.88 -15.09
CA PRO D 196 10.47 -16.60 -14.75
C PRO D 196 10.72 -17.73 -13.74
N LEU D 197 9.66 -18.14 -13.07
CA LEU D 197 9.77 -19.21 -12.08
C LEU D 197 9.29 -20.57 -12.57
N ILE D 198 10.10 -21.62 -12.36
CA ILE D 198 9.59 -22.96 -12.66
C ILE D 198 8.90 -23.27 -11.33
N GLU D 199 7.76 -23.92 -11.41
CA GLU D 199 7.01 -24.28 -10.22
C GLU D 199 6.59 -25.76 -10.35
N TYR D 200 6.74 -26.52 -9.27
CA TYR D 200 6.35 -27.93 -9.28
C TYR D 200 5.99 -28.35 -7.85
N SER D 201 5.22 -29.43 -7.71
CA SER D 201 4.78 -29.88 -6.38
C SER D 201 5.80 -30.73 -5.66
N PHE D 202 5.85 -30.62 -4.33
CA PHE D 202 6.77 -31.44 -3.54
C PHE D 202 5.82 -31.98 -2.46
N TYR D 203 5.70 -33.30 -2.40
CA TYR D 203 4.72 -33.91 -1.53
C TYR D 203 5.19 -34.11 -0.09
N SER D 204 6.49 -34.28 0.07
CA SER D 204 7.07 -34.45 1.37
C SER D 204 6.59 -35.72 2.07
N ASP D 205 6.86 -35.78 3.37
CA ASP D 205 6.45 -36.92 4.17
C ASP D 205 4.93 -37.14 4.09
N GLU D 206 4.53 -38.39 4.17
CA GLU D 206 3.13 -38.78 4.11
C GLU D 206 2.21 -37.93 5.03
N SER D 207 2.77 -37.46 6.15
CA SER D 207 2.02 -36.64 7.11
C SER D 207 1.60 -35.27 6.60
N LEU D 208 2.30 -34.72 5.58
CA LEU D 208 1.93 -33.39 5.07
C LEU D 208 0.57 -33.50 4.37
N GLN D 209 -0.44 -32.78 4.86
CA GLN D 209 -1.79 -32.88 4.29
C GLN D 209 -1.97 -32.25 2.89
N TYR D 210 -1.34 -31.09 2.68
CA TYR D 210 -1.38 -30.38 1.40
C TYR D 210 0.02 -30.30 0.80
N PRO D 211 0.16 -30.67 -0.49
CA PRO D 211 1.49 -30.62 -1.10
C PRO D 211 2.00 -29.19 -1.06
N LYS D 212 3.32 -29.07 -1.17
CA LYS D 212 4.01 -27.79 -1.16
C LYS D 212 4.40 -27.48 -2.63
N THR D 213 4.36 -26.21 -3.01
CA THR D 213 4.76 -25.80 -4.35
C THR D 213 6.14 -25.12 -4.25
N VAL D 214 7.11 -25.71 -4.92
CA VAL D 214 8.49 -25.24 -4.98
C VAL D 214 8.58 -24.28 -6.18
N ARG D 215 9.26 -23.15 -6.01
CA ARG D 215 9.41 -22.23 -7.13
C ARG D 215 10.85 -21.78 -7.20
N ILE D 216 11.39 -21.75 -8.39
CA ILE D 216 12.80 -21.41 -8.59
C ILE D 216 12.93 -20.50 -9.78
N PRO D 217 13.68 -19.41 -9.63
CA PRO D 217 13.91 -18.46 -10.73
C PRO D 217 14.81 -19.34 -11.62
N TYR D 218 14.30 -19.72 -12.78
CA TYR D 218 14.99 -20.64 -13.68
C TYR D 218 14.75 -20.14 -15.10
N PRO D 219 15.82 -19.76 -15.78
CA PRO D 219 15.67 -19.26 -17.16
C PRO D 219 15.65 -20.40 -18.17
N LYS D 220 14.53 -20.61 -18.85
CA LYS D 220 14.47 -21.63 -19.89
C LYS D 220 14.97 -20.94 -21.19
N ALA D 221 15.28 -21.72 -22.21
CA ALA D 221 15.84 -21.17 -23.45
C ALA D 221 15.16 -19.90 -23.92
N GLY D 222 15.97 -18.89 -24.19
CA GLY D 222 15.42 -17.64 -24.67
C GLY D 222 14.68 -16.77 -23.67
N ALA D 223 14.62 -17.16 -22.40
CA ALA D 223 13.93 -16.35 -21.39
C ALA D 223 14.84 -15.25 -20.79
N GLU D 224 14.28 -14.39 -19.95
CA GLU D 224 15.09 -13.38 -19.29
C GLU D 224 16.06 -14.12 -18.38
N ASN D 225 17.33 -13.73 -18.45
CA ASN D 225 18.40 -14.32 -17.68
C ASN D 225 18.72 -13.47 -16.49
N PRO D 226 19.35 -14.07 -15.49
CA PRO D 226 19.70 -13.24 -14.33
C PRO D 226 20.82 -12.28 -14.80
N THR D 227 20.93 -11.10 -14.18
CA THR D 227 22.01 -10.17 -14.52
C THR D 227 23.02 -10.30 -13.39
N VAL D 228 24.25 -9.88 -13.62
CA VAL D 228 25.27 -10.05 -12.60
C VAL D 228 26.09 -8.78 -12.41
N LYS D 229 26.64 -8.61 -11.21
CA LYS D 229 27.51 -7.48 -10.87
C LYS D 229 28.68 -8.07 -10.10
N PHE D 230 29.88 -7.56 -10.40
CA PHE D 230 31.08 -8.06 -9.73
C PHE D 230 31.68 -6.93 -8.91
N PHE D 231 32.12 -7.22 -7.69
CA PHE D 231 32.71 -6.20 -6.84
C PHE D 231 33.98 -6.70 -6.15
N VAL D 232 34.79 -5.75 -5.70
CA VAL D 232 35.98 -6.08 -4.95
C VAL D 232 35.87 -5.17 -3.73
N VAL D 233 35.79 -5.80 -2.57
CA VAL D 233 35.67 -5.09 -1.31
C VAL D 233 37.04 -4.99 -0.64
N ASP D 234 37.39 -3.82 -0.13
CA ASP D 234 38.67 -3.65 0.57
C ASP D 234 38.27 -3.92 2.01
N THR D 235 38.66 -5.08 2.53
CA THR D 235 38.28 -5.43 3.89
C THR D 235 39.07 -4.69 4.94
N ARG D 236 40.05 -3.90 4.52
CA ARG D 236 40.86 -3.15 5.50
C ARG D 236 40.11 -2.07 6.28
N THR D 237 39.05 -1.50 5.71
CA THR D 237 38.32 -0.43 6.39
C THR D 237 37.05 -0.89 7.08
N LEU D 238 36.81 -2.20 7.05
CA LEU D 238 35.62 -2.77 7.67
C LEU D 238 35.62 -2.43 9.14
N SER D 239 34.60 -1.73 9.58
CA SER D 239 34.52 -1.31 10.99
C SER D 239 33.03 -1.10 11.27
N PRO D 240 32.58 -1.42 12.49
CA PRO D 240 31.17 -1.24 12.82
C PRO D 240 30.51 0.06 12.38
N ASN D 241 31.20 1.19 12.55
CA ASN D 241 30.60 2.45 12.15
C ASN D 241 31.11 3.02 10.82
N ALA D 242 31.76 2.17 10.01
CA ALA D 242 32.28 2.59 8.70
C ALA D 242 31.44 1.94 7.61
N SER D 243 31.34 2.60 6.47
CA SER D 243 30.60 2.07 5.34
C SER D 243 31.50 1.01 4.75
N VAL D 244 31.04 0.38 3.67
CA VAL D 244 31.85 -0.64 3.01
C VAL D 244 32.53 -0.02 1.79
N THR D 245 33.82 -0.25 1.71
CA THR D 245 34.61 0.26 0.59
C THR D 245 34.53 -0.80 -0.50
N SER D 246 33.88 -0.50 -1.62
CA SER D 246 33.80 -1.51 -2.63
C SER D 246 33.82 -0.91 -4.03
N TYR D 247 34.40 -1.65 -4.97
CA TYR D 247 34.48 -1.15 -6.33
C TYR D 247 33.85 -2.15 -7.31
N GLN D 248 32.93 -1.69 -8.13
CA GLN D 248 32.29 -2.58 -9.10
C GLN D 248 33.08 -2.57 -10.40
N ILE D 249 33.42 -3.76 -10.88
CA ILE D 249 34.17 -3.92 -12.12
C ILE D 249 33.16 -4.43 -13.14
N VAL D 250 33.09 -3.72 -14.26
CA VAL D 250 32.16 -4.04 -15.32
C VAL D 250 32.88 -4.72 -16.48
N PRO D 251 32.17 -5.51 -17.29
CA PRO D 251 32.91 -6.14 -18.39
C PRO D 251 33.28 -5.11 -19.48
N PRO D 252 34.26 -5.43 -20.32
CA PRO D 252 34.67 -4.53 -21.40
C PRO D 252 33.45 -4.22 -22.27
N ALA D 253 33.50 -3.12 -23.02
CA ALA D 253 32.39 -2.68 -23.84
C ALA D 253 31.87 -3.73 -24.78
N SER D 254 32.77 -4.47 -25.39
CA SER D 254 32.39 -5.52 -26.34
C SER D 254 31.40 -6.56 -25.78
N VAL D 255 31.34 -6.67 -24.45
CA VAL D 255 30.46 -7.60 -23.76
C VAL D 255 29.36 -6.85 -23.00
N LEU D 256 29.74 -5.70 -22.43
CA LEU D 256 28.81 -4.87 -21.68
C LEU D 256 27.67 -4.49 -22.62
N ILE D 257 27.95 -4.49 -23.91
CA ILE D 257 26.94 -4.14 -24.94
C ILE D 257 25.62 -4.86 -24.75
N GLY D 258 25.67 -6.11 -24.30
CA GLY D 258 24.43 -6.84 -24.11
C GLY D 258 24.47 -7.90 -23.03
N ASP D 259 23.51 -8.82 -23.12
CA ASP D 259 23.38 -9.89 -22.16
C ASP D 259 24.70 -10.62 -22.09
N HIS D 260 25.17 -10.88 -20.89
CA HIS D 260 26.44 -11.56 -20.73
C HIS D 260 26.45 -12.38 -19.46
N TYR D 261 27.53 -13.11 -19.25
CA TYR D 261 27.70 -13.92 -18.08
C TYR D 261 29.11 -13.67 -17.52
N LEU D 262 29.25 -13.81 -16.21
CA LEU D 262 30.55 -13.74 -15.57
C LEU D 262 30.89 -15.24 -15.50
N CYS D 263 31.97 -15.66 -16.15
CA CYS D 263 32.25 -17.07 -16.06
C CYS D 263 33.56 -17.42 -15.40
N GLY D 264 34.27 -16.45 -14.85
CA GLY D 264 35.52 -16.77 -14.20
C GLY D 264 36.20 -15.64 -13.47
N VAL D 265 36.90 -15.99 -12.39
CA VAL D 265 37.60 -15.03 -11.56
C VAL D 265 38.92 -15.67 -11.10
N THR D 266 40.02 -14.95 -11.29
CA THR D 266 41.31 -15.47 -10.87
C THR D 266 42.15 -14.35 -10.25
N TRP D 267 42.53 -14.51 -8.99
CA TRP D 267 43.39 -13.54 -8.35
C TRP D 267 44.80 -13.82 -8.86
N VAL D 268 45.47 -12.77 -9.35
CA VAL D 268 46.85 -12.86 -9.89
C VAL D 268 47.89 -12.46 -8.83
N THR D 269 47.68 -11.30 -8.18
CA THR D 269 48.54 -10.83 -7.08
C THR D 269 47.57 -10.07 -6.20
N GLU D 270 48.04 -9.48 -5.10
CA GLU D 270 47.16 -8.73 -4.22
C GLU D 270 46.55 -7.53 -4.91
N GLU D 271 47.15 -7.09 -6.03
CA GLU D 271 46.67 -5.92 -6.73
C GLU D 271 46.31 -6.13 -8.18
N ARG D 272 46.12 -7.39 -8.57
CA ARG D 272 45.77 -7.68 -9.95
C ARG D 272 44.77 -8.85 -9.98
N ILE D 273 43.64 -8.64 -10.65
CA ILE D 273 42.62 -9.66 -10.73
C ILE D 273 42.20 -9.90 -12.18
N SER D 274 41.98 -11.17 -12.50
CA SER D 274 41.58 -11.55 -13.84
C SER D 274 40.11 -11.98 -13.88
N LEU D 275 39.32 -11.27 -14.67
CA LEU D 275 37.90 -11.59 -14.81
C LEU D 275 37.71 -12.11 -16.22
N GLN D 276 36.89 -13.15 -16.35
CA GLN D 276 36.62 -13.73 -17.65
C GLN D 276 35.11 -13.63 -17.91
N TRP D 277 34.75 -12.97 -19.00
CA TRP D 277 33.35 -12.81 -19.32
C TRP D 277 32.99 -13.43 -20.66
N ILE D 278 31.72 -13.79 -20.82
CA ILE D 278 31.29 -14.33 -22.08
C ILE D 278 29.94 -13.73 -22.48
N ARG D 279 29.72 -13.54 -23.77
CA ARG D 279 28.44 -13.02 -24.25
C ARG D 279 27.35 -14.08 -24.06
N ARG D 280 26.08 -13.66 -24.13
CA ARG D 280 25.01 -14.64 -23.98
C ARG D 280 25.15 -15.62 -25.14
N ALA D 281 25.59 -15.11 -26.29
CA ALA D 281 25.85 -15.97 -27.46
C ALA D 281 27.29 -16.36 -27.13
N GLN D 282 27.44 -17.52 -26.51
CA GLN D 282 28.72 -18.04 -26.01
C GLN D 282 29.84 -18.45 -26.97
N ASN D 283 30.01 -17.68 -28.04
CA ASN D 283 31.10 -17.91 -29.00
C ASN D 283 32.07 -16.72 -28.92
N TYR D 284 31.86 -15.85 -27.93
CA TYR D 284 32.71 -14.67 -27.73
C TYR D 284 33.01 -14.50 -26.25
N SER D 285 34.26 -14.71 -25.88
CA SER D 285 34.66 -14.59 -24.49
C SER D 285 35.79 -13.55 -24.39
N ILE D 286 35.92 -12.91 -23.24
CA ILE D 286 37.00 -11.95 -23.08
C ILE D 286 37.55 -11.92 -21.65
N ILE D 287 38.87 -11.88 -21.55
CA ILE D 287 39.54 -11.81 -20.25
C ILE D 287 39.99 -10.35 -20.06
N ASP D 288 39.68 -9.81 -18.90
CA ASP D 288 40.01 -8.43 -18.53
C ASP D 288 40.84 -8.51 -17.27
N ILE D 289 42.09 -8.06 -17.34
CA ILE D 289 43.00 -8.10 -16.19
C ILE D 289 43.07 -6.69 -15.61
N CYS D 290 42.45 -6.53 -14.45
CA CYS D 290 42.34 -5.26 -13.77
C CYS D 290 43.37 -5.10 -12.66
N ASP D 291 43.98 -3.90 -12.61
CA ASP D 291 45.01 -3.56 -11.62
C ASP D 291 44.53 -2.53 -10.62
N TYR D 292 44.89 -2.74 -9.36
CA TYR D 292 44.50 -1.84 -8.29
C TYR D 292 45.32 -0.54 -8.29
N ASP D 293 44.62 0.59 -8.22
CA ASP D 293 45.25 1.91 -8.17
C ASP D 293 45.23 2.37 -6.71
N GLU D 294 46.37 2.35 -6.05
CA GLU D 294 46.41 2.73 -4.63
C GLU D 294 45.92 4.14 -4.29
N SER D 295 46.02 5.09 -5.22
CA SER D 295 45.59 6.44 -4.88
C SER D 295 44.08 6.67 -4.98
N THR D 296 43.36 5.71 -5.56
CA THR D 296 41.92 5.85 -5.69
C THR D 296 41.08 4.64 -5.30
N GLY D 297 41.70 3.48 -5.10
CA GLY D 297 40.92 2.30 -4.74
C GLY D 297 40.23 1.64 -5.91
N ARG D 298 40.42 2.24 -7.09
CA ARG D 298 39.83 1.71 -8.30
C ARG D 298 40.59 0.48 -8.79
N TRP D 299 39.92 -0.34 -9.61
CA TRP D 299 40.52 -1.52 -10.24
C TRP D 299 40.36 -1.10 -11.68
N ILE D 300 41.48 -0.84 -12.33
CA ILE D 300 41.48 -0.32 -13.69
C ILE D 300 41.70 -1.32 -14.80
N SER D 301 40.91 -1.17 -15.87
CA SER D 301 41.03 -2.03 -17.04
C SER D 301 41.78 -1.26 -18.12
N SER D 302 42.33 -1.99 -19.09
CA SER D 302 43.04 -1.37 -20.22
C SER D 302 43.02 -2.34 -21.40
N VAL D 303 42.79 -1.79 -22.59
CA VAL D 303 42.71 -2.58 -23.82
C VAL D 303 43.89 -3.52 -24.02
N ALA D 304 45.07 -3.09 -23.60
CA ALA D 304 46.27 -3.89 -23.75
C ALA D 304 46.25 -5.11 -22.84
N ARG D 305 45.39 -5.06 -21.82
CA ARG D 305 45.30 -6.16 -20.86
C ARG D 305 44.06 -7.05 -21.05
N GLN D 306 43.34 -6.82 -22.14
CA GLN D 306 42.14 -7.60 -22.45
C GLN D 306 42.46 -8.60 -23.56
N HIS D 307 42.00 -9.83 -23.39
CA HIS D 307 42.26 -10.89 -24.37
C HIS D 307 40.99 -11.56 -24.86
N ILE D 308 40.72 -11.39 -26.14
CA ILE D 308 39.53 -11.91 -26.78
C ILE D 308 39.63 -13.34 -27.31
N GLU D 309 38.69 -14.19 -26.88
CA GLU D 309 38.65 -15.56 -27.35
C GLU D 309 37.31 -15.79 -28.04
N ILE D 310 37.34 -16.11 -29.34
CA ILE D 310 36.09 -16.38 -30.04
C ILE D 310 36.15 -17.71 -30.76
N SER D 311 34.99 -18.20 -31.18
CA SER D 311 34.92 -19.45 -31.92
C SER D 311 34.08 -19.20 -33.14
N THR D 312 34.61 -19.52 -34.31
CA THR D 312 33.85 -19.29 -35.51
C THR D 312 33.11 -20.56 -35.92
N THR D 313 33.52 -21.70 -35.37
CA THR D 313 32.86 -22.96 -35.70
C THR D 313 31.77 -23.40 -34.70
N GLY D 314 31.83 -22.89 -33.48
CA GLY D 314 30.84 -23.27 -32.49
C GLY D 314 30.81 -22.36 -31.29
N TRP D 315 30.97 -22.94 -30.11
CA TRP D 315 30.99 -22.16 -28.87
C TRP D 315 32.42 -22.14 -28.37
N VAL D 316 32.70 -21.31 -27.38
CA VAL D 316 34.03 -21.23 -26.80
C VAL D 316 34.25 -22.22 -25.65
N GLY D 317 35.36 -22.96 -25.74
CA GLY D 317 35.71 -23.93 -24.71
C GLY D 317 34.87 -25.19 -24.76
N ARG D 318 34.93 -25.97 -23.70
CA ARG D 318 34.20 -27.22 -23.61
C ARG D 318 32.81 -26.98 -23.06
N PHE D 319 32.69 -26.60 -21.78
CA PHE D 319 31.40 -26.27 -21.18
C PHE D 319 31.46 -24.79 -20.76
N ARG D 320 32.64 -24.22 -20.96
CA ARG D 320 32.96 -22.83 -20.67
C ARG D 320 34.40 -22.58 -21.10
N PRO D 321 34.78 -21.30 -21.25
CA PRO D 321 36.17 -21.05 -21.65
C PRO D 321 37.17 -21.57 -20.62
N ALA D 322 38.29 -22.12 -21.09
CA ALA D 322 39.33 -22.62 -20.20
C ALA D 322 39.79 -21.44 -19.36
N GLU D 323 40.27 -21.70 -18.15
CA GLU D 323 40.71 -20.61 -17.27
C GLU D 323 42.21 -20.30 -17.37
N PRO D 324 42.60 -19.06 -17.12
CA PRO D 324 44.02 -18.66 -17.19
C PRO D 324 44.86 -19.04 -15.98
N HIS D 325 46.09 -19.45 -16.23
CA HIS D 325 47.02 -19.81 -15.17
C HIS D 325 48.20 -18.83 -15.27
N PHE D 326 48.21 -17.86 -14.35
CA PHE D 326 49.21 -16.80 -14.30
C PHE D 326 50.54 -17.13 -13.65
N THR D 327 51.59 -16.46 -14.11
CA THR D 327 52.90 -16.65 -13.49
C THR D 327 52.80 -16.00 -12.11
N SER D 328 53.69 -16.39 -11.22
CA SER D 328 53.71 -15.85 -9.87
C SER D 328 53.77 -14.32 -9.85
N ASP D 329 54.36 -13.73 -10.89
CA ASP D 329 54.50 -12.28 -10.97
C ASP D 329 53.32 -11.62 -11.68
N GLY D 330 52.55 -12.41 -12.42
CA GLY D 330 51.39 -11.87 -13.11
C GLY D 330 51.62 -11.23 -14.45
N ASN D 331 52.86 -11.22 -14.95
CA ASN D 331 53.11 -10.61 -16.24
C ASN D 331 52.73 -11.48 -17.44
N SER D 332 52.53 -12.77 -17.20
CA SER D 332 52.10 -13.65 -18.29
C SER D 332 51.22 -14.79 -17.72
N PHE D 333 50.56 -15.52 -18.58
CA PHE D 333 49.74 -16.62 -18.11
C PHE D 333 49.60 -17.64 -19.21
N TYR D 334 49.24 -18.86 -18.83
CA TYR D 334 49.05 -19.94 -19.79
C TYR D 334 47.57 -20.33 -19.79
N LYS D 335 47.02 -20.58 -20.98
CA LYS D 335 45.62 -20.95 -21.08
C LYS D 335 45.32 -21.78 -22.32
N ILE D 336 44.45 -22.76 -22.15
CA ILE D 336 44.07 -23.62 -23.25
C ILE D 336 43.07 -22.92 -24.16
N ILE D 337 43.28 -23.03 -25.47
CA ILE D 337 42.40 -22.46 -26.49
C ILE D 337 42.50 -23.38 -27.69
N SER D 338 41.56 -23.27 -28.62
CA SER D 338 41.56 -24.09 -29.82
C SER D 338 42.60 -23.60 -30.83
N ASN D 339 43.29 -24.55 -31.45
CA ASN D 339 44.32 -24.30 -32.48
C ASN D 339 43.65 -23.79 -33.71
N GLU D 340 44.48 -23.46 -34.69
CA GLU D 340 44.03 -23.02 -36.01
C GLU D 340 43.56 -24.33 -36.65
N GLU D 341 43.91 -25.43 -35.99
CA GLU D 341 43.56 -26.78 -36.43
C GLU D 341 42.35 -27.34 -35.67
N GLY D 342 41.76 -26.52 -34.81
CA GLY D 342 40.60 -26.95 -34.06
C GLY D 342 40.90 -27.78 -32.81
N TYR D 343 42.18 -28.02 -32.52
CA TYR D 343 42.55 -28.79 -31.34
C TYR D 343 42.94 -27.90 -30.19
N LYS D 344 42.43 -28.22 -29.00
CA LYS D 344 42.71 -27.42 -27.81
C LYS D 344 44.07 -27.65 -27.18
N HIS D 345 44.88 -26.59 -27.18
CA HIS D 345 46.23 -26.67 -26.63
C HIS D 345 46.59 -25.47 -25.76
N ILE D 346 47.67 -25.59 -24.98
CA ILE D 346 48.13 -24.52 -24.12
C ILE D 346 48.83 -23.36 -24.83
N CYS D 347 48.22 -22.16 -24.78
CA CYS D 347 48.84 -20.98 -25.39
C CYS D 347 49.45 -20.14 -24.26
N HIS D 348 50.61 -19.56 -24.53
CA HIS D 348 51.31 -18.72 -23.57
C HIS D 348 50.96 -17.29 -23.92
N PHE D 349 50.46 -16.54 -22.94
CA PHE D 349 50.10 -15.15 -23.16
C PHE D 349 50.93 -14.21 -22.30
N GLN D 350 51.19 -13.04 -22.88
CA GLN D 350 51.90 -11.98 -22.21
C GLN D 350 50.69 -11.19 -21.71
N THR D 351 50.62 -10.92 -20.41
CA THR D 351 49.47 -10.21 -19.88
C THR D 351 49.04 -8.94 -20.63
N ASP D 352 49.98 -8.23 -21.25
CA ASP D 352 49.65 -6.99 -21.95
C ASP D 352 49.89 -6.97 -23.47
N LYS D 353 50.06 -8.15 -24.06
CA LYS D 353 50.26 -8.29 -25.50
C LYS D 353 49.10 -9.18 -25.96
N SER D 354 48.57 -8.96 -27.16
CA SER D 354 47.43 -9.77 -27.61
C SER D 354 47.76 -11.04 -28.37
N ASN D 355 49.01 -11.23 -28.79
CA ASN D 355 49.39 -12.42 -29.54
C ASN D 355 49.92 -13.45 -28.56
N CYS D 356 49.54 -14.72 -28.74
CA CYS D 356 50.06 -15.76 -27.82
C CYS D 356 50.85 -16.82 -28.55
N THR D 357 51.61 -17.60 -27.80
CA THR D 357 52.37 -18.65 -28.44
C THR D 357 52.03 -20.04 -27.90
N PHE D 358 51.63 -20.93 -28.80
CA PHE D 358 51.29 -22.30 -28.44
C PHE D 358 52.53 -23.07 -28.01
N ILE D 359 52.45 -23.71 -26.84
CA ILE D 359 53.55 -24.52 -26.35
C ILE D 359 53.26 -26.02 -26.45
N THR D 360 52.08 -26.39 -26.95
CA THR D 360 51.72 -27.80 -27.18
C THR D 360 50.99 -27.87 -28.50
N LYS D 361 51.04 -29.03 -29.16
CA LYS D 361 50.35 -29.19 -30.43
C LYS D 361 50.29 -30.67 -30.77
N GLY D 362 49.44 -31.02 -31.73
CA GLY D 362 49.25 -32.41 -32.12
C GLY D 362 47.76 -32.68 -32.22
N ALA D 363 47.38 -33.78 -32.87
CA ALA D 363 45.96 -34.11 -33.01
C ALA D 363 45.45 -34.83 -31.76
N TRP D 364 45.57 -34.15 -30.63
CA TRP D 364 45.09 -34.62 -29.33
C TRP D 364 44.81 -33.32 -28.59
N GLU D 365 44.40 -33.39 -27.33
CA GLU D 365 44.09 -32.16 -26.61
C GLU D 365 44.58 -32.14 -25.17
N VAL D 366 44.80 -30.93 -24.68
CA VAL D 366 45.19 -30.76 -23.29
C VAL D 366 43.82 -30.69 -22.57
N ILE D 367 43.70 -31.38 -21.44
CA ILE D 367 42.45 -31.39 -20.68
C ILE D 367 42.44 -30.23 -19.69
N GLY D 368 43.58 -30.03 -19.02
CA GLY D 368 43.68 -28.93 -18.08
C GLY D 368 45.09 -28.72 -17.54
N ILE D 369 45.38 -27.49 -17.11
CA ILE D 369 46.67 -27.13 -16.54
C ILE D 369 46.55 -27.39 -15.04
N GLU D 370 47.39 -28.28 -14.51
CA GLU D 370 47.34 -28.63 -13.09
C GLU D 370 48.13 -27.75 -12.15
N ALA D 371 49.35 -27.40 -12.54
CA ALA D 371 50.20 -26.58 -11.69
C ALA D 371 51.24 -25.84 -12.52
N LEU D 372 51.79 -24.78 -11.95
CA LEU D 372 52.76 -23.96 -12.63
C LEU D 372 53.80 -23.39 -11.66
N THR D 373 55.08 -23.55 -11.99
CA THR D 373 56.17 -23.00 -11.18
C THR D 373 57.01 -22.12 -12.10
N SER D 374 58.07 -21.53 -11.55
CA SER D 374 58.91 -20.68 -12.37
C SER D 374 59.50 -21.41 -13.58
N ASP D 375 59.83 -22.69 -13.42
CA ASP D 375 60.43 -23.45 -14.51
C ASP D 375 59.54 -24.40 -15.31
N TYR D 376 58.61 -25.08 -14.61
CA TYR D 376 57.73 -26.05 -15.25
C TYR D 376 56.25 -25.78 -15.15
N LEU D 377 55.51 -26.39 -16.08
CA LEU D 377 54.06 -26.31 -16.11
C LEU D 377 53.62 -27.76 -16.25
N TYR D 378 52.68 -28.18 -15.41
CA TYR D 378 52.17 -29.53 -15.43
C TYR D 378 50.75 -29.56 -15.99
N TYR D 379 50.49 -30.51 -16.88
CA TYR D 379 49.16 -30.60 -17.47
C TYR D 379 48.70 -32.03 -17.71
N ILE D 380 47.40 -32.16 -17.94
CA ILE D 380 46.79 -33.46 -18.21
C ILE D 380 46.40 -33.41 -19.67
N SER D 381 46.65 -34.49 -20.42
CA SER D 381 46.26 -34.54 -21.82
C SER D 381 45.95 -35.98 -22.20
N ASN D 382 45.33 -36.16 -23.36
CA ASN D 382 45.01 -37.51 -23.83
C ASN D 382 45.91 -37.90 -25.04
N GLU D 383 47.14 -37.36 -25.06
CA GLU D 383 48.06 -37.67 -26.16
C GLU D 383 48.50 -39.13 -26.18
N HIS D 384 48.85 -39.65 -25.01
CA HIS D 384 49.34 -41.00 -24.90
C HIS D 384 48.59 -42.07 -25.68
N LYS D 385 49.34 -42.82 -26.48
CA LYS D 385 48.78 -43.91 -27.26
C LYS D 385 47.64 -43.49 -28.18
N GLY D 386 47.56 -42.20 -28.47
CA GLY D 386 46.51 -41.69 -29.33
C GLY D 386 45.09 -41.99 -28.84
N MET D 387 44.95 -42.28 -27.55
CA MET D 387 43.64 -42.61 -26.97
C MET D 387 42.94 -41.39 -26.36
N PRO D 388 41.88 -40.91 -27.01
CA PRO D 388 41.21 -39.74 -26.43
C PRO D 388 40.55 -39.99 -25.07
N GLY D 389 40.31 -41.26 -24.73
CA GLY D 389 39.72 -41.63 -23.45
C GLY D 389 40.75 -41.99 -22.40
N GLY D 390 42.00 -41.59 -22.65
CA GLY D 390 43.06 -41.86 -21.71
C GLY D 390 43.50 -40.51 -21.16
N ARG D 391 44.07 -40.49 -19.97
CA ARG D 391 44.52 -39.25 -19.34
C ARG D 391 45.88 -39.46 -18.67
N ASN D 392 46.81 -38.55 -18.90
CA ASN D 392 48.12 -38.68 -18.29
C ASN D 392 48.67 -37.31 -17.91
N LEU D 393 49.56 -37.31 -16.92
CA LEU D 393 50.20 -36.10 -16.41
C LEU D 393 51.51 -35.83 -17.13
N TYR D 394 51.66 -34.61 -17.63
CA TYR D 394 52.88 -34.22 -18.34
C TYR D 394 53.48 -32.97 -17.70
N ARG D 395 54.77 -32.77 -17.95
CA ARG D 395 55.49 -31.60 -17.43
C ARG D 395 56.33 -31.02 -18.55
N ILE D 396 56.07 -29.76 -18.89
CA ILE D 396 56.79 -29.09 -19.96
C ILE D 396 57.75 -28.03 -19.42
N GLN D 397 58.92 -27.90 -20.04
CA GLN D 397 59.91 -26.90 -19.64
C GLN D 397 59.56 -25.55 -20.23
N LEU D 398 59.36 -24.56 -19.37
CA LEU D 398 59.00 -23.23 -19.81
C LEU D 398 60.03 -22.54 -20.69
N ASN D 399 61.32 -22.75 -20.42
CA ASN D 399 62.39 -22.12 -21.21
C ASN D 399 62.67 -22.91 -22.49
N ASP D 400 62.13 -24.12 -22.58
CA ASP D 400 62.30 -24.97 -23.76
C ASP D 400 61.11 -25.92 -23.91
N TYR D 401 60.19 -25.54 -24.80
CA TYR D 401 58.97 -26.32 -25.04
C TYR D 401 59.21 -27.67 -25.70
N THR D 402 60.46 -27.93 -26.07
CA THR D 402 60.81 -29.19 -26.70
C THR D 402 60.91 -30.28 -25.64
N LYS D 403 61.15 -29.87 -24.40
CA LYS D 403 61.28 -30.83 -23.32
C LYS D 403 60.01 -31.08 -22.52
N VAL D 404 59.24 -32.06 -22.99
CA VAL D 404 57.99 -32.49 -22.37
C VAL D 404 58.25 -33.87 -21.81
N THR D 405 57.84 -34.10 -20.57
CA THR D 405 58.06 -35.39 -19.92
C THR D 405 56.75 -35.96 -19.42
N CYS D 406 56.44 -37.21 -19.77
CA CYS D 406 55.21 -37.80 -19.28
C CYS D 406 55.52 -38.51 -17.98
N LEU D 407 55.02 -37.95 -16.89
CA LEU D 407 55.25 -38.45 -15.55
C LEU D 407 54.44 -39.66 -15.12
N SER D 408 53.36 -39.97 -15.83
CA SER D 408 52.52 -41.10 -15.42
C SER D 408 52.38 -42.23 -16.43
N CYS D 409 52.61 -41.92 -17.70
CA CYS D 409 52.50 -42.87 -18.80
C CYS D 409 53.06 -44.27 -18.59
N GLU D 410 54.21 -44.35 -17.92
CA GLU D 410 54.88 -45.62 -17.75
C GLU D 410 54.91 -46.21 -16.35
N LEU D 411 54.19 -45.59 -15.41
CA LEU D 411 54.17 -46.08 -14.05
C LEU D 411 53.54 -47.49 -13.97
N ASN D 412 52.43 -47.68 -14.67
CA ASN D 412 51.71 -48.96 -14.71
C ASN D 412 50.89 -48.94 -15.98
N PRO D 413 51.53 -48.91 -17.15
CA PRO D 413 50.82 -48.86 -18.43
C PRO D 413 49.65 -49.83 -18.66
N GLU D 414 49.61 -50.95 -17.96
CA GLU D 414 48.52 -51.90 -18.17
C GLU D 414 47.35 -51.58 -17.26
N ARG D 415 47.64 -51.27 -16.01
CA ARG D 415 46.62 -50.95 -15.01
C ARG D 415 46.15 -49.48 -14.99
N CYS D 416 47.03 -48.54 -15.38
CA CYS D 416 46.74 -47.11 -15.33
C CYS D 416 46.91 -46.28 -16.60
N GLN D 417 45.79 -45.84 -17.17
CA GLN D 417 45.81 -45.04 -18.39
C GLN D 417 44.96 -43.79 -18.24
N TYR D 418 44.35 -43.63 -17.07
CA TYR D 418 43.48 -42.48 -16.83
C TYR D 418 43.82 -41.90 -15.45
N TYR D 419 44.52 -40.77 -15.43
CA TYR D 419 44.95 -40.14 -14.18
C TYR D 419 44.48 -38.72 -14.00
N SER D 420 44.51 -38.27 -12.74
CA SER D 420 44.26 -36.87 -12.39
C SER D 420 45.41 -36.63 -11.42
N ALA D 421 45.68 -35.38 -11.06
CA ALA D 421 46.77 -35.10 -10.11
C ALA D 421 46.36 -34.05 -9.11
N SER D 422 47.08 -34.02 -8.00
CA SER D 422 46.86 -33.03 -6.94
C SER D 422 48.25 -32.65 -6.39
N PHE D 423 48.67 -31.40 -6.64
CA PHE D 423 49.97 -30.89 -6.22
C PHE D 423 49.96 -30.14 -4.88
N SER D 424 51.06 -30.20 -4.15
CA SER D 424 51.20 -29.48 -2.88
C SER D 424 51.36 -28.00 -3.20
N ASN D 425 51.46 -27.18 -2.15
CA ASN D 425 51.56 -25.73 -2.31
C ASN D 425 52.49 -25.13 -3.33
N LYS D 426 53.74 -25.58 -3.42
CA LYS D 426 54.62 -24.98 -4.43
C LYS D 426 54.97 -26.03 -5.49
N ALA D 427 54.10 -27.04 -5.60
CA ALA D 427 54.29 -28.11 -6.55
C ALA D 427 55.54 -28.91 -6.23
N LYS D 428 55.87 -29.00 -4.95
CA LYS D 428 57.04 -29.75 -4.53
C LYS D 428 56.67 -31.23 -4.53
N TYR D 429 55.39 -31.50 -4.38
CA TYR D 429 54.88 -32.87 -4.36
C TYR D 429 53.57 -32.99 -5.14
N TYR D 430 53.18 -34.22 -5.47
CA TYR D 430 51.93 -34.43 -6.15
C TYR D 430 51.44 -35.84 -5.92
N GLN D 431 50.13 -35.96 -5.72
CA GLN D 431 49.53 -37.26 -5.54
C GLN D 431 48.97 -37.62 -6.90
N LEU D 432 49.21 -38.85 -7.34
CA LEU D 432 48.67 -39.28 -8.62
C LEU D 432 47.47 -40.14 -8.29
N ARG D 433 46.43 -40.01 -9.11
CA ARG D 433 45.20 -40.78 -8.94
C ARG D 433 44.87 -41.52 -10.23
N CYS D 434 45.07 -42.84 -10.20
CA CYS D 434 44.79 -43.71 -11.34
C CYS D 434 43.36 -44.26 -11.22
N PHE D 435 42.54 -44.06 -12.24
CA PHE D 435 41.15 -44.54 -12.16
C PHE D 435 40.81 -45.70 -13.09
N GLY D 436 41.82 -46.24 -13.79
CA GLY D 436 41.55 -47.37 -14.68
C GLY D 436 42.62 -47.55 -15.75
N PRO D 437 42.50 -48.58 -16.60
CA PRO D 437 41.42 -49.57 -16.60
C PRO D 437 41.44 -50.59 -15.46
N GLY D 438 42.54 -50.64 -14.71
CA GLY D 438 42.62 -51.54 -13.57
C GLY D 438 42.06 -50.88 -12.32
N LEU D 439 42.17 -51.55 -11.18
CA LEU D 439 41.64 -50.99 -9.94
C LEU D 439 42.33 -49.67 -9.62
N PRO D 440 41.57 -48.67 -9.13
CA PRO D 440 42.16 -47.38 -8.80
C PRO D 440 43.38 -47.51 -7.91
N LEU D 441 44.39 -46.68 -8.18
CA LEU D 441 45.65 -46.68 -7.45
C LEU D 441 46.08 -45.25 -7.13
N TYR D 442 46.28 -45.01 -5.84
CA TYR D 442 46.67 -43.71 -5.34
C TYR D 442 48.11 -43.74 -4.81
N THR D 443 48.93 -42.85 -5.36
CA THR D 443 50.34 -42.76 -5.00
C THR D 443 50.77 -41.31 -4.74
N LEU D 444 51.90 -41.18 -4.05
CA LEU D 444 52.47 -39.87 -3.74
C LEU D 444 53.86 -39.75 -4.36
N HIS D 445 54.10 -38.65 -5.08
CA HIS D 445 55.39 -38.44 -5.72
C HIS D 445 56.05 -37.11 -5.34
N SER D 446 57.36 -37.06 -5.50
CA SER D 446 58.15 -35.86 -5.23
C SER D 446 58.58 -35.28 -6.57
N SER D 447 58.24 -34.03 -6.81
CA SER D 447 58.59 -33.38 -8.08
C SER D 447 60.08 -33.34 -8.41
N SER D 448 60.92 -33.35 -7.39
CA SER D 448 62.37 -33.27 -7.59
C SER D 448 62.98 -34.42 -8.40
N SER D 449 62.67 -35.66 -8.02
CA SER D 449 63.21 -36.83 -8.72
C SER D 449 62.12 -37.62 -9.42
N ASP D 450 60.88 -37.21 -9.22
CA ASP D 450 59.75 -37.89 -9.82
C ASP D 450 59.74 -39.35 -9.38
N LYS D 451 60.20 -39.59 -8.15
CA LYS D 451 60.23 -40.93 -7.62
C LYS D 451 58.97 -41.16 -6.79
N GLU D 452 58.38 -42.33 -6.94
CA GLU D 452 57.18 -42.66 -6.22
C GLU D 452 57.56 -42.86 -4.75
N LEU D 453 57.22 -41.88 -3.92
CA LEU D 453 57.53 -41.96 -2.50
C LEU D 453 56.89 -43.18 -1.83
N ARG D 454 55.59 -43.40 -2.07
CA ARG D 454 54.90 -44.54 -1.49
C ARG D 454 53.52 -44.73 -2.09
N VAL D 455 52.97 -45.93 -1.87
CA VAL D 455 51.64 -46.25 -2.34
C VAL D 455 50.68 -45.81 -1.24
N LEU D 456 49.78 -44.88 -1.56
CA LEU D 456 48.82 -44.39 -0.56
C LEU D 456 47.65 -45.36 -0.39
N GLU D 457 47.17 -45.90 -1.51
CA GLU D 457 46.05 -46.84 -1.50
C GLU D 457 46.11 -47.58 -2.82
N ASP D 458 46.12 -48.90 -2.76
CA ASP D 458 46.22 -49.71 -3.98
C ASP D 458 45.04 -50.67 -4.18
N ASN D 459 44.03 -50.56 -3.33
CA ASN D 459 42.86 -51.43 -3.43
C ASN D 459 43.14 -52.93 -3.46
N SER D 460 44.14 -53.35 -2.69
CA SER D 460 44.49 -54.75 -2.63
C SER D 460 43.32 -55.58 -2.14
N ALA D 461 42.57 -55.05 -1.17
CA ALA D 461 41.39 -55.75 -0.64
C ALA D 461 40.40 -56.05 -1.75
N LEU D 462 40.03 -55.04 -2.53
CA LEU D 462 39.08 -55.22 -3.63
C LEU D 462 39.59 -56.24 -4.65
N ASP D 463 40.89 -56.18 -4.95
CA ASP D 463 41.49 -57.09 -5.92
C ASP D 463 41.33 -58.54 -5.46
N LYS D 464 41.46 -58.74 -4.15
CA LYS D 464 41.33 -60.07 -3.57
C LYS D 464 39.91 -60.59 -3.70
N MET D 465 38.94 -59.70 -3.58
CA MET D 465 37.55 -60.11 -3.68
C MET D 465 37.14 -60.43 -5.10
N LEU D 466 37.61 -59.63 -6.04
CA LEU D 466 37.23 -59.79 -7.44
C LEU D 466 37.74 -61.00 -8.20
N GLN D 467 38.84 -61.60 -7.74
CA GLN D 467 39.36 -62.76 -8.43
C GLN D 467 38.41 -63.90 -8.13
N ASP D 468 37.55 -63.68 -7.14
CA ASP D 468 36.57 -64.66 -6.73
C ASP D 468 35.19 -64.45 -7.42
N VAL D 469 35.15 -63.56 -8.42
CA VAL D 469 33.90 -63.30 -9.13
C VAL D 469 34.09 -63.23 -10.65
N GLN D 470 33.11 -63.74 -11.39
CA GLN D 470 33.20 -63.75 -12.84
C GLN D 470 32.95 -62.36 -13.41
N MET D 471 34.00 -61.54 -13.39
CA MET D 471 33.90 -60.18 -13.88
C MET D 471 33.88 -60.11 -15.40
N PRO D 472 33.19 -59.12 -15.94
CA PRO D 472 33.12 -58.97 -17.40
C PRO D 472 34.37 -58.20 -17.77
N SER D 473 34.68 -58.12 -19.05
CA SER D 473 35.86 -57.35 -19.45
C SER D 473 35.40 -56.17 -20.30
N LYS D 474 36.21 -55.13 -20.33
CA LYS D 474 35.88 -53.93 -21.08
C LYS D 474 36.91 -53.77 -22.17
N LYS D 475 36.45 -53.72 -23.41
CA LYS D 475 37.33 -53.55 -24.56
C LYS D 475 37.00 -52.28 -25.33
N LEU D 476 38.02 -51.47 -25.64
CA LEU D 476 37.85 -50.25 -26.40
C LEU D 476 38.46 -50.45 -27.77
N ASP D 477 37.78 -49.94 -28.79
CA ASP D 477 38.26 -50.05 -30.15
C ASP D 477 37.61 -48.93 -30.96
N VAL D 478 37.71 -49.00 -32.28
CA VAL D 478 37.18 -47.96 -33.13
C VAL D 478 36.45 -48.50 -34.36
N ILE D 479 35.59 -47.68 -34.95
CA ILE D 479 34.92 -48.05 -36.18
C ILE D 479 34.98 -46.77 -37.00
N ASN D 480 34.66 -46.86 -38.28
CA ASN D 480 34.70 -45.70 -39.13
C ASN D 480 33.33 -45.25 -39.54
N LEU D 481 33.08 -43.96 -39.40
CA LEU D 481 31.81 -43.35 -39.80
C LEU D 481 32.16 -42.07 -40.54
N HIS D 482 31.61 -41.90 -41.74
CA HIS D 482 31.89 -40.68 -42.48
C HIS D 482 33.41 -40.45 -42.61
N GLY D 483 34.15 -41.52 -42.85
CA GLY D 483 35.58 -41.39 -43.02
C GLY D 483 36.35 -40.89 -41.81
N THR D 484 35.87 -41.18 -40.61
CA THR D 484 36.56 -40.76 -39.40
C THR D 484 36.58 -41.93 -38.41
N LYS D 485 37.61 -41.99 -37.57
CA LYS D 485 37.70 -43.06 -36.59
C LYS D 485 37.05 -42.54 -35.31
N PHE D 486 36.08 -43.29 -34.82
CA PHE D 486 35.36 -42.92 -33.59
C PHE D 486 35.48 -44.08 -32.63
N TRP D 487 35.65 -43.78 -31.35
CA TRP D 487 35.82 -44.81 -30.35
C TRP D 487 34.52 -45.36 -29.77
N TYR D 488 34.55 -46.63 -29.35
CA TYR D 488 33.41 -47.25 -28.71
C TYR D 488 34.02 -48.17 -27.68
N GLN D 489 33.21 -48.60 -26.71
CA GLN D 489 33.67 -49.54 -25.71
C GLN D 489 32.59 -50.60 -25.57
N MET D 490 32.99 -51.81 -25.23
CA MET D 490 32.04 -52.89 -25.02
C MET D 490 32.37 -53.57 -23.72
N ILE D 491 31.36 -53.76 -22.88
CA ILE D 491 31.55 -54.47 -21.61
C ILE D 491 31.07 -55.86 -22.03
N LEU D 492 31.99 -56.82 -22.00
CA LEU D 492 31.71 -58.19 -22.43
C LEU D 492 31.55 -59.17 -21.32
N PRO D 493 30.50 -59.99 -21.40
CA PRO D 493 30.22 -61.01 -20.38
C PRO D 493 31.42 -61.96 -20.19
N PRO D 494 31.56 -62.53 -18.98
CA PRO D 494 32.66 -63.46 -18.69
C PRO D 494 32.62 -64.66 -19.66
N HIS D 495 33.80 -65.20 -19.99
CA HIS D 495 33.86 -66.34 -20.90
C HIS D 495 33.19 -66.00 -22.21
N PHE D 496 33.48 -64.80 -22.71
CA PHE D 496 32.90 -64.35 -23.96
C PHE D 496 33.12 -65.35 -25.08
N ASP D 497 32.03 -65.75 -25.70
CA ASP D 497 32.08 -66.74 -26.76
C ASP D 497 31.63 -66.16 -28.07
N LYS D 498 32.57 -65.70 -28.90
CA LYS D 498 32.14 -65.19 -30.18
C LYS D 498 31.46 -66.43 -30.75
N SER D 499 30.77 -66.29 -31.88
CA SER D 499 30.05 -67.43 -32.46
C SER D 499 28.65 -67.47 -31.84
N LYS D 500 28.57 -67.10 -30.56
CA LYS D 500 27.29 -67.06 -29.87
C LYS D 500 26.76 -65.64 -30.10
N LYS D 501 25.45 -65.52 -30.27
CA LYS D 501 24.83 -64.21 -30.52
C LYS D 501 24.20 -63.63 -29.24
N TYR D 502 24.83 -62.57 -28.72
CA TYR D 502 24.39 -61.91 -27.50
C TYR D 502 23.46 -60.74 -27.68
N PRO D 503 22.64 -60.45 -26.66
CA PRO D 503 21.74 -59.30 -26.75
C PRO D 503 22.66 -58.11 -26.46
N LEU D 504 22.31 -56.96 -27.01
CA LEU D 504 23.13 -55.77 -26.88
C LEU D 504 22.37 -54.55 -26.39
N LEU D 505 22.92 -53.91 -25.38
CA LEU D 505 22.35 -52.69 -24.81
C LEU D 505 23.33 -51.58 -25.12
N ILE D 506 22.83 -50.51 -25.72
CA ILE D 506 23.68 -49.35 -25.98
C ILE D 506 23.39 -48.39 -24.81
N GLU D 507 24.43 -47.92 -24.13
CA GLU D 507 24.29 -46.98 -23.04
C GLU D 507 24.82 -45.67 -23.62
N VAL D 508 23.98 -44.63 -23.64
CA VAL D 508 24.34 -43.38 -24.30
C VAL D 508 24.27 -42.08 -23.49
N TYR D 509 25.10 -41.13 -23.90
CA TYR D 509 25.12 -39.78 -23.32
C TYR D 509 25.06 -39.01 -24.64
N ALA D 510 26.21 -38.91 -25.30
CA ALA D 510 26.32 -38.27 -26.62
C ALA D 510 25.97 -36.80 -26.70
N GLY D 511 25.98 -36.10 -25.58
CA GLY D 511 25.68 -34.67 -25.63
C GLY D 511 26.96 -33.95 -26.07
N PRO D 512 26.88 -32.64 -26.38
CA PRO D 512 28.09 -31.91 -26.79
C PRO D 512 29.21 -32.02 -25.77
N CYS D 513 30.39 -32.43 -26.25
CA CYS D 513 31.61 -32.61 -25.47
C CYS D 513 31.54 -33.78 -24.49
N SER D 514 30.66 -34.72 -24.79
CA SER D 514 30.53 -35.88 -23.93
C SER D 514 31.64 -36.86 -24.27
N GLN D 515 31.90 -37.76 -23.31
CA GLN D 515 32.86 -38.83 -23.51
C GLN D 515 32.42 -40.04 -22.70
N LYS D 516 31.69 -40.93 -23.37
CA LYS D 516 31.19 -42.17 -22.78
C LYS D 516 32.19 -43.30 -22.94
N VAL D 517 33.21 -43.06 -23.76
CA VAL D 517 34.21 -44.09 -24.03
C VAL D 517 35.53 -43.72 -23.39
N ASP D 518 35.88 -44.42 -22.33
CA ASP D 518 37.14 -44.11 -21.66
C ASP D 518 37.71 -45.33 -20.95
N THR D 519 38.87 -45.15 -20.31
CA THR D 519 39.53 -46.27 -19.65
C THR D 519 39.37 -46.27 -18.15
N VAL D 520 38.26 -45.74 -17.66
CA VAL D 520 38.01 -45.69 -16.23
C VAL D 520 37.39 -46.98 -15.74
N PHE D 521 37.85 -47.43 -14.58
CA PHE D 521 37.30 -48.63 -13.98
C PHE D 521 35.99 -48.22 -13.33
N ARG D 522 34.93 -48.98 -13.58
CA ARG D 522 33.63 -48.67 -12.99
C ARG D 522 32.83 -49.91 -12.65
N LEU D 523 32.36 -49.98 -11.40
CA LEU D 523 31.53 -51.07 -10.93
C LEU D 523 30.13 -50.45 -11.15
N SER D 524 29.50 -50.80 -12.27
CA SER D 524 28.21 -50.20 -12.64
C SER D 524 27.10 -51.21 -12.91
N TRP D 525 25.95 -50.66 -13.29
CA TRP D 525 24.79 -51.47 -13.63
C TRP D 525 25.20 -52.36 -14.81
N ALA D 526 25.94 -51.80 -15.75
CA ALA D 526 26.40 -52.55 -16.93
C ALA D 526 27.26 -53.74 -16.50
N THR D 527 28.01 -53.59 -15.41
CA THR D 527 28.84 -54.66 -14.91
C THR D 527 27.97 -55.87 -14.53
N TYR D 528 26.84 -55.62 -13.87
CA TYR D 528 25.95 -56.70 -13.51
C TYR D 528 25.24 -57.26 -14.78
N LEU D 529 24.83 -56.39 -15.68
CA LEU D 529 24.15 -56.84 -16.88
C LEU D 529 25.00 -57.81 -17.69
N ALA D 530 26.29 -57.47 -17.88
CA ALA D 530 27.21 -58.33 -18.63
C ALA D 530 27.62 -59.57 -17.84
N SER D 531 28.01 -59.38 -16.58
CA SER D 531 28.45 -60.48 -15.73
C SER D 531 27.36 -61.50 -15.42
N THR D 532 26.19 -61.01 -15.00
CA THR D 532 25.11 -61.91 -14.61
C THR D 532 24.08 -62.25 -15.66
N GLU D 533 23.62 -61.26 -16.43
CA GLU D 533 22.60 -61.52 -17.45
C GLU D 533 23.17 -61.75 -18.85
N ASN D 534 24.49 -61.79 -18.95
CA ASN D 534 25.16 -61.99 -20.21
C ASN D 534 24.70 -61.10 -21.36
N ILE D 535 24.59 -59.82 -21.03
CA ILE D 535 24.21 -58.80 -21.99
C ILE D 535 25.49 -58.01 -22.33
N ILE D 536 25.71 -57.73 -23.60
CA ILE D 536 26.88 -56.94 -23.97
C ILE D 536 26.41 -55.51 -23.83
N VAL D 537 27.19 -54.67 -23.16
CA VAL D 537 26.82 -53.26 -23.03
C VAL D 537 27.88 -52.42 -23.74
N ALA D 538 27.44 -51.62 -24.70
CA ALA D 538 28.37 -50.79 -25.41
C ALA D 538 28.00 -49.29 -25.37
N SER D 539 29.01 -48.46 -25.62
CA SER D 539 28.84 -47.02 -25.69
C SER D 539 29.66 -46.56 -26.90
N PHE D 540 29.22 -45.47 -27.51
CA PHE D 540 29.88 -44.93 -28.68
C PHE D 540 29.95 -43.41 -28.64
N ASP D 541 31.13 -42.85 -28.94
CA ASP D 541 31.33 -41.41 -29.00
C ASP D 541 31.44 -41.00 -30.46
N GLY D 542 30.37 -40.38 -30.97
CA GLY D 542 30.35 -39.94 -32.34
C GLY D 542 30.48 -38.44 -32.50
N ARG D 543 29.86 -37.91 -33.53
CA ARG D 543 29.92 -36.48 -33.73
C ARG D 543 29.31 -35.77 -32.51
N GLY D 544 29.96 -34.67 -32.14
CA GLY D 544 29.51 -33.89 -31.02
C GLY D 544 30.29 -34.20 -29.74
N SER D 545 30.94 -35.37 -29.70
CA SER D 545 31.70 -35.75 -28.50
C SER D 545 32.94 -34.87 -28.41
N GLY D 546 33.60 -34.89 -27.26
CA GLY D 546 34.74 -34.01 -27.09
C GLY D 546 36.08 -34.66 -26.90
N TYR D 547 37.08 -33.82 -26.66
CA TYR D 547 38.46 -34.24 -26.43
C TYR D 547 39.11 -34.78 -27.69
N GLN D 548 38.52 -34.47 -28.84
CA GLN D 548 39.04 -34.93 -30.12
C GLN D 548 39.08 -33.83 -31.15
N GLY D 549 39.13 -32.59 -30.68
CA GLY D 549 39.16 -31.45 -31.60
C GLY D 549 37.81 -30.87 -31.90
N ASP D 550 37.80 -29.64 -32.42
CA ASP D 550 36.56 -28.94 -32.73
C ASP D 550 35.77 -29.44 -33.92
N LYS D 551 36.45 -30.04 -34.91
CA LYS D 551 35.75 -30.53 -36.10
C LYS D 551 34.71 -31.55 -35.63
N ILE D 552 35.11 -32.41 -34.71
CA ILE D 552 34.23 -33.44 -34.17
C ILE D 552 33.20 -32.83 -33.23
N MET D 553 33.69 -32.09 -32.24
CA MET D 553 32.81 -31.51 -31.25
C MET D 553 31.79 -30.54 -31.77
N HIS D 554 32.22 -29.61 -32.63
CA HIS D 554 31.29 -28.60 -33.16
C HIS D 554 30.38 -29.07 -34.28
N ALA D 555 30.50 -30.33 -34.69
CA ALA D 555 29.63 -30.83 -35.75
C ALA D 555 28.15 -30.69 -35.42
N ILE D 556 27.79 -30.69 -34.12
CA ILE D 556 26.37 -30.57 -33.78
C ILE D 556 25.92 -29.16 -33.42
N ASN D 557 26.83 -28.19 -33.54
CA ASN D 557 26.52 -26.80 -33.24
C ASN D 557 25.20 -26.42 -33.91
N ARG D 558 24.34 -25.75 -33.16
CA ARG D 558 23.03 -25.28 -33.61
C ARG D 558 22.10 -26.34 -34.19
N ARG D 559 22.41 -27.62 -33.95
CA ARG D 559 21.55 -28.69 -34.45
C ARG D 559 21.57 -29.91 -33.52
N LEU D 560 21.27 -29.70 -32.25
CA LEU D 560 21.22 -30.80 -31.28
C LEU D 560 20.15 -31.78 -31.72
N GLY D 561 20.41 -33.07 -31.54
CA GLY D 561 19.42 -34.06 -31.89
C GLY D 561 19.54 -34.57 -33.31
N THR D 562 20.61 -34.19 -34.00
CA THR D 562 20.77 -34.67 -35.36
C THR D 562 21.92 -35.64 -35.52
N PHE D 563 23.10 -35.12 -35.85
CA PHE D 563 24.26 -35.98 -36.08
C PHE D 563 24.61 -36.93 -34.93
N GLU D 564 24.53 -36.46 -33.68
CA GLU D 564 24.89 -37.33 -32.57
C GLU D 564 23.92 -38.50 -32.49
N VAL D 565 22.62 -38.26 -32.70
CA VAL D 565 21.70 -39.39 -32.63
C VAL D 565 21.85 -40.29 -33.87
N GLU D 566 22.05 -39.69 -35.03
CA GLU D 566 22.23 -40.48 -36.26
C GLU D 566 23.45 -41.39 -36.13
N ASP D 567 24.52 -40.87 -35.53
CA ASP D 567 25.74 -41.64 -35.32
C ASP D 567 25.56 -42.81 -34.35
N GLN D 568 24.69 -42.67 -33.34
CA GLN D 568 24.46 -43.79 -32.42
C GLN D 568 23.77 -44.89 -33.23
N ILE D 569 22.81 -44.49 -34.06
CA ILE D 569 22.11 -45.45 -34.89
C ILE D 569 23.08 -46.15 -35.84
N GLU D 570 23.88 -45.36 -36.57
CA GLU D 570 24.86 -45.90 -37.52
C GLU D 570 25.83 -46.86 -36.86
N ALA D 571 26.39 -46.46 -35.72
CA ALA D 571 27.33 -47.32 -35.02
C ALA D 571 26.68 -48.65 -34.59
N THR D 572 25.47 -48.56 -34.04
CA THR D 572 24.76 -49.75 -33.56
C THR D 572 24.47 -50.66 -34.75
N ARG D 573 24.15 -50.04 -35.88
CA ARG D 573 23.87 -50.76 -37.11
C ARG D 573 25.12 -51.60 -37.44
N GLN D 574 26.31 -51.02 -37.25
CA GLN D 574 27.55 -51.76 -37.52
C GLN D 574 27.70 -52.88 -36.50
N PHE D 575 27.55 -52.54 -35.22
CA PHE D 575 27.62 -53.55 -34.17
C PHE D 575 26.61 -54.68 -34.43
N SER D 576 25.45 -54.35 -34.99
CA SER D 576 24.43 -55.36 -35.22
C SER D 576 24.79 -56.33 -36.32
N LYS D 577 25.76 -55.99 -37.15
CA LYS D 577 26.15 -56.89 -38.22
C LYS D 577 27.32 -57.74 -37.80
N MET D 578 27.85 -57.47 -36.61
CA MET D 578 28.95 -58.27 -36.13
C MET D 578 28.36 -59.64 -35.76
N GLY D 579 29.20 -60.67 -35.80
CA GLY D 579 28.75 -62.02 -35.56
C GLY D 579 28.26 -62.40 -34.18
N PHE D 580 28.81 -61.77 -33.16
CA PHE D 580 28.46 -62.08 -31.78
C PHE D 580 27.29 -61.26 -31.18
N VAL D 581 26.57 -60.55 -32.04
CA VAL D 581 25.43 -59.72 -31.64
C VAL D 581 24.12 -60.22 -32.25
N ASP D 582 23.08 -60.32 -31.42
CA ASP D 582 21.76 -60.74 -31.86
C ASP D 582 21.02 -59.49 -32.28
N ASP D 583 20.96 -59.23 -33.58
CA ASP D 583 20.32 -58.03 -34.09
C ASP D 583 18.82 -57.94 -33.79
N LYS D 584 18.24 -59.04 -33.31
CA LYS D 584 16.82 -59.00 -32.98
C LYS D 584 16.67 -58.59 -31.51
N ARG D 585 17.79 -58.41 -30.82
CA ARG D 585 17.75 -58.04 -29.41
C ARG D 585 18.75 -56.93 -29.09
N ILE D 586 18.42 -55.74 -29.53
CA ILE D 586 19.27 -54.58 -29.30
C ILE D 586 18.43 -53.51 -28.62
N ALA D 587 18.98 -52.97 -27.54
CA ALA D 587 18.28 -51.95 -26.80
C ALA D 587 19.21 -50.76 -26.61
N ILE D 588 18.65 -49.66 -26.11
CA ILE D 588 19.41 -48.43 -25.83
C ILE D 588 18.79 -47.68 -24.64
N TRP D 589 19.65 -47.12 -23.79
CA TRP D 589 19.17 -46.38 -22.64
C TRP D 589 20.11 -45.24 -22.26
N GLY D 590 19.59 -44.24 -21.57
CA GLY D 590 20.45 -43.15 -21.13
C GLY D 590 19.72 -42.23 -20.16
N TRP D 591 20.48 -41.40 -19.48
CA TRP D 591 19.97 -40.44 -18.48
C TRP D 591 20.25 -39.03 -19.01
N SER D 592 19.35 -38.09 -18.73
CA SER D 592 19.57 -36.70 -19.14
C SER D 592 19.71 -36.56 -20.63
N TYR D 593 20.82 -36.00 -21.12
CA TYR D 593 20.99 -35.87 -22.56
C TYR D 593 20.89 -37.26 -23.18
N GLY D 594 21.40 -38.25 -22.46
CA GLY D 594 21.36 -39.63 -22.91
C GLY D 594 19.93 -40.10 -23.04
N GLY D 595 19.04 -39.57 -22.20
CA GLY D 595 17.65 -39.94 -22.28
C GLY D 595 17.02 -39.32 -23.51
N TYR D 596 17.39 -38.07 -23.77
CA TYR D 596 16.91 -37.37 -24.95
C TYR D 596 17.35 -38.16 -26.20
N VAL D 597 18.63 -38.53 -26.24
CA VAL D 597 19.17 -39.26 -27.39
C VAL D 597 18.51 -40.64 -27.53
N THR D 598 18.37 -41.33 -26.41
CA THR D 598 17.70 -42.63 -26.42
C THR D 598 16.34 -42.47 -27.09
N SER D 599 15.65 -41.39 -26.73
CA SER D 599 14.31 -41.10 -27.24
C SER D 599 14.26 -40.74 -28.70
N MET D 600 15.17 -39.87 -29.12
CA MET D 600 15.22 -39.48 -30.53
C MET D 600 15.51 -40.74 -31.37
N VAL D 601 16.43 -41.58 -30.89
CA VAL D 601 16.76 -42.82 -31.58
C VAL D 601 15.53 -43.74 -31.71
N LEU D 602 14.91 -44.08 -30.59
CA LEU D 602 13.74 -44.93 -30.64
C LEU D 602 12.68 -44.36 -31.56
N GLY D 603 12.59 -43.04 -31.62
CA GLY D 603 11.60 -42.41 -32.47
C GLY D 603 12.05 -42.21 -33.92
N ALA D 604 13.27 -42.65 -34.25
CA ALA D 604 13.81 -42.48 -35.59
C ALA D 604 13.23 -43.42 -36.64
N GLY D 605 12.67 -44.55 -36.21
CA GLY D 605 12.10 -45.52 -37.12
C GLY D 605 13.17 -46.30 -37.87
N SER D 606 14.33 -46.49 -37.25
CA SER D 606 15.44 -47.19 -37.88
C SER D 606 15.27 -48.70 -37.88
N GLY D 607 14.35 -49.19 -37.06
CA GLY D 607 14.15 -50.63 -36.99
C GLY D 607 15.27 -51.37 -36.31
N VAL D 608 16.32 -50.65 -35.91
CA VAL D 608 17.47 -51.28 -35.28
C VAL D 608 17.25 -51.70 -33.82
N PHE D 609 16.55 -50.85 -33.07
CA PHE D 609 16.33 -51.09 -31.64
C PHE D 609 14.95 -51.62 -31.33
N LYS D 610 14.90 -52.67 -30.52
CA LYS D 610 13.66 -53.30 -30.11
C LYS D 610 13.01 -52.53 -28.94
N CYS D 611 13.84 -52.02 -28.04
CA CYS D 611 13.29 -51.28 -26.89
C CYS D 611 14.33 -50.31 -26.34
N GLY D 612 13.88 -49.42 -25.46
CA GLY D 612 14.80 -48.46 -24.87
C GLY D 612 14.22 -47.84 -23.61
N ILE D 613 15.09 -47.26 -22.79
CA ILE D 613 14.67 -46.63 -21.55
C ILE D 613 15.26 -45.23 -21.47
N ALA D 614 14.42 -44.24 -21.21
CA ALA D 614 14.92 -42.88 -21.09
C ALA D 614 14.65 -42.41 -19.65
N VAL D 615 15.69 -41.97 -18.95
CA VAL D 615 15.52 -41.48 -17.57
C VAL D 615 15.76 -39.96 -17.48
N ALA D 616 14.79 -39.23 -16.94
CA ALA D 616 14.88 -37.76 -16.79
C ALA D 616 15.41 -37.10 -18.08
N PRO D 617 14.75 -37.40 -19.22
CA PRO D 617 15.21 -36.81 -20.48
C PRO D 617 14.72 -35.42 -20.81
N VAL D 618 15.48 -34.74 -21.67
CA VAL D 618 15.01 -33.47 -22.20
C VAL D 618 14.10 -33.99 -23.32
N SER D 619 12.99 -33.30 -23.59
CA SER D 619 12.13 -33.73 -24.70
C SER D 619 11.97 -32.58 -25.70
N LYS D 620 12.22 -31.35 -25.25
CA LYS D 620 12.11 -30.15 -26.10
C LYS D 620 13.09 -29.09 -25.56
N TRP D 621 14.01 -28.64 -26.41
CA TRP D 621 15.03 -27.71 -25.96
C TRP D 621 14.56 -26.42 -25.31
N GLU D 622 13.40 -25.90 -25.75
CA GLU D 622 12.91 -24.70 -25.11
C GLU D 622 12.54 -24.91 -23.65
N TYR D 623 12.45 -26.17 -23.21
CA TYR D 623 12.11 -26.45 -21.79
C TYR D 623 13.37 -26.47 -20.93
N TYR D 624 14.55 -26.61 -21.54
CA TYR D 624 15.78 -26.67 -20.74
C TYR D 624 16.36 -25.28 -20.43
N ASP D 625 17.31 -25.21 -19.50
CA ASP D 625 17.86 -23.91 -19.12
C ASP D 625 18.58 -23.16 -20.25
N SER D 626 18.57 -21.84 -20.13
CA SER D 626 19.17 -20.95 -21.14
C SER D 626 20.68 -21.11 -21.35
N VAL D 627 21.46 -21.09 -20.28
CA VAL D 627 22.92 -21.17 -20.40
C VAL D 627 23.42 -22.37 -21.19
N TYR D 628 22.95 -23.56 -20.85
CA TYR D 628 23.40 -24.74 -21.57
C TYR D 628 22.77 -24.85 -22.96
N THR D 629 21.47 -24.66 -23.03
CA THR D 629 20.79 -24.82 -24.31
C THR D 629 21.27 -23.87 -25.41
N GLU D 630 21.24 -22.58 -25.12
CA GLU D 630 21.65 -21.53 -26.04
C GLU D 630 23.11 -21.63 -26.47
N ARG D 631 23.95 -22.18 -25.61
CA ARG D 631 25.35 -22.35 -25.93
C ARG D 631 25.47 -23.11 -27.25
N TYR D 632 24.61 -24.11 -27.44
CA TYR D 632 24.67 -24.94 -28.62
C TYR D 632 23.59 -24.65 -29.63
N MET D 633 22.49 -24.07 -29.18
CA MET D 633 21.39 -23.85 -30.08
C MET D 633 21.06 -22.43 -30.45
N GLY D 634 21.72 -21.45 -29.83
CA GLY D 634 21.38 -20.08 -30.13
C GLY D 634 20.01 -19.79 -29.52
N LEU D 635 19.34 -18.78 -30.05
CA LEU D 635 18.04 -18.36 -29.54
C LEU D 635 16.91 -18.95 -30.35
N PRO D 636 15.82 -19.37 -29.67
CA PRO D 636 14.67 -19.94 -30.36
C PRO D 636 13.75 -18.88 -30.96
N THR D 637 14.24 -18.16 -31.97
CA THR D 637 13.46 -17.13 -32.66
C THR D 637 13.54 -17.38 -34.16
N PRO D 638 12.50 -16.95 -34.91
CA PRO D 638 12.56 -17.18 -36.36
C PRO D 638 13.78 -16.50 -37.02
N GLU D 639 14.26 -15.42 -36.43
CA GLU D 639 15.42 -14.73 -36.99
C GLU D 639 16.71 -15.43 -36.59
N ASP D 640 16.61 -16.42 -35.69
CA ASP D 640 17.80 -17.16 -35.28
C ASP D 640 17.72 -18.67 -35.55
N ASN D 641 17.42 -19.46 -34.52
CA ASN D 641 17.41 -20.91 -34.75
C ASN D 641 16.10 -21.64 -34.41
N LEU D 642 14.98 -20.94 -34.36
CA LEU D 642 13.71 -21.59 -34.03
C LEU D 642 13.43 -22.84 -34.88
N ASP D 643 13.77 -22.78 -36.17
CA ASP D 643 13.54 -23.91 -37.05
C ASP D 643 14.14 -25.23 -36.54
N TYR D 644 15.36 -25.18 -36.01
CA TYR D 644 16.01 -26.38 -35.50
C TYR D 644 15.57 -26.76 -34.08
N TYR D 645 14.96 -25.80 -33.38
CA TYR D 645 14.41 -26.03 -32.03
C TYR D 645 13.12 -26.80 -32.25
N ARG D 646 12.40 -26.39 -33.29
CA ARG D 646 11.11 -26.96 -33.64
C ARG D 646 11.11 -28.40 -34.10
N ASN D 647 12.09 -28.78 -34.89
CA ASN D 647 12.08 -30.12 -35.41
C ASN D 647 13.02 -31.07 -34.67
N SER D 648 13.53 -30.63 -33.51
CA SER D 648 14.40 -31.47 -32.70
C SER D 648 13.72 -31.97 -31.40
N THR D 649 12.41 -31.82 -31.28
CA THR D 649 11.71 -32.30 -30.08
C THR D 649 11.46 -33.80 -30.23
N VAL D 650 11.28 -34.49 -29.11
CA VAL D 650 11.00 -35.92 -29.18
C VAL D 650 9.55 -36.07 -29.65
N MET D 651 8.68 -35.18 -29.20
CA MET D 651 7.25 -35.25 -29.55
C MET D 651 6.98 -35.32 -31.07
N SER D 652 7.84 -34.70 -31.88
CA SER D 652 7.60 -34.71 -33.33
C SER D 652 7.80 -36.12 -33.88
N ARG D 653 8.39 -37.02 -33.10
CA ARG D 653 8.62 -38.38 -33.54
C ARG D 653 7.69 -39.40 -32.89
N ALA D 654 6.68 -38.91 -32.18
CA ALA D 654 5.72 -39.76 -31.45
C ALA D 654 5.16 -40.96 -32.19
N GLU D 655 4.74 -40.76 -33.43
CA GLU D 655 4.17 -41.83 -34.21
C GLU D 655 5.12 -43.03 -34.39
N ASN D 656 6.42 -42.78 -34.46
CA ASN D 656 7.37 -43.88 -34.66
C ASN D 656 7.57 -44.80 -33.46
N PHE D 657 7.04 -44.41 -32.29
CA PHE D 657 7.18 -45.21 -31.07
C PHE D 657 6.30 -46.45 -31.06
N LYS D 658 5.37 -46.52 -32.01
CA LYS D 658 4.47 -47.69 -32.13
C LYS D 658 5.33 -48.91 -32.44
N GLN D 659 6.50 -48.67 -33.04
CA GLN D 659 7.40 -49.76 -33.44
C GLN D 659 8.31 -50.31 -32.32
N VAL D 660 8.37 -49.62 -31.18
CA VAL D 660 9.26 -50.08 -30.14
C VAL D 660 8.61 -50.19 -28.78
N GLU D 661 9.31 -50.82 -27.85
CA GLU D 661 8.85 -50.92 -26.46
C GLU D 661 9.65 -49.82 -25.72
N TYR D 662 8.97 -48.91 -25.04
CA TYR D 662 9.61 -47.78 -24.39
C TYR D 662 9.23 -47.59 -22.91
N LEU D 663 10.23 -47.24 -22.10
CA LEU D 663 10.04 -46.98 -20.68
C LEU D 663 10.55 -45.54 -20.43
N LEU D 664 9.68 -44.69 -19.89
CA LEU D 664 9.97 -43.28 -19.60
C LEU D 664 9.97 -43.10 -18.06
N ILE D 665 11.10 -42.71 -17.49
CA ILE D 665 11.22 -42.54 -16.05
C ILE D 665 11.62 -41.10 -15.70
N HIS D 666 10.99 -40.53 -14.67
CA HIS D 666 11.31 -39.17 -14.27
C HIS D 666 10.98 -38.89 -12.79
N GLY D 667 11.85 -38.16 -12.10
CA GLY D 667 11.57 -37.79 -10.72
C GLY D 667 10.68 -36.55 -10.73
N THR D 668 9.64 -36.52 -9.87
CA THR D 668 8.70 -35.40 -9.85
C THR D 668 9.28 -34.11 -9.29
N ALA D 669 10.36 -34.23 -8.53
CA ALA D 669 10.98 -33.05 -7.94
C ALA D 669 12.29 -32.73 -8.64
N ASP D 670 12.38 -32.99 -9.94
CA ASP D 670 13.60 -32.71 -10.72
C ASP D 670 13.61 -31.18 -10.98
N ASP D 671 14.57 -30.48 -10.38
CA ASP D 671 14.70 -29.02 -10.54
C ASP D 671 15.54 -28.65 -11.78
N ASN D 672 16.22 -29.65 -12.34
CA ASN D 672 17.14 -29.49 -13.48
C ASN D 672 16.41 -29.77 -14.80
N VAL D 673 16.08 -31.03 -15.05
CA VAL D 673 15.28 -31.39 -16.23
C VAL D 673 13.90 -31.54 -15.59
N HIS D 674 13.06 -30.53 -15.75
CA HIS D 674 11.75 -30.53 -15.13
C HIS D 674 10.83 -31.67 -15.58
N PHE D 675 10.14 -32.24 -14.59
CA PHE D 675 9.21 -33.34 -14.84
C PHE D 675 8.35 -33.00 -16.07
N GLN D 676 8.01 -31.71 -16.19
CA GLN D 676 7.26 -31.17 -17.33
C GLN D 676 7.73 -31.76 -18.68
N GLN D 677 9.04 -31.97 -18.82
CA GLN D 677 9.61 -32.50 -20.07
C GLN D 677 9.04 -33.89 -20.41
N SER D 678 8.99 -34.75 -19.41
CA SER D 678 8.43 -36.09 -19.57
C SER D 678 6.92 -36.02 -19.59
N ALA D 679 6.34 -35.07 -18.84
CA ALA D 679 4.90 -34.95 -18.85
C ALA D 679 4.39 -34.56 -20.27
N GLN D 680 5.11 -33.65 -20.92
CA GLN D 680 4.72 -33.22 -22.25
C GLN D 680 4.98 -34.33 -23.26
N LEU D 681 6.06 -35.09 -23.06
CA LEU D 681 6.37 -36.18 -23.97
C LEU D 681 5.31 -37.27 -23.90
N SER D 682 4.94 -37.67 -22.68
CA SER D 682 3.91 -38.71 -22.52
C SER D 682 2.58 -38.24 -23.17
N LYS D 683 2.21 -36.97 -22.98
CA LYS D 683 0.97 -36.47 -23.56
C LYS D 683 0.97 -36.61 -25.11
N ALA D 684 2.12 -36.37 -25.73
CA ALA D 684 2.22 -36.49 -27.20
C ALA D 684 2.07 -37.97 -27.61
N LEU D 685 2.70 -38.86 -26.87
CA LEU D 685 2.59 -40.27 -27.17
C LEU D 685 1.13 -40.75 -26.98
N VAL D 686 0.46 -40.27 -25.93
CA VAL D 686 -0.92 -40.64 -25.70
C VAL D 686 -1.78 -40.13 -26.87
N ASP D 687 -1.54 -38.89 -27.28
CA ASP D 687 -2.28 -38.29 -28.39
C ASP D 687 -2.01 -39.01 -29.70
N ALA D 688 -0.84 -39.62 -29.80
CA ALA D 688 -0.47 -40.35 -31.01
C ALA D 688 -1.01 -41.77 -30.95
N GLY D 689 -1.67 -42.13 -29.85
CA GLY D 689 -2.23 -43.47 -29.75
C GLY D 689 -1.16 -44.55 -29.63
N VAL D 690 -0.03 -44.18 -29.05
CA VAL D 690 1.11 -45.07 -28.86
C VAL D 690 1.21 -45.64 -27.45
N ASP D 691 1.33 -46.96 -27.30
CA ASP D 691 1.45 -47.54 -25.96
C ASP D 691 2.91 -47.60 -25.53
N PHE D 692 3.16 -47.31 -24.25
CA PHE D 692 4.49 -47.29 -23.67
C PHE D 692 4.35 -47.44 -22.18
N GLN D 693 5.48 -47.52 -21.49
CA GLN D 693 5.48 -47.62 -20.04
C GLN D 693 6.12 -46.37 -19.43
N THR D 694 5.70 -46.09 -18.21
CA THR D 694 6.14 -44.92 -17.51
C THR D 694 6.40 -45.24 -16.04
N MET D 695 7.23 -44.43 -15.39
CA MET D 695 7.47 -44.57 -13.96
C MET D 695 7.89 -43.20 -13.40
N TRP D 696 7.03 -42.65 -12.55
CA TRP D 696 7.37 -41.37 -11.91
C TRP D 696 8.01 -41.78 -10.60
N TYR D 697 8.86 -40.92 -10.04
CA TYR D 697 9.49 -41.17 -8.73
C TYR D 697 9.22 -39.95 -7.87
N THR D 698 8.22 -40.12 -7.02
CA THR D 698 7.78 -39.06 -6.14
C THR D 698 8.91 -38.41 -5.35
N ASP D 699 8.98 -37.09 -5.47
CA ASP D 699 9.95 -36.29 -4.73
C ASP D 699 11.43 -36.56 -5.03
N GLU D 700 11.73 -37.36 -6.04
CA GLU D 700 13.13 -37.59 -6.36
C GLU D 700 13.58 -36.51 -7.34
N ASP D 701 14.85 -36.15 -7.31
CA ASP D 701 15.29 -35.11 -8.23
C ASP D 701 16.04 -35.68 -9.45
N HIS D 702 16.90 -34.88 -10.06
CA HIS D 702 17.59 -35.33 -11.26
C HIS D 702 18.42 -36.61 -11.10
N GLY D 703 18.91 -36.88 -9.90
CA GLY D 703 19.70 -38.09 -9.70
C GLY D 703 18.88 -39.29 -9.26
N ILE D 704 17.59 -39.13 -8.90
CA ILE D 704 16.77 -40.26 -8.41
C ILE D 704 17.76 -41.09 -7.57
N ALA D 705 18.37 -40.38 -6.64
CA ALA D 705 19.42 -40.88 -5.79
C ALA D 705 19.14 -41.27 -4.33
N SER D 706 17.90 -41.14 -3.85
CA SER D 706 17.66 -41.62 -2.48
C SER D 706 17.99 -43.13 -2.53
N ASN D 707 18.40 -43.70 -1.40
CA ASN D 707 18.77 -45.13 -1.37
C ASN D 707 17.67 -46.03 -1.89
N MET D 708 16.45 -45.83 -1.43
CA MET D 708 15.39 -46.70 -1.91
C MET D 708 15.02 -46.45 -3.38
N ALA D 709 14.94 -45.20 -3.81
CA ALA D 709 14.59 -44.95 -5.23
C ALA D 709 15.70 -45.47 -6.13
N HIS D 710 16.94 -45.39 -5.68
CA HIS D 710 18.08 -45.86 -6.47
C HIS D 710 17.99 -47.36 -6.71
N GLN D 711 17.64 -48.09 -5.67
CA GLN D 711 17.50 -49.53 -5.81
C GLN D 711 16.30 -49.85 -6.70
N HIS D 712 15.25 -49.04 -6.54
CA HIS D 712 14.01 -49.29 -7.24
C HIS D 712 14.09 -49.06 -8.75
N ILE D 713 14.68 -47.94 -9.18
CA ILE D 713 14.77 -47.68 -10.61
C ILE D 713 15.62 -48.74 -11.33
N TYR D 714 16.77 -49.10 -10.77
CA TYR D 714 17.61 -50.10 -11.43
C TYR D 714 16.97 -51.49 -11.46
N THR D 715 16.27 -51.83 -10.38
CA THR D 715 15.59 -53.11 -10.31
C THR D 715 14.47 -53.08 -11.34
N HIS D 716 13.81 -51.94 -11.47
CA HIS D 716 12.72 -51.81 -12.43
C HIS D 716 13.22 -51.82 -13.89
N MET D 717 14.33 -51.15 -14.17
CA MET D 717 14.87 -51.13 -15.53
C MET D 717 15.41 -52.52 -15.86
N SER D 718 15.98 -53.21 -14.88
CA SER D 718 16.51 -54.54 -15.12
C SER D 718 15.39 -55.48 -15.57
N HIS D 719 14.23 -55.38 -14.93
CA HIS D 719 13.09 -56.25 -15.28
C HIS D 719 12.59 -55.91 -16.69
N PHE D 720 12.53 -54.62 -17.00
CA PHE D 720 12.07 -54.19 -18.30
C PHE D 720 12.98 -54.74 -19.39
N LEU D 721 14.28 -54.56 -19.25
CA LEU D 721 15.24 -55.02 -20.23
C LEU D 721 15.18 -56.54 -20.45
N LYS D 722 15.18 -57.31 -19.35
CA LYS D 722 15.16 -58.75 -19.47
C LYS D 722 13.90 -59.22 -20.18
N GLN D 723 12.76 -58.58 -19.89
CA GLN D 723 11.53 -58.95 -20.57
C GLN D 723 11.68 -58.70 -22.09
N CYS D 724 12.23 -57.55 -22.47
CA CYS D 724 12.44 -57.19 -23.88
C CYS D 724 13.41 -58.19 -24.55
N PHE D 725 14.44 -58.62 -23.81
CA PHE D 725 15.40 -59.58 -24.31
C PHE D 725 15.02 -61.06 -24.11
N SER D 726 13.83 -61.31 -23.59
CA SER D 726 13.37 -62.67 -23.35
C SER D 726 14.32 -63.43 -22.42
N LEU D 727 14.84 -62.76 -21.39
CA LEU D 727 15.75 -63.38 -20.44
C LEU D 727 15.04 -63.70 -19.13
N PRO D 728 15.33 -64.87 -18.54
CA PRO D 728 14.67 -65.21 -17.27
C PRO D 728 15.04 -64.27 -16.13
#